data_6ALK
#
_entry.id   6ALK
#
_entity_poly.entity_id   1
_entity_poly.type   'polypeptide(L)'
_entity_poly.pdbx_seq_one_letter_code
;GVFTYESETTTVITPARLFKAFVLDADNLIPKVAPQAIKSSEIIEGSGGPGTIKKITFGEGSQFNYVKHRIDEIDNANFT
YACTLIEGDAISETLEKIAYEIKLVASPDGGSILKSTSKYHTKGDHEIKEDQIKAGKEEASGIFKAVEAYLLANPAAYH
;
_entity_poly.pdbx_strand_id   A
#
# COMPACT_ATOMS: atom_id res chain seq x y z
N GLY A 1 18.50 -8.93 -9.43
CA GLY A 1 17.60 -10.02 -8.98
C GLY A 1 16.25 -9.51 -8.54
N VAL A 2 15.50 -8.95 -9.47
CA VAL A 2 14.22 -8.34 -9.15
C VAL A 2 13.18 -9.40 -8.78
N PHE A 3 12.53 -9.21 -7.64
CA PHE A 3 11.49 -10.11 -7.19
C PHE A 3 10.12 -9.54 -7.51
N THR A 4 9.14 -10.40 -7.67
CA THR A 4 7.79 -9.95 -7.99
C THR A 4 6.74 -10.73 -7.20
N TYR A 5 6.13 -10.08 -6.23
CA TYR A 5 5.05 -10.67 -5.46
C TYR A 5 3.80 -9.81 -5.64
N GLU A 6 2.63 -10.42 -5.54
CA GLU A 6 1.41 -9.70 -5.78
C GLU A 6 0.28 -10.23 -4.90
N SER A 7 -0.78 -9.46 -4.80
CA SER A 7 -1.98 -9.85 -4.09
C SER A 7 -3.19 -9.20 -4.75
N GLU A 8 -4.38 -9.70 -4.46
CA GLU A 8 -5.59 -9.14 -5.06
C GLU A 8 -6.67 -8.93 -4.01
N THR A 9 -7.05 -7.69 -3.81
CA THR A 9 -8.13 -7.34 -2.89
C THR A 9 -9.42 -7.14 -3.66
N THR A 10 -10.25 -8.18 -3.69
CA THR A 10 -11.55 -8.11 -4.34
C THR A 10 -12.58 -7.59 -3.34
N THR A 11 -12.99 -6.36 -3.56
CA THR A 11 -13.81 -5.64 -2.60
C THR A 11 -15.26 -5.59 -3.08
N VAL A 12 -16.20 -5.84 -2.17
CA VAL A 12 -17.62 -5.76 -2.49
C VAL A 12 -18.06 -4.30 -2.68
N ILE A 13 -17.25 -3.40 -2.14
CA ILE A 13 -17.48 -1.98 -2.30
C ILE A 13 -17.03 -1.51 -3.68
N THR A 14 -17.63 -0.42 -4.15
CA THR A 14 -17.37 0.09 -5.49
C THR A 14 -15.95 0.63 -5.62
N PRO A 15 -15.41 0.68 -6.85
CA PRO A 15 -14.06 1.20 -7.11
C PRO A 15 -13.82 2.57 -6.49
N ALA A 16 -14.86 3.39 -6.44
CA ALA A 16 -14.79 4.73 -5.85
C ALA A 16 -14.31 4.66 -4.41
N ARG A 17 -14.84 3.69 -3.67
CA ARG A 17 -14.49 3.54 -2.27
C ARG A 17 -13.00 3.28 -2.12
N LEU A 18 -12.42 2.71 -3.16
CA LEU A 18 -11.01 2.34 -3.15
C LEU A 18 -10.15 3.49 -3.64
N PHE A 19 -10.55 4.06 -4.77
CA PHE A 19 -9.79 5.13 -5.40
C PHE A 19 -9.80 6.38 -4.55
N LYS A 20 -10.86 6.58 -3.77
CA LYS A 20 -10.96 7.74 -2.91
C LYS A 20 -10.67 7.40 -1.44
N ALA A 21 -11.58 6.67 -0.81
CA ALA A 21 -11.49 6.41 0.63
C ALA A 21 -10.26 5.59 1.00
N PHE A 22 -10.09 4.45 0.34
CA PHE A 22 -8.97 3.55 0.60
C PHE A 22 -7.63 4.29 0.49
N VAL A 23 -7.51 5.15 -0.52
CA VAL A 23 -6.25 5.84 -0.79
C VAL A 23 -6.08 7.12 0.04
N LEU A 24 -7.09 7.97 0.01
CA LEU A 24 -6.98 9.30 0.62
C LEU A 24 -7.08 9.24 2.14
N ASP A 25 -7.99 8.41 2.65
CA ASP A 25 -8.22 8.34 4.09
C ASP A 25 -7.27 7.33 4.75
N ALA A 26 -6.20 7.00 4.05
CA ALA A 26 -5.26 5.98 4.49
C ALA A 26 -4.65 6.31 5.85
N ASP A 27 -4.39 7.59 6.10
CA ASP A 27 -3.70 7.98 7.34
C ASP A 27 -4.65 7.93 8.54
N ASN A 28 -5.96 7.87 8.27
CA ASN A 28 -6.93 7.70 9.35
C ASN A 28 -7.25 6.22 9.54
N LEU A 29 -7.07 5.46 8.48
CA LEU A 29 -7.42 4.06 8.48
C LEU A 29 -6.26 3.19 8.95
N ILE A 30 -5.22 3.05 8.12
CA ILE A 30 -4.15 2.08 8.33
C ILE A 30 -3.53 2.15 9.74
N PRO A 31 -3.08 3.32 10.22
CA PRO A 31 -2.43 3.42 11.54
C PRO A 31 -3.33 2.94 12.68
N LYS A 32 -4.64 2.93 12.43
CA LYS A 32 -5.60 2.60 13.47
C LYS A 32 -6.22 1.22 13.24
N VAL A 33 -6.64 0.96 12.01
CA VAL A 33 -7.34 -0.28 11.69
C VAL A 33 -6.41 -1.32 11.09
N ALA A 34 -5.26 -0.88 10.60
CA ALA A 34 -4.30 -1.80 9.98
C ALA A 34 -2.91 -1.71 10.62
N PRO A 35 -2.83 -1.91 11.97
CA PRO A 35 -1.56 -1.75 12.69
C PRO A 35 -0.62 -2.92 12.44
N GLN A 36 -1.15 -3.97 11.82
CA GLN A 36 -0.38 -5.16 11.51
C GLN A 36 0.42 -4.94 10.22
N ALA A 37 0.19 -3.79 9.60
CA ALA A 37 0.93 -3.41 8.42
C ALA A 37 1.81 -2.22 8.73
N ILE A 38 1.16 -1.15 9.14
CA ILE A 38 1.84 0.11 9.40
C ILE A 38 1.34 0.72 10.70
N LYS A 39 2.26 0.95 11.62
CA LYS A 39 1.89 1.50 12.92
C LYS A 39 1.67 3.00 12.80
N SER A 40 2.36 3.63 11.87
CA SER A 40 2.18 5.04 11.61
C SER A 40 2.25 5.33 10.12
N SER A 41 1.14 5.82 9.57
CA SER A 41 1.07 6.17 8.16
C SER A 41 0.90 7.67 8.05
N GLU A 42 2.02 8.37 8.12
CA GLU A 42 2.00 9.81 8.23
C GLU A 42 2.14 10.49 6.88
N ILE A 43 1.01 10.80 6.27
CA ILE A 43 0.99 11.55 5.02
C ILE A 43 1.48 12.97 5.28
N ILE A 44 2.44 13.40 4.48
CA ILE A 44 3.06 14.71 4.67
C ILE A 44 2.34 15.76 3.84
N GLU A 45 2.03 15.41 2.60
CA GLU A 45 1.32 16.31 1.70
C GLU A 45 0.77 15.54 0.50
N GLY A 46 -0.25 16.09 -0.12
CA GLY A 46 -0.84 15.45 -1.28
C GLY A 46 -2.32 15.24 -1.11
N SER A 47 -3.06 15.32 -2.21
CA SER A 47 -4.51 15.16 -2.17
C SER A 47 -4.91 13.75 -2.62
N GLY A 48 -3.96 12.84 -2.59
CA GLY A 48 -4.25 11.46 -2.98
C GLY A 48 -3.93 11.23 -4.44
N GLY A 49 -2.81 11.78 -4.89
CA GLY A 49 -2.42 11.65 -6.28
C GLY A 49 -0.96 12.03 -6.49
N PRO A 50 -0.66 12.78 -7.55
CA PRO A 50 0.71 13.16 -7.90
C PRO A 50 1.39 13.95 -6.78
N GLY A 51 2.49 13.40 -6.27
CA GLY A 51 3.27 14.09 -5.26
C GLY A 51 2.77 13.82 -3.85
N THR A 52 1.84 12.88 -3.70
CA THR A 52 1.35 12.52 -2.38
C THR A 52 2.34 11.61 -1.67
N ILE A 53 3.08 12.21 -0.74
CA ILE A 53 4.10 11.51 0.02
C ILE A 53 3.64 11.19 1.42
N LYS A 54 4.17 10.12 1.98
CA LYS A 54 3.83 9.73 3.34
C LYS A 54 4.97 8.93 3.96
N LYS A 55 5.28 9.23 5.21
CA LYS A 55 6.31 8.48 5.92
C LYS A 55 5.68 7.29 6.63
N ILE A 56 6.14 6.11 6.26
CA ILE A 56 5.55 4.87 6.72
C ILE A 56 6.42 4.18 7.76
N THR A 57 5.88 4.04 8.96
CA THR A 57 6.57 3.37 10.04
C THR A 57 5.88 2.04 10.37
N PHE A 58 6.57 0.93 10.13
CA PHE A 58 6.01 -0.39 10.36
C PHE A 58 6.10 -0.76 11.83
N GLY A 59 5.02 -1.30 12.37
CA GLY A 59 5.01 -1.71 13.77
C GLY A 59 5.72 -3.03 13.96
N GLU A 60 5.59 -3.88 12.96
CA GLU A 60 6.31 -5.14 12.90
C GLU A 60 7.79 -4.88 12.70
N GLY A 61 8.09 -3.69 12.16
CA GLY A 61 9.47 -3.26 12.01
C GLY A 61 9.96 -2.58 13.27
N SER A 62 9.07 -2.52 14.26
CA SER A 62 9.36 -1.95 15.57
C SER A 62 9.86 -0.52 15.46
N GLN A 63 9.23 0.24 14.56
CA GLN A 63 9.45 1.69 14.42
C GLN A 63 10.82 2.02 13.83
N PHE A 64 11.80 1.14 14.03
CA PHE A 64 13.15 1.35 13.52
C PHE A 64 13.18 1.13 12.02
N ASN A 65 12.40 0.17 11.55
CA ASN A 65 12.26 -0.07 10.13
C ASN A 65 11.12 0.76 9.58
N TYR A 66 11.46 1.77 8.78
CA TYR A 66 10.49 2.71 8.27
C TYR A 66 10.94 3.22 6.91
N VAL A 67 10.01 3.67 6.08
CA VAL A 67 10.36 4.14 4.76
C VAL A 67 9.25 5.03 4.18
N LYS A 68 9.64 6.18 3.65
CA LYS A 68 8.71 7.12 3.05
C LYS A 68 8.26 6.61 1.69
N HIS A 69 6.95 6.44 1.56
CA HIS A 69 6.34 6.03 0.31
C HIS A 69 5.75 7.25 -0.40
N ARG A 70 5.39 7.08 -1.65
CA ARG A 70 4.83 8.16 -2.45
C ARG A 70 3.94 7.59 -3.53
N ILE A 71 2.90 8.33 -3.91
CA ILE A 71 2.12 7.96 -5.08
C ILE A 71 2.96 8.24 -6.30
N ASP A 72 3.71 7.24 -6.73
CA ASP A 72 4.72 7.41 -7.76
C ASP A 72 4.09 7.65 -9.11
N GLU A 73 2.93 7.06 -9.31
CA GLU A 73 2.19 7.20 -10.55
C GLU A 73 0.72 7.00 -10.27
N ILE A 74 -0.12 7.75 -10.96
CA ILE A 74 -1.56 7.61 -10.79
C ILE A 74 -2.28 7.95 -12.09
N ASP A 75 -3.13 7.04 -12.53
CA ASP A 75 -3.89 7.23 -13.75
C ASP A 75 -5.37 7.31 -13.44
N ASN A 76 -5.95 8.48 -13.63
CA ASN A 76 -7.37 8.69 -13.36
C ASN A 76 -8.23 8.07 -14.46
N ALA A 77 -7.64 7.94 -15.65
CA ALA A 77 -8.36 7.43 -16.82
C ALA A 77 -8.88 6.02 -16.58
N ASN A 78 -7.98 5.09 -16.28
CA ASN A 78 -8.38 3.70 -16.08
C ASN A 78 -8.26 3.30 -14.62
N PHE A 79 -7.97 4.28 -13.77
CA PHE A 79 -7.90 4.09 -12.32
C PHE A 79 -6.76 3.15 -11.92
N THR A 80 -5.56 3.71 -11.83
CA THR A 80 -4.38 2.96 -11.42
C THR A 80 -3.49 3.86 -10.56
N TYR A 81 -2.85 3.31 -9.54
CA TYR A 81 -1.94 4.10 -8.72
C TYR A 81 -0.79 3.23 -8.19
N ALA A 82 0.38 3.83 -8.10
CA ALA A 82 1.58 3.11 -7.68
C ALA A 82 2.25 3.79 -6.50
N CYS A 83 3.05 3.04 -5.76
CA CYS A 83 3.78 3.57 -4.62
C CYS A 83 5.26 3.19 -4.70
N THR A 84 6.10 4.09 -4.21
CA THR A 84 7.54 3.94 -4.28
C THR A 84 8.18 4.29 -2.95
N LEU A 85 9.37 3.75 -2.69
CA LEU A 85 10.16 4.18 -1.55
C LEU A 85 11.01 5.39 -1.93
N ILE A 86 10.71 6.54 -1.34
CA ILE A 86 11.47 7.74 -1.65
C ILE A 86 12.52 8.03 -0.60
N GLU A 87 12.19 7.82 0.67
CA GLU A 87 13.13 8.13 1.76
C GLU A 87 13.00 7.11 2.87
N GLY A 88 13.74 7.31 3.95
CA GLY A 88 13.63 6.44 5.10
C GLY A 88 14.75 5.43 5.18
N ASP A 89 14.57 4.42 6.02
CA ASP A 89 15.59 3.39 6.22
C ASP A 89 14.93 2.05 6.47
N ALA A 90 14.77 1.30 5.40
CA ALA A 90 14.21 -0.04 5.48
C ALA A 90 15.00 -0.94 4.55
N ILE A 91 15.11 -0.50 3.31
CA ILE A 91 15.93 -1.18 2.31
C ILE A 91 17.40 -0.86 2.57
N SER A 92 17.82 0.36 2.20
CA SER A 92 19.17 0.84 2.47
C SER A 92 20.24 -0.19 2.04
N GLU A 93 21.38 -0.16 2.73
CA GLU A 93 22.45 -1.13 2.53
C GLU A 93 23.02 -1.07 1.12
N THR A 94 22.71 -2.06 0.30
CA THR A 94 23.19 -2.10 -1.07
C THR A 94 22.04 -2.37 -2.04
N LEU A 95 20.81 -2.18 -1.57
CA LEU A 95 19.64 -2.47 -2.36
C LEU A 95 19.02 -1.18 -2.89
N GLU A 96 17.90 -1.29 -3.59
CA GLU A 96 17.31 -0.12 -4.23
C GLU A 96 16.01 0.28 -3.54
N LYS A 97 14.91 -0.34 -3.94
CA LYS A 97 13.61 -0.05 -3.36
C LYS A 97 12.54 -0.99 -3.90
N ILE A 98 11.52 -1.22 -3.10
CA ILE A 98 10.41 -2.07 -3.51
C ILE A 98 9.23 -1.20 -3.94
N ALA A 99 8.59 -1.59 -5.02
CA ALA A 99 7.53 -0.79 -5.61
C ALA A 99 6.19 -1.46 -5.46
N TYR A 100 5.12 -0.67 -5.50
CA TYR A 100 3.77 -1.18 -5.48
C TYR A 100 2.99 -0.58 -6.64
N GLU A 101 2.06 -1.33 -7.21
CA GLU A 101 1.26 -0.83 -8.31
C GLU A 101 -0.11 -1.46 -8.25
N ILE A 102 -1.10 -0.64 -7.91
CA ILE A 102 -2.45 -1.11 -7.69
C ILE A 102 -3.34 -0.72 -8.84
N LYS A 103 -3.90 -1.70 -9.51
CA LYS A 103 -4.81 -1.48 -10.61
C LYS A 103 -6.25 -1.64 -10.14
N LEU A 104 -7.08 -0.65 -10.44
CA LEU A 104 -8.49 -0.70 -10.12
C LEU A 104 -9.28 -1.37 -11.25
N VAL A 105 -9.73 -2.58 -10.99
CA VAL A 105 -10.55 -3.30 -11.95
C VAL A 105 -11.97 -3.43 -11.40
N ALA A 106 -12.95 -3.46 -12.27
CA ALA A 106 -14.33 -3.66 -11.86
C ALA A 106 -14.60 -5.14 -11.62
N SER A 107 -15.20 -5.46 -10.49
CA SER A 107 -15.52 -6.83 -10.16
C SER A 107 -16.89 -7.20 -10.70
N PRO A 108 -17.05 -8.46 -11.18
CA PRO A 108 -18.35 -9.00 -11.59
C PRO A 108 -19.32 -9.09 -10.41
N ASP A 109 -18.79 -8.84 -9.22
CA ASP A 109 -19.59 -8.85 -8.00
C ASP A 109 -20.23 -7.49 -7.79
N GLY A 110 -20.05 -6.61 -8.75
CA GLY A 110 -20.53 -5.26 -8.64
C GLY A 110 -19.57 -4.41 -7.85
N GLY A 111 -18.62 -5.10 -7.20
CA GLY A 111 -17.60 -4.42 -6.44
C GLY A 111 -16.39 -4.05 -7.29
N SER A 112 -15.21 -4.19 -6.72
CA SER A 112 -13.99 -3.84 -7.42
C SER A 112 -12.90 -4.86 -7.14
N ILE A 113 -11.74 -4.64 -7.72
CA ILE A 113 -10.64 -5.59 -7.68
C ILE A 113 -9.33 -4.82 -7.65
N LEU A 114 -8.65 -4.87 -6.52
CA LEU A 114 -7.37 -4.20 -6.37
C LEU A 114 -6.23 -5.17 -6.68
N LYS A 115 -5.72 -5.10 -7.89
CA LYS A 115 -4.58 -5.90 -8.26
C LYS A 115 -3.30 -5.21 -7.85
N SER A 116 -2.87 -5.48 -6.63
CA SER A 116 -1.66 -4.89 -6.08
C SER A 116 -0.46 -5.76 -6.40
N THR A 117 0.28 -5.38 -7.42
CA THR A 117 1.49 -6.09 -7.80
C THR A 117 2.71 -5.28 -7.40
N SER A 118 3.59 -5.89 -6.61
CA SER A 118 4.77 -5.19 -6.16
C SER A 118 6.02 -5.68 -6.87
N LYS A 119 6.94 -4.76 -7.12
CA LYS A 119 8.17 -5.07 -7.83
C LYS A 119 9.37 -4.71 -6.96
N TYR A 120 10.10 -5.73 -6.52
CA TYR A 120 11.20 -5.53 -5.61
C TYR A 120 12.49 -5.28 -6.39
N HIS A 121 12.87 -4.03 -6.51
CA HIS A 121 14.03 -3.64 -7.32
C HIS A 121 15.32 -3.77 -6.53
N THR A 122 16.25 -4.53 -7.10
CA THR A 122 17.55 -4.73 -6.48
C THR A 122 18.58 -3.82 -7.12
N LYS A 123 19.49 -3.28 -6.30
CA LYS A 123 20.51 -2.37 -6.80
C LYS A 123 21.66 -3.17 -7.39
N GLY A 124 21.54 -3.51 -8.66
CA GLY A 124 22.54 -4.32 -9.31
C GLY A 124 22.30 -5.80 -9.09
N ASP A 125 23.33 -6.51 -8.64
CA ASP A 125 23.21 -7.94 -8.37
C ASP A 125 22.89 -8.19 -6.91
N HIS A 126 22.81 -7.12 -6.14
CA HIS A 126 22.54 -7.21 -4.70
C HIS A 126 21.06 -7.50 -4.48
N GLU A 127 20.75 -8.68 -3.95
CA GLU A 127 19.35 -9.03 -3.72
C GLU A 127 18.86 -8.55 -2.37
N ILE A 128 17.55 -8.47 -2.25
CA ILE A 128 16.94 -8.08 -1.01
C ILE A 128 16.56 -9.30 -0.19
N LYS A 129 16.88 -9.27 1.09
CA LYS A 129 16.51 -10.34 1.99
C LYS A 129 14.99 -10.42 2.11
N GLU A 130 14.48 -11.64 2.23
CA GLU A 130 13.04 -11.89 2.19
C GLU A 130 12.29 -11.16 3.28
N ASP A 131 13.01 -10.71 4.30
CA ASP A 131 12.42 -9.93 5.39
C ASP A 131 11.66 -8.72 4.85
N GLN A 132 12.34 -7.94 4.01
CA GLN A 132 11.75 -6.72 3.45
C GLN A 132 10.76 -7.06 2.34
N ILE A 133 11.02 -8.14 1.63
CA ILE A 133 10.09 -8.65 0.63
C ILE A 133 8.76 -9.00 1.28
N LYS A 134 8.83 -9.62 2.46
CA LYS A 134 7.64 -9.93 3.24
C LYS A 134 6.93 -8.66 3.67
N ALA A 135 7.69 -7.60 3.96
CA ALA A 135 7.11 -6.32 4.30
C ALA A 135 6.27 -5.77 3.16
N GLY A 136 6.69 -6.04 1.93
CA GLY A 136 5.94 -5.59 0.79
C GLY A 136 4.61 -6.32 0.67
N LYS A 137 4.67 -7.64 0.76
CA LYS A 137 3.48 -8.46 0.70
C LYS A 137 2.55 -8.16 1.88
N GLU A 138 3.12 -8.14 3.08
CA GLU A 138 2.34 -7.96 4.30
C GLU A 138 1.84 -6.53 4.44
N GLU A 139 2.59 -5.56 3.90
CA GLU A 139 2.12 -4.19 3.87
C GLU A 139 0.79 -4.14 3.13
N ALA A 140 0.78 -4.75 1.94
CA ALA A 140 -0.43 -4.82 1.14
C ALA A 140 -1.48 -5.71 1.81
N SER A 141 -1.04 -6.68 2.58
CA SER A 141 -1.96 -7.60 3.26
C SER A 141 -2.72 -6.88 4.37
N GLY A 142 -2.00 -6.30 5.32
CA GLY A 142 -2.63 -5.64 6.45
C GLY A 142 -3.42 -4.42 6.03
N ILE A 143 -2.83 -3.57 5.20
CA ILE A 143 -3.53 -2.38 4.74
C ILE A 143 -4.83 -2.74 4.06
N PHE A 144 -4.75 -3.50 2.98
CA PHE A 144 -5.88 -3.74 2.12
C PHE A 144 -6.96 -4.51 2.85
N LYS A 145 -6.57 -5.58 3.53
CA LYS A 145 -7.53 -6.46 4.16
C LYS A 145 -8.17 -5.79 5.38
N ALA A 146 -7.41 -4.94 6.06
CA ALA A 146 -7.90 -4.36 7.31
C ALA A 146 -8.78 -3.15 7.05
N VAL A 147 -8.47 -2.39 6.00
CA VAL A 147 -9.35 -1.31 5.60
C VAL A 147 -10.56 -1.87 4.87
N GLU A 148 -10.33 -2.95 4.13
CA GLU A 148 -11.41 -3.66 3.44
C GLU A 148 -12.54 -3.96 4.41
N ALA A 149 -12.20 -4.62 5.50
CA ALA A 149 -13.19 -5.02 6.48
C ALA A 149 -13.73 -3.82 7.26
N TYR A 150 -12.85 -2.88 7.59
CA TYR A 150 -13.29 -1.65 8.25
C TYR A 150 -14.39 -0.96 7.43
N LEU A 151 -14.19 -0.97 6.13
CA LEU A 151 -15.11 -0.33 5.19
C LEU A 151 -16.39 -1.15 5.05
N LEU A 152 -16.23 -2.46 4.89
CA LEU A 152 -17.36 -3.37 4.75
C LEU A 152 -18.22 -3.37 6.00
N ALA A 153 -17.59 -3.19 7.14
CA ALA A 153 -18.27 -3.29 8.42
C ALA A 153 -18.42 -1.93 9.07
N ASN A 154 -18.65 -0.90 8.27
CA ASN A 154 -18.85 0.43 8.84
C ASN A 154 -20.27 0.97 8.66
N PRO A 155 -20.91 0.83 7.46
CA PRO A 155 -22.29 1.29 7.27
C PRO A 155 -23.24 0.72 8.32
N ALA A 156 -23.08 -0.56 8.63
CA ALA A 156 -23.84 -1.20 9.66
C ALA A 156 -23.03 -1.31 10.95
N ALA A 157 -21.70 -1.30 10.79
CA ALA A 157 -20.76 -1.41 11.90
C ALA A 157 -20.95 -2.70 12.68
N TYR A 158 -21.70 -2.65 13.75
CA TYR A 158 -21.96 -3.85 14.52
C TYR A 158 -23.46 -4.05 14.67
N HIS A 159 -24.23 -3.17 14.02
CA HIS A 159 -25.68 -3.15 14.10
C HIS A 159 -26.13 -2.80 15.53
N GLY A 1 16.34 -10.91 -9.59
CA GLY A 1 16.41 -9.43 -9.70
C GLY A 1 15.23 -8.76 -9.05
N VAL A 2 14.30 -8.28 -9.86
CA VAL A 2 13.11 -7.63 -9.35
C VAL A 2 12.00 -8.65 -9.09
N PHE A 3 11.70 -8.88 -7.82
CA PHE A 3 10.62 -9.78 -7.46
C PHE A 3 9.29 -9.10 -7.69
N THR A 4 8.52 -9.65 -8.61
CA THR A 4 7.23 -9.07 -8.93
C THR A 4 6.10 -9.92 -8.32
N TYR A 5 5.60 -9.48 -7.18
CA TYR A 5 4.47 -10.14 -6.54
C TYR A 5 3.22 -9.32 -6.74
N GLU A 6 2.21 -9.91 -7.32
CA GLU A 6 1.00 -9.17 -7.63
C GLU A 6 -0.23 -9.86 -7.04
N SER A 7 -0.66 -9.36 -5.91
CA SER A 7 -1.84 -9.88 -5.24
C SER A 7 -3.00 -8.92 -5.46
N GLU A 8 -4.18 -9.46 -5.70
CA GLU A 8 -5.32 -8.62 -5.99
C GLU A 8 -6.37 -8.69 -4.89
N THR A 9 -6.85 -7.54 -4.50
CA THR A 9 -7.93 -7.45 -3.53
C THR A 9 -9.25 -7.29 -4.27
N THR A 10 -9.95 -8.40 -4.46
CA THR A 10 -11.26 -8.37 -5.07
C THR A 10 -12.28 -7.94 -4.02
N THR A 11 -12.63 -6.67 -4.05
CA THR A 11 -13.46 -6.07 -3.04
C THR A 11 -14.90 -6.04 -3.51
N VAL A 12 -15.81 -6.59 -2.71
CA VAL A 12 -17.22 -6.69 -3.08
C VAL A 12 -17.88 -5.30 -3.13
N ILE A 13 -17.15 -4.31 -2.67
CA ILE A 13 -17.63 -2.94 -2.67
C ILE A 13 -17.25 -2.23 -3.96
N THR A 14 -17.89 -1.12 -4.23
CA THR A 14 -17.66 -0.34 -5.43
C THR A 14 -16.25 0.26 -5.45
N PRO A 15 -15.67 0.40 -6.67
CA PRO A 15 -14.32 0.94 -6.87
C PRO A 15 -14.09 2.30 -6.19
N ALA A 16 -15.18 3.04 -5.99
CA ALA A 16 -15.10 4.32 -5.28
C ALA A 16 -14.55 4.14 -3.89
N ARG A 17 -15.01 3.07 -3.24
CA ARG A 17 -14.61 2.78 -1.88
C ARG A 17 -13.09 2.63 -1.80
N LEU A 18 -12.51 2.17 -2.89
CA LEU A 18 -11.10 1.89 -2.94
C LEU A 18 -10.31 3.12 -3.38
N PHE A 19 -10.65 3.62 -4.55
CA PHE A 19 -9.93 4.74 -5.14
C PHE A 19 -9.99 5.97 -4.23
N LYS A 20 -11.06 6.09 -3.47
CA LYS A 20 -11.20 7.20 -2.54
C LYS A 20 -10.89 6.77 -1.11
N ALA A 21 -11.70 5.88 -0.56
CA ALA A 21 -11.68 5.58 0.87
C ALA A 21 -10.59 4.58 1.27
N PHE A 22 -9.95 3.94 0.30
CA PHE A 22 -8.81 3.07 0.59
C PHE A 22 -7.52 3.88 0.39
N VAL A 23 -7.59 4.84 -0.53
CA VAL A 23 -6.43 5.65 -0.89
C VAL A 23 -6.25 6.86 0.04
N LEU A 24 -7.34 7.59 0.26
CA LEU A 24 -7.27 8.83 1.02
C LEU A 24 -7.54 8.58 2.50
N ASP A 25 -7.12 9.52 3.34
CA ASP A 25 -7.29 9.43 4.79
C ASP A 25 -6.64 8.15 5.32
N ALA A 26 -5.47 7.84 4.78
CA ALA A 26 -4.74 6.64 5.17
C ALA A 26 -4.38 6.68 6.65
N ASP A 27 -4.21 7.89 7.18
CA ASP A 27 -3.90 8.09 8.59
C ASP A 27 -5.10 7.73 9.47
N ASN A 28 -6.27 7.72 8.87
CA ASN A 28 -7.49 7.34 9.57
C ASN A 28 -7.74 5.85 9.39
N LEU A 29 -7.14 5.30 8.36
CA LEU A 29 -7.31 3.90 8.01
C LEU A 29 -6.28 3.02 8.71
N ILE A 30 -5.07 3.00 8.17
CA ILE A 30 -4.04 2.05 8.55
C ILE A 30 -3.68 2.13 10.05
N PRO A 31 -3.33 3.31 10.60
CA PRO A 31 -2.98 3.42 12.02
C PRO A 31 -4.09 2.95 12.95
N LYS A 32 -5.30 2.89 12.43
CA LYS A 32 -6.46 2.51 13.23
C LYS A 32 -6.85 1.05 12.95
N VAL A 33 -7.11 0.74 11.68
CA VAL A 33 -7.63 -0.57 11.30
C VAL A 33 -6.51 -1.53 10.92
N ALA A 34 -5.35 -1.00 10.52
CA ALA A 34 -4.24 -1.86 10.09
C ALA A 34 -2.94 -1.57 10.86
N PRO A 35 -2.98 -1.56 12.21
CA PRO A 35 -1.83 -1.16 13.04
C PRO A 35 -0.73 -2.22 13.06
N GLN A 36 -1.11 -3.46 12.76
CA GLN A 36 -0.13 -4.55 12.72
C GLN A 36 0.64 -4.50 11.40
N ALA A 37 0.20 -3.62 10.52
CA ALA A 37 0.90 -3.41 9.26
C ALA A 37 1.76 -2.16 9.38
N ILE A 38 1.12 -1.04 9.66
CA ILE A 38 1.81 0.24 9.79
C ILE A 38 1.23 1.01 10.97
N LYS A 39 2.09 1.54 11.81
CA LYS A 39 1.67 2.24 13.01
C LYS A 39 1.24 3.67 12.66
N SER A 40 2.00 4.29 11.77
CA SER A 40 1.71 5.65 11.35
C SER A 40 1.79 5.78 9.83
N SER A 41 0.74 6.32 9.24
CA SER A 41 0.68 6.52 7.80
C SER A 41 0.34 7.98 7.50
N GLU A 42 1.32 8.83 7.62
CA GLU A 42 1.11 10.27 7.49
C GLU A 42 1.36 10.73 6.05
N ILE A 43 0.42 11.49 5.50
CA ILE A 43 0.65 12.15 4.24
C ILE A 43 1.48 13.40 4.48
N ILE A 44 2.75 13.31 4.10
CA ILE A 44 3.71 14.37 4.34
C ILE A 44 3.38 15.61 3.51
N GLU A 45 3.08 15.41 2.23
CA GLU A 45 2.71 16.52 1.35
C GLU A 45 2.04 15.98 0.09
N GLY A 46 1.04 16.71 -0.39
CA GLY A 46 0.33 16.28 -1.58
C GLY A 46 -1.11 15.93 -1.28
N SER A 47 -1.99 16.11 -2.25
CA SER A 47 -3.40 15.83 -2.08
C SER A 47 -3.82 14.60 -2.86
N GLY A 48 -2.94 13.61 -2.91
CA GLY A 48 -3.24 12.38 -3.62
C GLY A 48 -2.92 12.51 -5.10
N GLY A 49 -1.76 13.09 -5.39
CA GLY A 49 -1.33 13.24 -6.75
C GLY A 49 0.00 12.57 -7.00
N PRO A 50 0.57 12.70 -8.20
CA PRO A 50 1.84 12.04 -8.57
C PRO A 50 3.06 12.69 -7.92
N GLY A 51 2.89 13.13 -6.68
CA GLY A 51 3.96 13.76 -5.95
C GLY A 51 3.69 13.79 -4.46
N THR A 52 2.74 12.97 -4.02
CA THR A 52 2.32 12.92 -2.63
C THR A 52 3.22 11.98 -1.82
N ILE A 53 3.81 12.50 -0.76
CA ILE A 53 4.71 11.72 0.09
C ILE A 53 3.94 11.09 1.24
N LYS A 54 4.28 9.84 1.58
CA LYS A 54 3.65 9.18 2.72
C LYS A 54 4.72 8.68 3.69
N LYS A 55 4.62 9.10 4.94
CA LYS A 55 5.50 8.64 5.98
C LYS A 55 4.99 7.30 6.50
N ILE A 56 5.69 6.24 6.17
CA ILE A 56 5.28 4.90 6.57
C ILE A 56 6.20 4.35 7.65
N THR A 57 5.70 4.35 8.88
CA THR A 57 6.46 3.83 10.01
C THR A 57 5.84 2.53 10.50
N PHE A 58 6.61 1.44 10.42
CA PHE A 58 6.13 0.12 10.79
C PHE A 58 6.34 -0.14 12.27
N GLY A 59 5.66 -1.15 12.79
CA GLY A 59 5.82 -1.52 14.19
C GLY A 59 5.05 -0.63 15.14
N GLU A 60 4.39 -1.26 16.11
CA GLU A 60 3.56 -0.52 17.06
C GLU A 60 4.39 0.50 17.85
N GLY A 61 5.54 0.05 18.35
CA GLY A 61 6.43 0.93 19.06
C GLY A 61 7.18 1.86 18.11
N SER A 62 7.10 1.53 16.82
CA SER A 62 7.72 2.31 15.76
C SER A 62 9.24 2.36 15.94
N GLN A 63 9.81 1.27 16.41
CA GLN A 63 11.25 1.14 16.50
C GLN A 63 11.75 0.20 15.41
N PHE A 64 10.81 -0.27 14.60
CA PHE A 64 11.14 -1.10 13.45
C PHE A 64 11.61 -0.25 12.30
N ASN A 65 11.73 -0.84 11.12
CA ASN A 65 12.12 -0.11 9.92
C ASN A 65 11.00 0.84 9.51
N TYR A 66 11.37 1.86 8.76
CA TYR A 66 10.41 2.86 8.31
C TYR A 66 10.90 3.46 7.00
N VAL A 67 9.98 3.85 6.15
CA VAL A 67 10.35 4.32 4.83
C VAL A 67 9.32 5.30 4.28
N LYS A 68 9.79 6.32 3.59
CA LYS A 68 8.92 7.33 3.01
C LYS A 68 8.56 6.92 1.59
N HIS A 69 7.27 6.73 1.37
CA HIS A 69 6.73 6.36 0.06
C HIS A 69 6.24 7.61 -0.65
N ARG A 70 5.84 7.44 -1.90
CA ARG A 70 5.33 8.53 -2.69
C ARG A 70 4.38 7.98 -3.74
N ILE A 71 3.35 8.73 -4.05
CA ILE A 71 2.47 8.38 -5.15
C ILE A 71 3.19 8.66 -6.45
N ASP A 72 3.78 7.61 -7.02
CA ASP A 72 4.62 7.78 -8.19
C ASP A 72 3.76 7.90 -9.44
N GLU A 73 2.59 7.28 -9.39
CA GLU A 73 1.66 7.32 -10.50
C GLU A 73 0.25 7.04 -9.99
N ILE A 74 -0.70 7.82 -10.46
CA ILE A 74 -2.09 7.65 -10.07
C ILE A 74 -2.99 8.01 -11.23
N ASP A 75 -3.74 7.04 -11.71
CA ASP A 75 -4.65 7.27 -12.82
C ASP A 75 -6.06 7.43 -12.30
N ASN A 76 -6.60 8.64 -12.44
CA ASN A 76 -7.94 8.95 -11.97
C ASN A 76 -8.99 8.14 -12.71
N ALA A 77 -8.85 8.01 -14.02
CA ALA A 77 -9.84 7.34 -14.84
C ALA A 77 -9.58 5.84 -14.92
N ASN A 78 -8.30 5.45 -14.91
CA ASN A 78 -7.94 4.04 -15.01
C ASN A 78 -7.91 3.38 -13.65
N PHE A 79 -7.97 4.22 -12.62
CA PHE A 79 -7.96 3.77 -11.22
C PHE A 79 -6.65 3.07 -10.90
N THR A 80 -5.54 3.75 -11.11
CA THR A 80 -4.22 3.19 -10.82
C THR A 80 -3.60 3.91 -9.61
N TYR A 81 -3.07 3.14 -8.68
CA TYR A 81 -2.47 3.69 -7.47
C TYR A 81 -1.07 3.08 -7.25
N ALA A 82 -0.04 3.85 -7.56
CA ALA A 82 1.33 3.36 -7.45
C ALA A 82 2.10 4.07 -6.34
N CYS A 83 2.83 3.29 -5.55
CA CYS A 83 3.63 3.82 -4.46
C CYS A 83 5.10 3.42 -4.61
N THR A 84 5.97 4.39 -4.45
CA THR A 84 7.42 4.19 -4.58
C THR A 84 8.12 4.50 -3.27
N LEU A 85 9.30 3.94 -3.06
CA LEU A 85 10.17 4.38 -1.98
C LEU A 85 11.00 5.56 -2.44
N ILE A 86 11.14 6.57 -1.60
CA ILE A 86 12.02 7.69 -1.92
C ILE A 86 13.05 7.92 -0.82
N GLU A 87 12.62 7.85 0.44
CA GLU A 87 13.51 8.10 1.57
C GLU A 87 13.25 7.12 2.70
N GLY A 88 14.02 7.23 3.78
CA GLY A 88 13.79 6.39 4.94
C GLY A 88 14.87 5.35 5.15
N ASP A 89 14.64 4.44 6.08
CA ASP A 89 15.59 3.39 6.38
C ASP A 89 14.92 2.02 6.36
N ALA A 90 15.05 1.36 5.24
CA ALA A 90 14.49 0.04 5.04
C ALA A 90 15.26 -0.66 3.94
N ILE A 91 15.10 -0.15 2.72
CA ILE A 91 15.92 -0.57 1.60
C ILE A 91 17.17 0.31 1.56
N SER A 92 17.96 0.19 2.63
CA SER A 92 19.15 1.02 2.80
C SER A 92 20.41 0.24 2.44
N GLU A 93 20.22 -0.98 1.98
CA GLU A 93 21.32 -1.84 1.59
C GLU A 93 21.73 -1.56 0.15
N THR A 94 22.42 -2.51 -0.49
CA THR A 94 22.77 -2.38 -1.90
C THR A 94 21.55 -2.65 -2.80
N LEU A 95 20.39 -2.25 -2.31
CA LEU A 95 19.13 -2.53 -2.97
C LEU A 95 18.56 -1.22 -3.52
N GLU A 96 17.40 -1.26 -4.14
CA GLU A 96 16.86 -0.06 -4.77
C GLU A 96 15.60 0.42 -4.06
N LYS A 97 14.49 -0.30 -4.25
CA LYS A 97 13.22 0.08 -3.66
C LYS A 97 12.18 -1.00 -3.87
N ILE A 98 11.23 -1.09 -2.95
CA ILE A 98 10.09 -1.98 -3.12
C ILE A 98 8.87 -1.18 -3.56
N ALA A 99 8.39 -1.47 -4.76
CA ALA A 99 7.29 -0.72 -5.34
C ALA A 99 5.96 -1.41 -5.13
N TYR A 100 4.90 -0.64 -5.09
CA TYR A 100 3.55 -1.16 -5.01
C TYR A 100 2.68 -0.47 -6.05
N GLU A 101 2.14 -1.24 -6.98
CA GLU A 101 1.42 -0.66 -8.11
C GLU A 101 0.07 -1.31 -8.25
N ILE A 102 -0.95 -0.63 -7.75
CA ILE A 102 -2.29 -1.21 -7.71
C ILE A 102 -3.13 -0.74 -8.88
N LYS A 103 -3.49 -1.67 -9.74
CA LYS A 103 -4.38 -1.38 -10.84
C LYS A 103 -5.78 -1.87 -10.49
N LEU A 104 -6.74 -0.96 -10.52
CA LEU A 104 -8.11 -1.31 -10.19
C LEU A 104 -8.87 -1.77 -11.42
N VAL A 105 -9.35 -2.99 -11.35
CA VAL A 105 -10.21 -3.54 -12.39
C VAL A 105 -11.60 -3.77 -11.81
N ALA A 106 -12.61 -3.23 -12.46
CA ALA A 106 -13.97 -3.37 -11.99
C ALA A 106 -14.46 -4.80 -12.16
N SER A 107 -14.90 -5.40 -11.06
CA SER A 107 -15.49 -6.72 -11.10
C SER A 107 -16.99 -6.60 -11.38
N PRO A 108 -17.43 -7.06 -12.57
CA PRO A 108 -18.81 -6.88 -13.05
C PRO A 108 -19.88 -7.01 -11.95
N ASP A 109 -19.91 -8.17 -11.30
CA ASP A 109 -20.84 -8.38 -10.20
C ASP A 109 -20.09 -8.73 -8.92
N GLY A 110 -18.90 -8.17 -8.78
CA GLY A 110 -18.09 -8.47 -7.62
C GLY A 110 -17.41 -7.24 -7.06
N GLY A 111 -17.86 -6.07 -7.48
CA GLY A 111 -17.30 -4.83 -6.97
C GLY A 111 -16.09 -4.37 -7.76
N SER A 112 -14.91 -4.55 -7.19
CA SER A 112 -13.68 -4.08 -7.81
C SER A 112 -12.53 -5.04 -7.49
N ILE A 113 -11.36 -4.76 -8.05
CA ILE A 113 -10.21 -5.66 -7.98
C ILE A 113 -8.93 -4.86 -7.91
N LEU A 114 -8.34 -4.78 -6.73
CA LEU A 114 -7.08 -4.07 -6.53
C LEU A 114 -5.91 -4.97 -6.87
N LYS A 115 -5.50 -4.96 -8.13
CA LYS A 115 -4.35 -5.75 -8.56
C LYS A 115 -3.07 -5.05 -8.16
N SER A 116 -2.57 -5.37 -6.98
CA SER A 116 -1.37 -4.75 -6.45
C SER A 116 -0.14 -5.48 -6.96
N THR A 117 0.46 -4.93 -8.00
CA THR A 117 1.67 -5.49 -8.56
C THR A 117 2.88 -4.83 -7.92
N SER A 118 3.46 -5.50 -6.95
CA SER A 118 4.61 -4.97 -6.25
C SER A 118 5.90 -5.41 -6.94
N LYS A 119 6.88 -4.55 -6.91
CA LYS A 119 8.14 -4.81 -7.58
C LYS A 119 9.31 -4.54 -6.64
N TYR A 120 9.86 -5.61 -6.09
CA TYR A 120 10.98 -5.51 -5.17
C TYR A 120 12.27 -5.39 -5.96
N HIS A 121 12.76 -4.16 -6.10
CA HIS A 121 13.92 -3.88 -6.95
C HIS A 121 15.22 -3.84 -6.17
N THR A 122 16.23 -4.50 -6.71
CA THR A 122 17.57 -4.45 -6.17
C THR A 122 18.40 -3.46 -7.00
N LYS A 123 19.49 -2.95 -6.44
CA LYS A 123 20.29 -1.96 -7.15
C LYS A 123 21.48 -2.64 -7.81
N GLY A 124 21.50 -3.96 -7.75
CA GLY A 124 22.56 -4.72 -8.37
C GLY A 124 22.13 -6.15 -8.61
N ASP A 125 22.86 -7.08 -8.01
CA ASP A 125 22.54 -8.49 -8.15
C ASP A 125 22.48 -9.16 -6.78
N HIS A 126 21.91 -8.45 -5.81
CA HIS A 126 21.82 -8.96 -4.44
C HIS A 126 20.38 -9.26 -4.06
N GLU A 127 19.47 -9.08 -5.03
CA GLU A 127 18.05 -9.28 -4.80
C GLU A 127 17.56 -8.42 -3.65
N ILE A 128 16.66 -8.95 -2.85
CA ILE A 128 16.11 -8.25 -1.71
C ILE A 128 16.10 -9.13 -0.48
N LYS A 129 16.64 -8.60 0.61
CA LYS A 129 16.59 -9.28 1.90
C LYS A 129 15.17 -9.69 2.25
N GLU A 130 15.03 -10.93 2.69
CA GLU A 130 13.73 -11.56 2.93
C GLU A 130 12.89 -10.75 3.91
N ASP A 131 13.55 -10.07 4.84
CA ASP A 131 12.85 -9.25 5.84
C ASP A 131 11.98 -8.20 5.18
N GLN A 132 12.48 -7.61 4.11
CA GLN A 132 11.76 -6.55 3.42
C GLN A 132 10.58 -7.13 2.64
N ILE A 133 10.82 -8.25 1.97
CA ILE A 133 9.77 -8.97 1.27
C ILE A 133 8.66 -9.39 2.24
N LYS A 134 9.08 -9.88 3.42
CA LYS A 134 8.13 -10.26 4.47
C LYS A 134 7.34 -9.06 4.97
N ALA A 135 8.04 -7.95 5.21
CA ALA A 135 7.39 -6.71 5.64
C ALA A 135 6.40 -6.22 4.60
N GLY A 136 6.76 -6.37 3.34
CA GLY A 136 5.87 -5.94 2.27
C GLY A 136 4.66 -6.82 2.15
N LYS A 137 4.88 -8.12 2.16
CA LYS A 137 3.78 -9.07 2.07
C LYS A 137 2.87 -8.95 3.30
N GLU A 138 3.49 -8.83 4.46
CA GLU A 138 2.75 -8.73 5.71
C GLU A 138 2.05 -7.38 5.82
N GLU A 139 2.71 -6.31 5.41
CA GLU A 139 2.10 -4.99 5.47
C GLU A 139 0.87 -4.96 4.57
N ALA A 140 1.01 -5.47 3.35
CA ALA A 140 -0.09 -5.53 2.40
C ALA A 140 -1.24 -6.38 2.94
N SER A 141 -0.89 -7.45 3.66
CA SER A 141 -1.89 -8.34 4.22
C SER A 141 -2.79 -7.59 5.21
N GLY A 142 -2.18 -6.82 6.09
CA GLY A 142 -2.93 -6.00 7.01
C GLY A 142 -3.69 -4.92 6.30
N ILE A 143 -3.03 -4.20 5.41
CA ILE A 143 -3.66 -3.10 4.70
C ILE A 143 -4.93 -3.55 3.99
N PHE A 144 -4.79 -4.47 3.04
CA PHE A 144 -5.94 -4.91 2.26
C PHE A 144 -7.03 -5.44 3.16
N LYS A 145 -6.72 -6.49 3.91
CA LYS A 145 -7.71 -7.18 4.70
C LYS A 145 -8.38 -6.26 5.73
N ALA A 146 -7.61 -5.33 6.28
CA ALA A 146 -8.12 -4.51 7.37
C ALA A 146 -8.87 -3.29 6.85
N VAL A 147 -8.33 -2.63 5.83
CA VAL A 147 -9.03 -1.49 5.26
C VAL A 147 -10.23 -1.97 4.48
N GLU A 148 -10.07 -3.04 3.71
CA GLU A 148 -11.15 -3.58 2.89
C GLU A 148 -12.36 -3.95 3.74
N ALA A 149 -12.12 -4.53 4.92
CA ALA A 149 -13.22 -4.89 5.81
C ALA A 149 -13.83 -3.65 6.46
N TYR A 150 -12.98 -2.69 6.81
CA TYR A 150 -13.44 -1.39 7.29
C TYR A 150 -14.24 -0.66 6.19
N LEU A 151 -13.95 -1.04 4.95
CA LEU A 151 -14.53 -0.45 3.77
C LEU A 151 -15.84 -1.15 3.40
N LEU A 152 -16.04 -2.34 3.95
CA LEU A 152 -17.32 -3.05 3.84
C LEU A 152 -18.44 -2.29 4.53
N ALA A 153 -18.11 -1.06 4.94
CA ALA A 153 -19.09 -0.08 5.37
C ALA A 153 -19.40 -0.25 6.84
N ASN A 154 -18.34 -0.13 7.62
CA ASN A 154 -18.42 -0.32 9.06
C ASN A 154 -18.71 0.98 9.84
N PRO A 155 -18.07 2.12 9.50
CA PRO A 155 -18.34 3.40 10.18
C PRO A 155 -19.81 3.75 10.22
N ALA A 156 -20.50 3.56 9.10
CA ALA A 156 -21.93 3.79 9.03
C ALA A 156 -22.70 2.50 9.22
N ALA A 157 -21.96 1.38 9.15
CA ALA A 157 -22.52 0.05 9.33
C ALA A 157 -23.53 -0.31 8.25
N TYR A 158 -23.44 0.36 7.11
CA TYR A 158 -24.25 0.03 5.95
C TYR A 158 -23.79 0.80 4.72
N HIS A 159 -23.77 2.12 4.83
CA HIS A 159 -23.35 2.97 3.72
C HIS A 159 -21.86 3.20 3.76
N GLY A 1 18.94 -8.03 -8.75
CA GLY A 1 18.08 -7.71 -9.89
C GLY A 1 16.75 -7.13 -9.45
N VAL A 2 15.66 -7.75 -9.87
CA VAL A 2 14.35 -7.30 -9.48
C VAL A 2 13.38 -8.48 -9.36
N PHE A 3 12.90 -8.70 -8.14
CA PHE A 3 11.90 -9.73 -7.91
C PHE A 3 10.53 -9.17 -8.25
N THR A 4 9.60 -10.03 -8.62
CA THR A 4 8.28 -9.57 -9.00
C THR A 4 7.20 -10.49 -8.43
N TYR A 5 6.49 -9.98 -7.43
CA TYR A 5 5.37 -10.69 -6.86
C TYR A 5 4.12 -9.83 -6.96
N GLU A 6 3.01 -10.44 -7.30
CA GLU A 6 1.78 -9.72 -7.50
C GLU A 6 0.61 -10.46 -6.89
N SER A 7 -0.31 -9.69 -6.34
CA SER A 7 -1.50 -10.27 -5.76
C SER A 7 -2.66 -9.30 -5.95
N GLU A 8 -3.85 -9.83 -6.16
CA GLU A 8 -5.00 -8.98 -6.36
C GLU A 8 -5.90 -9.00 -5.14
N THR A 9 -6.29 -7.82 -4.70
CA THR A 9 -7.24 -7.70 -3.61
C THR A 9 -8.63 -7.51 -4.18
N THR A 10 -9.38 -8.61 -4.25
CA THR A 10 -10.75 -8.56 -4.72
C THR A 10 -11.65 -8.06 -3.60
N THR A 11 -11.95 -6.78 -3.67
CA THR A 11 -12.67 -6.10 -2.61
C THR A 11 -14.16 -6.06 -2.95
N VAL A 12 -15.00 -5.88 -1.94
CA VAL A 12 -16.44 -5.96 -2.14
C VAL A 12 -17.10 -4.60 -2.23
N ILE A 13 -16.32 -3.54 -2.06
CA ILE A 13 -16.85 -2.20 -2.11
C ILE A 13 -16.58 -1.55 -3.47
N THR A 14 -17.32 -0.50 -3.77
CA THR A 14 -17.23 0.18 -5.07
C THR A 14 -15.87 0.84 -5.27
N PRO A 15 -15.37 0.79 -6.52
CA PRO A 15 -14.01 1.23 -6.90
C PRO A 15 -13.55 2.55 -6.27
N ALA A 16 -14.51 3.45 -6.02
CA ALA A 16 -14.19 4.74 -5.39
C ALA A 16 -13.50 4.56 -4.06
N ARG A 17 -14.02 3.63 -3.25
CA ARG A 17 -13.51 3.45 -1.92
C ARG A 17 -12.06 2.99 -1.98
N LEU A 18 -11.74 2.23 -3.00
CA LEU A 18 -10.42 1.66 -3.18
C LEU A 18 -9.43 2.73 -3.62
N PHE A 19 -9.93 3.67 -4.39
CA PHE A 19 -9.08 4.70 -4.97
C PHE A 19 -8.89 5.87 -4.00
N LYS A 20 -9.89 6.14 -3.18
CA LYS A 20 -9.80 7.24 -2.23
C LYS A 20 -9.49 6.76 -0.81
N ALA A 21 -10.31 5.87 -0.28
CA ALA A 21 -10.16 5.45 1.11
C ALA A 21 -8.92 4.59 1.33
N PHE A 22 -8.69 3.65 0.41
CA PHE A 22 -7.55 2.73 0.54
C PHE A 22 -6.23 3.43 0.17
N VAL A 23 -6.32 4.67 -0.31
CA VAL A 23 -5.14 5.38 -0.79
C VAL A 23 -4.94 6.72 -0.07
N LEU A 24 -5.95 7.58 -0.13
CA LEU A 24 -5.83 8.93 0.41
C LEU A 24 -6.06 8.96 1.91
N ASP A 25 -7.11 8.27 2.37
CA ASP A 25 -7.44 8.24 3.79
C ASP A 25 -6.56 7.24 4.54
N ALA A 26 -5.35 7.06 4.04
CA ALA A 26 -4.40 6.12 4.62
C ALA A 26 -4.12 6.46 6.08
N ASP A 27 -3.94 7.74 6.37
CA ASP A 27 -3.57 8.17 7.72
C ASP A 27 -4.76 8.12 8.66
N ASN A 28 -5.96 8.03 8.10
CA ASN A 28 -7.17 7.97 8.90
C ASN A 28 -7.58 6.54 9.17
N LEU A 29 -7.27 5.68 8.21
CA LEU A 29 -7.66 4.29 8.26
C LEU A 29 -6.57 3.42 8.89
N ILE A 30 -5.43 3.34 8.20
CA ILE A 30 -4.38 2.36 8.53
C ILE A 30 -3.92 2.40 9.99
N PRO A 31 -3.47 3.54 10.54
CA PRO A 31 -2.92 3.57 11.91
C PRO A 31 -3.95 3.15 12.96
N LYS A 32 -5.23 3.21 12.60
CA LYS A 32 -6.29 2.86 13.53
C LYS A 32 -6.83 1.46 13.27
N VAL A 33 -7.13 1.16 12.00
CA VAL A 33 -7.79 -0.11 11.68
C VAL A 33 -6.82 -1.12 11.08
N ALA A 34 -5.66 -0.66 10.59
CA ALA A 34 -4.66 -1.56 10.04
C ALA A 34 -3.30 -1.42 10.74
N PRO A 35 -3.26 -1.46 12.10
CA PRO A 35 -2.01 -1.26 12.84
C PRO A 35 -1.09 -2.47 12.75
N GLN A 36 -1.69 -3.61 12.42
CA GLN A 36 -0.92 -4.84 12.22
C GLN A 36 -0.23 -4.80 10.88
N ALA A 37 -0.59 -3.83 10.07
CA ALA A 37 0.04 -3.63 8.78
C ALA A 37 1.06 -2.52 8.90
N ILE A 38 0.58 -1.33 9.21
CA ILE A 38 1.41 -0.16 9.33
C ILE A 38 1.08 0.58 10.62
N LYS A 39 2.11 0.83 11.41
CA LYS A 39 1.94 1.46 12.71
C LYS A 39 1.71 2.95 12.55
N SER A 40 2.39 3.55 11.59
CA SER A 40 2.27 4.99 11.38
C SER A 40 2.16 5.31 9.90
N SER A 41 1.06 5.93 9.51
CA SER A 41 0.86 6.38 8.15
C SER A 41 1.03 7.89 8.09
N GLU A 42 2.26 8.32 8.31
CA GLU A 42 2.57 9.73 8.46
C GLU A 42 2.69 10.41 7.11
N ILE A 43 1.56 10.77 6.52
CA ILE A 43 1.54 11.48 5.25
C ILE A 43 2.20 12.85 5.41
N ILE A 44 3.18 13.12 4.56
CA ILE A 44 3.95 14.36 4.64
C ILE A 44 3.17 15.50 4.02
N GLU A 45 2.61 15.24 2.84
CA GLU A 45 1.84 16.23 2.10
C GLU A 45 1.20 15.57 0.88
N GLY A 46 0.32 16.32 0.20
CA GLY A 46 -0.27 15.82 -1.01
C GLY A 46 -1.78 15.82 -0.96
N SER A 47 -2.41 15.72 -2.13
CA SER A 47 -3.85 15.69 -2.23
C SER A 47 -4.34 14.28 -2.60
N GLY A 48 -3.41 13.34 -2.61
CA GLY A 48 -3.75 11.98 -2.97
C GLY A 48 -3.33 11.64 -4.38
N GLY A 49 -2.37 12.39 -4.90
CA GLY A 49 -1.91 12.18 -6.25
C GLY A 49 -0.42 12.46 -6.40
N PRO A 50 0.03 12.89 -7.59
CA PRO A 50 1.44 13.18 -7.85
C PRO A 50 2.00 14.26 -6.92
N GLY A 51 2.80 13.83 -5.97
CA GLY A 51 3.35 14.74 -5.00
C GLY A 51 3.06 14.29 -3.58
N THR A 52 2.14 13.35 -3.45
CA THR A 52 1.76 12.85 -2.15
C THR A 52 2.79 11.84 -1.61
N ILE A 53 3.62 12.31 -0.71
CA ILE A 53 4.59 11.47 -0.02
C ILE A 53 4.08 11.11 1.36
N LYS A 54 4.32 9.88 1.80
CA LYS A 54 3.83 9.44 3.08
C LYS A 54 4.84 8.52 3.78
N LYS A 55 5.21 8.89 5.00
CA LYS A 55 6.18 8.13 5.77
C LYS A 55 5.49 6.96 6.43
N ILE A 56 5.79 5.78 5.93
CA ILE A 56 5.10 4.57 6.33
C ILE A 56 5.96 3.74 7.28
N THR A 57 5.50 3.63 8.52
CA THR A 57 6.19 2.84 9.54
C THR A 57 5.53 1.47 9.68
N PHE A 58 6.27 0.42 9.36
CA PHE A 58 5.74 -0.95 9.37
C PHE A 58 5.23 -1.33 10.75
N GLY A 59 4.01 -1.85 10.80
CA GLY A 59 3.37 -2.18 12.05
C GLY A 59 3.49 -3.65 12.40
N GLU A 60 4.69 -4.16 12.36
CA GLU A 60 4.95 -5.55 12.70
C GLU A 60 5.65 -5.62 14.04
N GLY A 61 5.44 -4.56 14.80
CA GLY A 61 6.18 -4.35 16.02
C GLY A 61 7.07 -3.14 15.88
N SER A 62 7.64 -2.68 16.97
CA SER A 62 8.49 -1.51 16.91
C SER A 62 9.91 -1.90 16.49
N GLN A 63 10.09 -2.05 15.19
CA GLN A 63 11.37 -2.43 14.64
C GLN A 63 12.18 -1.18 14.28
N PHE A 64 11.50 -0.04 14.37
CA PHE A 64 12.08 1.25 13.99
C PHE A 64 12.44 1.23 12.50
N ASN A 65 11.68 0.43 11.77
CA ASN A 65 11.88 0.30 10.32
C ASN A 65 10.72 0.98 9.62
N TYR A 66 11.03 1.98 8.82
CA TYR A 66 10.00 2.79 8.18
C TYR A 66 10.55 3.46 6.95
N VAL A 67 9.71 3.65 5.95
CA VAL A 67 10.13 4.24 4.70
C VAL A 67 8.99 5.01 4.03
N LYS A 68 9.29 6.22 3.59
CA LYS A 68 8.31 7.04 2.91
C LYS A 68 8.01 6.47 1.54
N HIS A 69 6.74 6.16 1.35
CA HIS A 69 6.19 5.74 0.06
C HIS A 69 5.70 6.99 -0.67
N ARG A 70 5.40 6.85 -1.95
CA ARG A 70 5.00 8.00 -2.74
C ARG A 70 4.10 7.56 -3.89
N ILE A 71 3.24 8.45 -4.33
CA ILE A 71 2.41 8.21 -5.50
C ILE A 71 3.25 8.41 -6.75
N ASP A 72 3.95 7.36 -7.16
CA ASP A 72 4.87 7.46 -8.29
C ASP A 72 4.08 7.55 -9.60
N GLU A 73 3.04 6.76 -9.67
CA GLU A 73 2.15 6.77 -10.82
C GLU A 73 0.71 6.60 -10.36
N ILE A 74 -0.21 7.27 -11.01
CA ILE A 74 -1.61 7.21 -10.63
C ILE A 74 -2.51 7.48 -11.83
N ASP A 75 -3.63 6.78 -11.88
CA ASP A 75 -4.60 6.98 -12.94
C ASP A 75 -6.00 7.08 -12.34
N ASN A 76 -6.64 8.21 -12.54
CA ASN A 76 -7.99 8.43 -11.99
C ASN A 76 -9.05 8.29 -13.08
N ALA A 77 -8.66 7.75 -14.23
CA ALA A 77 -9.58 7.56 -15.33
C ALA A 77 -10.02 6.10 -15.43
N ASN A 78 -9.05 5.21 -15.34
CA ASN A 78 -9.32 3.77 -15.38
C ASN A 78 -8.90 3.12 -14.07
N PHE A 79 -8.47 3.96 -13.13
CA PHE A 79 -8.11 3.54 -11.77
C PHE A 79 -6.79 2.76 -11.74
N THR A 80 -5.72 3.45 -11.38
CA THR A 80 -4.41 2.82 -11.21
C THR A 80 -3.63 3.57 -10.12
N TYR A 81 -2.86 2.84 -9.32
CA TYR A 81 -2.13 3.42 -8.22
C TYR A 81 -0.79 2.70 -8.00
N ALA A 82 0.29 3.42 -8.22
CA ALA A 82 1.63 2.86 -8.00
C ALA A 82 2.32 3.58 -6.86
N CYS A 83 2.78 2.82 -5.88
CA CYS A 83 3.44 3.38 -4.72
C CYS A 83 4.86 2.87 -4.58
N THR A 84 5.79 3.81 -4.51
CA THR A 84 7.22 3.52 -4.50
C THR A 84 7.80 3.77 -3.11
N LEU A 85 8.89 3.09 -2.80
CA LEU A 85 9.75 3.52 -1.71
C LEU A 85 10.60 4.68 -2.22
N ILE A 86 10.73 5.73 -1.44
CA ILE A 86 11.53 6.86 -1.88
C ILE A 86 12.54 7.31 -0.82
N GLU A 87 12.12 7.37 0.44
CA GLU A 87 13.02 7.88 1.47
C GLU A 87 12.75 7.28 2.84
N GLY A 88 13.70 6.54 3.37
CA GLY A 88 13.56 6.00 4.70
C GLY A 88 14.49 4.84 4.97
N ASP A 89 14.39 4.28 6.17
CA ASP A 89 15.26 3.20 6.57
C ASP A 89 14.52 1.87 6.44
N ALA A 90 14.70 1.22 5.31
CA ALA A 90 14.07 -0.06 5.03
C ALA A 90 14.73 -0.70 3.82
N ILE A 91 14.75 0.03 2.71
CA ILE A 91 15.42 -0.41 1.51
C ILE A 91 16.40 0.66 1.06
N SER A 92 17.68 0.39 1.19
CA SER A 92 18.72 1.35 0.85
C SER A 92 20.08 0.64 0.76
N GLU A 93 21.14 1.44 0.59
CA GLU A 93 22.51 0.93 0.49
C GLU A 93 22.71 0.05 -0.72
N THR A 94 22.54 -1.26 -0.52
CA THR A 94 22.73 -2.21 -1.59
C THR A 94 21.40 -2.50 -2.27
N LEU A 95 20.33 -2.06 -1.62
CA LEU A 95 18.99 -2.24 -2.14
C LEU A 95 18.47 -0.90 -2.64
N GLU A 96 17.49 -0.92 -3.53
CA GLU A 96 17.05 0.30 -4.19
C GLU A 96 15.67 0.73 -3.71
N LYS A 97 14.64 -0.02 -4.11
CA LYS A 97 13.28 0.31 -3.73
C LYS A 97 12.32 -0.79 -4.19
N ILE A 98 11.30 -1.04 -3.39
CA ILE A 98 10.21 -1.92 -3.79
C ILE A 98 9.01 -1.04 -4.15
N ALA A 99 8.27 -1.43 -5.17
CA ALA A 99 7.18 -0.61 -5.68
C ALA A 99 5.96 -1.43 -6.02
N TYR A 100 4.80 -1.00 -5.55
CA TYR A 100 3.55 -1.69 -5.81
C TYR A 100 2.78 -0.98 -6.92
N GLU A 101 2.44 -1.72 -7.97
CA GLU A 101 1.69 -1.15 -9.08
C GLU A 101 0.30 -1.76 -9.08
N ILE A 102 -0.65 -1.02 -8.56
CA ILE A 102 -1.99 -1.52 -8.36
C ILE A 102 -2.91 -1.06 -9.47
N LYS A 103 -3.44 -2.02 -10.22
CA LYS A 103 -4.41 -1.72 -11.26
C LYS A 103 -5.79 -2.16 -10.79
N LEU A 104 -6.74 -1.23 -10.84
CA LEU A 104 -8.09 -1.51 -10.37
C LEU A 104 -8.99 -1.97 -11.51
N VAL A 105 -9.60 -3.12 -11.31
CA VAL A 105 -10.59 -3.63 -12.24
C VAL A 105 -11.92 -3.80 -11.52
N ALA A 106 -13.01 -3.46 -12.19
CA ALA A 106 -14.34 -3.63 -11.63
C ALA A 106 -14.66 -5.11 -11.45
N SER A 107 -14.80 -5.53 -10.20
CA SER A 107 -15.05 -6.93 -9.90
C SER A 107 -16.50 -7.29 -10.19
N PRO A 108 -16.74 -8.48 -10.76
CA PRO A 108 -18.09 -9.02 -10.99
C PRO A 108 -18.86 -9.17 -9.68
N ASP A 109 -18.13 -9.07 -8.57
CA ASP A 109 -18.72 -9.12 -7.25
C ASP A 109 -19.51 -7.86 -6.96
N GLY A 110 -19.26 -6.86 -7.77
CA GLY A 110 -19.77 -5.55 -7.50
C GLY A 110 -18.75 -4.75 -6.73
N GLY A 111 -17.71 -5.46 -6.33
CA GLY A 111 -16.59 -4.83 -5.66
C GLY A 111 -15.53 -4.36 -6.63
N SER A 112 -14.27 -4.58 -6.29
CA SER A 112 -13.16 -4.16 -7.13
C SER A 112 -12.03 -5.18 -7.08
N ILE A 113 -10.99 -4.92 -7.85
CA ILE A 113 -9.87 -5.83 -7.99
C ILE A 113 -8.57 -5.03 -7.98
N LEU A 114 -7.90 -5.01 -6.85
CA LEU A 114 -6.64 -4.30 -6.72
C LEU A 114 -5.49 -5.20 -7.16
N LYS A 115 -5.17 -5.17 -8.44
CA LYS A 115 -4.06 -5.96 -8.97
C LYS A 115 -2.74 -5.31 -8.59
N SER A 116 -2.19 -5.73 -7.46
CA SER A 116 -0.95 -5.16 -6.95
C SER A 116 0.25 -5.96 -7.41
N THR A 117 0.89 -5.48 -8.47
CA THR A 117 2.12 -6.09 -8.96
C THR A 117 3.31 -5.28 -8.46
N SER A 118 4.09 -5.86 -7.57
CA SER A 118 5.19 -5.11 -6.99
C SER A 118 6.54 -5.64 -7.44
N LYS A 119 7.42 -4.71 -7.76
CA LYS A 119 8.78 -5.04 -8.16
C LYS A 119 9.74 -4.68 -7.04
N TYR A 120 10.63 -5.60 -6.73
CA TYR A 120 11.60 -5.41 -5.67
C TYR A 120 12.98 -5.17 -6.27
N HIS A 121 13.38 -3.90 -6.34
CA HIS A 121 14.59 -3.51 -7.04
C HIS A 121 15.79 -3.44 -6.12
N THR A 122 16.89 -4.01 -6.58
CA THR A 122 18.15 -3.92 -5.88
C THR A 122 19.01 -2.82 -6.51
N LYS A 123 19.84 -2.19 -5.71
CA LYS A 123 20.73 -1.15 -6.21
C LYS A 123 22.03 -1.79 -6.68
N GLY A 124 21.94 -2.46 -7.81
CA GLY A 124 23.08 -3.20 -8.34
C GLY A 124 22.70 -4.62 -8.70
N ASP A 125 23.55 -5.58 -8.37
CA ASP A 125 23.29 -6.97 -8.68
C ASP A 125 23.26 -7.82 -7.41
N HIS A 126 22.21 -7.63 -6.61
CA HIS A 126 22.03 -8.40 -5.38
C HIS A 126 20.57 -8.81 -5.25
N GLU A 127 20.19 -9.24 -4.05
CA GLU A 127 18.82 -9.65 -3.77
C GLU A 127 18.19 -8.80 -2.67
N ILE A 128 16.96 -9.13 -2.32
CA ILE A 128 16.23 -8.43 -1.27
C ILE A 128 15.97 -9.37 -0.10
N LYS A 129 16.16 -8.87 1.11
CA LYS A 129 15.89 -9.66 2.32
C LYS A 129 14.39 -9.90 2.46
N GLU A 130 14.04 -11.15 2.75
CA GLU A 130 12.65 -11.62 2.81
C GLU A 130 11.80 -10.78 3.76
N ASP A 131 12.46 -10.15 4.73
CA ASP A 131 11.77 -9.39 5.76
C ASP A 131 10.98 -8.24 5.15
N GLN A 132 11.59 -7.57 4.18
CA GLN A 132 10.97 -6.43 3.53
C GLN A 132 9.97 -6.88 2.48
N ILE A 133 10.34 -7.94 1.75
CA ILE A 133 9.47 -8.54 0.75
C ILE A 133 8.15 -8.98 1.40
N LYS A 134 8.27 -9.61 2.57
CA LYS A 134 7.12 -10.07 3.31
C LYS A 134 6.35 -8.89 3.89
N ALA A 135 7.08 -7.88 4.35
CA ALA A 135 6.48 -6.65 4.87
C ALA A 135 5.68 -5.95 3.80
N GLY A 136 6.14 -6.00 2.57
CA GLY A 136 5.42 -5.38 1.48
C GLY A 136 4.12 -6.10 1.18
N LYS A 137 4.18 -7.42 1.20
CA LYS A 137 3.01 -8.23 0.95
C LYS A 137 2.01 -8.09 2.10
N GLU A 138 2.50 -8.25 3.33
CA GLU A 138 1.65 -8.13 4.51
C GLU A 138 1.15 -6.69 4.67
N GLU A 139 1.96 -5.74 4.22
CA GLU A 139 1.57 -4.34 4.22
C GLU A 139 0.28 -4.17 3.43
N ALA A 140 0.34 -4.43 2.13
CA ALA A 140 -0.82 -4.28 1.27
C ALA A 140 -1.98 -5.16 1.73
N SER A 141 -1.66 -6.32 2.30
CA SER A 141 -2.69 -7.26 2.73
C SER A 141 -3.45 -6.73 3.95
N GLY A 142 -2.70 -6.26 4.95
CA GLY A 142 -3.33 -5.69 6.13
C GLY A 142 -4.11 -4.45 5.81
N ILE A 143 -3.51 -3.55 5.05
CA ILE A 143 -4.17 -2.31 4.68
C ILE A 143 -5.54 -2.57 4.09
N PHE A 144 -5.56 -3.19 2.92
CA PHE A 144 -6.79 -3.34 2.16
C PHE A 144 -7.81 -4.20 2.90
N LYS A 145 -7.36 -5.30 3.47
CA LYS A 145 -8.28 -6.22 4.13
C LYS A 145 -8.82 -5.63 5.43
N ALA A 146 -7.99 -4.88 6.14
CA ALA A 146 -8.40 -4.35 7.43
C ALA A 146 -9.30 -3.14 7.27
N VAL A 147 -9.01 -2.30 6.27
CA VAL A 147 -9.88 -1.18 5.97
C VAL A 147 -11.15 -1.66 5.30
N GLU A 148 -11.03 -2.74 4.50
CA GLU A 148 -12.18 -3.33 3.85
C GLU A 148 -13.24 -3.69 4.88
N ALA A 149 -12.83 -4.47 5.86
CA ALA A 149 -13.77 -4.94 6.89
C ALA A 149 -14.21 -3.79 7.79
N TYR A 150 -13.29 -2.88 8.10
CA TYR A 150 -13.64 -1.66 8.82
C TYR A 150 -14.79 -0.94 8.10
N LEU A 151 -14.70 -0.90 6.78
CA LEU A 151 -15.68 -0.23 5.95
C LEU A 151 -16.98 -1.02 5.88
N LEU A 152 -16.89 -2.34 5.93
CA LEU A 152 -18.08 -3.19 6.02
C LEU A 152 -18.79 -2.95 7.35
N ALA A 153 -18.01 -2.56 8.34
CA ALA A 153 -18.54 -2.26 9.66
C ALA A 153 -18.83 -0.77 9.79
N ASN A 154 -19.21 -0.16 8.69
CA ASN A 154 -19.65 1.23 8.71
C ASN A 154 -21.16 1.36 8.42
N PRO A 155 -21.65 0.86 7.26
CA PRO A 155 -23.09 0.90 6.95
C PRO A 155 -23.88 0.02 7.90
N ALA A 156 -23.23 -1.04 8.36
CA ALA A 156 -23.81 -1.92 9.37
C ALA A 156 -23.26 -1.56 10.74
N ALA A 157 -22.21 -0.73 10.73
CA ALA A 157 -21.51 -0.32 11.93
C ALA A 157 -21.10 -1.52 12.78
N TYR A 158 -21.29 -1.41 14.08
CA TYR A 158 -20.84 -2.45 14.99
C TYR A 158 -21.91 -3.52 15.17
N HIS A 159 -22.34 -4.12 14.08
CA HIS A 159 -23.32 -5.20 14.13
C HIS A 159 -22.64 -6.52 13.81
N GLY A 1 17.86 -7.07 -10.84
CA GLY A 1 16.80 -8.10 -10.71
C GLY A 1 15.52 -7.53 -10.17
N VAL A 2 14.43 -8.24 -10.35
CA VAL A 2 13.14 -7.80 -9.87
C VAL A 2 12.28 -9.00 -9.46
N PHE A 3 11.74 -8.93 -8.25
CA PHE A 3 10.83 -9.97 -7.77
C PHE A 3 9.41 -9.45 -7.88
N THR A 4 8.49 -10.33 -8.24
CA THR A 4 7.12 -9.93 -8.46
C THR A 4 6.16 -10.75 -7.61
N TYR A 5 5.73 -10.17 -6.49
CA TYR A 5 4.72 -10.77 -5.66
C TYR A 5 3.42 -10.02 -5.86
N GLU A 6 2.39 -10.70 -6.35
CA GLU A 6 1.17 -10.02 -6.72
C GLU A 6 -0.02 -10.69 -6.10
N SER A 7 -1.00 -9.90 -5.75
CA SER A 7 -2.24 -10.41 -5.24
C SER A 7 -3.37 -9.47 -5.68
N GLU A 8 -4.60 -9.93 -5.64
CA GLU A 8 -5.71 -9.07 -6.02
C GLU A 8 -6.70 -8.92 -4.88
N THR A 9 -7.06 -7.68 -4.60
CA THR A 9 -8.06 -7.42 -3.58
C THR A 9 -9.42 -7.26 -4.23
N THR A 10 -10.21 -8.32 -4.22
CA THR A 10 -11.56 -8.24 -4.72
C THR A 10 -12.47 -7.74 -3.61
N THR A 11 -12.72 -6.44 -3.62
CA THR A 11 -13.44 -5.77 -2.57
C THR A 11 -14.91 -5.67 -2.93
N VAL A 12 -15.78 -5.85 -1.95
CA VAL A 12 -17.22 -5.78 -2.18
C VAL A 12 -17.65 -4.31 -2.35
N ILE A 13 -16.81 -3.41 -1.89
CA ILE A 13 -17.06 -1.99 -1.99
C ILE A 13 -16.65 -1.45 -3.36
N THR A 14 -17.24 -0.34 -3.76
CA THR A 14 -17.03 0.23 -5.08
C THR A 14 -15.61 0.79 -5.25
N PRO A 15 -15.14 0.94 -6.50
CA PRO A 15 -13.78 1.43 -6.78
C PRO A 15 -13.50 2.78 -6.11
N ALA A 16 -14.52 3.63 -6.00
CA ALA A 16 -14.37 4.93 -5.35
C ALA A 16 -13.87 4.79 -3.94
N ARG A 17 -14.46 3.83 -3.22
CA ARG A 17 -14.14 3.60 -1.83
C ARG A 17 -12.65 3.32 -1.67
N LEU A 18 -12.10 2.68 -2.67
CA LEU A 18 -10.70 2.30 -2.65
C LEU A 18 -9.83 3.43 -3.16
N PHE A 19 -10.21 3.97 -4.30
CA PHE A 19 -9.42 5.00 -4.97
C PHE A 19 -9.28 6.24 -4.08
N LYS A 20 -10.28 6.50 -3.24
CA LYS A 20 -10.22 7.64 -2.34
C LYS A 20 -9.79 7.22 -0.93
N ALA A 21 -10.60 6.43 -0.24
CA ALA A 21 -10.31 6.07 1.14
C ALA A 21 -9.06 5.17 1.26
N PHE A 22 -9.08 4.05 0.55
CA PHE A 22 -7.98 3.09 0.60
C PHE A 22 -6.64 3.76 0.20
N VAL A 23 -6.68 4.58 -0.84
CA VAL A 23 -5.47 5.19 -1.39
C VAL A 23 -5.07 6.47 -0.67
N LEU A 24 -5.99 7.41 -0.53
CA LEU A 24 -5.66 8.75 -0.05
C LEU A 24 -5.77 8.85 1.47
N ASP A 25 -6.88 8.37 2.02
CA ASP A 25 -7.13 8.46 3.46
C ASP A 25 -6.39 7.36 4.22
N ALA A 26 -5.10 7.24 3.93
CA ALA A 26 -4.26 6.24 4.57
C ALA A 26 -4.22 6.42 6.08
N ASP A 27 -4.08 7.67 6.52
CA ASP A 27 -3.99 7.98 7.95
C ASP A 27 -5.22 7.51 8.70
N ASN A 28 -6.36 7.55 8.02
CA ASN A 28 -7.64 7.26 8.66
C ASN A 28 -7.87 5.77 8.76
N LEU A 29 -7.15 5.01 7.94
CA LEU A 29 -7.39 3.58 7.85
C LEU A 29 -6.25 2.76 8.46
N ILE A 30 -5.11 2.74 7.79
CA ILE A 30 -4.03 1.80 8.12
C ILE A 30 -3.55 1.92 9.58
N PRO A 31 -3.14 3.10 10.07
CA PRO A 31 -2.64 3.24 11.44
C PRO A 31 -3.69 2.87 12.49
N LYS A 32 -4.95 2.88 12.06
CA LYS A 32 -6.06 2.60 12.96
C LYS A 32 -6.46 1.13 12.87
N VAL A 33 -6.79 0.69 11.67
CA VAL A 33 -7.39 -0.63 11.46
C VAL A 33 -6.36 -1.63 10.92
N ALA A 34 -5.25 -1.14 10.38
CA ALA A 34 -4.23 -2.03 9.85
C ALA A 34 -2.85 -1.78 10.48
N PRO A 35 -2.75 -1.68 11.83
CA PRO A 35 -1.48 -1.37 12.49
C PRO A 35 -0.56 -2.57 12.51
N GLN A 36 -1.13 -3.73 12.18
CA GLN A 36 -0.38 -4.96 12.05
C GLN A 36 0.51 -4.89 10.82
N ALA A 37 0.15 -3.97 9.92
CA ALA A 37 0.90 -3.76 8.70
C ALA A 37 1.80 -2.55 8.85
N ILE A 38 1.18 -1.40 9.04
CA ILE A 38 1.92 -0.16 9.18
C ILE A 38 1.42 0.58 10.42
N LYS A 39 2.35 1.01 11.26
CA LYS A 39 2.00 1.66 12.52
C LYS A 39 1.54 3.09 12.28
N SER A 40 2.12 3.73 11.27
CA SER A 40 1.76 5.10 10.93
C SER A 40 1.90 5.34 9.43
N SER A 41 0.85 5.86 8.81
CA SER A 41 0.83 6.14 7.39
C SER A 41 0.65 7.64 7.18
N GLU A 42 1.49 8.40 7.84
CA GLU A 42 1.33 9.84 7.98
C GLU A 42 1.55 10.57 6.66
N ILE A 43 0.46 11.00 6.02
CA ILE A 43 0.56 11.84 4.84
C ILE A 43 1.25 13.15 5.21
N ILE A 44 2.26 13.53 4.44
CA ILE A 44 3.02 14.73 4.72
C ILE A 44 2.46 15.91 3.95
N GLU A 45 2.43 15.80 2.63
CA GLU A 45 1.92 16.86 1.78
C GLU A 45 1.61 16.34 0.38
N GLY A 46 0.77 17.07 -0.34
CA GLY A 46 0.39 16.67 -1.67
C GLY A 46 -1.12 16.51 -1.81
N SER A 47 -1.79 16.45 -0.66
CA SER A 47 -3.25 16.32 -0.59
C SER A 47 -3.73 14.94 -1.02
N GLY A 48 -3.51 14.58 -2.28
CA GLY A 48 -3.96 13.30 -2.78
C GLY A 48 -3.81 13.18 -4.28
N GLY A 49 -2.58 13.29 -4.75
CA GLY A 49 -2.33 13.18 -6.17
C GLY A 49 -0.92 12.70 -6.46
N PRO A 50 -0.43 12.86 -7.69
CA PRO A 50 0.91 12.42 -8.08
C PRO A 50 1.99 13.23 -7.37
N GLY A 51 2.78 12.54 -6.54
CA GLY A 51 3.84 13.22 -5.82
C GLY A 51 3.52 13.35 -4.34
N THR A 52 2.30 13.03 -3.95
CA THR A 52 1.89 13.10 -2.56
C THR A 52 2.69 12.12 -1.70
N ILE A 53 3.44 12.66 -0.75
CA ILE A 53 4.29 11.83 0.10
C ILE A 53 3.63 11.53 1.43
N LYS A 54 3.95 10.36 1.96
CA LYS A 54 3.44 9.93 3.26
C LYS A 54 4.48 9.08 3.97
N LYS A 55 4.80 9.44 5.20
CA LYS A 55 5.85 8.76 5.94
C LYS A 55 5.33 7.47 6.56
N ILE A 56 5.92 6.37 6.15
CA ILE A 56 5.46 5.05 6.53
C ILE A 56 6.32 4.44 7.63
N THR A 57 5.77 4.41 8.84
CA THR A 57 6.45 3.79 9.97
C THR A 57 5.86 2.39 10.19
N PHE A 58 6.69 1.37 10.03
CA PHE A 58 6.23 0.00 10.14
C PHE A 58 6.05 -0.41 11.59
N GLY A 59 5.28 -1.47 11.81
CA GLY A 59 4.93 -1.88 13.16
C GLY A 59 5.95 -2.79 13.79
N GLU A 60 7.04 -3.06 13.07
CA GLU A 60 8.10 -3.89 13.60
C GLU A 60 9.19 -3.02 14.22
N GLY A 61 9.12 -2.87 15.53
CA GLY A 61 10.09 -2.05 16.23
C GLY A 61 9.76 -0.58 16.15
N SER A 62 8.71 -0.26 15.40
CA SER A 62 8.27 1.11 15.16
C SER A 62 9.36 1.90 14.42
N GLN A 63 10.31 2.47 15.15
CA GLN A 63 11.38 3.25 14.55
C GLN A 63 12.58 2.36 14.26
N PHE A 64 12.32 1.08 14.06
CA PHE A 64 13.35 0.12 13.71
C PHE A 64 13.61 0.15 12.21
N ASN A 65 12.53 0.08 11.45
CA ASN A 65 12.60 0.16 10.00
C ASN A 65 11.41 0.94 9.49
N TYR A 66 11.67 1.97 8.70
CA TYR A 66 10.63 2.88 8.25
C TYR A 66 11.11 3.68 7.05
N VAL A 67 10.19 4.10 6.20
CA VAL A 67 10.55 4.83 5.00
C VAL A 67 9.37 5.61 4.44
N LYS A 68 9.63 6.84 4.03
CA LYS A 68 8.62 7.69 3.44
C LYS A 68 8.25 7.17 2.05
N HIS A 69 6.96 7.01 1.84
CA HIS A 69 6.43 6.54 0.56
C HIS A 69 5.78 7.70 -0.17
N ARG A 70 5.37 7.45 -1.39
CA ARG A 70 4.83 8.50 -2.24
C ARG A 70 3.82 7.93 -3.21
N ILE A 71 2.83 8.73 -3.57
CA ILE A 71 1.97 8.40 -4.69
C ILE A 71 2.77 8.58 -5.96
N ASP A 72 3.50 7.53 -6.33
CA ASP A 72 4.47 7.59 -7.42
C ASP A 72 3.78 7.99 -8.72
N GLU A 73 2.65 7.36 -8.97
CA GLU A 73 1.83 7.68 -10.11
C GLU A 73 0.41 7.26 -9.83
N ILE A 74 -0.53 8.12 -10.16
CA ILE A 74 -1.93 7.82 -9.94
C ILE A 74 -2.71 8.02 -11.24
N ASP A 75 -3.47 7.00 -11.59
CA ASP A 75 -4.30 7.08 -12.78
C ASP A 75 -5.76 7.15 -12.38
N ASN A 76 -6.44 8.19 -12.81
CA ASN A 76 -7.85 8.39 -12.47
C ASN A 76 -8.77 8.11 -13.66
N ALA A 77 -8.21 7.50 -14.69
CA ALA A 77 -8.99 7.16 -15.89
C ALA A 77 -9.36 5.70 -15.87
N ASN A 78 -8.36 4.86 -15.66
CA ASN A 78 -8.58 3.42 -15.54
C ASN A 78 -8.32 2.99 -14.10
N PHE A 79 -7.94 3.96 -13.28
CA PHE A 79 -7.73 3.78 -11.84
C PHE A 79 -6.50 2.93 -11.56
N THR A 80 -5.41 3.59 -11.24
CA THR A 80 -4.16 2.92 -10.92
C THR A 80 -3.41 3.68 -9.84
N TYR A 81 -2.84 2.96 -8.89
CA TYR A 81 -2.11 3.54 -7.79
C TYR A 81 -0.75 2.89 -7.64
N ALA A 82 0.31 3.67 -7.88
CA ALA A 82 1.66 3.19 -7.70
C ALA A 82 2.24 3.66 -6.38
N CYS A 83 2.62 2.71 -5.54
CA CYS A 83 3.18 3.02 -4.24
C CYS A 83 4.69 2.80 -4.26
N THR A 84 5.43 3.85 -3.94
CA THR A 84 6.88 3.80 -3.98
C THR A 84 7.45 4.31 -2.66
N LEU A 85 8.65 3.87 -2.33
CA LEU A 85 9.42 4.50 -1.27
C LEU A 85 10.28 5.61 -1.84
N ILE A 86 10.33 6.75 -1.16
CA ILE A 86 11.09 7.87 -1.67
C ILE A 86 12.32 8.15 -0.81
N GLU A 87 12.18 8.09 0.51
CA GLU A 87 13.29 8.45 1.39
C GLU A 87 13.08 7.88 2.79
N GLY A 88 14.10 7.26 3.34
CA GLY A 88 13.99 6.74 4.70
C GLY A 88 14.88 5.53 4.93
N ASP A 89 14.82 4.99 6.14
CA ASP A 89 15.67 3.86 6.53
C ASP A 89 14.98 2.54 6.18
N ALA A 90 14.91 2.27 4.89
CA ALA A 90 14.38 1.02 4.38
C ALA A 90 14.58 0.96 2.87
N ILE A 91 15.45 0.06 2.43
CA ILE A 91 15.75 -0.10 1.00
C ILE A 91 16.47 1.17 0.50
N SER A 92 17.46 1.62 1.24
CA SER A 92 18.26 2.76 0.84
C SER A 92 19.74 2.41 0.81
N GLU A 93 20.02 1.16 1.13
CA GLU A 93 21.39 0.68 1.26
C GLU A 93 21.86 0.12 -0.07
N THR A 94 22.11 -1.19 -0.11
CA THR A 94 22.45 -1.86 -1.35
C THR A 94 21.18 -2.43 -1.99
N LEU A 95 20.09 -1.69 -1.77
CA LEU A 95 18.77 -2.07 -2.25
C LEU A 95 18.17 -0.89 -3.00
N GLU A 96 17.27 -1.15 -3.94
CA GLU A 96 16.80 -0.11 -4.84
C GLU A 96 15.45 0.43 -4.41
N LYS A 97 14.39 -0.38 -4.56
CA LYS A 97 13.06 0.05 -4.14
C LYS A 97 12.07 -1.11 -4.14
N ILE A 98 11.12 -1.05 -3.23
CA ILE A 98 10.01 -2.01 -3.22
C ILE A 98 8.75 -1.32 -3.72
N ALA A 99 8.44 -1.54 -4.99
CA ALA A 99 7.32 -0.88 -5.64
C ALA A 99 6.06 -1.72 -5.59
N TYR A 100 4.92 -1.07 -5.45
CA TYR A 100 3.63 -1.75 -5.51
C TYR A 100 2.75 -1.04 -6.54
N GLU A 101 2.16 -1.81 -7.46
CA GLU A 101 1.36 -1.23 -8.53
C GLU A 101 -0.04 -1.79 -8.46
N ILE A 102 -0.96 -0.97 -8.00
CA ILE A 102 -2.35 -1.38 -7.85
C ILE A 102 -3.18 -0.91 -9.03
N LYS A 103 -3.60 -1.84 -9.86
CA LYS A 103 -4.49 -1.54 -10.97
C LYS A 103 -5.91 -1.90 -10.60
N LEU A 104 -6.82 -0.95 -10.75
CA LEU A 104 -8.21 -1.18 -10.40
C LEU A 104 -9.03 -1.59 -11.60
N VAL A 105 -9.76 -2.69 -11.42
CA VAL A 105 -10.71 -3.15 -12.41
C VAL A 105 -12.06 -3.35 -11.73
N ALA A 106 -13.13 -2.98 -12.41
CA ALA A 106 -14.48 -3.21 -11.90
C ALA A 106 -14.75 -4.69 -11.79
N SER A 107 -15.08 -5.15 -10.59
CA SER A 107 -15.37 -6.55 -10.37
C SER A 107 -16.80 -6.86 -10.81
N PRO A 108 -17.00 -7.99 -11.51
CA PRO A 108 -18.34 -8.48 -11.87
C PRO A 108 -19.22 -8.71 -10.65
N ASP A 109 -18.57 -8.78 -9.49
CA ASP A 109 -19.27 -8.92 -8.21
C ASP A 109 -20.05 -7.66 -7.87
N GLY A 110 -19.75 -6.61 -8.60
CA GLY A 110 -20.28 -5.32 -8.28
C GLY A 110 -19.28 -4.57 -7.43
N GLY A 111 -18.29 -5.31 -6.97
CA GLY A 111 -17.21 -4.71 -6.19
C GLY A 111 -16.07 -4.24 -7.06
N SER A 112 -14.85 -4.44 -6.59
CA SER A 112 -13.67 -3.95 -7.28
C SER A 112 -12.57 -5.00 -7.29
N ILE A 113 -11.50 -4.71 -8.02
CA ILE A 113 -10.37 -5.62 -8.16
C ILE A 113 -9.07 -4.83 -8.07
N LEU A 114 -8.44 -4.87 -6.91
CA LEU A 114 -7.17 -4.19 -6.72
C LEU A 114 -6.03 -5.12 -7.11
N LYS A 115 -5.58 -5.01 -8.34
CA LYS A 115 -4.48 -5.82 -8.84
C LYS A 115 -3.16 -5.25 -8.34
N SER A 116 -2.74 -5.68 -7.15
CA SER A 116 -1.47 -5.23 -6.58
C SER A 116 -0.31 -6.08 -7.07
N THR A 117 0.39 -5.58 -8.06
CA THR A 117 1.57 -6.25 -8.59
C THR A 117 2.81 -5.48 -8.16
N SER A 118 3.64 -6.11 -7.34
CA SER A 118 4.82 -5.43 -6.82
C SER A 118 6.04 -5.70 -7.68
N LYS A 119 7.01 -4.80 -7.59
CA LYS A 119 8.27 -4.95 -8.28
C LYS A 119 9.42 -4.65 -7.33
N TYR A 120 10.04 -5.69 -6.82
CA TYR A 120 11.15 -5.56 -5.90
C TYR A 120 12.44 -5.33 -6.67
N HIS A 121 12.89 -4.09 -6.67
CA HIS A 121 14.06 -3.69 -7.43
C HIS A 121 15.33 -3.91 -6.60
N THR A 122 16.24 -4.70 -7.14
CA THR A 122 17.52 -4.91 -6.51
C THR A 122 18.51 -3.85 -6.98
N LYS A 123 19.49 -3.53 -6.15
CA LYS A 123 20.50 -2.56 -6.52
C LYS A 123 21.76 -3.27 -6.97
N GLY A 124 21.84 -3.54 -8.25
CA GLY A 124 22.92 -4.34 -8.77
C GLY A 124 22.64 -5.81 -8.55
N ASP A 125 23.68 -6.62 -8.48
CA ASP A 125 23.51 -8.04 -8.22
C ASP A 125 23.47 -8.28 -6.71
N HIS A 126 22.41 -7.80 -6.09
CA HIS A 126 22.19 -8.00 -4.67
C HIS A 126 20.69 -7.99 -4.40
N GLU A 127 20.18 -9.11 -3.92
CA GLU A 127 18.75 -9.26 -3.68
C GLU A 127 18.31 -8.42 -2.51
N ILE A 128 17.02 -8.47 -2.23
CA ILE A 128 16.45 -7.71 -1.15
C ILE A 128 16.25 -8.60 0.07
N LYS A 129 16.60 -8.06 1.23
CA LYS A 129 16.43 -8.73 2.51
C LYS A 129 15.03 -9.33 2.61
N GLU A 130 14.98 -10.59 3.01
CA GLU A 130 13.72 -11.32 3.15
C GLU A 130 12.83 -10.61 4.15
N ASP A 131 13.45 -9.87 5.07
CA ASP A 131 12.72 -9.08 6.06
C ASP A 131 11.84 -8.04 5.38
N GLN A 132 12.38 -7.37 4.36
CA GLN A 132 11.66 -6.31 3.67
C GLN A 132 10.61 -6.90 2.75
N ILE A 133 10.95 -7.98 2.07
CA ILE A 133 9.99 -8.68 1.21
C ILE A 133 8.85 -9.24 2.06
N LYS A 134 9.21 -9.73 3.25
CA LYS A 134 8.22 -10.20 4.21
C LYS A 134 7.29 -9.07 4.61
N ALA A 135 7.88 -7.93 4.95
CA ALA A 135 7.12 -6.73 5.30
C ALA A 135 6.13 -6.36 4.23
N GLY A 136 6.54 -6.50 2.96
CA GLY A 136 5.66 -6.17 1.86
C GLY A 136 4.48 -7.11 1.79
N LYS A 137 4.76 -8.40 1.87
CA LYS A 137 3.73 -9.42 1.89
C LYS A 137 2.79 -9.22 3.07
N GLU A 138 3.37 -9.08 4.25
CA GLU A 138 2.60 -8.94 5.48
C GLU A 138 1.82 -7.64 5.50
N GLU A 139 2.45 -6.55 5.07
CA GLU A 139 1.80 -5.26 5.11
C GLU A 139 0.58 -5.26 4.20
N ALA A 140 0.76 -5.72 2.96
CA ALA A 140 -0.32 -5.76 1.99
C ALA A 140 -1.49 -6.58 2.51
N SER A 141 -1.17 -7.69 3.18
CA SER A 141 -2.18 -8.60 3.68
C SER A 141 -3.06 -7.90 4.72
N GLY A 142 -2.42 -7.19 5.65
CA GLY A 142 -3.13 -6.44 6.65
C GLY A 142 -3.88 -5.27 6.06
N ILE A 143 -3.23 -4.52 5.18
CA ILE A 143 -3.87 -3.38 4.54
C ILE A 143 -5.16 -3.80 3.89
N PHE A 144 -5.06 -4.70 2.91
CA PHE A 144 -6.21 -5.13 2.13
C PHE A 144 -7.36 -5.55 3.03
N LYS A 145 -7.12 -6.56 3.83
CA LYS A 145 -8.20 -7.20 4.56
C LYS A 145 -8.72 -6.34 5.71
N ALA A 146 -7.86 -5.50 6.27
CA ALA A 146 -8.24 -4.74 7.45
C ALA A 146 -8.96 -3.45 7.08
N VAL A 147 -8.61 -2.89 5.93
CA VAL A 147 -9.35 -1.72 5.45
C VAL A 147 -10.58 -2.19 4.69
N GLU A 148 -10.48 -3.36 4.05
CA GLU A 148 -11.58 -3.94 3.29
C GLU A 148 -12.84 -3.98 4.15
N ALA A 149 -12.72 -4.59 5.31
CA ALA A 149 -13.87 -4.81 6.16
C ALA A 149 -14.23 -3.59 6.97
N TYR A 150 -13.22 -2.82 7.41
CA TYR A 150 -13.50 -1.57 8.10
C TYR A 150 -14.36 -0.66 7.22
N LEU A 151 -14.07 -0.65 5.93
CA LEU A 151 -14.82 0.13 4.96
C LEU A 151 -16.14 -0.55 4.65
N LEU A 152 -16.10 -1.87 4.54
CA LEU A 152 -17.27 -2.69 4.28
C LEU A 152 -18.34 -2.45 5.34
N ALA A 153 -17.90 -2.26 6.56
CA ALA A 153 -18.81 -2.24 7.68
C ALA A 153 -18.70 -0.96 8.49
N ASN A 154 -18.62 0.19 7.83
CA ASN A 154 -18.62 1.46 8.55
C ASN A 154 -19.68 2.45 8.07
N PRO A 155 -19.65 2.90 6.81
CA PRO A 155 -20.59 3.91 6.30
C PRO A 155 -22.03 3.59 6.67
N ALA A 156 -22.35 2.30 6.67
CA ALA A 156 -23.68 1.84 7.04
C ALA A 156 -23.63 0.89 8.23
N ALA A 157 -22.40 0.55 8.64
CA ALA A 157 -22.16 -0.45 9.68
C ALA A 157 -22.67 -1.81 9.24
N TYR A 158 -21.72 -2.63 8.79
CA TYR A 158 -21.99 -3.98 8.31
C TYR A 158 -22.99 -3.97 7.16
N HIS A 159 -22.71 -3.13 6.17
CA HIS A 159 -23.56 -3.03 4.99
C HIS A 159 -22.81 -2.35 3.86
N GLY A 1 17.35 -9.18 -11.74
CA GLY A 1 16.81 -7.83 -12.02
C GLY A 1 15.59 -7.52 -11.17
N VAL A 2 14.49 -7.16 -11.81
CA VAL A 2 13.26 -6.85 -11.11
C VAL A 2 12.41 -8.11 -10.96
N PHE A 3 11.94 -8.36 -9.75
CA PHE A 3 11.05 -9.48 -9.48
C PHE A 3 9.60 -8.98 -9.46
N THR A 4 8.73 -9.70 -10.14
CA THR A 4 7.34 -9.29 -10.26
C THR A 4 6.41 -10.21 -9.46
N TYR A 5 5.93 -9.71 -8.34
CA TYR A 5 4.94 -10.43 -7.54
C TYR A 5 3.76 -9.51 -7.28
N GLU A 6 2.56 -9.99 -7.54
CA GLU A 6 1.38 -9.16 -7.43
C GLU A 6 0.40 -9.76 -6.45
N SER A 7 -0.19 -8.92 -5.63
CA SER A 7 -1.24 -9.35 -4.75
C SER A 7 -2.58 -8.88 -5.30
N GLU A 8 -3.52 -9.79 -5.44
CA GLU A 8 -4.79 -9.45 -6.06
C GLU A 8 -5.88 -9.32 -5.01
N THR A 9 -6.34 -8.11 -4.81
CA THR A 9 -7.35 -7.82 -3.81
C THR A 9 -8.74 -7.78 -4.43
N THR A 10 -9.48 -8.88 -4.33
CA THR A 10 -10.87 -8.89 -4.76
C THR A 10 -11.75 -8.42 -3.61
N THR A 11 -12.14 -7.15 -3.67
CA THR A 11 -12.85 -6.52 -2.57
C THR A 11 -14.35 -6.55 -2.79
N VAL A 12 -15.09 -6.77 -1.72
CA VAL A 12 -16.55 -6.82 -1.77
C VAL A 12 -17.12 -5.40 -1.92
N ILE A 13 -16.31 -4.42 -1.57
CA ILE A 13 -16.70 -3.02 -1.69
C ILE A 13 -16.40 -2.49 -3.08
N THR A 14 -17.11 -1.45 -3.48
CA THR A 14 -16.98 -0.89 -4.83
C THR A 14 -15.64 -0.17 -5.01
N PRO A 15 -15.17 -0.02 -6.26
CA PRO A 15 -13.93 0.69 -6.56
C PRO A 15 -13.82 2.04 -5.85
N ALA A 16 -14.94 2.78 -5.78
CA ALA A 16 -14.97 4.08 -5.13
C ALA A 16 -14.51 4.00 -3.69
N ARG A 17 -15.00 2.99 -2.98
CA ARG A 17 -14.68 2.81 -1.58
C ARG A 17 -13.18 2.73 -1.39
N LEU A 18 -12.53 2.12 -2.36
CA LEU A 18 -11.09 1.93 -2.34
C LEU A 18 -10.37 3.18 -2.82
N PHE A 19 -10.74 3.64 -3.99
CA PHE A 19 -10.09 4.78 -4.62
C PHE A 19 -10.12 6.01 -3.71
N LYS A 20 -11.15 6.11 -2.87
CA LYS A 20 -11.23 7.20 -1.92
C LYS A 20 -10.58 6.85 -0.58
N ALA A 21 -11.04 5.80 0.07
CA ALA A 21 -10.61 5.49 1.44
C ALA A 21 -9.29 4.71 1.46
N PHE A 22 -9.22 3.64 0.67
CA PHE A 22 -8.02 2.81 0.58
C PHE A 22 -6.85 3.65 0.03
N VAL A 23 -7.18 4.56 -0.88
CA VAL A 23 -6.18 5.34 -1.60
C VAL A 23 -5.84 6.67 -0.92
N LEU A 24 -6.84 7.56 -0.80
CA LEU A 24 -6.59 8.93 -0.38
C LEU A 24 -6.59 9.07 1.13
N ASP A 25 -7.65 8.61 1.76
CA ASP A 25 -7.76 8.70 3.22
C ASP A 25 -7.08 7.53 3.89
N ALA A 26 -6.05 7.00 3.24
CA ALA A 26 -5.30 5.87 3.77
C ALA A 26 -4.67 6.21 5.11
N ASP A 27 -4.41 7.50 5.32
CA ASP A 27 -3.79 7.97 6.56
C ASP A 27 -4.81 7.98 7.69
N ASN A 28 -6.09 7.86 7.35
CA ASN A 28 -7.14 7.85 8.34
C ASN A 28 -7.54 6.42 8.66
N LEU A 29 -7.35 5.54 7.69
CA LEU A 29 -7.72 4.15 7.85
C LEU A 29 -6.57 3.31 8.39
N ILE A 30 -5.51 3.17 7.60
CA ILE A 30 -4.42 2.22 7.90
C ILE A 30 -3.87 2.37 9.33
N PRO A 31 -3.42 3.56 9.78
CA PRO A 31 -2.87 3.71 11.14
C PRO A 31 -3.87 3.34 12.24
N LYS A 32 -5.15 3.37 11.91
CA LYS A 32 -6.20 3.14 12.89
C LYS A 32 -6.75 1.72 12.79
N VAL A 33 -7.11 1.30 11.58
CA VAL A 33 -7.75 0.02 11.37
C VAL A 33 -6.75 -1.04 10.89
N ALA A 34 -5.61 -0.60 10.38
CA ALA A 34 -4.59 -1.52 9.90
C ALA A 34 -3.25 -1.31 10.61
N PRO A 35 -3.23 -1.35 11.96
CA PRO A 35 -2.05 -0.96 12.73
C PRO A 35 -0.97 -2.04 12.73
N GLN A 36 -1.35 -3.26 12.38
CA GLN A 36 -0.41 -4.36 12.30
C GLN A 36 0.37 -4.25 10.98
N ALA A 37 -0.18 -3.49 10.05
CA ALA A 37 0.50 -3.24 8.80
C ALA A 37 1.37 -2.00 8.94
N ILE A 38 0.73 -0.87 9.17
CA ILE A 38 1.42 0.39 9.32
C ILE A 38 1.04 1.05 10.64
N LYS A 39 2.03 1.33 11.46
CA LYS A 39 1.82 1.91 12.78
C LYS A 39 1.41 3.38 12.66
N SER A 40 1.94 4.05 11.63
CA SER A 40 1.61 5.45 11.40
C SER A 40 1.80 5.80 9.92
N SER A 41 0.76 6.35 9.31
CA SER A 41 0.80 6.75 7.92
C SER A 41 0.72 8.27 7.83
N GLU A 42 1.86 8.91 7.99
CA GLU A 42 1.92 10.36 8.06
C GLU A 42 2.15 10.98 6.69
N ILE A 43 1.10 11.50 6.08
CA ILE A 43 1.23 12.18 4.80
C ILE A 43 2.06 13.45 4.96
N ILE A 44 3.17 13.49 4.23
CA ILE A 44 4.15 14.56 4.33
C ILE A 44 3.68 15.82 3.62
N GLU A 45 3.33 15.69 2.35
CA GLU A 45 2.91 16.84 1.56
C GLU A 45 2.16 16.38 0.32
N GLY A 46 1.13 17.12 -0.06
CA GLY A 46 0.39 16.81 -1.26
C GLY A 46 -1.10 16.70 -1.02
N SER A 47 -1.87 16.75 -2.09
CA SER A 47 -3.31 16.67 -2.03
C SER A 47 -3.77 15.26 -2.37
N GLY A 48 -2.83 14.41 -2.74
CA GLY A 48 -3.16 13.06 -3.16
C GLY A 48 -2.88 12.83 -4.62
N GLY A 49 -1.70 13.28 -5.06
CA GLY A 49 -1.32 13.13 -6.44
C GLY A 49 0.04 12.49 -6.57
N PRO A 50 0.59 12.42 -7.80
CA PRO A 50 1.88 11.76 -8.08
C PRO A 50 3.09 12.54 -7.52
N GLY A 51 2.86 13.30 -6.47
CA GLY A 51 3.91 14.03 -5.81
C GLY A 51 3.69 14.11 -4.32
N THR A 52 2.74 13.34 -3.83
CA THR A 52 2.39 13.34 -2.42
C THR A 52 3.25 12.34 -1.65
N ILE A 53 4.13 12.86 -0.79
CA ILE A 53 5.01 12.01 0.00
C ILE A 53 4.31 11.63 1.30
N LYS A 54 4.68 10.50 1.88
CA LYS A 54 4.08 10.05 3.14
C LYS A 54 5.06 9.18 3.92
N LYS A 55 5.39 9.60 5.14
CA LYS A 55 6.34 8.87 5.95
C LYS A 55 5.63 7.69 6.61
N ILE A 56 6.12 6.49 6.34
CA ILE A 56 5.43 5.29 6.77
C ILE A 56 6.25 4.53 7.81
N THR A 57 5.70 4.44 9.01
CA THR A 57 6.35 3.73 10.09
C THR A 57 5.58 2.46 10.40
N PHE A 58 6.31 1.35 10.54
CA PHE A 58 5.68 0.05 10.75
C PHE A 58 6.64 -0.91 11.43
N GLY A 59 6.30 -2.18 11.40
CA GLY A 59 7.16 -3.18 11.99
C GLY A 59 6.40 -4.11 12.91
N GLU A 60 7.03 -5.23 13.25
CA GLU A 60 6.45 -6.20 14.16
C GLU A 60 6.10 -5.50 15.47
N GLY A 61 7.08 -4.81 16.02
CA GLY A 61 6.86 -3.94 17.15
C GLY A 61 7.43 -2.57 16.89
N SER A 62 7.63 -2.26 15.61
CA SER A 62 8.24 -1.01 15.17
C SER A 62 9.57 -0.80 15.88
N GLN A 63 10.50 -1.71 15.63
CA GLN A 63 11.80 -1.69 16.30
C GLN A 63 12.62 -0.51 15.83
N PHE A 64 12.76 -0.40 14.51
CA PHE A 64 13.56 0.65 13.90
C PHE A 64 13.16 0.83 12.45
N ASN A 65 12.75 -0.27 11.83
CA ASN A 65 12.38 -0.28 10.41
C ASN A 65 11.27 0.71 10.10
N TYR A 66 11.46 1.47 9.04
CA TYR A 66 10.48 2.44 8.57
C TYR A 66 10.94 2.96 7.22
N VAL A 67 10.03 3.53 6.45
CA VAL A 67 10.40 4.10 5.17
C VAL A 67 9.32 5.00 4.61
N LYS A 68 9.74 6.17 4.15
CA LYS A 68 8.86 7.12 3.53
C LYS A 68 8.42 6.62 2.17
N HIS A 69 7.13 6.40 2.05
CA HIS A 69 6.49 6.05 0.79
C HIS A 69 6.00 7.33 0.13
N ARG A 70 5.36 7.19 -1.01
CA ARG A 70 4.77 8.34 -1.69
C ARG A 70 3.86 7.86 -2.80
N ILE A 71 2.99 8.74 -3.24
CA ILE A 71 2.15 8.46 -4.39
C ILE A 71 2.95 8.76 -5.64
N ASP A 72 3.45 7.71 -6.27
CA ASP A 72 4.34 7.87 -7.41
C ASP A 72 3.56 8.22 -8.65
N GLU A 73 2.49 7.49 -8.87
CA GLU A 73 1.66 7.70 -10.04
C GLU A 73 0.24 7.28 -9.73
N ILE A 74 -0.68 8.21 -9.84
CA ILE A 74 -2.08 7.93 -9.58
C ILE A 74 -2.89 8.26 -10.82
N ASP A 75 -3.82 7.38 -11.17
CA ASP A 75 -4.63 7.59 -12.34
C ASP A 75 -6.10 7.56 -11.96
N ASN A 76 -6.80 8.65 -12.22
CA ASN A 76 -8.23 8.75 -11.91
C ASN A 76 -9.09 8.20 -13.04
N ALA A 77 -8.53 8.18 -14.25
CA ALA A 77 -9.27 7.73 -15.42
C ALA A 77 -9.29 6.22 -15.51
N ASN A 78 -8.12 5.61 -15.38
CA ASN A 78 -7.99 4.16 -15.43
C ASN A 78 -8.05 3.58 -14.02
N PHE A 79 -8.05 4.47 -13.03
CA PHE A 79 -8.09 4.08 -11.62
C PHE A 79 -6.86 3.25 -11.27
N THR A 80 -5.74 3.92 -11.04
CA THR A 80 -4.50 3.26 -10.71
C THR A 80 -3.78 4.00 -9.58
N TYR A 81 -3.25 3.24 -8.63
CA TYR A 81 -2.61 3.81 -7.46
C TYR A 81 -1.22 3.20 -7.26
N ALA A 82 -0.18 3.95 -7.60
CA ALA A 82 1.18 3.48 -7.45
C ALA A 82 1.83 4.02 -6.18
N CYS A 83 2.28 3.12 -5.33
CA CYS A 83 2.95 3.47 -4.08
C CYS A 83 4.36 2.87 -4.08
N THR A 84 5.30 3.54 -3.44
CA THR A 84 6.68 3.10 -3.46
C THR A 84 7.41 3.52 -2.18
N LEU A 85 8.45 2.79 -1.82
CA LEU A 85 9.36 3.22 -0.77
C LEU A 85 10.37 4.21 -1.36
N ILE A 86 10.70 5.26 -0.62
CA ILE A 86 11.69 6.22 -1.07
C ILE A 86 12.84 6.35 -0.08
N GLU A 87 12.56 6.79 1.14
CA GLU A 87 13.61 7.14 2.08
C GLU A 87 13.38 6.55 3.46
N GLY A 88 14.30 5.72 3.92
CA GLY A 88 14.18 5.17 5.26
C GLY A 88 14.98 3.92 5.44
N ASP A 89 14.87 3.31 6.61
CA ASP A 89 15.62 2.10 6.92
C ASP A 89 14.85 0.88 6.44
N ALA A 90 15.22 0.42 5.26
CA ALA A 90 14.60 -0.76 4.66
C ALA A 90 15.46 -1.20 3.47
N ILE A 91 15.69 -0.28 2.56
CA ILE A 91 16.53 -0.52 1.41
C ILE A 91 17.98 -0.19 1.74
N SER A 92 18.84 -1.19 1.61
CA SER A 92 20.25 -1.04 1.94
C SER A 92 21.04 -0.47 0.76
N GLU A 93 22.34 -0.29 0.95
CA GLU A 93 23.18 0.41 -0.02
C GLU A 93 23.10 -0.18 -1.43
N THR A 94 23.16 -1.51 -1.54
CA THR A 94 23.19 -2.14 -2.85
C THR A 94 21.81 -2.61 -3.27
N LEU A 95 20.79 -2.04 -2.66
CA LEU A 95 19.42 -2.34 -3.01
C LEU A 95 18.77 -1.11 -3.64
N GLU A 96 17.62 -1.30 -4.27
CA GLU A 96 17.01 -0.22 -5.04
C GLU A 96 15.67 0.18 -4.45
N LYS A 97 14.63 -0.61 -4.71
CA LYS A 97 13.31 -0.34 -4.12
C LYS A 97 12.28 -1.39 -4.51
N ILE A 98 11.21 -1.44 -3.73
CA ILE A 98 10.08 -2.32 -4.04
C ILE A 98 8.84 -1.46 -4.30
N ALA A 99 8.28 -1.61 -5.49
CA ALA A 99 7.13 -0.83 -5.91
C ALA A 99 5.82 -1.53 -5.60
N TYR A 100 4.74 -0.74 -5.57
CA TYR A 100 3.38 -1.26 -5.47
C TYR A 100 2.51 -0.56 -6.51
N GLU A 101 2.04 -1.28 -7.51
CA GLU A 101 1.19 -0.68 -8.52
C GLU A 101 -0.18 -1.32 -8.48
N ILE A 102 -1.12 -0.60 -7.88
CA ILE A 102 -2.45 -1.11 -7.65
C ILE A 102 -3.41 -0.64 -8.73
N LYS A 103 -3.84 -1.56 -9.58
CA LYS A 103 -4.76 -1.24 -10.65
C LYS A 103 -6.19 -1.62 -10.25
N LEU A 104 -7.10 -0.66 -10.37
CA LEU A 104 -8.47 -0.86 -9.94
C LEU A 104 -9.34 -1.44 -11.05
N VAL A 105 -9.56 -2.74 -10.99
CA VAL A 105 -10.46 -3.40 -11.91
C VAL A 105 -11.81 -3.61 -11.23
N ALA A 106 -12.87 -3.70 -11.99
CA ALA A 106 -14.19 -3.94 -11.44
C ALA A 106 -14.46 -5.44 -11.32
N SER A 107 -14.94 -5.86 -10.16
CA SER A 107 -15.24 -7.26 -9.93
C SER A 107 -16.64 -7.59 -10.43
N PRO A 108 -16.81 -8.79 -10.98
CA PRO A 108 -18.12 -9.29 -11.42
C PRO A 108 -19.09 -9.45 -10.26
N ASP A 109 -18.56 -9.31 -9.04
CA ASP A 109 -19.36 -9.38 -7.83
C ASP A 109 -19.84 -8.00 -7.41
N GLY A 110 -19.65 -7.03 -8.28
CA GLY A 110 -20.03 -5.67 -7.96
C GLY A 110 -18.99 -5.02 -7.08
N GLY A 111 -18.02 -5.83 -6.68
CA GLY A 111 -16.90 -5.31 -5.91
C GLY A 111 -15.80 -4.78 -6.80
N SER A 112 -14.57 -4.96 -6.38
CA SER A 112 -13.44 -4.49 -7.16
C SER A 112 -12.30 -5.50 -7.10
N ILE A 113 -11.29 -5.29 -7.94
CA ILE A 113 -10.16 -6.19 -8.03
C ILE A 113 -8.90 -5.36 -8.15
N LEU A 114 -8.21 -5.19 -7.04
CA LEU A 114 -7.01 -4.38 -7.02
C LEU A 114 -5.80 -5.28 -7.23
N LYS A 115 -5.33 -5.34 -8.45
CA LYS A 115 -4.15 -6.12 -8.78
C LYS A 115 -2.91 -5.31 -8.47
N SER A 116 -2.39 -5.50 -7.27
CA SER A 116 -1.23 -4.76 -6.80
C SER A 116 0.04 -5.45 -7.27
N THR A 117 0.59 -4.95 -8.36
CA THR A 117 1.79 -5.52 -8.93
C THR A 117 3.03 -4.90 -8.30
N SER A 118 3.67 -5.64 -7.42
CA SER A 118 4.87 -5.15 -6.77
C SER A 118 6.09 -5.52 -7.59
N LYS A 119 7.04 -4.59 -7.64
CA LYS A 119 8.23 -4.77 -8.43
C LYS A 119 9.47 -4.60 -7.56
N TYR A 120 10.16 -5.70 -7.36
CA TYR A 120 11.34 -5.72 -6.49
C TYR A 120 12.58 -5.44 -7.33
N HIS A 121 13.13 -4.25 -7.17
CA HIS A 121 14.26 -3.83 -7.98
C HIS A 121 15.56 -3.93 -7.19
N THR A 122 16.57 -4.54 -7.81
CA THR A 122 17.90 -4.59 -7.25
C THR A 122 18.73 -3.43 -7.79
N LYS A 123 19.80 -3.08 -7.09
CA LYS A 123 20.69 -2.02 -7.54
C LYS A 123 21.96 -2.63 -8.15
N GLY A 124 21.92 -3.94 -8.38
CA GLY A 124 23.06 -4.60 -8.98
C GLY A 124 23.02 -6.11 -8.80
N ASP A 125 23.79 -6.62 -7.86
CA ASP A 125 23.92 -8.07 -7.68
C ASP A 125 23.38 -8.51 -6.33
N HIS A 126 22.42 -7.76 -5.81
CA HIS A 126 21.82 -8.09 -4.52
C HIS A 126 20.31 -7.95 -4.60
N GLU A 127 19.61 -9.06 -4.46
CA GLU A 127 18.16 -9.04 -4.47
C GLU A 127 17.61 -8.46 -3.18
N ILE A 128 16.30 -8.29 -3.15
CA ILE A 128 15.65 -7.72 -1.99
C ILE A 128 15.55 -8.75 -0.87
N LYS A 129 16.09 -8.40 0.28
CA LYS A 129 16.01 -9.25 1.46
C LYS A 129 14.56 -9.58 1.77
N GLU A 130 14.30 -10.84 2.12
CA GLU A 130 12.93 -11.33 2.30
C GLU A 130 12.22 -10.60 3.43
N ASP A 131 12.99 -9.90 4.26
CA ASP A 131 12.42 -9.16 5.38
C ASP A 131 11.60 -8.00 4.84
N GLN A 132 12.14 -7.37 3.82
CA GLN A 132 11.50 -6.26 3.15
C GLN A 132 10.33 -6.77 2.31
N ILE A 133 10.56 -7.93 1.70
CA ILE A 133 9.53 -8.58 0.90
C ILE A 133 8.32 -8.90 1.76
N LYS A 134 8.57 -9.48 2.93
CA LYS A 134 7.50 -9.76 3.90
C LYS A 134 6.80 -8.48 4.31
N ALA A 135 7.57 -7.43 4.55
CA ALA A 135 7.00 -6.14 4.92
C ALA A 135 6.13 -5.59 3.81
N GLY A 136 6.57 -5.74 2.58
CA GLY A 136 5.81 -5.24 1.45
C GLY A 136 4.53 -6.01 1.23
N LYS A 137 4.65 -7.33 1.33
CA LYS A 137 3.50 -8.20 1.17
C LYS A 137 2.50 -7.97 2.31
N GLU A 138 3.01 -8.03 3.54
CA GLU A 138 2.17 -7.87 4.72
C GLU A 138 1.65 -6.44 4.85
N GLU A 139 2.43 -5.47 4.39
CA GLU A 139 1.99 -4.08 4.35
C GLU A 139 0.66 -3.99 3.61
N ALA A 140 0.67 -4.45 2.37
CA ALA A 140 -0.55 -4.48 1.57
C ALA A 140 -1.61 -5.38 2.21
N SER A 141 -1.17 -6.44 2.86
CA SER A 141 -2.07 -7.43 3.47
C SER A 141 -2.94 -6.79 4.53
N GLY A 142 -2.31 -6.15 5.51
CA GLY A 142 -3.06 -5.52 6.58
C GLY A 142 -3.86 -4.36 6.09
N ILE A 143 -3.37 -3.66 5.08
CA ILE A 143 -4.12 -2.57 4.49
C ILE A 143 -5.46 -3.05 3.97
N PHE A 144 -5.47 -3.85 2.91
CA PHE A 144 -6.72 -4.17 2.23
C PHE A 144 -7.68 -4.88 3.17
N LYS A 145 -7.20 -5.92 3.82
CA LYS A 145 -8.06 -6.74 4.65
C LYS A 145 -8.64 -5.94 5.79
N ALA A 146 -7.90 -4.95 6.28
CA ALA A 146 -8.35 -4.19 7.43
C ALA A 146 -9.18 -2.98 7.02
N VAL A 147 -8.81 -2.34 5.91
CA VAL A 147 -9.58 -1.21 5.41
C VAL A 147 -10.87 -1.69 4.76
N GLU A 148 -10.78 -2.75 3.97
CA GLU A 148 -11.95 -3.31 3.30
C GLU A 148 -12.99 -3.73 4.33
N ALA A 149 -12.52 -4.31 5.43
CA ALA A 149 -13.43 -4.78 6.46
C ALA A 149 -14.06 -3.61 7.21
N TYR A 150 -13.24 -2.63 7.57
CA TYR A 150 -13.75 -1.42 8.22
C TYR A 150 -14.79 -0.73 7.33
N LEU A 151 -14.62 -0.88 6.04
CA LEU A 151 -15.47 -0.24 5.05
C LEU A 151 -16.77 -1.02 4.83
N LEU A 152 -16.68 -2.33 4.63
CA LEU A 152 -17.86 -3.15 4.41
C LEU A 152 -18.69 -3.23 5.68
N ALA A 153 -18.04 -3.02 6.81
CA ALA A 153 -18.70 -3.07 8.10
C ALA A 153 -19.01 -1.66 8.58
N ASN A 154 -19.30 -0.77 7.65
CA ASN A 154 -19.68 0.58 8.02
C ASN A 154 -21.14 0.88 7.65
N PRO A 155 -21.59 0.59 6.41
CA PRO A 155 -23.00 0.75 6.05
C PRO A 155 -23.86 -0.24 6.82
N ALA A 156 -23.38 -1.47 6.91
CA ALA A 156 -24.04 -2.50 7.71
C ALA A 156 -23.62 -2.39 9.17
N ALA A 157 -22.49 -1.70 9.41
CA ALA A 157 -21.94 -1.49 10.75
C ALA A 157 -21.46 -2.79 11.37
N TYR A 158 -22.38 -3.66 11.74
CA TYR A 158 -21.99 -4.89 12.35
C TYR A 158 -22.13 -6.04 11.37
N HIS A 159 -21.03 -6.39 10.73
CA HIS A 159 -21.03 -7.45 9.74
C HIS A 159 -19.97 -8.49 10.09
N GLY A 1 18.34 -6.04 -10.84
CA GLY A 1 17.45 -7.21 -11.09
C GLY A 1 16.08 -6.99 -10.47
N VAL A 2 15.08 -7.70 -10.97
CA VAL A 2 13.73 -7.53 -10.49
C VAL A 2 13.08 -8.87 -10.16
N PHE A 3 12.36 -8.92 -9.05
CA PHE A 3 11.54 -10.07 -8.71
C PHE A 3 10.08 -9.69 -8.85
N THR A 4 9.34 -10.48 -9.59
CA THR A 4 7.94 -10.18 -9.85
C THR A 4 7.03 -10.85 -8.83
N TYR A 5 6.32 -10.03 -8.08
CA TYR A 5 5.37 -10.51 -7.08
C TYR A 5 4.08 -9.73 -7.25
N GLU A 6 2.94 -10.41 -7.31
CA GLU A 6 1.69 -9.73 -7.57
C GLU A 6 0.52 -10.44 -6.92
N SER A 7 -0.40 -9.65 -6.42
CA SER A 7 -1.61 -10.17 -5.80
C SER A 7 -2.81 -9.38 -6.30
N GLU A 8 -4.00 -9.73 -5.85
CA GLU A 8 -5.19 -8.98 -6.21
C GLU A 8 -6.14 -8.87 -5.02
N THR A 9 -6.60 -7.66 -4.76
CA THR A 9 -7.60 -7.44 -3.72
C THR A 9 -8.99 -7.37 -4.34
N THR A 10 -9.73 -8.47 -4.30
CA THR A 10 -11.08 -8.47 -4.79
C THR A 10 -12.03 -8.00 -3.69
N THR A 11 -12.38 -6.73 -3.75
CA THR A 11 -13.14 -6.09 -2.70
C THR A 11 -14.60 -5.98 -3.09
N VAL A 12 -15.50 -6.22 -2.14
CA VAL A 12 -16.93 -6.10 -2.41
C VAL A 12 -17.34 -4.63 -2.43
N ILE A 13 -16.46 -3.79 -1.90
CA ILE A 13 -16.70 -2.36 -1.85
C ILE A 13 -16.34 -1.70 -3.19
N THR A 14 -17.11 -0.67 -3.54
CA THR A 14 -17.01 -0.01 -4.83
C THR A 14 -15.64 0.65 -5.06
N PRO A 15 -15.21 0.79 -6.33
CA PRO A 15 -13.89 1.35 -6.68
C PRO A 15 -13.54 2.62 -5.90
N ALA A 16 -14.51 3.52 -5.75
CA ALA A 16 -14.32 4.78 -5.03
C ALA A 16 -13.79 4.53 -3.63
N ARG A 17 -14.35 3.52 -2.98
CA ARG A 17 -14.00 3.21 -1.60
C ARG A 17 -12.51 2.95 -1.48
N LEU A 18 -11.94 2.37 -2.53
CA LEU A 18 -10.54 2.03 -2.53
C LEU A 18 -9.70 3.18 -3.03
N PHE A 19 -10.06 3.68 -4.20
CA PHE A 19 -9.28 4.71 -4.88
C PHE A 19 -9.07 5.94 -4.00
N LYS A 20 -10.05 6.25 -3.18
CA LYS A 20 -9.95 7.41 -2.30
C LYS A 20 -9.59 7.01 -0.87
N ALA A 21 -10.40 6.18 -0.24
CA ALA A 21 -10.21 5.85 1.18
C ALA A 21 -9.01 4.92 1.40
N PHE A 22 -8.97 3.84 0.63
CA PHE A 22 -7.88 2.86 0.73
C PHE A 22 -6.54 3.51 0.35
N VAL A 23 -6.54 4.28 -0.73
CA VAL A 23 -5.31 4.82 -1.30
C VAL A 23 -4.92 6.16 -0.66
N LEU A 24 -5.81 7.13 -0.68
CA LEU A 24 -5.48 8.50 -0.31
C LEU A 24 -5.65 8.73 1.18
N ASP A 25 -6.80 8.33 1.72
CA ASP A 25 -7.08 8.51 3.14
C ASP A 25 -6.50 7.37 3.96
N ALA A 26 -5.36 6.85 3.50
CA ALA A 26 -4.68 5.76 4.17
C ALA A 26 -4.29 6.14 5.59
N ASP A 27 -4.09 7.43 5.81
CA ASP A 27 -3.66 7.94 7.11
C ASP A 27 -4.81 7.93 8.10
N ASN A 28 -6.03 7.81 7.59
CA ASN A 28 -7.21 7.78 8.45
C ASN A 28 -7.56 6.36 8.83
N LEU A 29 -7.40 5.45 7.88
CA LEU A 29 -7.83 4.07 8.07
C LEU A 29 -6.74 3.20 8.68
N ILE A 30 -5.61 3.09 8.00
CA ILE A 30 -4.57 2.13 8.36
C ILE A 30 -4.08 2.28 9.81
N PRO A 31 -3.67 3.48 10.28
CA PRO A 31 -3.22 3.65 11.67
C PRO A 31 -4.28 3.28 12.69
N LYS A 32 -5.53 3.24 12.26
CA LYS A 32 -6.65 2.95 13.14
C LYS A 32 -7.10 1.48 13.01
N VAL A 33 -7.26 1.03 11.78
CA VAL A 33 -7.81 -0.30 11.52
C VAL A 33 -6.73 -1.29 11.11
N ALA A 34 -5.60 -0.80 10.59
CA ALA A 34 -4.55 -1.68 10.12
C ALA A 34 -3.18 -1.39 10.77
N PRO A 35 -3.12 -1.22 12.12
CA PRO A 35 -1.87 -0.88 12.80
C PRO A 35 -0.90 -2.06 12.83
N GLN A 36 -1.45 -3.26 12.64
CA GLN A 36 -0.65 -4.47 12.55
C GLN A 36 0.08 -4.51 11.21
N ALA A 37 -0.28 -3.59 10.34
CA ALA A 37 0.41 -3.44 9.07
C ALA A 37 1.33 -2.26 9.14
N ILE A 38 0.72 -1.10 9.33
CA ILE A 38 1.46 0.15 9.46
C ILE A 38 1.00 0.85 10.72
N LYS A 39 1.89 0.94 11.69
CA LYS A 39 1.55 1.47 12.99
C LYS A 39 1.30 2.98 12.90
N SER A 40 1.98 3.63 11.96
CA SER A 40 1.80 5.05 11.75
C SER A 40 1.90 5.36 10.25
N SER A 41 0.82 5.89 9.70
CA SER A 41 0.78 6.28 8.30
C SER A 41 0.82 7.79 8.20
N GLU A 42 2.03 8.34 8.23
CA GLU A 42 2.20 9.78 8.30
C GLU A 42 2.36 10.40 6.92
N ILE A 43 1.23 10.77 6.33
CA ILE A 43 1.24 11.46 5.06
C ILE A 43 1.83 12.86 5.25
N ILE A 44 2.78 13.21 4.39
CA ILE A 44 3.53 14.44 4.55
C ILE A 44 2.85 15.59 3.83
N GLU A 45 2.59 15.42 2.55
CA GLU A 45 1.92 16.45 1.76
C GLU A 45 1.53 15.89 0.39
N GLY A 46 0.60 16.57 -0.29
CA GLY A 46 0.18 16.13 -1.60
C GLY A 46 -1.31 16.33 -1.84
N SER A 47 -2.06 16.50 -0.75
CA SER A 47 -3.50 16.72 -0.82
C SER A 47 -4.22 15.52 -1.45
N GLY A 48 -3.58 14.36 -1.38
CA GLY A 48 -4.16 13.16 -1.98
C GLY A 48 -4.19 13.24 -3.48
N GLY A 49 -3.03 13.47 -4.08
CA GLY A 49 -2.93 13.55 -5.52
C GLY A 49 -1.55 13.21 -6.02
N PRO A 50 -1.19 13.63 -7.24
CA PRO A 50 0.13 13.36 -7.82
C PRO A 50 1.25 14.04 -7.03
N GLY A 51 2.20 13.24 -6.56
CA GLY A 51 3.32 13.79 -5.83
C GLY A 51 3.16 13.70 -4.32
N THR A 52 2.10 13.03 -3.88
CA THR A 52 1.83 12.91 -2.45
C THR A 52 2.82 11.95 -1.80
N ILE A 53 3.62 12.48 -0.88
CA ILE A 53 4.58 11.68 -0.13
C ILE A 53 4.01 11.28 1.22
N LYS A 54 4.32 10.08 1.66
CA LYS A 54 3.83 9.59 2.94
C LYS A 54 4.84 8.68 3.62
N LYS A 55 5.12 8.97 4.88
CA LYS A 55 6.05 8.19 5.67
C LYS A 55 5.32 7.02 6.31
N ILE A 56 5.73 5.82 5.94
CA ILE A 56 5.07 4.61 6.39
C ILE A 56 5.92 3.90 7.45
N THR A 57 5.48 4.00 8.69
CA THR A 57 6.17 3.34 9.79
C THR A 57 5.46 2.07 10.20
N PHE A 58 6.15 0.95 10.09
CA PHE A 58 5.58 -0.34 10.43
C PHE A 58 5.66 -0.58 11.94
N GLY A 59 5.12 -1.69 12.40
CA GLY A 59 5.11 -1.96 13.82
C GLY A 59 5.58 -3.37 14.15
N GLU A 60 6.72 -3.76 13.60
CA GLU A 60 7.25 -5.09 13.85
C GLU A 60 8.77 -5.10 13.69
N GLY A 61 9.36 -3.92 13.67
CA GLY A 61 10.80 -3.81 13.57
C GLY A 61 11.41 -3.20 14.82
N SER A 62 10.62 -2.39 15.51
CA SER A 62 11.01 -1.70 16.74
C SER A 62 12.05 -0.60 16.48
N GLN A 63 13.20 -0.98 15.91
CA GLN A 63 14.24 -0.03 15.56
C GLN A 63 13.85 0.72 14.29
N PHE A 64 13.12 1.82 14.47
CA PHE A 64 12.62 2.64 13.36
C PHE A 64 11.64 1.86 12.50
N ASN A 65 12.16 1.18 11.47
CA ASN A 65 11.34 0.38 10.56
C ASN A 65 10.25 1.22 9.91
N TYR A 66 10.67 2.11 9.03
CA TYR A 66 9.76 3.01 8.34
C TYR A 66 10.34 3.38 7.00
N VAL A 67 9.48 3.52 6.00
CA VAL A 67 9.94 3.91 4.69
C VAL A 67 8.95 4.86 4.03
N LYS A 68 9.48 5.95 3.52
CA LYS A 68 8.67 6.98 2.89
C LYS A 68 8.37 6.62 1.45
N HIS A 69 7.08 6.56 1.16
CA HIS A 69 6.59 6.27 -0.18
C HIS A 69 6.06 7.55 -0.81
N ARG A 70 5.62 7.46 -2.05
CA ARG A 70 4.98 8.57 -2.71
C ARG A 70 4.05 8.06 -3.79
N ILE A 71 3.19 8.92 -4.28
CA ILE A 71 2.41 8.63 -5.45
C ILE A 71 3.30 8.82 -6.67
N ASP A 72 3.94 7.74 -7.09
CA ASP A 72 4.86 7.81 -8.22
C ASP A 72 4.11 8.14 -9.49
N GLU A 73 3.00 7.46 -9.68
CA GLU A 73 2.12 7.73 -10.80
C GLU A 73 0.70 7.34 -10.43
N ILE A 74 -0.24 8.24 -10.68
CA ILE A 74 -1.63 8.00 -10.35
C ILE A 74 -2.50 8.26 -11.58
N ASP A 75 -3.24 7.24 -11.97
CA ASP A 75 -4.19 7.40 -13.06
C ASP A 75 -5.59 7.41 -12.50
N ASN A 76 -6.26 8.54 -12.62
CA ASN A 76 -7.61 8.68 -12.05
C ASN A 76 -8.68 8.49 -13.12
N ALA A 77 -8.26 8.11 -14.31
CA ALA A 77 -9.19 7.86 -15.40
C ALA A 77 -9.52 6.38 -15.48
N ASN A 78 -8.47 5.56 -15.54
CA ASN A 78 -8.65 4.12 -15.60
C ASN A 78 -8.36 3.48 -14.24
N PHE A 79 -7.90 4.33 -13.31
CA PHE A 79 -7.67 3.95 -11.92
C PHE A 79 -6.44 3.06 -11.76
N THR A 80 -5.30 3.70 -11.52
CA THR A 80 -4.05 2.99 -11.29
C THR A 80 -3.15 3.81 -10.34
N TYR A 81 -2.57 3.15 -9.35
CA TYR A 81 -1.72 3.83 -8.38
C TYR A 81 -0.36 3.13 -8.25
N ALA A 82 0.71 3.87 -8.49
CA ALA A 82 2.06 3.33 -8.39
C ALA A 82 2.70 3.71 -7.05
N CYS A 83 3.11 2.70 -6.31
CA CYS A 83 3.73 2.91 -5.01
C CYS A 83 5.23 2.60 -5.09
N THR A 84 6.04 3.48 -4.50
CA THR A 84 7.49 3.35 -4.61
C THR A 84 8.15 3.68 -3.28
N LEU A 85 9.35 3.14 -3.07
CA LEU A 85 10.15 3.49 -1.91
C LEU A 85 11.05 4.66 -2.25
N ILE A 86 10.94 5.75 -1.51
CA ILE A 86 11.78 6.91 -1.74
C ILE A 86 12.96 6.91 -0.79
N GLU A 87 12.67 6.87 0.51
CA GLU A 87 13.74 6.91 1.51
C GLU A 87 13.25 6.34 2.84
N GLY A 88 14.14 6.28 3.81
CA GLY A 88 13.75 5.81 5.13
C GLY A 88 14.50 4.59 5.57
N ASP A 89 14.23 4.16 6.80
CA ASP A 89 14.86 2.98 7.37
C ASP A 89 14.20 1.71 6.85
N ALA A 90 14.64 1.30 5.67
CA ALA A 90 14.14 0.08 5.04
C ALA A 90 15.05 -0.30 3.87
N ILE A 91 14.99 0.50 2.82
CA ILE A 91 15.81 0.29 1.64
C ILE A 91 16.62 1.54 1.31
N SER A 92 17.90 1.51 1.66
CA SER A 92 18.80 2.61 1.34
C SER A 92 20.21 2.08 1.10
N GLU A 93 20.30 0.79 0.83
CA GLU A 93 21.57 0.10 0.71
C GLU A 93 21.85 -0.23 -0.77
N THR A 94 22.22 -1.47 -1.04
CA THR A 94 22.39 -1.93 -2.42
C THR A 94 21.04 -2.44 -2.94
N LEU A 95 19.99 -2.15 -2.18
CA LEU A 95 18.64 -2.48 -2.56
C LEU A 95 18.00 -1.27 -3.23
N GLU A 96 17.09 -1.50 -4.17
CA GLU A 96 16.51 -0.40 -4.93
C GLU A 96 15.15 0.01 -4.34
N LYS A 97 14.13 -0.83 -4.52
CA LYS A 97 12.80 -0.51 -4.02
C LYS A 97 11.79 -1.62 -4.30
N ILE A 98 10.71 -1.63 -3.54
CA ILE A 98 9.58 -2.49 -3.81
C ILE A 98 8.45 -1.67 -4.42
N ALA A 99 8.28 -1.80 -5.73
CA ALA A 99 7.33 -0.96 -6.47
C ALA A 99 6.01 -1.68 -6.68
N TYR A 100 4.98 -1.24 -5.99
CA TYR A 100 3.66 -1.86 -6.11
C TYR A 100 2.79 -1.07 -7.10
N GLU A 101 2.28 -1.77 -8.10
CA GLU A 101 1.41 -1.15 -9.09
C GLU A 101 -0.01 -1.58 -8.81
N ILE A 102 -0.83 -0.64 -8.37
CA ILE A 102 -2.19 -0.93 -7.99
C ILE A 102 -3.14 -0.60 -9.14
N LYS A 103 -3.51 -1.62 -9.89
CA LYS A 103 -4.43 -1.44 -11.00
C LYS A 103 -5.84 -1.85 -10.57
N LEU A 104 -6.78 -0.96 -10.79
CA LEU A 104 -8.15 -1.21 -10.36
C LEU A 104 -9.02 -1.73 -11.48
N VAL A 105 -9.53 -2.93 -11.29
CA VAL A 105 -10.52 -3.51 -12.18
C VAL A 105 -11.85 -3.62 -11.46
N ALA A 106 -12.93 -3.30 -12.14
CA ALA A 106 -14.27 -3.44 -11.58
C ALA A 106 -14.59 -4.90 -11.33
N SER A 107 -15.00 -5.20 -10.10
CA SER A 107 -15.36 -6.57 -9.73
C SER A 107 -16.82 -6.84 -10.09
N PRO A 108 -17.13 -8.08 -10.51
CA PRO A 108 -18.51 -8.51 -10.78
C PRO A 108 -19.40 -8.44 -9.53
N ASP A 109 -18.78 -8.20 -8.38
CA ASP A 109 -19.52 -8.02 -7.13
C ASP A 109 -20.01 -6.60 -7.01
N GLY A 110 -19.72 -5.79 -8.01
CA GLY A 110 -19.96 -4.38 -7.92
C GLY A 110 -18.84 -3.70 -7.17
N GLY A 111 -17.95 -4.53 -6.64
CA GLY A 111 -16.80 -4.03 -5.92
C GLY A 111 -15.62 -3.76 -6.83
N SER A 112 -14.44 -4.09 -6.36
CA SER A 112 -13.22 -3.77 -7.10
C SER A 112 -12.21 -4.91 -7.06
N ILE A 113 -11.10 -4.71 -7.75
CA ILE A 113 -10.05 -5.69 -7.86
C ILE A 113 -8.72 -4.95 -7.93
N LEU A 114 -8.03 -4.87 -6.80
CA LEU A 114 -6.74 -4.19 -6.75
C LEU A 114 -5.64 -5.13 -7.21
N LYS A 115 -5.35 -5.12 -8.51
CA LYS A 115 -4.28 -5.95 -9.05
C LYS A 115 -2.94 -5.33 -8.73
N SER A 116 -2.39 -5.72 -7.59
CA SER A 116 -1.14 -5.17 -7.11
C SER A 116 0.04 -5.94 -7.71
N THR A 117 0.62 -5.37 -8.74
CA THR A 117 1.75 -5.96 -9.41
C THR A 117 3.04 -5.28 -8.97
N SER A 118 3.77 -5.90 -8.07
CA SER A 118 4.96 -5.28 -7.52
C SER A 118 6.23 -5.80 -8.17
N LYS A 119 7.10 -4.88 -8.51
CA LYS A 119 8.40 -5.20 -9.06
C LYS A 119 9.47 -4.93 -8.00
N TYR A 120 10.06 -5.99 -7.49
CA TYR A 120 11.10 -5.88 -6.48
C TYR A 120 12.44 -5.62 -7.16
N HIS A 121 12.88 -4.38 -7.15
CA HIS A 121 14.10 -4.00 -7.85
C HIS A 121 15.30 -3.99 -6.91
N THR A 122 16.43 -4.43 -7.42
CA THR A 122 17.68 -4.40 -6.69
C THR A 122 18.58 -3.30 -7.25
N LYS A 123 19.35 -2.65 -6.39
CA LYS A 123 20.18 -1.53 -6.82
C LYS A 123 21.61 -2.02 -7.04
N GLY A 124 21.73 -3.20 -7.61
CA GLY A 124 23.01 -3.84 -7.82
C GLY A 124 22.92 -5.33 -7.68
N ASP A 125 24.03 -5.99 -7.36
CA ASP A 125 24.05 -7.44 -7.20
C ASP A 125 23.71 -7.82 -5.76
N HIS A 126 22.62 -7.24 -5.27
CA HIS A 126 22.15 -7.51 -3.93
C HIS A 126 20.64 -7.55 -3.90
N GLU A 127 20.08 -8.69 -3.51
CA GLU A 127 18.64 -8.87 -3.45
C GLU A 127 18.02 -8.07 -2.33
N ILE A 128 16.70 -8.13 -2.26
CA ILE A 128 15.99 -7.48 -1.19
C ILE A 128 15.84 -8.44 -0.02
N LYS A 129 16.32 -7.99 1.14
CA LYS A 129 16.25 -8.77 2.36
C LYS A 129 14.82 -9.19 2.64
N GLU A 130 14.67 -10.41 3.16
CA GLU A 130 13.37 -11.02 3.43
C GLU A 130 12.49 -10.10 4.26
N ASP A 131 13.12 -9.23 5.02
CA ASP A 131 12.42 -8.33 5.94
C ASP A 131 11.44 -7.44 5.17
N GLN A 132 11.94 -6.81 4.12
CA GLN A 132 11.12 -5.90 3.33
C GLN A 132 10.07 -6.67 2.55
N ILE A 133 10.44 -7.86 2.11
CA ILE A 133 9.53 -8.71 1.34
C ILE A 133 8.36 -9.14 2.21
N LYS A 134 8.66 -9.55 3.44
CA LYS A 134 7.63 -9.99 4.36
C LYS A 134 6.84 -8.79 4.87
N ALA A 135 7.49 -7.64 4.98
CA ALA A 135 6.81 -6.40 5.36
C ALA A 135 5.83 -5.98 4.28
N GLY A 136 6.20 -6.19 3.03
CA GLY A 136 5.31 -5.84 1.94
C GLY A 136 4.07 -6.72 1.93
N LYS A 137 4.28 -8.03 2.05
CA LYS A 137 3.18 -8.98 2.08
C LYS A 137 2.34 -8.77 3.34
N GLU A 138 3.02 -8.69 4.48
CA GLU A 138 2.35 -8.49 5.77
C GLU A 138 1.58 -7.17 5.77
N GLU A 139 2.21 -6.14 5.20
CA GLU A 139 1.57 -4.85 5.06
C GLU A 139 0.25 -5.01 4.31
N ALA A 140 0.35 -5.50 3.08
CA ALA A 140 -0.82 -5.72 2.23
C ALA A 140 -1.87 -6.57 2.93
N SER A 141 -1.41 -7.55 3.71
CA SER A 141 -2.33 -8.46 4.40
C SER A 141 -3.21 -7.70 5.40
N GLY A 142 -2.56 -6.89 6.23
CA GLY A 142 -3.29 -6.07 7.18
C GLY A 142 -4.11 -5.02 6.49
N ILE A 143 -3.51 -4.31 5.54
CA ILE A 143 -4.21 -3.24 4.84
C ILE A 143 -5.50 -3.74 4.24
N PHE A 144 -5.41 -4.74 3.35
CA PHE A 144 -6.59 -5.26 2.65
C PHE A 144 -7.66 -5.66 3.64
N LYS A 145 -7.35 -6.65 4.46
CA LYS A 145 -8.34 -7.24 5.34
C LYS A 145 -8.90 -6.22 6.33
N ALA A 146 -8.07 -5.30 6.75
CA ALA A 146 -8.47 -4.37 7.80
C ALA A 146 -9.32 -3.23 7.25
N VAL A 147 -8.92 -2.65 6.13
CA VAL A 147 -9.69 -1.55 5.56
C VAL A 147 -10.91 -2.09 4.82
N GLU A 148 -10.74 -3.20 4.11
CA GLU A 148 -11.83 -3.79 3.35
C GLU A 148 -12.98 -4.16 4.28
N ALA A 149 -12.65 -4.69 5.45
CA ALA A 149 -13.67 -5.14 6.38
C ALA A 149 -14.22 -3.99 7.21
N TYR A 150 -13.37 -3.03 7.57
CA TYR A 150 -13.85 -1.82 8.23
C TYR A 150 -14.88 -1.13 7.35
N LEU A 151 -14.56 -1.03 6.07
CA LEU A 151 -15.42 -0.39 5.09
C LEU A 151 -16.66 -1.23 4.81
N LEU A 152 -16.52 -2.54 4.99
CA LEU A 152 -17.61 -3.48 4.78
C LEU A 152 -18.55 -3.46 5.97
N ALA A 153 -18.01 -3.14 7.13
CA ALA A 153 -18.74 -3.30 8.38
C ALA A 153 -18.83 -2.01 9.18
N ASN A 154 -18.93 -0.87 8.51
CA ASN A 154 -19.05 0.38 9.26
C ASN A 154 -20.15 1.29 8.73
N PRO A 155 -20.16 1.67 7.42
CA PRO A 155 -21.23 2.51 6.86
C PRO A 155 -22.62 1.90 7.07
N ALA A 156 -22.65 0.58 7.13
CA ALA A 156 -23.89 -0.15 7.38
C ALA A 156 -23.77 -0.98 8.65
N ALA A 157 -22.59 -0.89 9.27
CA ALA A 157 -22.25 -1.67 10.46
C ALA A 157 -22.37 -3.16 10.20
N TYR A 158 -23.48 -3.76 10.56
CA TYR A 158 -23.61 -5.19 10.39
C TYR A 158 -24.83 -5.55 9.55
N HIS A 159 -25.29 -4.59 8.76
CA HIS A 159 -26.42 -4.82 7.87
C HIS A 159 -25.95 -4.78 6.42
N GLY A 1 16.65 -11.15 -11.32
CA GLY A 1 15.67 -10.22 -11.95
C GLY A 1 14.86 -9.48 -10.91
N VAL A 2 13.73 -8.93 -11.33
CA VAL A 2 12.85 -8.21 -10.43
C VAL A 2 11.73 -9.12 -9.93
N PHE A 3 11.68 -9.31 -8.62
CA PHE A 3 10.64 -10.15 -8.03
C PHE A 3 9.30 -9.44 -8.08
N THR A 4 8.34 -10.09 -8.70
CA THR A 4 7.01 -9.52 -8.84
C THR A 4 6.00 -10.31 -8.03
N TYR A 5 5.55 -9.72 -6.93
CA TYR A 5 4.52 -10.33 -6.11
C TYR A 5 3.24 -9.51 -6.24
N GLU A 6 2.17 -10.16 -6.66
CA GLU A 6 0.93 -9.45 -6.93
C GLU A 6 -0.14 -9.86 -5.96
N SER A 7 -0.49 -8.95 -5.07
CA SER A 7 -1.52 -9.20 -4.10
C SER A 7 -2.84 -8.60 -4.59
N GLU A 8 -3.85 -9.44 -4.76
CA GLU A 8 -5.09 -9.00 -5.37
C GLU A 8 -6.20 -8.86 -4.35
N THR A 9 -6.77 -7.68 -4.25
CA THR A 9 -7.88 -7.42 -3.36
C THR A 9 -9.22 -7.45 -4.10
N THR A 10 -9.92 -8.57 -4.04
CA THR A 10 -11.26 -8.63 -4.60
C THR A 10 -12.24 -8.15 -3.55
N THR A 11 -12.61 -6.89 -3.66
CA THR A 11 -13.39 -6.22 -2.63
C THR A 11 -14.88 -6.33 -2.96
N VAL A 12 -15.70 -6.49 -1.92
CA VAL A 12 -17.15 -6.57 -2.10
C VAL A 12 -17.75 -5.20 -2.39
N ILE A 13 -16.98 -4.16 -2.05
CA ILE A 13 -17.39 -2.78 -2.31
C ILE A 13 -17.04 -2.37 -3.73
N THR A 14 -17.75 -1.37 -4.22
CA THR A 14 -17.60 -0.89 -5.59
C THR A 14 -16.32 -0.06 -5.75
N PRO A 15 -15.78 0.04 -6.98
CA PRO A 15 -14.45 0.67 -7.21
C PRO A 15 -14.31 2.04 -6.56
N ALA A 16 -15.38 2.83 -6.59
CA ALA A 16 -15.38 4.16 -5.98
C ALA A 16 -14.92 4.11 -4.54
N ARG A 17 -15.45 3.15 -3.79
CA ARG A 17 -15.15 3.02 -2.37
C ARG A 17 -13.64 2.96 -2.16
N LEU A 18 -12.97 2.27 -3.08
CA LEU A 18 -11.54 2.07 -3.00
C LEU A 18 -10.80 3.30 -3.48
N PHE A 19 -11.12 3.74 -4.68
CA PHE A 19 -10.43 4.87 -5.29
C PHE A 19 -10.59 6.13 -4.44
N LYS A 20 -11.68 6.21 -3.69
CA LYS A 20 -11.89 7.32 -2.77
C LYS A 20 -11.24 7.04 -1.40
N ALA A 21 -11.85 6.15 -0.63
CA ALA A 21 -11.45 5.94 0.76
C ALA A 21 -10.15 5.16 0.87
N PHE A 22 -10.06 4.03 0.17
CA PHE A 22 -8.86 3.19 0.20
C PHE A 22 -7.64 4.01 -0.25
N VAL A 23 -7.85 4.95 -1.16
CA VAL A 23 -6.77 5.76 -1.71
C VAL A 23 -6.48 7.00 -0.85
N LEU A 24 -7.48 7.87 -0.70
CA LEU A 24 -7.29 9.14 -0.01
C LEU A 24 -7.09 8.94 1.49
N ASP A 25 -7.87 8.04 2.07
CA ASP A 25 -7.79 7.79 3.49
C ASP A 25 -6.90 6.59 3.79
N ALA A 26 -6.06 6.23 2.83
CA ALA A 26 -5.13 5.12 3.01
C ALA A 26 -4.32 5.29 4.28
N ASP A 27 -3.52 6.35 4.32
CA ASP A 27 -2.66 6.62 5.47
C ASP A 27 -3.46 7.12 6.66
N ASN A 28 -4.75 7.27 6.49
CA ASN A 28 -5.62 7.69 7.58
C ASN A 28 -6.24 6.47 8.23
N LEU A 29 -6.40 5.42 7.45
CA LEU A 29 -7.02 4.19 7.93
C LEU A 29 -5.96 3.23 8.45
N ILE A 30 -4.90 3.00 7.68
CA ILE A 30 -3.88 2.01 8.00
C ILE A 30 -3.34 2.18 9.44
N PRO A 31 -2.84 3.37 9.85
CA PRO A 31 -2.34 3.59 11.21
C PRO A 31 -3.38 3.26 12.30
N LYS A 32 -4.65 3.35 11.95
CA LYS A 32 -5.72 3.13 12.91
C LYS A 32 -6.27 1.72 12.81
N VAL A 33 -6.77 1.36 11.64
CA VAL A 33 -7.47 0.10 11.43
C VAL A 33 -6.51 -1.00 10.99
N ALA A 34 -5.34 -0.64 10.48
CA ALA A 34 -4.39 -1.64 9.99
C ALA A 34 -3.04 -1.56 10.71
N PRO A 35 -3.00 -1.63 12.06
CA PRO A 35 -1.76 -1.50 12.81
C PRO A 35 -0.89 -2.76 12.71
N GLN A 36 -1.46 -3.81 12.13
CA GLN A 36 -0.73 -5.05 11.87
C GLN A 36 0.17 -4.87 10.67
N ALA A 37 -0.01 -3.76 9.96
CA ALA A 37 0.81 -3.46 8.80
C ALA A 37 1.73 -2.28 9.11
N ILE A 38 1.13 -1.11 9.24
CA ILE A 38 1.89 0.11 9.44
C ILE A 38 1.37 0.85 10.67
N LYS A 39 2.27 1.17 11.59
CA LYS A 39 1.90 1.83 12.83
C LYS A 39 1.73 3.33 12.62
N SER A 40 2.52 3.89 11.71
CA SER A 40 2.48 5.32 11.45
C SER A 40 2.48 5.60 9.96
N SER A 41 1.43 6.27 9.49
CA SER A 41 1.35 6.70 8.10
C SER A 41 1.01 8.19 8.07
N GLU A 42 2.04 9.02 8.06
CA GLU A 42 1.86 10.46 8.17
C GLU A 42 1.95 11.13 6.80
N ILE A 43 0.80 11.56 6.27
CA ILE A 43 0.79 12.29 5.01
C ILE A 43 1.48 13.64 5.17
N ILE A 44 2.60 13.78 4.48
CA ILE A 44 3.45 14.95 4.58
C ILE A 44 2.88 16.14 3.80
N GLU A 45 2.53 15.92 2.54
CA GLU A 45 2.02 16.98 1.69
C GLU A 45 1.15 16.41 0.59
N GLY A 46 0.44 17.29 -0.11
CA GLY A 46 -0.41 16.87 -1.19
C GLY A 46 -1.75 16.35 -0.68
N SER A 47 -1.69 15.29 0.11
CA SER A 47 -2.86 14.70 0.74
C SER A 47 -3.85 14.16 -0.30
N GLY A 48 -3.34 13.36 -1.23
CA GLY A 48 -4.22 12.66 -2.15
C GLY A 48 -4.00 13.05 -3.59
N GLY A 49 -2.79 12.86 -4.08
CA GLY A 49 -2.49 13.13 -5.48
C GLY A 49 -1.02 12.95 -5.80
N PRO A 50 -0.61 13.22 -7.05
CA PRO A 50 0.79 13.13 -7.46
C PRO A 50 1.65 14.13 -6.71
N GLY A 51 2.47 13.62 -5.80
CA GLY A 51 3.31 14.47 -4.99
C GLY A 51 3.02 14.32 -3.51
N THR A 52 2.00 13.53 -3.20
CA THR A 52 1.66 13.25 -1.81
C THR A 52 2.70 12.33 -1.17
N ILE A 53 3.55 12.91 -0.31
CA ILE A 53 4.53 12.12 0.43
C ILE A 53 3.89 11.65 1.72
N LYS A 54 4.35 10.52 2.26
CA LYS A 54 3.85 10.06 3.56
C LYS A 54 4.88 9.19 4.28
N LYS A 55 5.01 9.42 5.58
CA LYS A 55 5.94 8.66 6.40
C LYS A 55 5.33 7.34 6.80
N ILE A 56 6.00 6.25 6.45
CA ILE A 56 5.47 4.92 6.71
C ILE A 56 6.37 4.13 7.66
N THR A 57 5.97 4.05 8.92
CA THR A 57 6.70 3.28 9.91
C THR A 57 6.03 1.92 10.12
N PHE A 58 6.78 0.86 9.85
CA PHE A 58 6.26 -0.50 9.91
C PHE A 58 5.74 -0.85 11.30
N GLY A 59 4.57 -1.48 11.34
CA GLY A 59 3.94 -1.83 12.61
C GLY A 59 4.15 -3.29 12.96
N GLU A 60 5.35 -3.79 12.72
CA GLU A 60 5.67 -5.18 13.05
C GLU A 60 6.61 -5.23 14.24
N GLY A 61 6.70 -4.11 14.96
CA GLY A 61 7.67 -4.01 16.04
C GLY A 61 9.05 -3.72 15.52
N SER A 62 9.13 -3.43 14.23
CA SER A 62 10.39 -3.21 13.55
C SER A 62 10.85 -1.76 13.69
N GLN A 63 11.25 -1.38 14.89
CA GLN A 63 11.69 -0.02 15.14
C GLN A 63 13.18 0.13 14.84
N PHE A 64 13.55 -0.27 13.63
CA PHE A 64 14.91 -0.11 13.13
C PHE A 64 14.84 0.49 11.73
N ASN A 65 13.96 -0.08 10.92
CA ASN A 65 13.74 0.37 9.56
C ASN A 65 12.41 1.10 9.48
N TYR A 66 12.29 1.98 8.50
CA TYR A 66 11.10 2.80 8.33
C TYR A 66 11.19 3.53 7.00
N VAL A 67 10.11 3.54 6.25
CA VAL A 67 10.18 4.01 4.88
C VAL A 67 9.20 5.13 4.59
N LYS A 68 9.71 6.25 4.12
CA LYS A 68 8.86 7.30 3.62
C LYS A 68 8.45 6.98 2.19
N HIS A 69 7.15 6.79 2.00
CA HIS A 69 6.56 6.52 0.70
C HIS A 69 6.00 7.81 0.13
N ARG A 70 5.30 7.67 -0.98
CA ARG A 70 4.68 8.81 -1.65
C ARG A 70 3.88 8.30 -2.83
N ILE A 71 2.96 9.12 -3.30
CA ILE A 71 2.23 8.83 -4.52
C ILE A 71 3.10 9.18 -5.71
N ASP A 72 3.85 8.19 -6.18
CA ASP A 72 4.76 8.39 -7.30
C ASP A 72 3.96 8.61 -8.58
N GLU A 73 2.96 7.78 -8.76
CA GLU A 73 2.07 7.90 -9.90
C GLU A 73 0.70 7.36 -9.54
N ILE A 74 -0.33 8.11 -9.91
CA ILE A 74 -1.69 7.67 -9.67
C ILE A 74 -2.53 7.89 -10.94
N ASP A 75 -3.08 6.82 -11.47
CA ASP A 75 -3.86 6.92 -12.68
C ASP A 75 -5.34 6.96 -12.35
N ASN A 76 -5.97 8.09 -12.59
CA ASN A 76 -7.38 8.27 -12.26
C ASN A 76 -8.28 7.83 -13.40
N ALA A 77 -7.67 7.40 -14.50
CA ALA A 77 -8.42 6.99 -15.68
C ALA A 77 -8.44 5.46 -15.78
N ASN A 78 -7.26 4.87 -15.61
CA ASN A 78 -7.11 3.43 -15.68
C ASN A 78 -7.17 2.82 -14.28
N PHE A 79 -7.25 3.71 -13.29
CA PHE A 79 -7.34 3.34 -11.88
C PHE A 79 -6.10 2.60 -11.43
N THR A 80 -5.02 3.34 -11.21
CA THR A 80 -3.77 2.75 -10.75
C THR A 80 -3.18 3.57 -9.60
N TYR A 81 -3.06 2.94 -8.44
CA TYR A 81 -2.53 3.58 -7.25
C TYR A 81 -1.13 3.03 -6.97
N ALA A 82 -0.11 3.88 -7.09
CA ALA A 82 1.27 3.45 -6.93
C ALA A 82 1.96 4.16 -5.77
N CYS A 83 2.69 3.38 -4.98
CA CYS A 83 3.48 3.91 -3.88
C CYS A 83 4.93 3.44 -3.99
N THR A 84 5.85 4.31 -3.65
CA THR A 84 7.27 4.04 -3.81
C THR A 84 8.04 4.39 -2.54
N LEU A 85 9.18 3.76 -2.34
CA LEU A 85 10.08 4.12 -1.26
C LEU A 85 10.98 5.29 -1.71
N ILE A 86 11.03 6.35 -0.93
CA ILE A 86 11.90 7.47 -1.28
C ILE A 86 12.98 7.69 -0.23
N GLU A 87 12.66 7.45 1.04
CA GLU A 87 13.65 7.70 2.09
C GLU A 87 13.46 6.77 3.29
N GLY A 88 14.51 6.60 4.07
CA GLY A 88 14.48 5.73 5.23
C GLY A 88 14.64 4.29 4.83
N ASP A 89 13.56 3.72 4.31
CA ASP A 89 13.54 2.38 3.71
C ASP A 89 14.23 1.33 4.58
N ALA A 90 14.69 0.28 3.91
CA ALA A 90 15.43 -0.81 4.54
C ALA A 90 16.40 -1.39 3.53
N ILE A 91 16.77 -0.56 2.57
CA ILE A 91 17.67 -0.94 1.49
C ILE A 91 19.11 -0.60 1.89
N SER A 92 19.85 -1.62 2.33
CA SER A 92 21.18 -1.42 2.87
C SER A 92 22.22 -1.11 1.79
N GLU A 93 22.76 -2.13 1.15
CA GLU A 93 23.86 -1.94 0.22
C GLU A 93 23.62 -2.61 -1.12
N THR A 94 23.44 -3.92 -1.10
CA THR A 94 23.29 -4.69 -2.34
C THR A 94 21.81 -4.87 -2.70
N LEU A 95 21.02 -3.88 -2.34
CA LEU A 95 19.59 -3.89 -2.61
C LEU A 95 19.22 -2.66 -3.43
N GLU A 96 18.07 -2.68 -4.10
CA GLU A 96 17.69 -1.57 -4.96
C GLU A 96 16.44 -0.86 -4.44
N LYS A 97 15.25 -1.35 -4.80
CA LYS A 97 14.01 -0.64 -4.49
C LYS A 97 12.82 -1.58 -4.36
N ILE A 98 11.76 -1.11 -3.69
CA ILE A 98 10.52 -1.88 -3.58
C ILE A 98 9.34 -0.96 -3.95
N ALA A 99 8.36 -1.51 -4.67
CA ALA A 99 7.27 -0.68 -5.18
C ALA A 99 5.92 -1.34 -5.00
N TYR A 100 4.88 -0.52 -4.93
CA TYR A 100 3.50 -0.99 -4.91
C TYR A 100 2.72 -0.34 -6.05
N GLU A 101 2.12 -1.15 -6.92
CA GLU A 101 1.39 -0.62 -8.06
C GLU A 101 0.06 -1.34 -8.20
N ILE A 102 -1.00 -0.69 -7.74
CA ILE A 102 -2.30 -1.31 -7.66
C ILE A 102 -3.17 -0.91 -8.86
N LYS A 103 -3.49 -1.89 -9.69
CA LYS A 103 -4.36 -1.68 -10.84
C LYS A 103 -5.77 -2.13 -10.50
N LEU A 104 -6.71 -1.21 -10.55
CA LEU A 104 -8.07 -1.50 -10.16
C LEU A 104 -8.90 -1.98 -11.36
N VAL A 105 -9.44 -3.17 -11.23
CA VAL A 105 -10.34 -3.73 -12.22
C VAL A 105 -11.72 -3.93 -11.57
N ALA A 106 -12.78 -3.79 -12.34
CA ALA A 106 -14.12 -4.00 -11.82
C ALA A 106 -14.47 -5.49 -11.83
N SER A 107 -14.94 -5.99 -10.71
CA SER A 107 -15.32 -7.39 -10.60
C SER A 107 -16.76 -7.57 -11.08
N PRO A 108 -17.04 -8.66 -11.82
CA PRO A 108 -18.37 -8.97 -12.36
C PRO A 108 -19.47 -9.02 -11.29
N ASP A 109 -19.07 -9.19 -10.03
CA ASP A 109 -20.04 -9.27 -8.94
C ASP A 109 -20.42 -7.89 -8.43
N GLY A 110 -19.95 -6.87 -9.14
CA GLY A 110 -20.20 -5.51 -8.71
C GLY A 110 -19.11 -5.06 -7.78
N GLY A 111 -18.35 -6.03 -7.32
CA GLY A 111 -17.20 -5.75 -6.48
C GLY A 111 -16.04 -5.17 -7.28
N SER A 112 -14.86 -5.20 -6.69
CA SER A 112 -13.69 -4.63 -7.32
C SER A 112 -12.49 -5.55 -7.19
N ILE A 113 -11.43 -5.21 -7.91
CA ILE A 113 -10.24 -6.02 -7.98
C ILE A 113 -9.00 -5.14 -7.94
N LEU A 114 -8.39 -5.02 -6.78
CA LEU A 114 -7.17 -4.25 -6.63
C LEU A 114 -5.96 -5.14 -6.86
N LYS A 115 -5.42 -5.10 -8.07
CA LYS A 115 -4.24 -5.88 -8.39
C LYS A 115 -2.99 -5.12 -7.96
N SER A 116 -2.53 -5.41 -6.75
CA SER A 116 -1.34 -4.75 -6.23
C SER A 116 -0.09 -5.48 -6.69
N THR A 117 0.51 -4.95 -7.74
CA THR A 117 1.73 -5.52 -8.29
C THR A 117 2.94 -4.86 -7.65
N SER A 118 3.52 -5.54 -6.69
CA SER A 118 4.71 -5.01 -6.05
C SER A 118 5.95 -5.51 -6.75
N LYS A 119 6.84 -4.58 -7.06
CA LYS A 119 8.06 -4.90 -7.77
C LYS A 119 9.26 -4.72 -6.85
N TYR A 120 9.89 -5.83 -6.51
CA TYR A 120 11.08 -5.78 -5.68
C TYR A 120 12.31 -5.81 -6.58
N HIS A 121 12.88 -4.64 -6.78
CA HIS A 121 13.99 -4.47 -7.69
C HIS A 121 15.28 -4.83 -6.99
N THR A 122 16.04 -5.72 -7.61
CA THR A 122 17.27 -6.22 -7.05
C THR A 122 18.46 -5.47 -7.65
N LYS A 123 19.53 -5.34 -6.89
CA LYS A 123 20.67 -4.58 -7.35
C LYS A 123 21.66 -5.50 -8.07
N GLY A 124 21.57 -5.52 -9.39
CA GLY A 124 22.44 -6.35 -10.19
C GLY A 124 22.07 -7.81 -10.10
N ASP A 125 22.85 -8.57 -9.37
CA ASP A 125 22.58 -9.99 -9.17
C ASP A 125 22.31 -10.27 -7.71
N HIS A 126 22.12 -9.21 -6.95
CA HIS A 126 21.86 -9.33 -5.52
C HIS A 126 20.37 -9.13 -5.27
N GLU A 127 19.74 -10.10 -4.64
CA GLU A 127 18.29 -10.05 -4.43
C GLU A 127 17.93 -9.15 -3.27
N ILE A 128 16.63 -8.97 -3.08
CA ILE A 128 16.12 -8.24 -1.95
C ILE A 128 15.95 -9.18 -0.77
N LYS A 129 16.48 -8.78 0.38
CA LYS A 129 16.32 -9.56 1.60
C LYS A 129 14.84 -9.74 1.89
N GLU A 130 14.49 -10.94 2.32
CA GLU A 130 13.09 -11.28 2.55
C GLU A 130 12.46 -10.38 3.59
N ASP A 131 13.27 -9.69 4.36
CA ASP A 131 12.77 -8.77 5.37
C ASP A 131 11.96 -7.65 4.73
N GLN A 132 12.44 -7.16 3.59
CA GLN A 132 11.73 -6.12 2.85
C GLN A 132 10.52 -6.71 2.15
N ILE A 133 10.72 -7.89 1.55
CA ILE A 133 9.65 -8.58 0.85
C ILE A 133 8.49 -8.93 1.80
N LYS A 134 8.83 -9.32 3.03
CA LYS A 134 7.82 -9.60 4.04
C LYS A 134 7.02 -8.36 4.35
N ALA A 135 7.72 -7.24 4.56
CA ALA A 135 7.08 -5.97 4.87
C ALA A 135 6.14 -5.55 3.75
N GLY A 136 6.53 -5.80 2.52
CA GLY A 136 5.68 -5.42 1.40
C GLY A 136 4.39 -6.21 1.36
N LYS A 137 4.50 -7.52 1.50
CA LYS A 137 3.33 -8.38 1.46
C LYS A 137 2.50 -8.21 2.73
N GLU A 138 3.17 -8.12 3.87
CA GLU A 138 2.51 -7.93 5.16
C GLU A 138 1.79 -6.59 5.18
N GLU A 139 2.47 -5.57 4.66
CA GLU A 139 1.88 -4.24 4.57
C GLU A 139 0.58 -4.31 3.81
N ALA A 140 0.64 -4.83 2.59
CA ALA A 140 -0.54 -4.96 1.75
C ALA A 140 -1.63 -5.79 2.44
N SER A 141 -1.22 -6.81 3.18
CA SER A 141 -2.17 -7.72 3.81
C SER A 141 -2.96 -7.01 4.90
N GLY A 142 -2.26 -6.29 5.78
CA GLY A 142 -2.93 -5.52 6.81
C GLY A 142 -3.74 -4.41 6.22
N ILE A 143 -3.22 -3.75 5.19
CA ILE A 143 -3.97 -2.70 4.52
C ILE A 143 -5.30 -3.23 4.02
N PHE A 144 -5.25 -4.15 3.06
CA PHE A 144 -6.45 -4.65 2.40
C PHE A 144 -7.47 -5.12 3.41
N LYS A 145 -7.11 -6.15 4.17
CA LYS A 145 -8.05 -6.84 5.03
C LYS A 145 -8.57 -5.91 6.12
N ALA A 146 -7.80 -4.89 6.48
CA ALA A 146 -8.21 -4.02 7.56
C ALA A 146 -9.05 -2.86 7.06
N VAL A 147 -8.65 -2.24 5.95
CA VAL A 147 -9.42 -1.14 5.39
C VAL A 147 -10.68 -1.66 4.72
N GLU A 148 -10.55 -2.74 3.97
CA GLU A 148 -11.69 -3.32 3.25
C GLU A 148 -12.82 -3.64 4.23
N ALA A 149 -12.48 -4.30 5.33
CA ALA A 149 -13.48 -4.68 6.31
C ALA A 149 -13.99 -3.47 7.08
N TYR A 150 -13.10 -2.54 7.42
CA TYR A 150 -13.51 -1.30 8.07
C TYR A 150 -14.53 -0.55 7.20
N LEU A 151 -14.31 -0.60 5.89
CA LEU A 151 -15.15 0.09 4.94
C LEU A 151 -16.56 -0.50 4.90
N LEU A 152 -16.68 -1.79 5.18
CA LEU A 152 -17.99 -2.43 5.30
C LEU A 152 -18.50 -2.28 6.73
N ALA A 153 -17.57 -2.17 7.67
CA ALA A 153 -17.91 -2.08 9.08
C ALA A 153 -18.33 -0.66 9.45
N ASN A 154 -18.66 0.14 8.47
CA ASN A 154 -19.22 1.46 8.74
C ASN A 154 -20.69 1.56 8.32
N PRO A 155 -21.03 1.29 7.04
CA PRO A 155 -22.43 1.32 6.60
C PRO A 155 -23.23 0.18 7.21
N ALA A 156 -22.52 -0.87 7.60
CA ALA A 156 -23.14 -2.01 8.25
C ALA A 156 -22.66 -2.14 9.69
N ALA A 157 -21.73 -1.27 10.07
CA ALA A 157 -21.10 -1.33 11.39
C ALA A 157 -20.39 -2.67 11.59
N TYR A 158 -20.10 -3.00 12.83
CA TYR A 158 -19.33 -4.20 13.12
C TYR A 158 -20.22 -5.44 13.16
N HIS A 159 -21.03 -5.61 12.12
CA HIS A 159 -21.96 -6.73 12.03
C HIS A 159 -21.58 -7.67 10.91
N GLY A 1 18.86 -8.90 -8.44
CA GLY A 1 17.79 -9.43 -9.31
C GLY A 1 16.43 -8.89 -8.92
N VAL A 2 15.59 -8.64 -9.92
CA VAL A 2 14.28 -8.05 -9.68
C VAL A 2 13.23 -9.15 -9.48
N PHE A 3 12.39 -8.98 -8.46
CA PHE A 3 11.30 -9.91 -8.20
C PHE A 3 9.97 -9.20 -8.41
N THR A 4 8.99 -9.95 -8.89
CA THR A 4 7.68 -9.38 -9.16
C THR A 4 6.58 -10.24 -8.58
N TYR A 5 5.97 -9.79 -7.50
CA TYR A 5 4.86 -10.49 -6.88
C TYR A 5 3.64 -9.57 -6.86
N GLU A 6 2.45 -10.15 -6.75
CA GLU A 6 1.23 -9.36 -6.74
C GLU A 6 0.26 -9.87 -5.69
N SER A 7 -0.55 -8.97 -5.19
CA SER A 7 -1.63 -9.34 -4.29
C SER A 7 -2.95 -8.91 -4.91
N GLU A 8 -3.94 -9.78 -4.84
CA GLU A 8 -5.22 -9.51 -5.49
C GLU A 8 -6.27 -9.17 -4.45
N THR A 9 -6.67 -7.92 -4.41
CA THR A 9 -7.68 -7.49 -3.46
C THR A 9 -9.05 -7.40 -4.16
N THR A 10 -9.85 -8.45 -4.03
CA THR A 10 -11.18 -8.45 -4.61
C THR A 10 -12.20 -8.06 -3.56
N THR A 11 -12.58 -6.80 -3.58
CA THR A 11 -13.43 -6.23 -2.56
C THR A 11 -14.84 -6.09 -3.08
N VAL A 12 -15.80 -6.74 -2.41
CA VAL A 12 -17.18 -6.76 -2.88
C VAL A 12 -17.81 -5.36 -2.85
N ILE A 13 -17.18 -4.45 -2.14
CA ILE A 13 -17.64 -3.07 -2.07
C ILE A 13 -17.35 -2.33 -3.37
N THR A 14 -18.12 -1.28 -3.60
CA THR A 14 -17.99 -0.47 -4.81
C THR A 14 -16.63 0.22 -4.88
N PRO A 15 -16.02 0.21 -6.09
CA PRO A 15 -14.66 0.71 -6.34
C PRO A 15 -14.33 2.05 -5.67
N ALA A 16 -15.34 2.90 -5.52
CA ALA A 16 -15.16 4.19 -4.86
C ALA A 16 -14.64 4.02 -3.45
N ARG A 17 -15.21 3.07 -2.72
CA ARG A 17 -14.84 2.81 -1.34
C ARG A 17 -13.32 2.63 -1.23
N LEU A 18 -12.78 1.98 -2.25
CA LEU A 18 -11.38 1.64 -2.29
C LEU A 18 -10.55 2.85 -2.67
N PHE A 19 -10.83 3.41 -3.83
CA PHE A 19 -10.04 4.51 -4.36
C PHE A 19 -10.10 5.72 -3.42
N LYS A 20 -11.19 5.84 -2.68
CA LYS A 20 -11.35 6.96 -1.77
C LYS A 20 -10.87 6.61 -0.36
N ALA A 21 -11.60 5.73 0.32
CA ALA A 21 -11.32 5.45 1.72
C ALA A 21 -10.05 4.63 1.91
N PHE A 22 -9.88 3.61 1.07
CA PHE A 22 -8.71 2.74 1.17
C PHE A 22 -7.47 3.49 0.71
N VAL A 23 -7.60 4.24 -0.38
CA VAL A 23 -6.48 4.92 -1.02
C VAL A 23 -6.22 6.30 -0.43
N LEU A 24 -7.22 7.16 -0.45
CA LEU A 24 -7.02 8.56 -0.09
C LEU A 24 -7.11 8.75 1.41
N ASP A 25 -8.06 8.09 2.05
CA ASP A 25 -8.24 8.20 3.50
C ASP A 25 -7.38 7.17 4.23
N ALA A 26 -6.33 6.71 3.56
CA ALA A 26 -5.45 5.68 4.10
C ALA A 26 -4.87 6.10 5.45
N ASP A 27 -4.60 7.39 5.60
CA ASP A 27 -3.99 7.92 6.82
C ASP A 27 -4.97 7.91 7.98
N ASN A 28 -6.25 7.77 7.66
CA ASN A 28 -7.28 7.77 8.68
C ASN A 28 -7.63 6.34 9.08
N LEU A 29 -7.40 5.42 8.17
CA LEU A 29 -7.81 4.04 8.36
C LEU A 29 -6.64 3.16 8.81
N ILE A 30 -5.67 2.95 7.93
CA ILE A 30 -4.56 2.00 8.18
C ILE A 30 -3.90 2.18 9.56
N PRO A 31 -3.45 3.40 9.95
CA PRO A 31 -2.80 3.62 11.25
C PRO A 31 -3.63 3.14 12.44
N LYS A 32 -4.94 3.07 12.26
CA LYS A 32 -5.84 2.73 13.35
C LYS A 32 -6.48 1.35 13.15
N VAL A 33 -7.02 1.10 11.96
CA VAL A 33 -7.71 -0.15 11.67
C VAL A 33 -6.72 -1.23 11.22
N ALA A 34 -5.55 -0.81 10.76
CA ALA A 34 -4.50 -1.74 10.37
C ALA A 34 -3.22 -1.49 11.21
N PRO A 35 -3.32 -1.62 12.54
CA PRO A 35 -2.26 -1.18 13.46
C PRO A 35 -1.00 -2.04 13.38
N GLN A 36 -1.19 -3.35 13.19
CA GLN A 36 -0.06 -4.26 13.10
C GLN A 36 0.54 -4.21 11.70
N ALA A 37 -0.13 -3.50 10.80
CA ALA A 37 0.37 -3.32 9.45
C ALA A 37 1.26 -2.10 9.38
N ILE A 38 0.65 -0.93 9.51
CA ILE A 38 1.38 0.33 9.42
C ILE A 38 0.93 1.26 10.54
N LYS A 39 1.84 1.52 11.47
CA LYS A 39 1.55 2.34 12.63
C LYS A 39 1.31 3.79 12.23
N SER A 40 2.06 4.26 11.26
CA SER A 40 1.92 5.63 10.79
C SER A 40 1.86 5.67 9.27
N SER A 41 0.75 6.16 8.74
CA SER A 41 0.60 6.35 7.31
C SER A 41 0.51 7.84 7.00
N GLU A 42 1.58 8.56 7.31
CA GLU A 42 1.59 10.02 7.20
C GLU A 42 1.70 10.48 5.76
N ILE A 43 0.59 10.93 5.20
CA ILE A 43 0.59 11.52 3.88
C ILE A 43 1.13 12.94 3.97
N ILE A 44 2.35 13.13 3.48
CA ILE A 44 3.08 14.39 3.65
C ILE A 44 2.44 15.52 2.86
N GLU A 45 2.37 15.38 1.55
CA GLU A 45 1.76 16.40 0.69
C GLU A 45 1.64 15.90 -0.74
N GLY A 46 0.85 16.60 -1.54
CA GLY A 46 0.66 16.23 -2.93
C GLY A 46 -0.80 16.18 -3.32
N SER A 47 -1.67 16.63 -2.40
CA SER A 47 -3.13 16.64 -2.59
C SER A 47 -3.65 15.27 -3.04
N GLY A 48 -3.00 14.21 -2.56
CA GLY A 48 -3.40 12.85 -2.89
C GLY A 48 -3.38 12.59 -4.39
N GLY A 49 -2.35 13.09 -5.06
CA GLY A 49 -2.24 12.92 -6.49
C GLY A 49 -0.82 13.18 -6.99
N PRO A 50 -0.58 14.35 -7.61
CA PRO A 50 0.73 14.68 -8.20
C PRO A 50 1.88 14.64 -7.21
N GLY A 51 2.72 13.61 -7.34
CA GLY A 51 3.92 13.50 -6.54
C GLY A 51 3.66 13.50 -5.04
N THR A 52 2.64 12.78 -4.62
CA THR A 52 2.28 12.73 -3.21
C THR A 52 3.19 11.79 -2.43
N ILE A 53 4.02 12.38 -1.59
CA ILE A 53 4.89 11.63 -0.70
C ILE A 53 4.12 11.11 0.50
N LYS A 54 4.58 10.02 1.07
CA LYS A 54 3.87 9.40 2.19
C LYS A 54 4.85 8.60 3.06
N LYS A 55 4.69 8.71 4.37
CA LYS A 55 5.54 7.96 5.29
C LYS A 55 4.87 6.65 5.66
N ILE A 56 5.55 5.55 5.42
CA ILE A 56 5.03 4.25 5.82
C ILE A 56 5.86 3.70 6.98
N THR A 57 5.35 3.88 8.18
CA THR A 57 6.00 3.39 9.38
C THR A 57 5.36 2.08 9.82
N PHE A 58 6.06 0.98 9.59
CA PHE A 58 5.51 -0.35 9.87
C PHE A 58 5.32 -0.56 11.37
N GLY A 59 4.37 -1.42 11.70
CA GLY A 59 3.97 -1.62 13.08
C GLY A 59 4.91 -2.52 13.85
N GLU A 60 5.86 -3.14 13.16
CA GLU A 60 6.83 -4.03 13.81
C GLU A 60 7.54 -3.31 14.95
N GLY A 61 8.47 -2.44 14.59
CA GLY A 61 9.20 -1.69 15.59
C GLY A 61 9.01 -0.20 15.45
N SER A 62 8.73 0.23 14.21
CA SER A 62 8.49 1.65 13.89
C SER A 62 9.78 2.47 13.92
N GLN A 63 10.64 2.21 14.90
CA GLN A 63 11.96 2.82 14.94
C GLN A 63 12.87 2.08 13.98
N PHE A 64 12.51 0.83 13.70
CA PHE A 64 13.18 0.03 12.71
C PHE A 64 12.19 -0.37 11.63
N ASN A 65 12.62 -0.29 10.37
CA ASN A 65 11.78 -0.62 9.21
C ASN A 65 10.63 0.38 9.06
N TYR A 66 10.92 1.47 8.35
CA TYR A 66 9.92 2.47 8.02
C TYR A 66 10.40 3.29 6.82
N VAL A 67 9.66 3.21 5.73
CA VAL A 67 10.11 3.80 4.48
C VAL A 67 9.06 4.76 3.92
N LYS A 68 9.53 5.78 3.21
CA LYS A 68 8.66 6.79 2.65
C LYS A 68 8.49 6.58 1.15
N HIS A 69 7.25 6.59 0.70
CA HIS A 69 6.92 6.40 -0.71
C HIS A 69 6.52 7.72 -1.34
N ARG A 70 6.16 7.65 -2.61
CA ARG A 70 5.85 8.83 -3.41
C ARG A 70 5.04 8.39 -4.61
N ILE A 71 4.11 9.23 -5.05
CA ILE A 71 3.35 8.94 -6.25
C ILE A 71 4.22 9.12 -7.47
N ASP A 72 4.82 8.03 -7.90
CA ASP A 72 5.69 8.01 -9.06
C ASP A 72 4.84 7.89 -10.33
N GLU A 73 3.65 7.34 -10.16
CA GLU A 73 2.70 7.20 -11.24
C GLU A 73 1.29 7.10 -10.67
N ILE A 74 0.34 7.78 -11.29
CA ILE A 74 -1.04 7.75 -10.83
C ILE A 74 -1.99 7.89 -12.00
N ASP A 75 -3.10 7.18 -11.95
CA ASP A 75 -4.14 7.31 -12.95
C ASP A 75 -5.38 7.90 -12.31
N ASN A 76 -5.80 9.05 -12.84
CA ASN A 76 -6.91 9.79 -12.26
C ASN A 76 -8.26 9.32 -12.81
N ALA A 77 -8.26 8.75 -14.01
CA ALA A 77 -9.52 8.36 -14.66
C ALA A 77 -9.78 6.87 -14.52
N ASN A 78 -8.73 6.07 -14.64
CA ASN A 78 -8.86 4.63 -14.57
C ASN A 78 -8.57 4.12 -13.16
N PHE A 79 -8.12 5.06 -12.32
CA PHE A 79 -7.84 4.79 -10.90
C PHE A 79 -6.61 3.89 -10.72
N THR A 80 -5.48 4.50 -10.46
CA THR A 80 -4.25 3.75 -10.18
C THR A 80 -3.34 4.56 -9.27
N TYR A 81 -2.76 3.91 -8.27
CA TYR A 81 -1.98 4.59 -7.24
C TYR A 81 -0.65 3.87 -7.03
N ALA A 82 0.41 4.39 -7.64
CA ALA A 82 1.73 3.76 -7.56
C ALA A 82 2.63 4.47 -6.56
N CYS A 83 3.29 3.69 -5.71
CA CYS A 83 4.09 4.24 -4.63
C CYS A 83 5.52 3.72 -4.65
N THR A 84 6.43 4.53 -5.15
CA THR A 84 7.86 4.22 -5.18
C THR A 84 8.51 4.57 -3.84
N LEU A 85 9.62 3.93 -3.52
CA LEU A 85 10.41 4.34 -2.36
C LEU A 85 11.23 5.56 -2.70
N ILE A 86 11.28 6.53 -1.79
CA ILE A 86 12.08 7.72 -2.01
C ILE A 86 12.97 8.02 -0.80
N GLU A 87 12.41 7.91 0.40
CA GLU A 87 13.14 8.22 1.63
C GLU A 87 12.85 7.16 2.68
N GLY A 88 13.41 7.33 3.86
CA GLY A 88 13.12 6.43 4.96
C GLY A 88 14.19 5.38 5.16
N ASP A 89 14.03 4.59 6.21
CA ASP A 89 15.00 3.57 6.57
C ASP A 89 14.40 2.18 6.45
N ALA A 90 14.78 1.47 5.39
CA ALA A 90 14.27 0.12 5.14
C ALA A 90 15.12 -0.57 4.08
N ILE A 91 15.01 -0.08 2.86
CA ILE A 91 15.76 -0.62 1.74
C ILE A 91 17.06 0.16 1.53
N SER A 92 18.19 -0.54 1.59
CA SER A 92 19.49 0.08 1.40
C SER A 92 20.53 -0.98 1.07
N GLU A 93 21.80 -0.59 1.14
CA GLU A 93 22.93 -1.49 0.89
C GLU A 93 22.96 -1.97 -0.56
N THR A 94 22.57 -3.22 -0.77
CA THR A 94 22.58 -3.79 -2.10
C THR A 94 21.17 -3.86 -2.66
N LEU A 95 20.26 -3.19 -1.98
CA LEU A 95 18.87 -3.16 -2.39
C LEU A 95 18.52 -1.76 -2.87
N GLU A 96 17.66 -1.67 -3.86
CA GLU A 96 17.37 -0.39 -4.48
C GLU A 96 16.05 0.18 -3.99
N LYS A 97 14.96 -0.56 -4.23
CA LYS A 97 13.65 -0.15 -3.75
C LYS A 97 12.58 -1.19 -4.07
N ILE A 98 11.68 -1.42 -3.11
CA ILE A 98 10.52 -2.25 -3.35
C ILE A 98 9.34 -1.38 -3.75
N ALA A 99 8.87 -1.56 -4.98
CA ALA A 99 7.76 -0.76 -5.50
C ALA A 99 6.43 -1.37 -5.09
N TYR A 100 5.42 -0.51 -4.97
CA TYR A 100 4.09 -0.94 -4.55
C TYR A 100 3.04 -0.17 -5.35
N GLU A 101 2.18 -0.87 -6.07
CA GLU A 101 1.20 -0.23 -6.93
C GLU A 101 -0.18 -0.77 -6.66
N ILE A 102 -1.15 0.11 -6.58
CA ILE A 102 -2.54 -0.28 -6.40
C ILE A 102 -3.36 0.18 -7.61
N LYS A 103 -3.71 -0.75 -8.47
CA LYS A 103 -4.54 -0.43 -9.62
C LYS A 103 -5.98 -0.80 -9.35
N LEU A 104 -6.87 0.16 -9.52
CA LEU A 104 -8.28 -0.05 -9.23
C LEU A 104 -9.03 -0.58 -10.43
N VAL A 105 -9.25 -1.88 -10.44
CA VAL A 105 -10.09 -2.51 -11.45
C VAL A 105 -11.44 -2.81 -10.83
N ALA A 106 -12.48 -2.90 -11.65
CA ALA A 106 -13.80 -3.24 -11.14
C ALA A 106 -14.14 -4.69 -11.44
N SER A 107 -14.68 -5.37 -10.44
CA SER A 107 -15.15 -6.73 -10.61
C SER A 107 -16.66 -6.71 -10.85
N PRO A 108 -17.11 -7.26 -11.98
CA PRO A 108 -18.52 -7.21 -12.42
C PRO A 108 -19.52 -7.38 -11.28
N ASP A 109 -19.43 -8.49 -10.57
CA ASP A 109 -20.32 -8.74 -9.45
C ASP A 109 -19.52 -8.88 -8.17
N GLY A 110 -18.21 -8.67 -8.29
CA GLY A 110 -17.33 -8.85 -7.16
C GLY A 110 -16.88 -7.54 -6.56
N GLY A 111 -17.39 -6.43 -7.08
CA GLY A 111 -17.07 -5.14 -6.53
C GLY A 111 -15.86 -4.49 -7.20
N SER A 112 -14.74 -4.55 -6.52
CA SER A 112 -13.53 -3.92 -6.98
C SER A 112 -12.36 -4.88 -6.86
N ILE A 113 -11.26 -4.53 -7.50
CA ILE A 113 -10.07 -5.38 -7.56
C ILE A 113 -8.84 -4.50 -7.51
N LEU A 114 -8.24 -4.41 -6.35
CA LEU A 114 -7.05 -3.60 -6.18
C LEU A 114 -5.84 -4.44 -6.53
N LYS A 115 -5.36 -4.28 -7.75
CA LYS A 115 -4.18 -5.00 -8.22
C LYS A 115 -2.96 -4.44 -7.53
N SER A 116 -2.52 -5.10 -6.47
CA SER A 116 -1.33 -4.69 -5.77
C SER A 116 -0.11 -5.33 -6.41
N THR A 117 0.54 -4.58 -7.27
CA THR A 117 1.70 -5.07 -7.98
C THR A 117 2.97 -4.52 -7.36
N SER A 118 3.89 -5.39 -7.02
CA SER A 118 5.15 -4.96 -6.44
C SER A 118 6.29 -5.16 -7.43
N LYS A 119 7.38 -4.45 -7.21
CA LYS A 119 8.56 -4.61 -8.03
C LYS A 119 9.80 -4.47 -7.16
N TYR A 120 10.43 -5.60 -6.89
CA TYR A 120 11.57 -5.64 -6.00
C TYR A 120 12.85 -5.27 -6.75
N HIS A 121 13.27 -4.03 -6.62
CA HIS A 121 14.46 -3.53 -7.29
C HIS A 121 15.68 -3.69 -6.40
N THR A 122 16.73 -4.23 -6.97
CA THR A 122 17.97 -4.41 -6.24
C THR A 122 19.06 -3.47 -6.77
N LYS A 123 20.08 -3.24 -5.94
CA LYS A 123 21.16 -2.35 -6.30
C LYS A 123 22.43 -3.17 -6.54
N GLY A 124 22.33 -4.16 -7.41
CA GLY A 124 23.43 -5.04 -7.69
C GLY A 124 22.97 -6.48 -7.83
N ASP A 125 23.92 -7.41 -7.90
CA ASP A 125 23.59 -8.83 -8.06
C ASP A 125 23.22 -9.48 -6.74
N HIS A 126 22.25 -8.89 -6.06
CA HIS A 126 21.77 -9.39 -4.79
C HIS A 126 20.25 -9.43 -4.81
N GLU A 127 19.66 -9.94 -3.75
CA GLU A 127 18.21 -9.96 -3.63
C GLU A 127 17.74 -9.25 -2.39
N ILE A 128 16.45 -8.96 -2.37
CA ILE A 128 15.84 -8.26 -1.27
C ILE A 128 15.79 -9.15 -0.02
N LYS A 129 16.16 -8.55 1.12
CA LYS A 129 16.09 -9.24 2.40
C LYS A 129 14.67 -9.73 2.65
N GLU A 130 14.57 -10.98 3.08
CA GLU A 130 13.29 -11.62 3.37
C GLU A 130 12.49 -10.81 4.37
N ASP A 131 13.18 -10.03 5.19
CA ASP A 131 12.54 -9.13 6.16
C ASP A 131 11.61 -8.16 5.44
N GLN A 132 12.12 -7.57 4.37
CA GLN A 132 11.38 -6.58 3.60
C GLN A 132 10.28 -7.24 2.77
N ILE A 133 10.63 -8.37 2.14
CA ILE A 133 9.66 -9.14 1.38
C ILE A 133 8.49 -9.57 2.27
N LYS A 134 8.82 -10.07 3.45
CA LYS A 134 7.82 -10.49 4.42
C LYS A 134 6.95 -9.31 4.81
N ALA A 135 7.58 -8.23 5.26
CA ALA A 135 6.87 -7.03 5.67
C ALA A 135 6.02 -6.47 4.53
N GLY A 136 6.43 -6.75 3.32
CA GLY A 136 5.72 -6.25 2.16
C GLY A 136 4.39 -6.95 1.98
N LYS A 137 4.45 -8.26 1.80
CA LYS A 137 3.24 -9.04 1.53
C LYS A 137 2.40 -9.25 2.78
N GLU A 138 3.07 -9.43 3.92
CA GLU A 138 2.37 -9.73 5.16
C GLU A 138 1.71 -8.49 5.73
N GLU A 139 2.43 -7.38 5.78
CA GLU A 139 1.84 -6.15 6.30
C GLU A 139 0.79 -5.63 5.33
N ALA A 140 0.96 -5.92 4.04
CA ALA A 140 -0.04 -5.58 3.05
C ALA A 140 -1.34 -6.34 3.31
N SER A 141 -1.20 -7.60 3.71
CA SER A 141 -2.36 -8.43 4.03
C SER A 141 -3.15 -7.80 5.17
N GLY A 142 -2.43 -7.24 6.14
CA GLY A 142 -3.07 -6.46 7.19
C GLY A 142 -3.83 -5.29 6.61
N ILE A 143 -3.16 -4.48 5.81
CA ILE A 143 -3.79 -3.36 5.12
C ILE A 143 -5.08 -3.81 4.44
N PHE A 144 -4.98 -4.72 3.48
CA PHE A 144 -6.14 -5.16 2.70
C PHE A 144 -7.27 -5.59 3.62
N LYS A 145 -7.02 -6.63 4.40
CA LYS A 145 -8.07 -7.25 5.20
C LYS A 145 -8.61 -6.29 6.26
N ALA A 146 -7.75 -5.44 6.78
CA ALA A 146 -8.14 -4.58 7.90
C ALA A 146 -8.88 -3.34 7.41
N VAL A 147 -8.47 -2.80 6.27
CA VAL A 147 -9.20 -1.70 5.69
C VAL A 147 -10.47 -2.22 5.04
N GLU A 148 -10.33 -3.28 4.23
CA GLU A 148 -11.46 -3.89 3.53
C GLU A 148 -12.59 -4.25 4.49
N ALA A 149 -12.25 -4.78 5.65
CA ALA A 149 -13.26 -5.13 6.64
C ALA A 149 -13.90 -3.89 7.24
N TYR A 150 -13.07 -2.90 7.56
CA TYR A 150 -13.57 -1.60 8.03
C TYR A 150 -14.48 -0.96 6.98
N LEU A 151 -14.26 -1.32 5.73
CA LEU A 151 -14.99 -0.75 4.61
C LEU A 151 -16.28 -1.52 4.38
N LEU A 152 -16.15 -2.84 4.38
CA LEU A 152 -17.26 -3.76 4.17
C LEU A 152 -18.45 -3.42 5.03
N ALA A 153 -18.21 -3.25 6.32
CA ALA A 153 -19.32 -3.13 7.24
C ALA A 153 -18.92 -2.52 8.58
N ASN A 154 -18.45 -1.28 8.56
CA ASN A 154 -18.13 -0.58 9.81
C ASN A 154 -18.88 0.75 9.91
N PRO A 155 -18.74 1.67 8.93
CA PRO A 155 -19.43 2.97 8.99
C PRO A 155 -20.95 2.79 9.03
N ALA A 156 -21.40 1.71 8.42
CA ALA A 156 -22.81 1.37 8.41
C ALA A 156 -23.06 0.07 9.15
N ALA A 157 -21.97 -0.52 9.65
CA ALA A 157 -22.00 -1.86 10.24
C ALA A 157 -22.54 -2.87 9.25
N TYR A 158 -22.98 -4.02 9.73
CA TYR A 158 -23.48 -5.04 8.83
C TYR A 158 -24.88 -4.67 8.34
N HIS A 159 -25.67 -4.12 9.25
CA HIS A 159 -27.03 -3.67 8.94
C HIS A 159 -27.90 -4.84 8.48
N GLY A 1 18.02 -7.34 -10.26
CA GLY A 1 17.20 -6.49 -11.17
C GLY A 1 15.87 -6.12 -10.57
N VAL A 2 14.81 -6.78 -11.01
CA VAL A 2 13.47 -6.52 -10.50
C VAL A 2 12.62 -7.77 -10.54
N PHE A 3 11.99 -8.09 -9.41
CA PHE A 3 11.09 -9.22 -9.32
C PHE A 3 9.64 -8.74 -9.44
N THR A 4 8.85 -9.43 -10.23
CA THR A 4 7.48 -9.04 -10.45
C THR A 4 6.50 -10.02 -9.80
N TYR A 5 5.86 -9.57 -8.73
CA TYR A 5 4.83 -10.36 -8.07
C TYR A 5 3.62 -9.48 -7.81
N GLU A 6 2.42 -10.03 -7.95
CA GLU A 6 1.23 -9.24 -7.80
C GLU A 6 0.13 -10.05 -7.11
N SER A 7 -0.75 -9.35 -6.43
CA SER A 7 -1.88 -9.98 -5.78
C SER A 7 -3.13 -9.18 -6.09
N GLU A 8 -4.30 -9.80 -6.01
CA GLU A 8 -5.54 -9.09 -6.31
C GLU A 8 -6.42 -8.98 -5.07
N THR A 9 -6.89 -7.77 -4.81
CA THR A 9 -7.85 -7.55 -3.74
C THR A 9 -9.26 -7.53 -4.32
N THR A 10 -9.94 -8.67 -4.20
CA THR A 10 -11.30 -8.79 -4.72
C THR A 10 -12.31 -8.37 -3.66
N THR A 11 -12.78 -7.15 -3.79
CA THR A 11 -13.63 -6.54 -2.80
C THR A 11 -15.07 -6.52 -3.29
N VAL A 12 -16.03 -6.53 -2.37
CA VAL A 12 -17.44 -6.56 -2.73
C VAL A 12 -18.04 -5.15 -2.68
N ILE A 13 -17.28 -4.22 -2.15
CA ILE A 13 -17.68 -2.83 -2.06
C ILE A 13 -17.49 -2.14 -3.39
N THR A 14 -18.37 -1.20 -3.70
CA THR A 14 -18.33 -0.47 -4.96
C THR A 14 -16.97 0.22 -5.16
N PRO A 15 -16.42 0.10 -6.39
CA PRO A 15 -15.10 0.62 -6.78
C PRO A 15 -14.73 1.97 -6.19
N ALA A 16 -15.72 2.83 -5.98
CA ALA A 16 -15.49 4.15 -5.39
C ALA A 16 -14.78 4.04 -4.06
N ARG A 17 -15.24 3.11 -3.22
CA ARG A 17 -14.70 2.97 -1.86
C ARG A 17 -13.21 2.69 -1.94
N LEU A 18 -12.83 1.98 -2.98
CA LEU A 18 -11.45 1.54 -3.16
C LEU A 18 -10.59 2.67 -3.67
N PHE A 19 -11.18 3.58 -4.42
CA PHE A 19 -10.42 4.63 -5.06
C PHE A 19 -10.31 5.86 -4.17
N LYS A 20 -11.29 6.09 -3.31
CA LYS A 20 -11.22 7.24 -2.40
C LYS A 20 -10.66 6.85 -1.02
N ALA A 21 -11.29 5.88 -0.36
CA ALA A 21 -10.92 5.55 1.01
C ALA A 21 -9.69 4.66 1.06
N PHE A 22 -9.72 3.59 0.27
CA PHE A 22 -8.63 2.62 0.20
C PHE A 22 -7.34 3.31 -0.27
N VAL A 23 -7.50 4.39 -1.04
CA VAL A 23 -6.37 5.10 -1.64
C VAL A 23 -5.94 6.33 -0.85
N LEU A 24 -6.87 7.27 -0.65
CA LEU A 24 -6.52 8.58 -0.09
C LEU A 24 -6.63 8.61 1.43
N ASP A 25 -7.61 7.91 1.98
CA ASP A 25 -7.85 7.94 3.42
C ASP A 25 -6.89 7.02 4.16
N ALA A 26 -5.71 6.84 3.58
CA ALA A 26 -4.69 5.94 4.13
C ALA A 26 -4.35 6.28 5.57
N ASP A 27 -4.05 7.54 5.85
CA ASP A 27 -3.62 7.94 7.19
C ASP A 27 -4.77 7.88 8.18
N ASN A 28 -6.00 7.90 7.67
CA ASN A 28 -7.16 7.85 8.53
C ASN A 28 -7.51 6.40 8.85
N LEU A 29 -7.14 5.50 7.96
CA LEU A 29 -7.50 4.10 8.11
C LEU A 29 -6.36 3.27 8.68
N ILE A 30 -5.23 3.26 8.00
CA ILE A 30 -4.12 2.35 8.32
C ILE A 30 -3.72 2.36 9.80
N PRO A 31 -3.38 3.51 10.41
CA PRO A 31 -2.94 3.55 11.81
C PRO A 31 -4.01 3.06 12.78
N LYS A 32 -5.26 3.04 12.32
CA LYS A 32 -6.39 2.69 13.19
C LYS A 32 -6.89 1.28 12.89
N VAL A 33 -7.04 0.95 11.61
CA VAL A 33 -7.62 -0.33 11.22
C VAL A 33 -6.57 -1.30 10.69
N ALA A 34 -5.41 -0.77 10.29
CA ALA A 34 -4.35 -1.61 9.75
C ALA A 34 -3.04 -1.46 10.56
N PRO A 35 -3.09 -1.61 11.90
CA PRO A 35 -1.94 -1.34 12.77
C PRO A 35 -0.92 -2.48 12.76
N GLN A 36 -1.32 -3.63 12.23
CA GLN A 36 -0.42 -4.76 12.11
C GLN A 36 0.44 -4.59 10.87
N ALA A 37 0.11 -3.59 10.07
CA ALA A 37 0.87 -3.28 8.89
C ALA A 37 1.79 -2.10 9.16
N ILE A 38 1.17 -0.96 9.41
CA ILE A 38 1.89 0.28 9.59
C ILE A 38 1.46 0.95 10.89
N LYS A 39 2.45 1.30 11.69
CA LYS A 39 2.23 1.91 12.99
C LYS A 39 1.83 3.38 12.84
N SER A 40 2.44 4.04 11.87
CA SER A 40 2.17 5.44 11.63
C SER A 40 2.16 5.75 10.14
N SER A 41 1.03 6.20 9.64
CA SER A 41 0.88 6.59 8.25
C SER A 41 0.87 8.11 8.16
N GLU A 42 2.06 8.71 8.13
CA GLU A 42 2.18 10.15 8.17
C GLU A 42 2.40 10.73 6.78
N ILE A 43 1.33 11.18 6.15
CA ILE A 43 1.44 11.83 4.85
C ILE A 43 2.19 13.16 5.00
N ILE A 44 3.32 13.24 4.31
CA ILE A 44 4.21 14.40 4.39
C ILE A 44 3.51 15.65 3.88
N GLU A 45 2.97 15.56 2.68
CA GLU A 45 2.30 16.68 2.03
C GLU A 45 1.69 16.22 0.71
N GLY A 46 0.59 16.83 0.31
CA GLY A 46 -0.03 16.50 -0.95
C GLY A 46 -1.49 16.14 -0.80
N SER A 47 -2.16 15.94 -1.91
CA SER A 47 -3.58 15.58 -1.91
C SER A 47 -3.78 14.17 -2.44
N GLY A 48 -2.71 13.38 -2.42
CA GLY A 48 -2.79 12.02 -2.88
C GLY A 48 -2.48 11.92 -4.36
N GLY A 49 -1.59 12.79 -4.82
CA GLY A 49 -1.21 12.79 -6.21
C GLY A 49 0.28 13.01 -6.38
N PRO A 50 0.71 13.51 -7.56
CA PRO A 50 2.12 13.76 -7.84
C PRO A 50 2.75 14.72 -6.84
N GLY A 51 3.66 14.20 -6.02
CA GLY A 51 4.32 15.03 -5.04
C GLY A 51 3.89 14.70 -3.62
N THR A 52 2.95 13.78 -3.46
CA THR A 52 2.49 13.38 -2.15
C THR A 52 3.41 12.31 -1.55
N ILE A 53 4.19 12.70 -0.55
CA ILE A 53 5.08 11.77 0.13
C ILE A 53 4.36 11.17 1.33
N LYS A 54 4.73 9.95 1.71
CA LYS A 54 4.08 9.26 2.82
C LYS A 54 5.12 8.65 3.76
N LYS A 55 5.27 9.22 4.95
CA LYS A 55 6.22 8.71 5.91
C LYS A 55 5.62 7.53 6.65
N ILE A 56 6.08 6.34 6.29
CA ILE A 56 5.51 5.11 6.81
C ILE A 56 6.42 4.46 7.83
N THR A 57 5.95 4.41 9.07
CA THR A 57 6.65 3.70 10.12
C THR A 57 5.93 2.40 10.43
N PHE A 58 6.64 1.29 10.34
CA PHE A 58 6.03 -0.04 10.49
C PHE A 58 5.82 -0.37 11.96
N GLY A 59 4.90 -1.29 12.20
CA GLY A 59 4.61 -1.74 13.55
C GLY A 59 5.58 -2.79 14.01
N GLU A 60 6.86 -2.55 13.78
CA GLU A 60 7.90 -3.49 14.11
C GLU A 60 8.99 -2.75 14.87
N GLY A 61 8.85 -2.70 16.18
CA GLY A 61 9.76 -1.93 17.00
C GLY A 61 9.10 -0.67 17.51
N SER A 62 9.59 0.48 17.08
CA SER A 62 8.97 1.74 17.45
C SER A 62 9.06 2.77 16.32
N GLN A 63 10.29 3.15 15.97
CA GLN A 63 10.49 4.17 14.95
C GLN A 63 11.81 3.97 14.21
N PHE A 64 12.31 2.75 14.24
CA PHE A 64 13.57 2.45 13.55
C PHE A 64 13.31 1.79 12.20
N ASN A 65 12.16 1.15 12.09
CA ASN A 65 11.76 0.49 10.85
C ASN A 65 10.73 1.35 10.13
N TYR A 66 11.18 2.13 9.15
CA TYR A 66 10.28 3.05 8.47
C TYR A 66 10.83 3.42 7.10
N VAL A 67 9.95 3.69 6.16
CA VAL A 67 10.35 4.11 4.83
C VAL A 67 9.33 5.07 4.24
N LYS A 68 9.82 6.14 3.65
CA LYS A 68 8.95 7.14 3.06
C LYS A 68 8.52 6.71 1.66
N HIS A 69 7.24 6.37 1.57
CA HIS A 69 6.60 6.02 0.32
C HIS A 69 6.19 7.30 -0.40
N ARG A 70 5.60 7.15 -1.57
CA ARG A 70 5.20 8.30 -2.37
C ARG A 70 4.15 7.88 -3.38
N ILE A 71 3.30 8.82 -3.78
CA ILE A 71 2.41 8.59 -4.90
C ILE A 71 3.22 8.66 -6.19
N ASP A 72 3.74 7.51 -6.58
CA ASP A 72 4.68 7.45 -7.69
C ASP A 72 3.98 7.75 -8.99
N GLU A 73 2.83 7.14 -9.18
CA GLU A 73 2.02 7.37 -10.37
C GLU A 73 0.56 7.17 -10.03
N ILE A 74 -0.29 8.09 -10.47
CA ILE A 74 -1.71 7.95 -10.26
C ILE A 74 -2.46 8.30 -11.53
N ASP A 75 -3.30 7.39 -11.97
CA ASP A 75 -4.10 7.61 -13.17
C ASP A 75 -5.58 7.52 -12.81
N ASN A 76 -6.25 8.66 -12.81
CA ASN A 76 -7.65 8.72 -12.38
C ASN A 76 -8.59 8.13 -13.42
N ALA A 77 -8.16 8.12 -14.67
CA ALA A 77 -8.99 7.61 -15.76
C ALA A 77 -9.07 6.09 -15.74
N ASN A 78 -7.91 5.46 -15.63
CA ASN A 78 -7.84 4.00 -15.60
C ASN A 78 -7.89 3.48 -14.17
N PHE A 79 -7.87 4.42 -13.23
CA PHE A 79 -7.90 4.13 -11.80
C PHE A 79 -6.67 3.30 -11.41
N THR A 80 -5.49 3.85 -11.68
CA THR A 80 -4.25 3.18 -11.38
C THR A 80 -3.47 3.96 -10.31
N TYR A 81 -3.22 3.30 -9.18
CA TYR A 81 -2.56 3.92 -8.04
C TYR A 81 -1.22 3.24 -7.75
N ALA A 82 -0.13 3.95 -7.97
CA ALA A 82 1.20 3.39 -7.77
C ALA A 82 1.87 3.95 -6.52
N CYS A 83 2.70 3.15 -5.89
CA CYS A 83 3.40 3.53 -4.68
C CYS A 83 4.87 3.13 -4.79
N THR A 84 5.74 3.84 -4.08
CA THR A 84 7.19 3.68 -4.23
C THR A 84 7.91 3.98 -2.92
N LEU A 85 9.11 3.43 -2.76
CA LEU A 85 9.98 3.78 -1.65
C LEU A 85 11.03 4.78 -2.12
N ILE A 86 11.02 5.99 -1.57
CA ILE A 86 11.99 6.99 -1.98
C ILE A 86 13.03 7.26 -0.90
N GLU A 87 12.58 7.43 0.35
CA GLU A 87 13.50 7.75 1.43
C GLU A 87 13.22 6.89 2.64
N GLY A 88 13.97 7.12 3.72
CA GLY A 88 13.79 6.34 4.93
C GLY A 88 14.70 5.14 4.97
N ASP A 89 14.49 4.26 5.93
CA ASP A 89 15.33 3.08 6.11
C ASP A 89 14.48 1.87 6.50
N ALA A 90 14.11 1.08 5.51
CA ALA A 90 13.37 -0.15 5.74
C ALA A 90 13.75 -1.21 4.72
N ILE A 91 13.84 -0.81 3.46
CA ILE A 91 14.22 -1.71 2.38
C ILE A 91 15.75 -1.89 2.34
N SER A 92 16.44 -1.18 3.23
CA SER A 92 17.89 -1.26 3.36
C SER A 92 18.59 -0.53 2.20
N GLU A 93 19.78 -0.02 2.48
CA GLU A 93 20.52 0.78 1.51
C GLU A 93 21.17 -0.11 0.46
N THR A 94 21.30 -1.39 0.77
CA THR A 94 21.83 -2.35 -0.18
C THR A 94 20.80 -2.65 -1.27
N LEU A 95 19.56 -2.22 -1.04
CA LEU A 95 18.49 -2.46 -1.99
C LEU A 95 17.90 -1.13 -2.45
N GLU A 96 16.94 -1.18 -3.37
CA GLU A 96 16.42 0.04 -3.97
C GLU A 96 15.03 0.38 -3.42
N LYS A 97 14.03 -0.39 -3.84
CA LYS A 97 12.66 -0.11 -3.44
C LYS A 97 11.73 -1.25 -3.81
N ILE A 98 10.72 -1.47 -2.99
CA ILE A 98 9.65 -2.39 -3.34
C ILE A 98 8.43 -1.58 -3.77
N ALA A 99 8.18 -1.57 -5.07
CA ALA A 99 7.14 -0.74 -5.65
C ALA A 99 5.78 -1.44 -5.62
N TYR A 100 4.73 -0.65 -5.70
CA TYR A 100 3.37 -1.17 -5.76
C TYR A 100 2.60 -0.46 -6.86
N GLU A 101 1.80 -1.21 -7.60
CA GLU A 101 0.92 -0.61 -8.59
C GLU A 101 -0.46 -1.24 -8.47
N ILE A 102 -1.39 -0.49 -7.92
CA ILE A 102 -2.72 -1.00 -7.67
C ILE A 102 -3.66 -0.57 -8.80
N LYS A 103 -4.10 -1.55 -9.57
CA LYS A 103 -5.00 -1.30 -10.67
C LYS A 103 -6.43 -1.60 -10.26
N LEU A 104 -7.31 -0.62 -10.43
CA LEU A 104 -8.69 -0.76 -10.04
C LEU A 104 -9.52 -1.36 -11.16
N VAL A 105 -9.98 -2.58 -10.94
CA VAL A 105 -10.87 -3.27 -11.85
C VAL A 105 -12.22 -3.48 -11.18
N ALA A 106 -13.27 -3.63 -11.95
CA ALA A 106 -14.58 -3.96 -11.42
C ALA A 106 -14.69 -5.46 -11.16
N SER A 107 -15.19 -5.81 -10.00
CA SER A 107 -15.40 -7.20 -9.63
C SER A 107 -16.80 -7.66 -10.06
N PRO A 108 -16.93 -8.92 -10.49
CA PRO A 108 -18.23 -9.51 -10.82
C PRO A 108 -19.11 -9.62 -9.58
N ASP A 109 -18.52 -9.34 -8.42
CA ASP A 109 -19.26 -9.30 -7.16
C ASP A 109 -19.94 -7.96 -6.98
N GLY A 110 -19.84 -7.13 -8.00
CA GLY A 110 -20.35 -5.77 -7.91
C GLY A 110 -19.36 -4.89 -7.19
N GLY A 111 -18.31 -5.52 -6.68
CA GLY A 111 -17.26 -4.79 -6.00
C GLY A 111 -16.13 -4.39 -6.91
N SER A 112 -14.90 -4.54 -6.43
CA SER A 112 -13.74 -4.15 -7.19
C SER A 112 -12.64 -5.21 -7.07
N ILE A 113 -11.63 -5.09 -7.91
CA ILE A 113 -10.51 -6.01 -7.94
C ILE A 113 -9.23 -5.20 -8.05
N LEU A 114 -8.54 -5.03 -6.94
CA LEU A 114 -7.34 -4.23 -6.93
C LEU A 114 -6.13 -5.11 -7.17
N LYS A 115 -5.72 -5.20 -8.42
CA LYS A 115 -4.54 -5.97 -8.78
C LYS A 115 -3.29 -5.16 -8.47
N SER A 116 -2.70 -5.43 -7.32
CA SER A 116 -1.52 -4.74 -6.87
C SER A 116 -0.27 -5.43 -7.39
N THR A 117 0.28 -4.89 -8.46
CA THR A 117 1.50 -5.43 -9.04
C THR A 117 2.71 -4.77 -8.40
N SER A 118 3.46 -5.54 -7.63
CA SER A 118 4.63 -5.00 -6.95
C SER A 118 5.90 -5.35 -7.70
N LYS A 119 6.73 -4.35 -7.89
CA LYS A 119 8.01 -4.53 -8.54
C LYS A 119 9.14 -4.37 -7.55
N TYR A 120 9.76 -5.48 -7.20
CA TYR A 120 10.82 -5.50 -6.22
C TYR A 120 12.15 -5.15 -6.88
N HIS A 121 12.55 -3.90 -6.71
CA HIS A 121 13.75 -3.38 -7.38
C HIS A 121 14.98 -3.52 -6.50
N THR A 122 16.03 -4.07 -7.08
CA THR A 122 17.29 -4.26 -6.37
C THR A 122 18.25 -3.12 -6.66
N LYS A 123 19.10 -2.79 -5.70
CA LYS A 123 20.09 -1.73 -5.89
C LYS A 123 21.35 -2.33 -6.50
N GLY A 124 21.19 -2.87 -7.71
CA GLY A 124 22.28 -3.55 -8.36
C GLY A 124 21.99 -5.03 -8.54
N ASP A 125 22.97 -5.87 -8.26
CA ASP A 125 22.82 -7.31 -8.46
C ASP A 125 22.32 -8.00 -7.20
N HIS A 126 22.40 -7.31 -6.07
CA HIS A 126 21.94 -7.87 -4.80
C HIS A 126 20.43 -8.02 -4.80
N GLU A 127 19.95 -9.27 -4.73
CA GLU A 127 18.53 -9.53 -4.70
C GLU A 127 17.91 -9.17 -3.37
N ILE A 128 16.60 -9.28 -3.30
CA ILE A 128 15.89 -8.99 -2.08
C ILE A 128 15.48 -10.26 -1.38
N LYS A 129 15.91 -10.43 -0.13
CA LYS A 129 15.52 -11.58 0.66
C LYS A 129 14.14 -11.37 1.25
N GLU A 130 13.55 -12.48 1.70
CA GLU A 130 12.16 -12.52 2.12
C GLU A 130 11.92 -11.79 3.44
N ASP A 131 12.94 -11.12 3.94
CA ASP A 131 12.80 -10.26 5.11
C ASP A 131 12.22 -8.93 4.69
N GLN A 132 12.82 -8.37 3.65
CA GLN A 132 12.38 -7.10 3.10
C GLN A 132 11.06 -7.31 2.37
N ILE A 133 10.98 -8.44 1.67
CA ILE A 133 9.76 -8.84 0.99
C ILE A 133 8.67 -9.11 2.02
N LYS A 134 9.07 -9.53 3.22
CA LYS A 134 8.12 -9.73 4.32
C LYS A 134 7.40 -8.44 4.63
N ALA A 135 8.16 -7.35 4.77
CA ALA A 135 7.57 -6.02 5.00
C ALA A 135 6.64 -5.63 3.87
N GLY A 136 6.99 -5.98 2.64
CA GLY A 136 6.16 -5.66 1.50
C GLY A 136 4.86 -6.44 1.53
N LYS A 137 4.97 -7.75 1.71
CA LYS A 137 3.80 -8.61 1.75
C LYS A 137 2.93 -8.30 2.96
N GLU A 138 3.57 -8.11 4.10
CA GLU A 138 2.88 -7.77 5.35
C GLU A 138 2.21 -6.41 5.23
N GLU A 139 2.94 -5.44 4.69
CA GLU A 139 2.40 -4.11 4.51
C GLU A 139 1.14 -4.17 3.67
N ALA A 140 1.27 -4.69 2.45
CA ALA A 140 0.13 -4.82 1.55
C ALA A 140 -0.99 -5.65 2.18
N SER A 141 -0.62 -6.65 2.96
CA SER A 141 -1.59 -7.54 3.57
C SER A 141 -2.48 -6.80 4.57
N GLY A 142 -1.86 -6.15 5.53
CA GLY A 142 -2.62 -5.45 6.56
C GLY A 142 -3.37 -4.26 6.00
N ILE A 143 -2.77 -3.54 5.08
CA ILE A 143 -3.44 -2.40 4.48
C ILE A 143 -4.71 -2.84 3.77
N PHE A 144 -4.54 -3.63 2.70
CA PHE A 144 -5.64 -3.99 1.84
C PHE A 144 -6.76 -4.66 2.61
N LYS A 145 -6.42 -5.72 3.33
CA LYS A 145 -7.40 -6.55 3.99
C LYS A 145 -8.10 -5.81 5.14
N ALA A 146 -7.40 -4.87 5.76
CA ALA A 146 -7.96 -4.18 6.92
C ALA A 146 -8.79 -2.98 6.51
N VAL A 147 -8.34 -2.24 5.49
CA VAL A 147 -9.15 -1.16 4.96
C VAL A 147 -10.32 -1.74 4.18
N GLU A 148 -10.12 -2.95 3.67
CA GLU A 148 -11.17 -3.68 2.98
C GLU A 148 -12.33 -3.90 3.93
N ALA A 149 -12.01 -4.24 5.17
CA ALA A 149 -13.03 -4.55 6.17
C ALA A 149 -13.63 -3.28 6.76
N TYR A 150 -12.78 -2.28 7.01
CA TYR A 150 -13.29 -0.98 7.45
C TYR A 150 -14.30 -0.44 6.44
N LEU A 151 -14.02 -0.68 5.17
CA LEU A 151 -14.89 -0.25 4.08
C LEU A 151 -16.07 -1.19 3.96
N LEU A 152 -15.79 -2.46 4.18
CA LEU A 152 -16.80 -3.52 4.13
C LEU A 152 -17.93 -3.23 5.09
N ALA A 153 -17.61 -2.75 6.28
CA ALA A 153 -18.62 -2.57 7.31
C ALA A 153 -18.05 -2.01 8.60
N ASN A 154 -17.72 -0.73 8.61
CA ASN A 154 -17.28 -0.06 9.84
C ASN A 154 -18.04 1.24 10.10
N PRO A 155 -17.99 2.24 9.18
CA PRO A 155 -18.79 3.46 9.33
C PRO A 155 -20.27 3.18 9.49
N ALA A 156 -20.73 2.09 8.88
CA ALA A 156 -22.10 1.64 9.05
C ALA A 156 -22.15 0.34 9.84
N ALA A 157 -20.99 -0.33 9.93
CA ALA A 157 -20.87 -1.62 10.58
C ALA A 157 -21.76 -2.65 9.90
N TYR A 158 -22.01 -3.75 10.56
CA TYR A 158 -22.83 -4.80 9.98
C TYR A 158 -24.30 -4.56 10.30
N HIS A 159 -24.82 -3.42 9.84
CA HIS A 159 -26.20 -3.07 10.07
C HIS A 159 -26.95 -2.95 8.75
N GLY A 1 16.85 -11.61 -8.98
CA GLY A 1 16.43 -10.49 -9.85
C GLY A 1 15.30 -9.70 -9.25
N VAL A 2 14.65 -8.87 -10.06
CA VAL A 2 13.52 -8.09 -9.61
C VAL A 2 12.32 -9.01 -9.32
N PHE A 3 11.75 -8.88 -8.14
CA PHE A 3 10.60 -9.70 -7.77
C PHE A 3 9.32 -8.94 -8.05
N THR A 4 8.37 -9.60 -8.70
CA THR A 4 7.10 -8.99 -8.98
C THR A 4 5.98 -9.79 -8.33
N TYR A 5 5.53 -9.34 -7.18
CA TYR A 5 4.47 -10.02 -6.46
C TYR A 5 3.16 -9.27 -6.69
N GLU A 6 2.15 -9.99 -7.15
CA GLU A 6 0.90 -9.37 -7.52
C GLU A 6 -0.25 -9.97 -6.74
N SER A 7 -0.66 -9.27 -5.70
CA SER A 7 -1.75 -9.70 -4.86
C SER A 7 -3.02 -8.95 -5.26
N GLU A 8 -4.09 -9.68 -5.55
CA GLU A 8 -5.30 -9.07 -6.05
C GLU A 8 -6.38 -9.05 -4.98
N THR A 9 -6.83 -7.86 -4.63
CA THR A 9 -7.88 -7.69 -3.64
C THR A 9 -9.24 -7.51 -4.31
N THR A 10 -10.00 -8.59 -4.37
CA THR A 10 -11.37 -8.52 -4.87
C THR A 10 -12.30 -8.12 -3.73
N THR A 11 -12.65 -6.85 -3.70
CA THR A 11 -13.44 -6.29 -2.61
C THR A 11 -14.88 -6.12 -3.05
N VAL A 12 -15.82 -6.48 -2.18
CA VAL A 12 -17.24 -6.42 -2.51
C VAL A 12 -17.73 -4.95 -2.53
N ILE A 13 -16.90 -4.05 -2.04
CA ILE A 13 -17.24 -2.64 -2.04
C ILE A 13 -16.94 -2.02 -3.40
N THR A 14 -17.65 -0.95 -3.71
CA THR A 14 -17.55 -0.31 -5.02
C THR A 14 -16.18 0.35 -5.21
N PRO A 15 -15.72 0.47 -6.47
CA PRO A 15 -14.38 0.98 -6.78
C PRO A 15 -14.00 2.23 -6.00
N ALA A 16 -14.96 3.14 -5.84
CA ALA A 16 -14.73 4.40 -5.12
C ALA A 16 -14.20 4.15 -3.73
N ARG A 17 -14.73 3.13 -3.07
CA ARG A 17 -14.39 2.87 -1.68
C ARG A 17 -12.94 2.46 -1.57
N LEU A 18 -12.38 2.00 -2.68
CA LEU A 18 -10.98 1.65 -2.73
C LEU A 18 -10.14 2.83 -3.14
N PHE A 19 -10.47 3.39 -4.30
CA PHE A 19 -9.68 4.46 -4.88
C PHE A 19 -9.63 5.69 -3.98
N LYS A 20 -10.68 5.92 -3.22
CA LYS A 20 -10.74 7.08 -2.34
C LYS A 20 -10.59 6.68 -0.88
N ALA A 21 -11.50 5.88 -0.36
CA ALA A 21 -11.46 5.53 1.06
C ALA A 21 -10.20 4.73 1.41
N PHE A 22 -9.97 3.63 0.71
CA PHE A 22 -8.79 2.79 0.95
C PHE A 22 -7.52 3.56 0.61
N VAL A 23 -7.42 4.04 -0.62
CA VAL A 23 -6.19 4.65 -1.13
C VAL A 23 -5.95 6.05 -0.55
N LEU A 24 -6.94 6.93 -0.65
CA LEU A 24 -6.74 8.32 -0.28
C LEU A 24 -6.87 8.52 1.22
N ASP A 25 -7.95 7.98 1.80
CA ASP A 25 -8.18 8.09 3.24
C ASP A 25 -7.41 7.01 4.00
N ALA A 26 -6.26 6.62 3.45
CA ALA A 26 -5.38 5.65 4.08
C ALA A 26 -4.87 6.20 5.40
N ASP A 27 -4.94 7.52 5.55
CA ASP A 27 -4.49 8.19 6.77
C ASP A 27 -5.50 8.01 7.89
N ASN A 28 -6.73 7.66 7.54
CA ASN A 28 -7.78 7.44 8.51
C ASN A 28 -7.98 5.96 8.78
N LEU A 29 -7.56 5.15 7.83
CA LEU A 29 -7.75 3.71 7.93
C LEU A 29 -6.59 3.02 8.65
N ILE A 30 -5.46 2.90 7.97
CA ILE A 30 -4.32 2.12 8.49
C ILE A 30 -3.90 2.56 9.90
N PRO A 31 -3.68 3.86 10.17
CA PRO A 31 -3.24 4.32 11.51
C PRO A 31 -4.21 3.93 12.62
N LYS A 32 -5.45 3.61 12.24
CA LYS A 32 -6.47 3.24 13.21
C LYS A 32 -6.81 1.75 13.15
N VAL A 33 -7.22 1.29 11.97
CA VAL A 33 -7.70 -0.09 11.82
C VAL A 33 -6.57 -1.06 11.50
N ALA A 34 -5.43 -0.54 11.08
CA ALA A 34 -4.26 -1.38 10.82
C ALA A 34 -3.02 -0.86 11.56
N PRO A 35 -3.14 -0.64 12.89
CA PRO A 35 -2.10 0.05 13.67
C PRO A 35 -0.93 -0.85 14.01
N GLN A 36 -1.12 -2.15 13.84
CA GLN A 36 -0.06 -3.13 14.05
C GLN A 36 0.87 -3.16 12.85
N ALA A 37 0.42 -2.52 11.78
CA ALA A 37 1.20 -2.43 10.56
C ALA A 37 1.99 -1.14 10.51
N ILE A 38 1.25 -0.03 10.43
CA ILE A 38 1.86 1.27 10.24
C ILE A 38 1.22 2.29 11.18
N LYS A 39 2.06 3.06 11.88
CA LYS A 39 1.56 4.01 12.87
C LYS A 39 1.33 5.38 12.25
N SER A 40 2.17 5.73 11.29
CA SER A 40 2.07 7.04 10.65
C SER A 40 1.81 6.87 9.16
N SER A 41 0.70 7.43 8.69
CA SER A 41 0.31 7.32 7.30
C SER A 41 1.16 8.23 6.42
N GLU A 42 1.19 7.90 5.14
CA GLU A 42 2.17 8.46 4.23
C GLU A 42 1.68 9.65 3.43
N ILE A 43 1.03 10.60 4.06
CA ILE A 43 0.73 11.85 3.39
C ILE A 43 1.50 13.01 4.04
N ILE A 44 2.52 13.50 3.35
CA ILE A 44 3.27 14.65 3.84
C ILE A 44 2.65 15.93 3.30
N GLU A 45 2.63 16.07 1.99
CA GLU A 45 2.03 17.23 1.33
C GLU A 45 1.82 16.94 -0.15
N GLY A 46 0.76 17.51 -0.70
CA GLY A 46 0.43 17.28 -2.09
C GLY A 46 -1.00 16.81 -2.26
N SER A 47 -1.66 16.55 -1.12
CA SER A 47 -3.06 16.13 -1.06
C SER A 47 -3.24 14.69 -1.52
N GLY A 48 -2.70 14.36 -2.69
CA GLY A 48 -2.83 13.03 -3.23
C GLY A 48 -2.80 13.04 -4.75
N GLY A 49 -1.70 13.52 -5.31
CA GLY A 49 -1.59 13.60 -6.76
C GLY A 49 -0.15 13.49 -7.21
N PRO A 50 0.15 13.94 -8.44
CA PRO A 50 1.50 13.83 -9.02
C PRO A 50 2.55 14.63 -8.25
N GLY A 51 3.52 13.93 -7.69
CA GLY A 51 4.59 14.60 -6.98
C GLY A 51 4.40 14.61 -5.47
N THR A 52 3.23 14.17 -5.02
CA THR A 52 2.93 14.13 -3.59
C THR A 52 3.92 13.24 -2.85
N ILE A 53 4.58 13.81 -1.85
CA ILE A 53 5.53 13.07 -1.05
C ILE A 53 4.83 12.30 0.06
N LYS A 54 5.41 11.16 0.39
CA LYS A 54 4.76 10.19 1.24
C LYS A 54 5.71 9.72 2.33
N LYS A 55 5.17 9.26 3.47
CA LYS A 55 6.00 8.82 4.59
C LYS A 55 5.35 7.66 5.37
N ILE A 56 5.89 6.46 5.23
CA ILE A 56 5.37 5.32 5.97
C ILE A 56 6.26 5.02 7.18
N THR A 57 5.68 5.16 8.36
CA THR A 57 6.37 4.80 9.59
C THR A 57 5.72 3.56 10.19
N PHE A 58 6.42 2.45 10.11
CA PHE A 58 5.89 1.16 10.55
C PHE A 58 5.65 1.17 12.06
N GLY A 59 4.63 0.46 12.49
CA GLY A 59 4.28 0.45 13.90
C GLY A 59 4.08 -0.95 14.41
N GLU A 60 5.14 -1.76 14.35
CA GLU A 60 5.08 -3.16 14.76
C GLU A 60 5.20 -3.28 16.28
N GLY A 61 4.65 -2.31 16.99
CA GLY A 61 4.82 -2.25 18.42
C GLY A 61 6.02 -1.40 18.80
N SER A 62 6.73 -0.93 17.79
CA SER A 62 7.88 -0.07 17.96
C SER A 62 8.05 0.80 16.72
N GLN A 63 9.01 1.72 16.75
CA GLN A 63 9.20 2.65 15.65
C GLN A 63 10.53 2.40 14.95
N PHE A 64 10.75 1.17 14.52
CA PHE A 64 11.97 0.82 13.80
C PHE A 64 11.65 0.61 12.34
N ASN A 65 12.49 1.18 11.46
CA ASN A 65 12.27 1.18 10.02
C ASN A 65 11.12 2.08 9.62
N TYR A 66 11.42 3.01 8.72
CA TYR A 66 10.44 3.98 8.24
C TYR A 66 11.00 4.61 6.98
N VAL A 67 10.18 4.70 5.94
CA VAL A 67 10.68 5.15 4.66
C VAL A 67 9.70 6.08 3.96
N LYS A 68 10.22 7.16 3.41
CA LYS A 68 9.40 8.08 2.67
C LYS A 68 9.19 7.58 1.25
N HIS A 69 7.93 7.55 0.86
CA HIS A 69 7.52 7.14 -0.47
C HIS A 69 7.24 8.37 -1.31
N ARG A 70 6.66 8.15 -2.47
CA ARG A 70 6.39 9.22 -3.41
C ARG A 70 5.41 8.72 -4.44
N ILE A 71 4.54 9.60 -4.92
CA ILE A 71 3.69 9.26 -6.05
C ILE A 71 4.53 9.18 -7.30
N ASP A 72 4.94 7.97 -7.64
CA ASP A 72 5.81 7.76 -8.78
C ASP A 72 4.98 7.83 -10.06
N GLU A 73 3.74 7.39 -9.95
CA GLU A 73 2.81 7.43 -11.07
C GLU A 73 1.38 7.21 -10.56
N ILE A 74 0.52 8.20 -10.79
CA ILE A 74 -0.87 8.09 -10.39
C ILE A 74 -1.76 8.40 -11.57
N ASP A 75 -2.86 7.67 -11.70
CA ASP A 75 -3.80 7.94 -12.78
C ASP A 75 -5.21 8.05 -12.22
N ASN A 76 -5.85 9.19 -12.47
CA ASN A 76 -7.18 9.45 -11.97
C ASN A 76 -8.25 9.00 -12.96
N ALA A 77 -7.87 8.90 -14.23
CA ALA A 77 -8.81 8.50 -15.27
C ALA A 77 -8.81 7.00 -15.45
N ASN A 78 -7.62 6.42 -15.49
CA ASN A 78 -7.46 4.98 -15.66
C ASN A 78 -7.19 4.33 -14.31
N PHE A 79 -7.41 5.11 -13.26
CA PHE A 79 -7.45 4.61 -11.87
C PHE A 79 -6.28 3.70 -11.53
N THR A 80 -5.13 4.31 -11.26
CA THR A 80 -3.94 3.56 -10.88
C THR A 80 -3.11 4.38 -9.89
N TYR A 81 -2.51 3.70 -8.92
CA TYR A 81 -1.80 4.37 -7.83
C TYR A 81 -0.49 3.64 -7.53
N ALA A 82 0.64 4.23 -7.91
CA ALA A 82 1.94 3.60 -7.70
C ALA A 82 2.76 4.34 -6.65
N CYS A 83 3.40 3.57 -5.77
CA CYS A 83 4.28 4.15 -4.75
C CYS A 83 5.70 3.65 -4.95
N THR A 84 6.65 4.37 -4.36
CA THR A 84 8.07 4.08 -4.53
C THR A 84 8.84 4.52 -3.29
N LEU A 85 9.98 3.91 -3.02
CA LEU A 85 10.87 4.41 -1.98
C LEU A 85 11.67 5.57 -2.54
N ILE A 86 11.56 6.75 -1.94
CA ILE A 86 12.33 7.89 -2.41
C ILE A 86 13.49 8.19 -1.49
N GLU A 87 13.25 8.16 -0.18
CA GLU A 87 14.29 8.47 0.80
C GLU A 87 13.84 8.04 2.19
N GLY A 88 14.53 7.07 2.76
CA GLY A 88 14.17 6.62 4.09
C GLY A 88 15.00 5.44 4.53
N ASP A 89 14.61 4.82 5.63
CA ASP A 89 15.35 3.69 6.18
C ASP A 89 14.51 2.42 6.09
N ALA A 90 14.55 1.80 4.92
CA ALA A 90 13.94 0.50 4.71
C ALA A 90 14.90 -0.36 3.89
N ILE A 91 15.25 0.13 2.72
CA ILE A 91 16.26 -0.48 1.89
C ILE A 91 17.56 0.30 2.02
N SER A 92 18.38 -0.10 2.98
CA SER A 92 19.59 0.65 3.29
C SER A 92 20.76 -0.30 3.50
N GLU A 93 21.18 -0.97 2.43
CA GLU A 93 22.34 -1.84 2.48
C GLU A 93 22.99 -1.92 1.10
N THR A 94 22.62 -2.93 0.32
CA THR A 94 23.14 -3.08 -1.03
C THR A 94 22.01 -3.32 -2.03
N LEU A 95 20.85 -2.76 -1.74
CA LEU A 95 19.69 -2.95 -2.59
C LEU A 95 19.19 -1.63 -3.12
N GLU A 96 18.10 -1.66 -3.88
CA GLU A 96 17.63 -0.46 -4.54
C GLU A 96 16.39 0.08 -3.84
N LYS A 97 15.23 -0.54 -4.09
CA LYS A 97 13.98 -0.08 -3.51
C LYS A 97 12.84 -1.07 -3.79
N ILE A 98 11.93 -1.20 -2.84
CA ILE A 98 10.73 -2.01 -3.05
C ILE A 98 9.58 -1.09 -3.47
N ALA A 99 8.75 -1.56 -4.39
CA ALA A 99 7.68 -0.74 -4.92
C ALA A 99 6.36 -1.49 -4.90
N TYR A 100 5.26 -0.75 -4.84
CA TYR A 100 3.93 -1.34 -4.89
C TYR A 100 3.02 -0.49 -5.79
N GLU A 101 2.16 -1.14 -6.55
CA GLU A 101 1.33 -0.42 -7.50
C GLU A 101 -0.08 -0.97 -7.48
N ILE A 102 -1.02 -0.11 -7.09
CA ILE A 102 -2.40 -0.51 -6.95
C ILE A 102 -3.19 -0.12 -8.19
N LYS A 103 -3.65 -1.11 -8.93
CA LYS A 103 -4.44 -0.87 -10.12
C LYS A 103 -5.92 -1.04 -9.79
N LEU A 104 -6.70 0.02 -10.00
CA LEU A 104 -8.11 0.01 -9.68
C LEU A 104 -8.95 -0.49 -10.82
N VAL A 105 -9.34 -1.75 -10.74
CA VAL A 105 -10.28 -2.33 -11.67
C VAL A 105 -11.59 -2.64 -10.92
N ALA A 106 -12.69 -2.74 -11.64
CA ALA A 106 -13.98 -3.05 -11.02
C ALA A 106 -14.41 -4.47 -11.32
N SER A 107 -14.98 -5.13 -10.33
CA SER A 107 -15.50 -6.47 -10.51
C SER A 107 -17.01 -6.42 -10.71
N PRO A 108 -17.49 -6.87 -11.89
CA PRO A 108 -18.90 -6.77 -12.30
C PRO A 108 -19.89 -7.03 -11.17
N ASP A 109 -19.82 -8.21 -10.57
CA ASP A 109 -20.69 -8.55 -9.46
C ASP A 109 -19.89 -8.88 -8.21
N GLY A 110 -18.62 -8.51 -8.23
CA GLY A 110 -17.75 -8.84 -7.13
C GLY A 110 -17.15 -7.61 -6.48
N GLY A 111 -17.69 -6.44 -6.81
CA GLY A 111 -17.21 -5.21 -6.24
C GLY A 111 -16.10 -4.59 -7.06
N SER A 112 -14.86 -4.84 -6.65
CA SER A 112 -13.71 -4.25 -7.29
C SER A 112 -12.55 -5.24 -7.36
N ILE A 113 -11.47 -4.82 -8.00
CA ILE A 113 -10.33 -5.68 -8.27
C ILE A 113 -9.04 -4.87 -8.12
N LEU A 114 -8.38 -5.01 -6.99
CA LEU A 114 -7.12 -4.32 -6.76
C LEU A 114 -5.95 -5.18 -7.18
N LYS A 115 -5.48 -4.96 -8.40
CA LYS A 115 -4.28 -5.63 -8.87
C LYS A 115 -3.05 -4.93 -8.29
N SER A 116 -2.61 -5.38 -7.13
CA SER A 116 -1.46 -4.78 -6.48
C SER A 116 -0.19 -5.44 -6.99
N THR A 117 0.44 -4.78 -7.95
CA THR A 117 1.65 -5.29 -8.55
C THR A 117 2.86 -4.61 -7.94
N SER A 118 3.64 -5.36 -7.18
CA SER A 118 4.83 -4.82 -6.57
C SER A 118 6.02 -5.01 -7.48
N LYS A 119 7.04 -4.19 -7.27
CA LYS A 119 8.27 -4.30 -8.04
C LYS A 119 9.45 -4.17 -7.09
N TYR A 120 10.01 -5.31 -6.71
CA TYR A 120 11.14 -5.32 -5.80
C TYR A 120 12.43 -5.11 -6.59
N HIS A 121 12.92 -3.87 -6.59
CA HIS A 121 14.10 -3.51 -7.35
C HIS A 121 15.36 -3.89 -6.60
N THR A 122 16.19 -4.69 -7.24
CA THR A 122 17.42 -5.15 -6.62
C THR A 122 18.63 -4.44 -7.23
N LYS A 123 19.52 -3.98 -6.36
CA LYS A 123 20.71 -3.27 -6.81
C LYS A 123 21.83 -4.27 -7.15
N GLY A 124 22.36 -4.15 -8.36
CA GLY A 124 23.42 -5.05 -8.78
C GLY A 124 22.94 -6.48 -8.91
N ASP A 125 23.62 -7.38 -8.21
CA ASP A 125 23.25 -8.80 -8.23
C ASP A 125 22.75 -9.25 -6.88
N HIS A 126 22.45 -8.29 -6.01
CA HIS A 126 21.92 -8.60 -4.69
C HIS A 126 20.41 -8.75 -4.77
N GLU A 127 19.81 -9.39 -3.76
CA GLU A 127 18.37 -9.51 -3.72
C GLU A 127 17.82 -8.86 -2.48
N ILE A 128 16.51 -8.64 -2.48
CA ILE A 128 15.84 -8.08 -1.34
C ILE A 128 15.77 -9.11 -0.23
N LYS A 129 16.00 -8.65 1.00
CA LYS A 129 15.95 -9.53 2.16
C LYS A 129 14.59 -10.17 2.26
N GLU A 130 14.60 -11.50 2.40
CA GLU A 130 13.37 -12.29 2.48
C GLU A 130 12.50 -11.83 3.64
N ASP A 131 13.14 -11.29 4.68
CA ASP A 131 12.44 -10.74 5.83
C ASP A 131 11.54 -9.59 5.42
N GLN A 132 12.07 -8.70 4.57
CA GLN A 132 11.34 -7.52 4.12
C GLN A 132 10.20 -7.91 3.20
N ILE A 133 10.53 -8.70 2.18
CA ILE A 133 9.52 -9.25 1.26
C ILE A 133 8.38 -9.93 2.02
N LYS A 134 8.74 -10.72 3.02
CA LYS A 134 7.76 -11.45 3.82
C LYS A 134 6.89 -10.50 4.63
N ALA A 135 7.55 -9.60 5.38
CA ALA A 135 6.84 -8.62 6.20
C ALA A 135 5.97 -7.71 5.35
N GLY A 136 6.37 -7.51 4.11
CA GLY A 136 5.60 -6.69 3.20
C GLY A 136 4.29 -7.34 2.83
N LYS A 137 4.35 -8.63 2.52
CA LYS A 137 3.16 -9.38 2.16
C LYS A 137 2.25 -9.55 3.37
N GLU A 138 2.84 -9.94 4.50
CA GLU A 138 2.08 -10.16 5.72
C GLU A 138 1.51 -8.86 6.26
N GLU A 139 2.26 -7.78 6.15
CA GLU A 139 1.79 -6.49 6.63
C GLU A 139 0.68 -5.97 5.73
N ALA A 140 0.80 -6.27 4.44
CA ALA A 140 -0.25 -5.93 3.48
C ALA A 140 -1.51 -6.70 3.82
N SER A 141 -1.35 -7.94 4.25
CA SER A 141 -2.47 -8.75 4.70
C SER A 141 -3.26 -8.00 5.77
N GLY A 142 -2.55 -7.51 6.78
CA GLY A 142 -3.17 -6.68 7.80
C GLY A 142 -3.86 -5.48 7.21
N ILE A 143 -3.11 -4.67 6.48
CA ILE A 143 -3.68 -3.48 5.84
C ILE A 143 -4.97 -3.79 5.10
N PHE A 144 -4.90 -4.62 4.06
CA PHE A 144 -6.05 -4.89 3.22
C PHE A 144 -7.18 -5.56 4.01
N LYS A 145 -6.85 -6.62 4.73
CA LYS A 145 -7.86 -7.40 5.43
C LYS A 145 -8.50 -6.58 6.55
N ALA A 146 -7.75 -5.66 7.11
CA ALA A 146 -8.25 -4.86 8.22
C ALA A 146 -9.08 -3.69 7.72
N VAL A 147 -8.58 -2.99 6.69
CA VAL A 147 -9.34 -1.86 6.15
C VAL A 147 -10.59 -2.36 5.43
N GLU A 148 -10.43 -3.40 4.60
CA GLU A 148 -11.54 -3.93 3.84
C GLU A 148 -12.66 -4.37 4.76
N ALA A 149 -12.32 -5.07 5.84
CA ALA A 149 -13.32 -5.56 6.77
C ALA A 149 -13.96 -4.43 7.54
N TYR A 150 -13.16 -3.45 7.95
CA TYR A 150 -13.69 -2.23 8.57
C TYR A 150 -14.70 -1.56 7.63
N LEU A 151 -14.39 -1.62 6.35
CA LEU A 151 -15.22 -1.02 5.32
C LEU A 151 -16.48 -1.84 5.09
N LEU A 152 -16.42 -3.12 5.36
CA LEU A 152 -17.57 -4.01 5.23
C LEU A 152 -18.45 -3.89 6.47
N ALA A 153 -17.79 -3.79 7.61
CA ALA A 153 -18.47 -3.85 8.89
C ALA A 153 -18.88 -2.48 9.40
N ASN A 154 -19.08 -1.53 8.49
CA ASN A 154 -19.61 -0.24 8.87
C ASN A 154 -20.95 0.06 8.21
N PRO A 155 -21.05 0.09 6.86
CA PRO A 155 -22.33 0.32 6.19
C PRO A 155 -23.34 -0.79 6.51
N ALA A 156 -22.81 -1.97 6.82
CA ALA A 156 -23.63 -3.09 7.23
C ALA A 156 -23.40 -3.40 8.70
N ALA A 157 -22.56 -2.58 9.34
CA ALA A 157 -22.19 -2.75 10.74
C ALA A 157 -21.64 -4.14 11.02
N TYR A 158 -21.57 -4.52 12.28
CA TYR A 158 -21.04 -5.82 12.62
C TYR A 158 -22.12 -6.88 12.48
N HIS A 159 -23.37 -6.45 12.71
CA HIS A 159 -24.56 -7.33 12.65
C HIS A 159 -24.33 -8.67 13.34
N GLY A 1 17.96 -8.68 -10.00
CA GLY A 1 16.83 -8.49 -10.94
C GLY A 1 15.55 -8.17 -10.21
N VAL A 2 14.53 -7.75 -10.94
CA VAL A 2 13.26 -7.35 -10.33
C VAL A 2 12.40 -8.56 -10.00
N PHE A 3 11.93 -8.60 -8.75
CA PHE A 3 10.94 -9.59 -8.35
C PHE A 3 9.56 -9.00 -8.57
N THR A 4 8.60 -9.82 -8.98
CA THR A 4 7.26 -9.31 -9.23
C THR A 4 6.21 -10.18 -8.54
N TYR A 5 5.72 -9.71 -7.41
CA TYR A 5 4.67 -10.39 -6.69
C TYR A 5 3.45 -9.48 -6.57
N GLU A 6 2.26 -10.05 -6.65
CA GLU A 6 1.05 -9.26 -6.63
C GLU A 6 -0.05 -10.00 -5.89
N SER A 7 -0.95 -9.24 -5.30
CA SER A 7 -2.10 -9.81 -4.63
C SER A 7 -3.32 -8.96 -4.92
N GLU A 8 -4.48 -9.59 -5.07
CA GLU A 8 -5.70 -8.87 -5.41
C GLU A 8 -6.65 -8.83 -4.23
N THR A 9 -7.15 -7.64 -3.92
CA THR A 9 -8.19 -7.50 -2.91
C THR A 9 -9.55 -7.40 -3.59
N THR A 10 -10.26 -8.51 -3.64
CA THR A 10 -11.62 -8.51 -4.18
C THR A 10 -12.60 -8.03 -3.11
N THR A 11 -12.98 -6.77 -3.22
CA THR A 11 -13.85 -6.14 -2.23
C THR A 11 -15.25 -5.96 -2.80
N VAL A 12 -16.27 -6.39 -2.06
CA VAL A 12 -17.65 -6.37 -2.55
C VAL A 12 -18.15 -4.94 -2.73
N ILE A 13 -17.46 -3.98 -2.13
CA ILE A 13 -17.80 -2.58 -2.25
C ILE A 13 -17.33 -2.01 -3.58
N THR A 14 -17.98 -0.96 -4.02
CA THR A 14 -17.68 -0.34 -5.30
C THR A 14 -16.33 0.39 -5.25
N PRO A 15 -15.64 0.47 -6.42
CA PRO A 15 -14.24 0.92 -6.52
C PRO A 15 -13.97 2.27 -5.87
N ALA A 16 -14.99 3.12 -5.77
CA ALA A 16 -14.86 4.42 -5.13
C ALA A 16 -14.42 4.28 -3.70
N ARG A 17 -15.02 3.32 -3.01
CA ARG A 17 -14.73 3.09 -1.60
C ARG A 17 -13.24 2.84 -1.41
N LEU A 18 -12.65 2.21 -2.41
CA LEU A 18 -11.25 1.86 -2.37
C LEU A 18 -10.39 3.01 -2.81
N PHE A 19 -10.66 3.53 -3.99
CA PHE A 19 -9.84 4.57 -4.59
C PHE A 19 -9.77 5.81 -3.71
N LYS A 20 -10.82 6.05 -2.94
CA LYS A 20 -10.85 7.21 -2.07
C LYS A 20 -10.47 6.87 -0.63
N ALA A 21 -11.20 5.94 -0.01
CA ALA A 21 -10.97 5.64 1.40
C ALA A 21 -9.73 4.76 1.59
N PHE A 22 -9.73 3.60 0.94
CA PHE A 22 -8.61 2.66 1.01
C PHE A 22 -7.31 3.36 0.59
N VAL A 23 -7.40 4.13 -0.49
CA VAL A 23 -6.22 4.75 -1.09
C VAL A 23 -5.92 6.14 -0.52
N LEU A 24 -6.83 7.09 -0.70
CA LEU A 24 -6.54 8.49 -0.41
C LEU A 24 -6.67 8.81 1.07
N ASP A 25 -7.47 8.03 1.79
CA ASP A 25 -7.66 8.23 3.21
C ASP A 25 -6.96 7.12 3.99
N ALA A 26 -5.89 6.61 3.40
CA ALA A 26 -5.16 5.46 3.93
C ALA A 26 -4.70 5.69 5.37
N ASP A 27 -4.30 6.90 5.70
CA ASP A 27 -3.74 7.20 7.02
C ASP A 27 -4.81 7.13 8.11
N ASN A 28 -6.06 7.37 7.74
CA ASN A 28 -7.17 7.24 8.68
C ASN A 28 -7.69 5.81 8.71
N LEU A 29 -7.11 4.97 7.87
CA LEU A 29 -7.49 3.57 7.82
C LEU A 29 -6.40 2.66 8.38
N ILE A 30 -5.36 2.41 7.59
CA ILE A 30 -4.35 1.42 7.92
C ILE A 30 -3.67 1.69 9.28
N PRO A 31 -3.08 2.87 9.53
CA PRO A 31 -2.45 3.18 10.82
C PRO A 31 -3.40 3.02 12.00
N LYS A 32 -4.70 3.06 11.73
CA LYS A 32 -5.70 3.05 12.79
C LYS A 32 -6.33 1.66 12.95
N VAL A 33 -6.83 1.12 11.85
CA VAL A 33 -7.53 -0.17 11.88
C VAL A 33 -6.63 -1.31 11.44
N ALA A 34 -5.48 -0.98 10.87
CA ALA A 34 -4.54 -2.01 10.43
C ALA A 34 -3.15 -1.85 11.08
N PRO A 35 -3.07 -1.73 12.42
CA PRO A 35 -1.80 -1.46 13.11
C PRO A 35 -0.86 -2.65 13.05
N GLN A 36 -1.41 -3.82 12.75
CA GLN A 36 -0.63 -5.04 12.60
C GLN A 36 0.26 -4.94 11.37
N ALA A 37 -0.09 -4.04 10.47
CA ALA A 37 0.69 -3.82 9.26
C ALA A 37 1.49 -2.54 9.37
N ILE A 38 0.80 -1.41 9.41
CA ILE A 38 1.44 -0.11 9.40
C ILE A 38 0.95 0.73 10.58
N LYS A 39 1.90 1.29 11.32
CA LYS A 39 1.59 2.07 12.51
C LYS A 39 1.28 3.52 12.15
N SER A 40 1.91 4.02 11.10
CA SER A 40 1.74 5.40 10.70
C SER A 40 1.88 5.56 9.19
N SER A 41 0.92 6.23 8.58
CA SER A 41 0.95 6.51 7.15
C SER A 41 1.05 8.02 6.94
N GLU A 42 2.11 8.60 7.50
CA GLU A 42 2.26 10.04 7.58
C GLU A 42 2.51 10.66 6.21
N ILE A 43 1.44 11.03 5.52
CA ILE A 43 1.56 11.78 4.27
C ILE A 43 2.13 13.15 4.57
N ILE A 44 3.33 13.39 4.05
CA ILE A 44 4.06 14.62 4.31
C ILE A 44 3.41 15.78 3.58
N GLU A 45 3.12 15.56 2.30
CA GLU A 45 2.46 16.56 1.48
C GLU A 45 1.84 15.88 0.27
N GLY A 46 0.93 16.58 -0.39
CA GLY A 46 0.28 16.02 -1.57
C GLY A 46 -1.19 15.79 -1.34
N SER A 47 -1.94 15.76 -2.43
CA SER A 47 -3.38 15.56 -2.35
C SER A 47 -3.76 14.17 -2.85
N GLY A 48 -2.75 13.33 -3.04
CA GLY A 48 -2.99 11.97 -3.48
C GLY A 48 -2.31 11.67 -4.79
N GLY A 49 -2.21 12.68 -5.65
CA GLY A 49 -1.61 12.50 -6.95
C GLY A 49 -0.11 12.74 -6.92
N PRO A 50 0.47 13.26 -8.03
CA PRO A 50 1.91 13.45 -8.16
C PRO A 50 2.49 14.33 -7.05
N GLY A 51 3.66 13.96 -6.58
CA GLY A 51 4.34 14.74 -5.55
C GLY A 51 3.87 14.41 -4.14
N THR A 52 2.99 13.43 -4.01
CA THR A 52 2.49 13.04 -2.70
C THR A 52 3.45 12.07 -2.02
N ILE A 53 4.27 12.60 -1.11
CA ILE A 53 5.19 11.80 -0.33
C ILE A 53 4.56 11.38 0.98
N LYS A 54 4.91 10.19 1.45
CA LYS A 54 4.26 9.60 2.59
C LYS A 54 5.22 8.72 3.40
N LYS A 55 5.49 9.15 4.61
CA LYS A 55 6.40 8.45 5.49
C LYS A 55 5.69 7.29 6.18
N ILE A 56 5.96 6.09 5.71
CA ILE A 56 5.27 4.90 6.19
C ILE A 56 6.07 4.21 7.29
N THR A 57 5.45 4.10 8.47
CA THR A 57 6.07 3.43 9.60
C THR A 57 5.40 2.07 9.81
N PHE A 58 6.17 1.00 9.72
CA PHE A 58 5.63 -0.35 9.83
C PHE A 58 5.43 -0.74 11.28
N GLY A 59 4.43 -1.58 11.52
CA GLY A 59 4.12 -2.02 12.87
C GLY A 59 4.92 -3.25 13.26
N GLU A 60 4.40 -3.99 14.24
CA GLU A 60 5.08 -5.17 14.78
C GLU A 60 6.43 -4.76 15.35
N GLY A 61 6.39 -3.84 16.30
CA GLY A 61 7.61 -3.31 16.90
C GLY A 61 7.57 -1.81 17.03
N SER A 62 6.36 -1.24 16.97
CA SER A 62 6.14 0.20 17.09
C SER A 62 6.70 0.95 15.88
N GLN A 63 8.01 1.16 15.85
CA GLN A 63 8.67 1.83 14.74
C GLN A 63 9.61 0.86 14.05
N PHE A 64 9.04 -0.24 13.56
CA PHE A 64 9.82 -1.30 12.93
C PHE A 64 10.03 -0.98 11.46
N ASN A 65 11.11 -0.24 11.17
CA ASN A 65 11.40 0.24 9.82
C ASN A 65 10.39 1.29 9.38
N TYR A 66 10.85 2.27 8.62
CA TYR A 66 9.97 3.31 8.10
C TYR A 66 10.62 4.03 6.93
N VAL A 67 9.88 4.14 5.84
CA VAL A 67 10.40 4.71 4.60
C VAL A 67 9.40 5.63 3.97
N LYS A 68 9.90 6.67 3.32
CA LYS A 68 9.07 7.59 2.60
C LYS A 68 8.73 7.02 1.24
N HIS A 69 7.44 6.75 1.06
CA HIS A 69 6.88 6.39 -0.23
C HIS A 69 6.49 7.66 -0.95
N ARG A 70 6.13 7.54 -2.21
CA ARG A 70 5.77 8.69 -3.02
C ARG A 70 5.02 8.24 -4.24
N ILE A 71 4.32 9.16 -4.87
CA ILE A 71 3.65 8.88 -6.10
C ILE A 71 4.63 8.92 -7.25
N ASP A 72 5.05 7.74 -7.66
CA ASP A 72 5.96 7.61 -8.78
C ASP A 72 5.16 7.66 -10.07
N GLU A 73 3.90 7.25 -9.97
CA GLU A 73 2.97 7.36 -11.07
C GLU A 73 1.56 7.10 -10.54
N ILE A 74 0.57 7.70 -11.16
CA ILE A 74 -0.81 7.53 -10.75
C ILE A 74 -1.76 7.73 -11.92
N ASP A 75 -2.73 6.86 -12.03
CA ASP A 75 -3.75 6.97 -13.07
C ASP A 75 -5.10 7.21 -12.42
N ASN A 76 -5.56 8.46 -12.44
CA ASN A 76 -6.82 8.79 -11.79
C ASN A 76 -8.00 8.27 -12.61
N ALA A 77 -7.82 8.17 -13.93
CA ALA A 77 -8.87 7.71 -14.80
C ALA A 77 -8.89 6.19 -14.87
N ASN A 78 -7.73 5.58 -14.73
CA ASN A 78 -7.62 4.13 -14.75
C ASN A 78 -7.63 3.57 -13.34
N PHE A 79 -7.77 4.49 -12.38
CA PHE A 79 -7.82 4.17 -10.96
C PHE A 79 -6.62 3.32 -10.53
N THR A 80 -5.43 3.82 -10.83
CA THR A 80 -4.20 3.11 -10.50
C THR A 80 -3.30 3.98 -9.63
N TYR A 81 -2.84 3.42 -8.52
CA TYR A 81 -2.07 4.16 -7.53
C TYR A 81 -0.73 3.47 -7.28
N ALA A 82 0.35 4.03 -7.84
CA ALA A 82 1.68 3.45 -7.67
C ALA A 82 2.48 4.21 -6.63
N CYS A 83 2.85 3.53 -5.55
CA CYS A 83 3.57 4.16 -4.47
C CYS A 83 4.84 3.40 -4.10
N THR A 84 5.96 3.88 -4.59
CA THR A 84 7.25 3.30 -4.31
C THR A 84 7.79 3.84 -2.99
N LEU A 85 8.63 3.06 -2.31
CA LEU A 85 9.42 3.60 -1.21
C LEU A 85 10.77 4.04 -1.75
N ILE A 86 11.24 5.19 -1.32
CA ILE A 86 12.46 5.73 -1.89
C ILE A 86 13.47 6.17 -0.83
N GLU A 87 13.00 6.79 0.24
CA GLU A 87 13.92 7.41 1.21
C GLU A 87 13.59 7.05 2.63
N GLY A 88 14.51 6.38 3.32
CA GLY A 88 14.33 6.17 4.74
C GLY A 88 15.06 4.97 5.28
N ASP A 89 14.43 4.30 6.23
CA ASP A 89 15.03 3.19 6.92
C ASP A 89 14.34 1.89 6.56
N ALA A 90 14.80 1.28 5.47
CA ALA A 90 14.29 0.01 4.98
C ALA A 90 15.01 -0.35 3.70
N ILE A 91 14.86 0.49 2.68
CA ILE A 91 15.52 0.28 1.41
C ILE A 91 16.13 1.58 0.92
N SER A 92 17.24 1.97 1.51
CA SER A 92 17.97 3.15 1.07
C SER A 92 19.47 2.94 1.27
N GLU A 93 19.93 1.76 0.92
CA GLU A 93 21.33 1.39 1.12
C GLU A 93 21.91 0.72 -0.12
N THR A 94 22.13 -0.59 -0.05
CA THR A 94 22.67 -1.33 -1.18
C THR A 94 21.53 -1.96 -1.99
N LEU A 95 20.32 -1.62 -1.60
CA LEU A 95 19.12 -2.05 -2.31
C LEU A 95 18.46 -0.84 -2.94
N GLU A 96 17.58 -1.04 -3.91
CA GLU A 96 17.06 0.10 -4.66
C GLU A 96 15.76 0.57 -4.06
N LYS A 97 14.69 -0.20 -4.29
CA LYS A 97 13.36 0.16 -3.79
C LYS A 97 12.33 -0.88 -4.20
N ILE A 98 11.26 -0.97 -3.45
CA ILE A 98 10.13 -1.82 -3.82
C ILE A 98 8.90 -0.94 -4.00
N ALA A 99 8.07 -1.28 -4.98
CA ALA A 99 6.95 -0.42 -5.34
C ALA A 99 5.62 -1.15 -5.26
N TYR A 100 4.68 -0.58 -4.53
CA TYR A 100 3.34 -1.13 -4.45
C TYR A 100 2.41 -0.38 -5.39
N GLU A 101 1.77 -1.11 -6.29
CA GLU A 101 0.87 -0.49 -7.24
C GLU A 101 -0.52 -1.06 -7.07
N ILE A 102 -1.43 -0.23 -6.59
CA ILE A 102 -2.79 -0.67 -6.34
C ILE A 102 -3.68 -0.25 -7.50
N LYS A 103 -4.02 -1.21 -8.35
CA LYS A 103 -4.83 -0.93 -9.53
C LYS A 103 -6.27 -1.36 -9.28
N LEU A 104 -7.20 -0.46 -9.57
CA LEU A 104 -8.61 -0.72 -9.39
C LEU A 104 -9.23 -1.37 -10.61
N VAL A 105 -9.44 -2.67 -10.54
CA VAL A 105 -10.20 -3.37 -11.56
C VAL A 105 -11.61 -3.64 -11.02
N ALA A 106 -12.61 -3.43 -11.85
CA ALA A 106 -13.98 -3.66 -11.43
C ALA A 106 -14.34 -5.13 -11.47
N SER A 107 -14.85 -5.66 -10.37
CA SER A 107 -15.34 -7.03 -10.33
C SER A 107 -16.81 -7.02 -10.72
N PRO A 108 -17.16 -7.69 -11.84
CA PRO A 108 -18.51 -7.65 -12.42
C PRO A 108 -19.61 -7.72 -11.37
N ASP A 109 -19.63 -8.79 -10.61
CA ASP A 109 -20.62 -8.98 -9.57
C ASP A 109 -19.94 -9.16 -8.21
N GLY A 110 -18.69 -8.73 -8.12
CA GLY A 110 -17.93 -8.95 -6.90
C GLY A 110 -17.43 -7.67 -6.28
N GLY A 111 -17.85 -6.54 -6.83
CA GLY A 111 -17.40 -5.26 -6.33
C GLY A 111 -16.18 -4.75 -7.06
N SER A 112 -15.01 -4.93 -6.45
CA SER A 112 -13.77 -4.43 -7.00
C SER A 112 -12.65 -5.45 -6.82
N ILE A 113 -11.52 -5.17 -7.46
CA ILE A 113 -10.36 -6.05 -7.46
C ILE A 113 -9.10 -5.21 -7.38
N LEU A 114 -8.54 -5.10 -6.19
CA LEU A 114 -7.35 -4.31 -6.00
C LEU A 114 -6.11 -5.10 -6.38
N LYS A 115 -5.70 -4.93 -7.63
CA LYS A 115 -4.51 -5.59 -8.14
C LYS A 115 -3.27 -4.89 -7.59
N SER A 116 -2.84 -5.31 -6.42
CA SER A 116 -1.68 -4.72 -5.79
C SER A 116 -0.43 -5.45 -6.27
N THR A 117 0.23 -4.86 -7.25
CA THR A 117 1.41 -5.44 -7.86
C THR A 117 2.66 -4.75 -7.36
N SER A 118 3.65 -5.51 -6.92
CA SER A 118 4.86 -4.91 -6.42
C SER A 118 6.08 -5.31 -7.24
N LYS A 119 6.86 -4.31 -7.62
CA LYS A 119 8.12 -4.53 -8.30
C LYS A 119 9.27 -4.31 -7.33
N TYR A 120 9.98 -5.38 -7.03
CA TYR A 120 11.09 -5.32 -6.10
C TYR A 120 12.39 -5.07 -6.87
N HIS A 121 12.91 -3.85 -6.77
CA HIS A 121 14.09 -3.46 -7.52
C HIS A 121 15.36 -3.68 -6.71
N THR A 122 16.22 -4.56 -7.21
CA THR A 122 17.50 -4.83 -6.60
C THR A 122 18.54 -3.85 -7.12
N LYS A 123 19.41 -3.39 -6.23
CA LYS A 123 20.42 -2.41 -6.62
C LYS A 123 21.73 -3.11 -6.95
N GLY A 124 21.79 -3.73 -8.12
CA GLY A 124 23.01 -4.37 -8.56
C GLY A 124 23.06 -5.85 -8.25
N ASP A 125 24.18 -6.29 -7.67
CA ASP A 125 24.40 -7.70 -7.39
C ASP A 125 23.85 -8.09 -6.02
N HIS A 126 23.08 -7.20 -5.41
CA HIS A 126 22.45 -7.46 -4.13
C HIS A 126 20.94 -7.46 -4.28
N GLU A 127 20.29 -8.57 -3.93
CA GLU A 127 18.84 -8.66 -4.00
C GLU A 127 18.19 -8.03 -2.80
N ILE A 128 16.88 -7.85 -2.90
CA ILE A 128 16.13 -7.28 -1.81
C ILE A 128 16.02 -8.29 -0.68
N LYS A 129 16.38 -7.86 0.53
CA LYS A 129 16.20 -8.66 1.71
C LYS A 129 14.77 -9.19 1.77
N GLU A 130 14.63 -10.50 1.78
CA GLU A 130 13.32 -11.12 1.77
C GLU A 130 12.57 -10.78 3.06
N ASP A 131 13.30 -10.28 4.04
CA ASP A 131 12.69 -9.77 5.27
C ASP A 131 11.76 -8.60 4.93
N GLN A 132 12.21 -7.76 4.00
CA GLN A 132 11.42 -6.61 3.58
C GLN A 132 10.34 -7.04 2.59
N ILE A 133 10.70 -7.94 1.68
CA ILE A 133 9.73 -8.54 0.76
C ILE A 133 8.56 -9.17 1.53
N LYS A 134 8.89 -9.91 2.59
CA LYS A 134 7.88 -10.53 3.44
C LYS A 134 7.08 -9.48 4.19
N ALA A 135 7.73 -8.38 4.58
CA ALA A 135 7.05 -7.26 5.22
C ALA A 135 5.97 -6.72 4.31
N GLY A 136 6.23 -6.73 3.03
CA GLY A 136 5.25 -6.28 2.06
C GLY A 136 4.05 -7.18 2.00
N LYS A 137 4.29 -8.48 1.98
CA LYS A 137 3.22 -9.47 1.96
C LYS A 137 2.43 -9.44 3.27
N GLU A 138 3.15 -9.38 4.38
CA GLU A 138 2.53 -9.35 5.69
C GLU A 138 1.80 -8.04 5.93
N GLU A 139 2.38 -6.93 5.48
CA GLU A 139 1.75 -5.64 5.65
C GLU A 139 0.48 -5.58 4.80
N ALA A 140 0.54 -6.14 3.59
CA ALA A 140 -0.63 -6.23 2.73
C ALA A 140 -1.73 -7.04 3.39
N SER A 141 -1.34 -8.10 4.09
CA SER A 141 -2.30 -8.95 4.79
C SER A 141 -3.11 -8.14 5.80
N GLY A 142 -2.40 -7.36 6.62
CA GLY A 142 -3.06 -6.47 7.57
C GLY A 142 -3.87 -5.42 6.87
N ILE A 143 -3.24 -4.69 5.96
CA ILE A 143 -3.93 -3.63 5.22
C ILE A 143 -5.23 -4.13 4.62
N PHE A 144 -5.14 -5.10 3.71
CA PHE A 144 -6.29 -5.58 2.97
C PHE A 144 -7.41 -6.01 3.91
N LYS A 145 -7.11 -6.94 4.78
CA LYS A 145 -8.14 -7.56 5.62
C LYS A 145 -8.65 -6.60 6.68
N ALA A 146 -7.81 -5.69 7.15
CA ALA A 146 -8.21 -4.81 8.24
C ALA A 146 -9.04 -3.64 7.73
N VAL A 147 -8.69 -3.12 6.56
CA VAL A 147 -9.52 -2.09 5.95
C VAL A 147 -10.75 -2.73 5.31
N GLU A 148 -10.59 -3.98 4.85
CA GLU A 148 -11.69 -4.74 4.28
C GLU A 148 -12.89 -4.71 5.21
N ALA A 149 -12.69 -5.19 6.44
CA ALA A 149 -13.77 -5.28 7.39
C ALA A 149 -14.15 -3.92 7.95
N TYR A 150 -13.15 -3.07 8.18
CA TYR A 150 -13.43 -1.69 8.60
C TYR A 150 -14.42 -1.02 7.63
N LEU A 151 -14.16 -1.21 6.35
CA LEU A 151 -14.99 -0.63 5.29
C LEU A 151 -16.35 -1.28 5.23
N LEU A 152 -16.37 -2.59 5.17
CA LEU A 152 -17.62 -3.35 5.06
C LEU A 152 -18.51 -3.13 6.27
N ALA A 153 -17.89 -2.96 7.42
CA ALA A 153 -18.62 -2.80 8.67
C ALA A 153 -18.71 -1.35 9.08
N ASN A 154 -18.78 -0.47 8.09
CA ASN A 154 -19.04 0.94 8.35
C ASN A 154 -20.46 1.35 7.91
N PRO A 155 -20.88 1.04 6.66
CA PRO A 155 -22.26 1.24 6.25
C PRO A 155 -23.20 0.29 6.98
N ALA A 156 -22.68 -0.89 7.28
CA ALA A 156 -23.39 -1.87 8.09
C ALA A 156 -23.07 -1.66 9.56
N ALA A 157 -22.09 -0.80 9.81
CA ALA A 157 -21.70 -0.38 11.17
C ALA A 157 -21.56 -1.54 12.13
N TYR A 158 -20.36 -2.10 12.17
CA TYR A 158 -20.03 -3.21 13.04
C TYR A 158 -20.94 -4.40 12.75
N HIS A 159 -20.75 -5.01 11.60
CA HIS A 159 -21.57 -6.13 11.16
C HIS A 159 -20.86 -6.91 10.07
N GLY A 1 18.14 -8.77 -9.00
CA GLY A 1 17.50 -7.92 -10.03
C GLY A 1 16.16 -7.39 -9.57
N VAL A 2 15.09 -8.11 -9.88
CA VAL A 2 13.76 -7.70 -9.48
C VAL A 2 12.87 -8.93 -9.28
N PHE A 3 12.17 -8.96 -8.16
CA PHE A 3 11.22 -10.02 -7.88
C PHE A 3 9.81 -9.46 -7.92
N THR A 4 9.04 -9.86 -8.93
CA THR A 4 7.70 -9.34 -9.09
C THR A 4 6.67 -10.24 -8.43
N TYR A 5 5.85 -9.64 -7.58
CA TYR A 5 4.73 -10.34 -6.95
C TYR A 5 3.49 -9.47 -7.08
N GLU A 6 2.35 -10.07 -7.34
CA GLU A 6 1.12 -9.30 -7.51
C GLU A 6 -0.05 -10.03 -6.88
N SER A 7 -0.79 -9.30 -6.06
CA SER A 7 -1.97 -9.84 -5.42
C SER A 7 -3.12 -8.86 -5.60
N GLU A 8 -4.30 -9.37 -5.90
CA GLU A 8 -5.43 -8.50 -6.16
C GLU A 8 -6.44 -8.57 -5.02
N THR A 9 -6.91 -7.40 -4.60
CA THR A 9 -7.92 -7.31 -3.56
C THR A 9 -9.30 -7.18 -4.21
N THR A 10 -10.00 -8.29 -4.34
CA THR A 10 -11.36 -8.27 -4.83
C THR A 10 -12.32 -7.96 -3.68
N THR A 11 -12.72 -6.71 -3.60
CA THR A 11 -13.53 -6.21 -2.51
C THR A 11 -14.98 -6.07 -2.98
N VAL A 12 -15.92 -6.64 -2.23
CA VAL A 12 -17.33 -6.61 -2.62
C VAL A 12 -17.89 -5.18 -2.66
N ILE A 13 -17.20 -4.27 -1.99
CA ILE A 13 -17.57 -2.86 -1.99
C ILE A 13 -17.20 -2.20 -3.30
N THR A 14 -17.97 -1.19 -3.68
CA THR A 14 -17.78 -0.50 -4.95
C THR A 14 -16.48 0.31 -4.94
N PRO A 15 -15.87 0.47 -6.13
CA PRO A 15 -14.51 1.03 -6.30
C PRO A 15 -14.21 2.27 -5.48
N ALA A 16 -15.20 3.14 -5.29
CA ALA A 16 -15.00 4.37 -4.53
C ALA A 16 -14.50 4.11 -3.13
N ARG A 17 -15.02 3.07 -2.50
CA ARG A 17 -14.65 2.76 -1.13
C ARG A 17 -13.15 2.54 -1.03
N LEU A 18 -12.60 1.97 -2.08
CA LEU A 18 -11.19 1.64 -2.13
C LEU A 18 -10.40 2.84 -2.62
N PHE A 19 -10.80 3.37 -3.76
CA PHE A 19 -10.03 4.41 -4.43
C PHE A 19 -10.04 5.72 -3.64
N LYS A 20 -11.09 5.96 -2.87
CA LYS A 20 -11.15 7.17 -2.07
C LYS A 20 -10.60 6.92 -0.66
N ALA A 21 -11.30 6.07 0.10
CA ALA A 21 -10.96 5.84 1.50
C ALA A 21 -9.67 5.05 1.64
N PHE A 22 -9.66 3.83 1.09
CA PHE A 22 -8.50 2.94 1.19
C PHE A 22 -7.24 3.63 0.67
N VAL A 23 -7.39 4.45 -0.37
CA VAL A 23 -6.25 5.11 -1.00
C VAL A 23 -5.88 6.43 -0.31
N LEU A 24 -6.79 7.40 -0.30
CA LEU A 24 -6.46 8.75 0.20
C LEU A 24 -6.48 8.80 1.73
N ASP A 25 -7.57 8.34 2.32
CA ASP A 25 -7.74 8.43 3.78
C ASP A 25 -7.02 7.29 4.50
N ALA A 26 -5.94 6.83 3.89
CA ALA A 26 -5.15 5.73 4.45
C ALA A 26 -4.64 6.08 5.84
N ASP A 27 -4.37 7.36 6.07
CA ASP A 27 -3.81 7.83 7.33
C ASP A 27 -4.81 7.68 8.47
N ASN A 28 -6.09 7.76 8.15
CA ASN A 28 -7.14 7.62 9.15
C ASN A 28 -7.61 6.18 9.23
N LEU A 29 -7.06 5.34 8.37
CA LEU A 29 -7.49 3.95 8.31
C LEU A 29 -6.41 3.00 8.83
N ILE A 30 -5.39 2.74 8.04
CA ILE A 30 -4.38 1.72 8.35
C ILE A 30 -3.78 1.90 9.76
N PRO A 31 -3.25 3.08 10.13
CA PRO A 31 -2.70 3.32 11.48
C PRO A 31 -3.68 2.97 12.61
N LYS A 32 -4.97 2.92 12.28
CA LYS A 32 -6.00 2.70 13.27
C LYS A 32 -6.63 1.31 13.13
N VAL A 33 -7.09 0.99 11.92
CA VAL A 33 -7.80 -0.25 11.66
C VAL A 33 -6.84 -1.37 11.28
N ALA A 34 -5.64 -1.01 10.83
CA ALA A 34 -4.66 -2.00 10.43
C ALA A 34 -3.34 -1.83 11.19
N PRO A 35 -3.36 -1.98 12.54
CA PRO A 35 -2.18 -1.72 13.38
C PRO A 35 -1.08 -2.75 13.14
N GLN A 36 -1.48 -3.92 12.68
CA GLN A 36 -0.55 -5.01 12.38
C GLN A 36 0.16 -4.76 11.06
N ALA A 37 -0.25 -3.69 10.38
CA ALA A 37 0.29 -3.36 9.08
C ALA A 37 1.24 -2.18 9.18
N ILE A 38 0.67 -0.98 9.25
CA ILE A 38 1.45 0.24 9.29
C ILE A 38 1.05 1.07 10.51
N LYS A 39 2.00 1.30 11.40
CA LYS A 39 1.75 2.05 12.62
C LYS A 39 1.44 3.50 12.31
N SER A 40 2.15 4.05 11.34
CA SER A 40 1.97 5.45 10.98
C SER A 40 2.07 5.65 9.47
N SER A 41 1.00 6.15 8.87
CA SER A 41 0.99 6.47 7.45
C SER A 41 1.20 7.97 7.29
N GLU A 42 2.44 8.40 7.48
CA GLU A 42 2.76 9.83 7.57
C GLU A 42 2.99 10.44 6.21
N ILE A 43 1.93 11.01 5.63
CA ILE A 43 2.05 11.76 4.39
C ILE A 43 2.83 13.04 4.65
N ILE A 44 3.95 13.19 3.95
CA ILE A 44 4.88 14.27 4.23
C ILE A 44 4.40 15.59 3.62
N GLU A 45 4.24 15.62 2.30
CA GLU A 45 3.81 16.83 1.61
C GLU A 45 3.46 16.53 0.17
N GLY A 46 2.60 17.36 -0.41
CA GLY A 46 2.20 17.16 -1.79
C GLY A 46 0.71 17.34 -1.96
N SER A 47 -0.02 17.30 -0.84
CA SER A 47 -1.46 17.51 -0.81
C SER A 47 -2.22 16.35 -1.46
N GLY A 48 -1.56 15.18 -1.53
CA GLY A 48 -2.23 13.98 -1.99
C GLY A 48 -2.40 13.92 -3.49
N GLY A 49 -1.29 13.90 -4.22
CA GLY A 49 -1.34 13.77 -5.66
C GLY A 49 -0.03 13.26 -6.22
N PRO A 50 0.16 13.33 -7.54
CA PRO A 50 1.39 12.85 -8.19
C PRO A 50 2.60 13.65 -7.71
N GLY A 51 3.53 12.96 -7.06
CA GLY A 51 4.71 13.63 -6.52
C GLY A 51 4.68 13.73 -5.01
N THR A 52 3.53 13.47 -4.41
CA THR A 52 3.37 13.55 -2.97
C THR A 52 4.19 12.47 -2.26
N ILE A 53 5.08 12.91 -1.38
CA ILE A 53 5.90 11.98 -0.61
C ILE A 53 5.21 11.60 0.70
N LYS A 54 5.45 10.38 1.14
CA LYS A 54 4.79 9.85 2.32
C LYS A 54 5.67 8.81 3.02
N LYS A 55 6.04 9.07 4.26
CA LYS A 55 6.88 8.12 4.99
C LYS A 55 6.00 7.05 5.63
N ILE A 56 6.38 5.80 5.43
CA ILE A 56 5.58 4.69 5.91
C ILE A 56 6.29 4.00 7.06
N THR A 57 5.74 4.17 8.25
CA THR A 57 6.29 3.54 9.44
C THR A 57 5.56 2.22 9.71
N PHE A 58 6.26 1.13 9.48
CA PHE A 58 5.67 -0.20 9.52
C PHE A 58 5.26 -0.58 10.95
N GLY A 59 4.40 -1.57 11.07
CA GLY A 59 3.81 -1.90 12.35
C GLY A 59 4.21 -3.26 12.89
N GLU A 60 4.72 -4.13 12.03
CA GLU A 60 5.15 -5.45 12.46
C GLU A 60 6.35 -5.35 13.40
N GLY A 61 7.49 -4.97 12.85
CA GLY A 61 8.68 -4.85 13.65
C GLY A 61 8.68 -3.58 14.47
N SER A 62 8.33 -2.48 13.83
CA SER A 62 8.26 -1.17 14.49
C SER A 62 9.59 -0.81 15.16
N GLN A 63 10.69 -1.17 14.53
CA GLN A 63 12.00 -0.90 15.11
C GLN A 63 12.89 -0.19 14.09
N PHE A 64 12.76 1.14 14.05
CA PHE A 64 13.57 1.98 13.17
C PHE A 64 13.32 1.59 11.71
N ASN A 65 12.07 1.26 11.41
CA ASN A 65 11.70 0.78 10.09
C ASN A 65 10.63 1.67 9.47
N TYR A 66 11.06 2.58 8.60
CA TYR A 66 10.17 3.52 7.96
C TYR A 66 10.83 4.11 6.71
N VAL A 67 10.09 4.17 5.62
CA VAL A 67 10.66 4.59 4.34
C VAL A 67 9.79 5.66 3.70
N LYS A 68 10.43 6.68 3.13
CA LYS A 68 9.73 7.72 2.42
C LYS A 68 9.36 7.25 1.02
N HIS A 69 8.07 7.14 0.81
CA HIS A 69 7.49 6.73 -0.46
C HIS A 69 6.96 7.95 -1.19
N ARG A 70 6.22 7.72 -2.25
CA ARG A 70 5.74 8.80 -3.09
C ARG A 70 4.60 8.30 -3.95
N ILE A 71 3.65 9.17 -4.21
CA ILE A 71 2.59 8.88 -5.16
C ILE A 71 3.16 8.95 -6.57
N ASP A 72 3.69 7.84 -7.03
CA ASP A 72 4.39 7.78 -8.31
C ASP A 72 3.40 8.00 -9.45
N GLU A 73 2.20 7.48 -9.28
CA GLU A 73 1.15 7.67 -10.26
C GLU A 73 -0.20 7.47 -9.59
N ILE A 74 -1.12 8.37 -9.86
CA ILE A 74 -2.48 8.26 -9.33
C ILE A 74 -3.48 8.66 -10.41
N ASP A 75 -3.95 7.67 -11.13
CA ASP A 75 -4.86 7.92 -12.24
C ASP A 75 -6.30 7.78 -11.76
N ASN A 76 -6.95 8.91 -11.53
CA ASN A 76 -8.33 8.91 -11.04
C ASN A 76 -9.31 8.28 -12.03
N ALA A 77 -8.93 8.24 -13.30
CA ALA A 77 -9.80 7.70 -14.34
C ALA A 77 -9.63 6.20 -14.49
N ASN A 78 -8.38 5.76 -14.54
CA ASN A 78 -8.07 4.34 -14.70
C ASN A 78 -7.89 3.65 -13.36
N PHE A 79 -8.07 4.43 -12.29
CA PHE A 79 -7.99 3.96 -10.91
C PHE A 79 -6.64 3.30 -10.63
N THR A 80 -5.57 3.96 -11.04
CA THR A 80 -4.22 3.43 -10.83
C THR A 80 -3.53 4.20 -9.71
N TYR A 81 -2.96 3.48 -8.76
CA TYR A 81 -2.30 4.09 -7.62
C TYR A 81 -0.94 3.41 -7.38
N ALA A 82 0.13 4.12 -7.72
CA ALA A 82 1.48 3.57 -7.60
C ALA A 82 2.22 4.16 -6.41
N CYS A 83 3.00 3.31 -5.73
CA CYS A 83 3.78 3.71 -4.58
C CYS A 83 5.23 3.29 -4.74
N THR A 84 6.11 4.27 -4.77
CA THR A 84 7.54 4.03 -4.96
C THR A 84 8.30 4.41 -3.69
N LEU A 85 9.48 3.83 -3.51
CA LEU A 85 10.36 4.19 -2.40
C LEU A 85 11.37 5.23 -2.85
N ILE A 86 11.39 6.37 -2.19
CA ILE A 86 12.38 7.40 -2.45
C ILE A 86 13.65 7.07 -1.68
N GLU A 87 13.51 6.97 -0.37
CA GLU A 87 14.62 6.60 0.51
C GLU A 87 14.11 6.47 1.94
N GLY A 88 14.86 5.78 2.78
CA GLY A 88 14.45 5.63 4.16
C GLY A 88 15.12 4.47 4.85
N ASP A 89 14.90 4.38 6.16
CA ASP A 89 15.57 3.40 6.99
C ASP A 89 14.93 2.04 6.85
N ALA A 90 15.37 1.31 5.83
CA ALA A 90 14.94 -0.06 5.55
C ALA A 90 15.52 -0.50 4.21
N ILE A 91 15.61 0.44 3.29
CA ILE A 91 16.09 0.16 1.94
C ILE A 91 17.36 0.95 1.64
N SER A 92 17.50 2.14 2.22
CA SER A 92 18.62 3.02 1.92
C SER A 92 19.92 2.55 2.58
N GLU A 93 20.35 1.36 2.22
CA GLU A 93 21.68 0.87 2.55
C GLU A 93 22.41 0.50 1.27
N THR A 94 22.21 -0.71 0.77
CA THR A 94 22.73 -1.10 -0.53
C THR A 94 21.61 -1.76 -1.36
N LEU A 95 20.39 -1.30 -1.13
CA LEU A 95 19.22 -1.86 -1.82
C LEU A 95 18.65 -0.85 -2.80
N GLU A 96 17.58 -1.20 -3.48
CA GLU A 96 17.03 -0.34 -4.51
C GLU A 96 15.67 0.22 -4.09
N LYS A 97 14.63 -0.62 -4.17
CA LYS A 97 13.27 -0.22 -3.76
C LYS A 97 12.26 -1.34 -3.98
N ILE A 98 11.29 -1.45 -3.08
CA ILE A 98 10.21 -2.41 -3.23
C ILE A 98 8.95 -1.71 -3.75
N ALA A 99 8.71 -1.80 -5.03
CA ALA A 99 7.68 -0.99 -5.68
C ALA A 99 6.31 -1.62 -5.52
N TYR A 100 5.29 -0.78 -5.46
CA TYR A 100 3.90 -1.24 -5.40
C TYR A 100 3.05 -0.44 -6.36
N GLU A 101 2.18 -1.12 -7.09
CA GLU A 101 1.27 -0.45 -8.02
C GLU A 101 -0.10 -1.09 -7.94
N ILE A 102 -1.05 -0.35 -7.42
CA ILE A 102 -2.39 -0.87 -7.26
C ILE A 102 -3.27 -0.42 -8.42
N LYS A 103 -3.56 -1.34 -9.32
CA LYS A 103 -4.43 -1.05 -10.44
C LYS A 103 -5.83 -1.55 -10.14
N LEU A 104 -6.72 -0.62 -9.87
CA LEU A 104 -8.07 -0.95 -9.48
C LEU A 104 -8.99 -1.07 -10.69
N VAL A 105 -9.31 -2.30 -11.05
CA VAL A 105 -10.33 -2.55 -12.03
C VAL A 105 -11.62 -2.92 -11.32
N ALA A 106 -12.75 -2.73 -11.96
CA ALA A 106 -14.02 -2.97 -11.32
C ALA A 106 -14.56 -4.36 -11.62
N SER A 107 -14.96 -5.07 -10.58
CA SER A 107 -15.65 -6.33 -10.74
C SER A 107 -17.14 -6.05 -10.91
N PRO A 108 -17.71 -6.42 -12.07
CA PRO A 108 -19.10 -6.09 -12.43
C PRO A 108 -20.08 -6.19 -11.27
N ASP A 109 -20.17 -7.37 -10.66
CA ASP A 109 -21.05 -7.58 -9.52
C ASP A 109 -20.27 -8.02 -8.30
N GLY A 110 -18.95 -7.87 -8.37
CA GLY A 110 -18.10 -8.34 -7.31
C GLY A 110 -17.43 -7.19 -6.58
N GLY A 111 -17.72 -5.98 -6.99
CA GLY A 111 -17.15 -4.82 -6.34
C GLY A 111 -15.92 -4.30 -7.05
N SER A 112 -14.79 -4.47 -6.42
CA SER A 112 -13.55 -3.90 -6.89
C SER A 112 -12.45 -4.94 -6.94
N ILE A 113 -11.40 -4.63 -7.69
CA ILE A 113 -10.26 -5.52 -7.83
C ILE A 113 -8.98 -4.69 -7.78
N LEU A 114 -8.36 -4.65 -6.62
CA LEU A 114 -7.14 -3.88 -6.44
C LEU A 114 -5.93 -4.74 -6.79
N LYS A 115 -5.53 -4.70 -8.06
CA LYS A 115 -4.37 -5.47 -8.49
C LYS A 115 -3.08 -4.81 -8.04
N SER A 116 -2.58 -5.24 -6.90
CA SER A 116 -1.36 -4.69 -6.34
C SER A 116 -0.16 -5.41 -6.94
N THR A 117 0.45 -4.78 -7.93
CA THR A 117 1.61 -5.32 -8.61
C THR A 117 2.88 -4.74 -8.01
N SER A 118 3.63 -5.57 -7.32
CA SER A 118 4.83 -5.10 -6.66
C SER A 118 6.09 -5.68 -7.30
N LYS A 119 7.07 -4.82 -7.49
CA LYS A 119 8.34 -5.22 -8.06
C LYS A 119 9.47 -4.93 -7.08
N TYR A 120 10.03 -5.99 -6.50
CA TYR A 120 11.10 -5.86 -5.53
C TYR A 120 12.43 -5.71 -6.23
N HIS A 121 12.92 -4.48 -6.31
CA HIS A 121 14.15 -4.18 -7.00
C HIS A 121 15.33 -4.26 -6.05
N THR A 122 16.35 -5.02 -6.44
CA THR A 122 17.56 -5.14 -5.66
C THR A 122 18.67 -4.33 -6.31
N LYS A 123 19.55 -3.76 -5.51
CA LYS A 123 20.65 -2.98 -6.07
C LYS A 123 21.83 -3.91 -6.34
N GLY A 124 21.64 -4.78 -7.32
CA GLY A 124 22.64 -5.79 -7.63
C GLY A 124 22.28 -7.12 -7.01
N ASP A 125 23.23 -7.74 -6.32
CA ASP A 125 22.98 -9.01 -5.67
C ASP A 125 22.45 -8.80 -4.26
N HIS A 126 22.51 -7.55 -3.80
CA HIS A 126 21.97 -7.21 -2.49
C HIS A 126 20.45 -7.20 -2.55
N GLU A 127 19.85 -8.29 -2.12
CA GLU A 127 18.40 -8.42 -2.16
C GLU A 127 17.76 -7.76 -0.95
N ILE A 128 16.44 -7.76 -0.94
CA ILE A 128 15.70 -6.95 0.00
C ILE A 128 15.47 -7.69 1.32
N LYS A 129 16.12 -8.83 1.44
CA LYS A 129 16.02 -9.69 2.63
C LYS A 129 14.61 -10.27 2.73
N GLU A 130 14.53 -11.59 2.93
CA GLU A 130 13.25 -12.28 3.01
C GLU A 130 12.38 -11.68 4.11
N ASP A 131 13.02 -11.02 5.05
CA ASP A 131 12.33 -10.40 6.18
C ASP A 131 11.41 -9.29 5.69
N GLN A 132 11.95 -8.43 4.84
CA GLN A 132 11.24 -7.25 4.38
C GLN A 132 10.25 -7.61 3.27
N ILE A 133 10.66 -8.54 2.42
CA ILE A 133 9.76 -9.09 1.41
C ILE A 133 8.51 -9.69 2.04
N LYS A 134 8.71 -10.59 3.01
CA LYS A 134 7.60 -11.25 3.69
C LYS A 134 6.75 -10.24 4.47
N ALA A 135 7.40 -9.36 5.22
CA ALA A 135 6.68 -8.32 5.96
C ALA A 135 5.96 -7.39 5.01
N GLY A 136 6.48 -7.25 3.82
CA GLY A 136 5.87 -6.39 2.84
C GLY A 136 4.52 -6.91 2.41
N LYS A 137 4.42 -8.21 2.25
CA LYS A 137 3.17 -8.85 1.87
C LYS A 137 2.29 -9.13 3.07
N GLU A 138 2.91 -9.53 4.18
CA GLU A 138 2.16 -9.89 5.37
C GLU A 138 1.60 -8.64 6.04
N GLU A 139 2.39 -7.57 6.08
CA GLU A 139 1.91 -6.30 6.59
C GLU A 139 0.89 -5.70 5.62
N ALA A 140 1.12 -5.88 4.32
CA ALA A 140 0.15 -5.46 3.32
C ALA A 140 -1.18 -6.20 3.51
N SER A 141 -1.09 -7.47 3.92
CA SER A 141 -2.27 -8.26 4.20
C SER A 141 -3.10 -7.62 5.30
N GLY A 142 -2.43 -7.15 6.35
CA GLY A 142 -3.09 -6.40 7.39
C GLY A 142 -3.77 -5.16 6.85
N ILE A 143 -3.13 -4.50 5.90
CA ILE A 143 -3.75 -3.37 5.23
C ILE A 143 -5.03 -3.79 4.54
N PHE A 144 -4.91 -4.61 3.51
CA PHE A 144 -6.06 -5.00 2.71
C PHE A 144 -7.16 -5.59 3.57
N LYS A 145 -6.85 -6.67 4.27
CA LYS A 145 -7.85 -7.42 5.01
C LYS A 145 -8.50 -6.57 6.10
N ALA A 146 -7.77 -5.62 6.66
CA ALA A 146 -8.30 -4.84 7.78
C ALA A 146 -9.03 -3.59 7.31
N VAL A 147 -8.51 -2.91 6.30
CA VAL A 147 -9.19 -1.74 5.77
C VAL A 147 -10.41 -2.19 4.99
N GLU A 148 -10.24 -3.22 4.16
CA GLU A 148 -11.35 -3.76 3.38
C GLU A 148 -12.52 -4.10 4.29
N ALA A 149 -12.24 -4.73 5.42
CA ALA A 149 -13.31 -5.12 6.34
C ALA A 149 -13.93 -3.91 7.02
N TYR A 150 -13.09 -2.94 7.39
CA TYR A 150 -13.60 -1.66 7.90
C TYR A 150 -14.53 -1.02 6.87
N LEU A 151 -14.18 -1.21 5.62
CA LEU A 151 -14.87 -0.59 4.51
C LEU A 151 -16.16 -1.35 4.18
N LEU A 152 -16.07 -2.67 4.24
CA LEU A 152 -17.23 -3.54 4.00
C LEU A 152 -18.37 -3.14 4.90
N ALA A 153 -18.07 -2.94 6.18
CA ALA A 153 -19.12 -2.71 7.15
C ALA A 153 -18.56 -2.52 8.55
N ASN A 154 -18.09 -1.32 8.82
CA ASN A 154 -17.73 -0.92 10.18
C ASN A 154 -18.65 0.18 10.71
N PRO A 155 -18.84 1.31 9.99
CA PRO A 155 -19.77 2.36 10.42
C PRO A 155 -21.21 1.88 10.37
N ALA A 156 -21.47 0.90 9.52
CA ALA A 156 -22.77 0.26 9.46
C ALA A 156 -22.74 -1.06 10.22
N ALA A 157 -21.53 -1.47 10.59
CA ALA A 157 -21.27 -2.72 11.31
C ALA A 157 -21.73 -3.94 10.55
N TYR A 158 -23.02 -4.24 10.58
CA TYR A 158 -23.51 -5.34 9.79
C TYR A 158 -24.87 -5.04 9.19
N HIS A 159 -25.24 -3.77 9.20
CA HIS A 159 -26.51 -3.35 8.62
C HIS A 159 -26.25 -2.46 7.41
N GLY A 1 18.28 -6.94 -10.62
CA GLY A 1 17.02 -7.47 -11.18
C GLY A 1 15.81 -6.87 -10.52
N VAL A 2 14.68 -7.55 -10.63
CA VAL A 2 13.44 -7.07 -10.06
C VAL A 2 12.43 -8.21 -9.90
N PHE A 3 11.94 -8.39 -8.68
CA PHE A 3 10.94 -9.41 -8.41
C PHE A 3 9.56 -8.84 -8.65
N THR A 4 8.71 -9.58 -9.34
CA THR A 4 7.39 -9.09 -9.67
C THR A 4 6.31 -10.05 -9.20
N TYR A 5 5.70 -9.74 -8.07
CA TYR A 5 4.59 -10.52 -7.56
C TYR A 5 3.30 -9.74 -7.78
N GLU A 6 2.20 -10.44 -7.93
CA GLU A 6 0.92 -9.80 -8.22
C GLU A 6 -0.13 -10.22 -7.21
N SER A 7 -0.54 -9.27 -6.39
CA SER A 7 -1.54 -9.54 -5.37
C SER A 7 -2.89 -9.03 -5.84
N GLU A 8 -3.91 -9.87 -5.73
CA GLU A 8 -5.24 -9.52 -6.19
C GLU A 8 -6.19 -9.37 -5.01
N THR A 9 -6.58 -8.13 -4.73
CA THR A 9 -7.56 -7.86 -3.69
C THR A 9 -8.94 -7.67 -4.31
N THR A 10 -9.73 -8.72 -4.29
CA THR A 10 -11.09 -8.65 -4.78
C THR A 10 -11.99 -8.19 -3.65
N THR A 11 -12.28 -6.91 -3.66
CA THR A 11 -13.01 -6.28 -2.58
C THR A 11 -14.50 -6.27 -2.89
N VAL A 12 -15.30 -6.75 -1.95
CA VAL A 12 -16.74 -6.85 -2.16
C VAL A 12 -17.40 -5.48 -2.22
N ILE A 13 -16.70 -4.45 -1.77
CA ILE A 13 -17.23 -3.11 -1.77
C ILE A 13 -16.96 -2.42 -3.10
N THR A 14 -17.64 -1.31 -3.33
CA THR A 14 -17.51 -0.58 -4.58
C THR A 14 -16.11 0.01 -4.75
N PRO A 15 -15.66 0.12 -6.01
CA PRO A 15 -14.34 0.70 -6.34
C PRO A 15 -14.12 2.07 -5.70
N ALA A 16 -15.20 2.81 -5.47
CA ALA A 16 -15.11 4.13 -4.83
C ALA A 16 -14.53 4.01 -3.43
N ARG A 17 -14.96 2.98 -2.71
CA ARG A 17 -14.49 2.75 -1.36
C ARG A 17 -12.97 2.61 -1.36
N LEU A 18 -12.46 2.11 -2.48
CA LEU A 18 -11.05 1.88 -2.64
C LEU A 18 -10.33 3.12 -3.15
N PHE A 19 -10.76 3.60 -4.31
CA PHE A 19 -10.08 4.71 -4.96
C PHE A 19 -10.06 5.96 -4.10
N LYS A 20 -11.05 6.11 -3.24
CA LYS A 20 -11.10 7.25 -2.34
C LYS A 20 -10.46 6.91 -0.99
N ALA A 21 -11.05 5.97 -0.27
CA ALA A 21 -10.62 5.67 1.09
C ALA A 21 -9.31 4.89 1.10
N PHE A 22 -9.29 3.73 0.45
CA PHE A 22 -8.09 2.89 0.37
C PHE A 22 -6.91 3.70 -0.20
N VAL A 23 -7.18 4.46 -1.25
CA VAL A 23 -6.15 5.18 -1.99
C VAL A 23 -5.78 6.51 -1.34
N LEU A 24 -6.72 7.43 -1.27
CA LEU A 24 -6.41 8.81 -0.90
C LEU A 24 -6.54 9.04 0.61
N ASP A 25 -7.40 8.28 1.26
CA ASP A 25 -7.62 8.43 2.70
C ASP A 25 -6.82 7.37 3.45
N ALA A 26 -5.78 6.86 2.79
CA ALA A 26 -4.96 5.79 3.33
C ALA A 26 -4.31 6.18 4.66
N ASP A 27 -4.00 7.46 4.81
CA ASP A 27 -3.33 7.95 6.01
C ASP A 27 -4.29 7.97 7.19
N ASN A 28 -5.57 7.89 6.90
CA ASN A 28 -6.60 7.85 7.92
C ASN A 28 -6.94 6.42 8.28
N LEU A 29 -6.87 5.55 7.29
CA LEU A 29 -7.24 4.16 7.46
C LEU A 29 -6.12 3.34 8.08
N ILE A 30 -5.07 3.08 7.30
CA ILE A 30 -4.00 2.13 7.68
C ILE A 30 -3.47 2.38 9.10
N PRO A 31 -3.01 3.60 9.44
CA PRO A 31 -2.50 3.89 10.80
C PRO A 31 -3.46 3.48 11.92
N LYS A 32 -4.76 3.50 11.63
CA LYS A 32 -5.77 3.23 12.63
C LYS A 32 -6.33 1.82 12.51
N VAL A 33 -6.76 1.44 11.32
CA VAL A 33 -7.40 0.15 11.11
C VAL A 33 -6.39 -0.93 10.75
N ALA A 34 -5.20 -0.52 10.28
CA ALA A 34 -4.17 -1.48 9.90
C ALA A 34 -2.86 -1.26 10.70
N PRO A 35 -2.93 -1.31 12.06
CA PRO A 35 -1.78 -0.97 12.91
C PRO A 35 -0.67 -2.00 12.86
N GLN A 36 -1.02 -3.23 12.46
CA GLN A 36 -0.04 -4.29 12.35
C GLN A 36 0.84 -4.08 11.13
N ALA A 37 0.34 -3.26 10.21
CA ALA A 37 1.09 -2.94 9.01
C ALA A 37 1.86 -1.65 9.21
N ILE A 38 1.12 -0.56 9.31
CA ILE A 38 1.72 0.75 9.44
C ILE A 38 0.98 1.55 10.50
N LYS A 39 1.64 1.82 11.61
CA LYS A 39 1.00 2.50 12.73
C LYS A 39 0.84 3.98 12.43
N SER A 40 1.69 4.51 11.56
CA SER A 40 1.59 5.90 11.14
C SER A 40 1.98 6.07 9.69
N SER A 41 1.03 6.55 8.89
CA SER A 41 1.26 6.81 7.49
C SER A 41 1.08 8.30 7.22
N GLU A 42 2.03 9.08 7.72
CA GLU A 42 1.91 10.53 7.71
C GLU A 42 2.24 11.11 6.34
N ILE A 43 1.21 11.40 5.56
CA ILE A 43 1.39 12.02 4.26
C ILE A 43 1.92 13.43 4.43
N ILE A 44 3.07 13.68 3.84
CA ILE A 44 3.81 14.92 4.02
C ILE A 44 3.21 16.05 3.19
N GLU A 45 3.11 15.83 1.88
CA GLU A 45 2.62 16.85 0.98
C GLU A 45 2.27 16.22 -0.36
N GLY A 46 1.52 16.97 -1.18
CA GLY A 46 1.16 16.50 -2.50
C GLY A 46 -0.33 16.40 -2.69
N SER A 47 -1.06 16.33 -1.57
CA SER A 47 -2.53 16.28 -1.58
C SER A 47 -3.05 15.01 -2.24
N GLY A 48 -2.19 13.99 -2.32
CA GLY A 48 -2.59 12.72 -2.87
C GLY A 48 -2.47 12.66 -4.38
N GLY A 49 -1.31 13.03 -4.89
CA GLY A 49 -1.07 13.01 -6.32
C GLY A 49 0.33 12.54 -6.66
N PRO A 50 0.76 12.71 -7.91
CA PRO A 50 2.09 12.27 -8.37
C PRO A 50 3.21 13.01 -7.64
N GLY A 51 3.93 12.29 -6.79
CA GLY A 51 5.02 12.89 -6.05
C GLY A 51 4.73 13.02 -4.57
N THR A 52 3.49 12.72 -4.19
CA THR A 52 3.07 12.81 -2.80
C THR A 52 3.83 11.82 -1.92
N ILE A 53 4.67 12.36 -1.03
CA ILE A 53 5.47 11.54 -0.14
C ILE A 53 4.71 11.22 1.15
N LYS A 54 4.93 10.02 1.66
CA LYS A 54 4.23 9.55 2.84
C LYS A 54 5.21 8.95 3.84
N LYS A 55 5.15 9.40 5.08
CA LYS A 55 5.99 8.83 6.14
C LYS A 55 5.35 7.55 6.67
N ILE A 56 5.94 6.40 6.37
CA ILE A 56 5.40 5.14 6.83
C ILE A 56 6.23 4.58 7.97
N THR A 57 5.60 4.46 9.12
CA THR A 57 6.21 3.83 10.27
C THR A 57 5.49 2.52 10.58
N PHE A 58 6.19 1.42 10.41
CA PHE A 58 5.60 0.09 10.52
C PHE A 58 5.10 -0.21 11.93
N GLY A 59 3.98 -0.91 12.01
CA GLY A 59 3.46 -1.34 13.28
C GLY A 59 4.14 -2.60 13.76
N GLU A 60 5.44 -2.49 13.98
CA GLU A 60 6.26 -3.63 14.33
C GLU A 60 7.15 -3.26 15.50
N GLY A 61 7.20 -4.12 16.51
CA GLY A 61 8.06 -3.90 17.66
C GLY A 61 7.81 -2.56 18.32
N SER A 62 8.65 -1.59 18.02
CA SER A 62 8.52 -0.27 18.59
C SER A 62 8.76 0.82 17.55
N GLN A 63 8.43 0.51 16.31
CA GLN A 63 8.51 1.48 15.21
C GLN A 63 9.95 1.89 14.95
N PHE A 64 10.85 0.92 15.07
CA PHE A 64 12.27 1.18 14.87
C PHE A 64 12.58 1.38 13.39
N ASN A 65 11.89 0.63 12.53
CA ASN A 65 12.11 0.75 11.10
C ASN A 65 10.96 1.50 10.46
N TYR A 66 11.28 2.29 9.44
CA TYR A 66 10.32 3.15 8.79
C TYR A 66 10.87 3.62 7.45
N VAL A 67 10.00 4.07 6.56
CA VAL A 67 10.45 4.49 5.24
C VAL A 67 9.39 5.33 4.55
N LYS A 68 9.83 6.44 3.97
CA LYS A 68 8.96 7.28 3.18
C LYS A 68 8.54 6.55 1.92
N HIS A 69 7.25 6.30 1.82
CA HIS A 69 6.65 5.82 0.60
C HIS A 69 6.23 7.03 -0.21
N ARG A 70 5.67 6.82 -1.38
CA ARG A 70 5.30 7.93 -2.24
C ARG A 70 4.28 7.48 -3.26
N ILE A 71 3.41 8.39 -3.65
CA ILE A 71 2.53 8.17 -4.77
C ILE A 71 3.32 8.34 -6.04
N ASP A 72 3.96 7.26 -6.47
CA ASP A 72 4.87 7.31 -7.60
C ASP A 72 4.12 7.55 -8.90
N GLU A 73 2.96 6.93 -9.00
CA GLU A 73 2.13 7.06 -10.18
C GLU A 73 0.66 6.85 -9.81
N ILE A 74 -0.15 7.87 -10.04
CA ILE A 74 -1.57 7.76 -9.79
C ILE A 74 -2.35 8.10 -11.05
N ASP A 75 -3.15 7.18 -11.51
CA ASP A 75 -3.93 7.39 -12.72
C ASP A 75 -5.40 7.58 -12.35
N ASN A 76 -5.90 8.79 -12.56
CA ASN A 76 -7.28 9.10 -12.22
C ASN A 76 -8.26 8.49 -13.24
N ALA A 77 -7.79 8.33 -14.47
CA ALA A 77 -8.64 7.85 -15.56
C ALA A 77 -8.82 6.34 -15.50
N ASN A 78 -7.72 5.62 -15.35
CA ASN A 78 -7.77 4.16 -15.30
C ASN A 78 -7.81 3.66 -13.87
N PHE A 79 -7.74 4.63 -12.95
CA PHE A 79 -7.81 4.39 -11.51
C PHE A 79 -6.65 3.51 -11.05
N THR A 80 -5.46 4.09 -11.05
CA THR A 80 -4.26 3.34 -10.66
C THR A 80 -3.56 4.03 -9.49
N TYR A 81 -3.12 3.23 -8.53
CA TYR A 81 -2.45 3.73 -7.33
C TYR A 81 -1.11 3.02 -7.14
N ALA A 82 -0.04 3.69 -7.53
CA ALA A 82 1.30 3.10 -7.40
C ALA A 82 2.03 3.67 -6.19
N CYS A 83 2.40 2.78 -5.28
CA CYS A 83 3.13 3.15 -4.08
C CYS A 83 4.56 2.65 -4.18
N THR A 84 5.49 3.40 -3.59
CA THR A 84 6.91 3.15 -3.78
C THR A 84 7.70 3.50 -2.51
N LEU A 85 8.86 2.88 -2.33
CA LEU A 85 9.79 3.32 -1.29
C LEU A 85 10.70 4.39 -1.86
N ILE A 86 10.95 5.46 -1.11
CA ILE A 86 11.83 6.50 -1.61
C ILE A 86 12.92 6.88 -0.60
N GLU A 87 12.57 7.11 0.67
CA GLU A 87 13.58 7.56 1.64
C GLU A 87 13.34 6.99 3.04
N GLY A 88 14.20 6.10 3.50
CA GLY A 88 14.12 5.64 4.86
C GLY A 88 14.92 4.38 5.14
N ASP A 89 14.82 3.89 6.37
CA ASP A 89 15.54 2.69 6.76
C ASP A 89 14.57 1.53 6.98
N ALA A 90 14.29 0.84 5.90
CA ALA A 90 13.48 -0.37 5.94
C ALA A 90 14.04 -1.37 4.94
N ILE A 91 13.88 -1.06 3.66
CA ILE A 91 14.42 -1.88 2.58
C ILE A 91 15.95 -1.92 2.63
N SER A 92 16.51 -0.98 3.40
CA SER A 92 17.96 -0.86 3.60
C SER A 92 18.64 -0.26 2.37
N GLU A 93 19.68 0.53 2.62
CA GLU A 93 20.36 1.28 1.57
C GLU A 93 21.16 0.36 0.63
N THR A 94 21.26 -0.91 0.99
CA THR A 94 21.92 -1.89 0.14
C THR A 94 21.02 -2.28 -1.03
N LEU A 95 19.72 -2.07 -0.83
CA LEU A 95 18.73 -2.36 -1.85
C LEU A 95 18.15 -1.04 -2.38
N GLU A 96 17.19 -1.12 -3.28
CA GLU A 96 16.67 0.10 -3.88
C GLU A 96 15.31 0.45 -3.31
N LYS A 97 14.28 -0.26 -3.76
CA LYS A 97 12.93 0.03 -3.33
C LYS A 97 11.97 -1.09 -3.75
N ILE A 98 10.91 -1.26 -2.98
CA ILE A 98 9.84 -2.17 -3.35
C ILE A 98 8.61 -1.34 -3.68
N ALA A 99 7.83 -1.79 -4.65
CA ALA A 99 6.71 -1.02 -5.15
C ALA A 99 5.42 -1.80 -5.12
N TYR A 100 4.31 -1.09 -5.10
CA TYR A 100 2.99 -1.70 -5.17
C TYR A 100 2.15 -0.91 -6.17
N GLU A 101 1.86 -1.49 -7.32
CA GLU A 101 1.06 -0.80 -8.31
C GLU A 101 -0.33 -1.37 -8.31
N ILE A 102 -1.23 -0.70 -7.62
CA ILE A 102 -2.57 -1.21 -7.41
C ILE A 102 -3.54 -0.53 -8.35
N LYS A 103 -4.05 -1.27 -9.32
CA LYS A 103 -5.03 -0.72 -10.26
C LYS A 103 -6.44 -1.10 -9.84
N LEU A 104 -7.36 -0.18 -10.07
CA LEU A 104 -8.76 -0.39 -9.79
C LEU A 104 -9.47 -1.01 -10.97
N VAL A 105 -10.13 -2.13 -10.72
CA VAL A 105 -10.92 -2.83 -11.72
C VAL A 105 -12.29 -3.15 -11.13
N ALA A 106 -13.31 -3.21 -11.98
CA ALA A 106 -14.65 -3.54 -11.53
C ALA A 106 -14.87 -5.05 -11.48
N SER A 107 -15.35 -5.53 -10.35
CA SER A 107 -15.64 -6.94 -10.18
C SER A 107 -17.10 -7.22 -10.53
N PRO A 108 -17.37 -8.33 -11.23
CA PRO A 108 -18.74 -8.74 -11.59
C PRO A 108 -19.59 -9.08 -10.38
N ASP A 109 -18.99 -8.99 -9.20
CA ASP A 109 -19.71 -9.19 -7.93
C ASP A 109 -20.41 -7.90 -7.53
N GLY A 110 -20.11 -6.86 -8.26
CA GLY A 110 -20.53 -5.53 -7.87
C GLY A 110 -19.47 -4.88 -7.03
N GLY A 111 -18.48 -5.69 -6.67
CA GLY A 111 -17.34 -5.20 -5.93
C GLY A 111 -16.26 -4.64 -6.84
N SER A 112 -15.02 -4.83 -6.45
CA SER A 112 -13.89 -4.31 -7.19
C SER A 112 -12.73 -5.31 -7.16
N ILE A 113 -11.68 -5.01 -7.91
CA ILE A 113 -10.54 -5.90 -8.07
C ILE A 113 -9.28 -5.06 -8.11
N LEU A 114 -8.56 -5.03 -7.00
CA LEU A 114 -7.31 -4.30 -6.92
C LEU A 114 -6.17 -5.17 -7.42
N LYS A 115 -5.67 -4.84 -8.59
CA LYS A 115 -4.53 -5.55 -9.14
C LYS A 115 -3.25 -4.91 -8.67
N SER A 116 -2.68 -5.44 -7.60
CA SER A 116 -1.45 -4.92 -7.04
C SER A 116 -0.26 -5.62 -7.67
N THR A 117 0.33 -4.96 -8.67
CA THR A 117 1.51 -5.47 -9.32
C THR A 117 2.74 -4.89 -8.64
N SER A 118 3.38 -5.69 -7.79
CA SER A 118 4.48 -5.20 -6.99
C SER A 118 5.80 -5.32 -7.75
N LYS A 119 6.68 -4.35 -7.54
CA LYS A 119 7.96 -4.32 -8.23
C LYS A 119 9.09 -4.16 -7.23
N TYR A 120 9.74 -5.27 -6.90
CA TYR A 120 10.84 -5.27 -5.94
C TYR A 120 12.16 -5.02 -6.67
N HIS A 121 12.64 -3.79 -6.64
CA HIS A 121 13.85 -3.42 -7.38
C HIS A 121 15.08 -3.52 -6.51
N THR A 122 16.10 -4.19 -7.04
CA THR A 122 17.37 -4.34 -6.34
C THR A 122 18.28 -3.17 -6.66
N LYS A 123 19.24 -2.91 -5.78
CA LYS A 123 20.24 -1.90 -6.03
C LYS A 123 21.49 -2.55 -6.61
N GLY A 124 21.43 -2.89 -7.89
CA GLY A 124 22.53 -3.58 -8.52
C GLY A 124 22.32 -5.08 -8.53
N ASP A 125 23.39 -5.83 -8.30
CA ASP A 125 23.32 -7.29 -8.33
C ASP A 125 22.84 -7.83 -7.00
N HIS A 126 22.81 -6.96 -6.00
CA HIS A 126 22.35 -7.36 -4.66
C HIS A 126 20.86 -7.53 -4.64
N GLU A 127 20.41 -8.76 -4.48
CA GLU A 127 18.99 -9.07 -4.49
C GLU A 127 18.34 -8.73 -3.16
N ILE A 128 17.02 -8.78 -3.16
CA ILE A 128 16.26 -8.51 -1.97
C ILE A 128 15.89 -9.82 -1.30
N LYS A 129 16.38 -10.00 -0.09
CA LYS A 129 16.05 -11.17 0.69
C LYS A 129 14.63 -11.04 1.24
N GLU A 130 14.05 -12.18 1.60
CA GLU A 130 12.61 -12.26 1.90
C GLU A 130 12.21 -11.39 3.08
N ASP A 131 13.19 -10.85 3.79
CA ASP A 131 12.90 -9.95 4.91
C ASP A 131 12.08 -8.77 4.45
N GLN A 132 12.54 -8.14 3.39
CA GLN A 132 11.88 -6.96 2.84
C GLN A 132 10.70 -7.37 1.98
N ILE A 133 10.85 -8.49 1.30
CA ILE A 133 9.79 -9.00 0.44
C ILE A 133 8.55 -9.33 1.25
N LYS A 134 8.76 -9.94 2.42
CA LYS A 134 7.66 -10.26 3.32
C LYS A 134 7.09 -8.99 3.92
N ALA A 135 7.95 -8.04 4.27
CA ALA A 135 7.49 -6.74 4.77
C ALA A 135 6.57 -6.08 3.76
N GLY A 136 6.88 -6.22 2.49
CA GLY A 136 6.04 -5.65 1.46
C GLY A 136 4.69 -6.33 1.38
N LYS A 137 4.72 -7.66 1.36
CA LYS A 137 3.49 -8.44 1.27
C LYS A 137 2.64 -8.27 2.53
N GLU A 138 3.29 -8.29 3.68
CA GLU A 138 2.61 -8.17 4.96
C GLU A 138 2.12 -6.74 5.16
N GLU A 139 2.93 -5.77 4.74
CA GLU A 139 2.52 -4.36 4.79
C GLU A 139 1.22 -4.20 4.02
N ALA A 140 1.26 -4.61 2.76
CA ALA A 140 0.10 -4.54 1.90
C ALA A 140 -1.05 -5.39 2.43
N SER A 141 -0.71 -6.50 3.09
CA SER A 141 -1.71 -7.44 3.59
C SER A 141 -2.55 -6.80 4.69
N GLY A 142 -1.88 -6.19 5.67
CA GLY A 142 -2.59 -5.47 6.72
C GLY A 142 -3.39 -4.34 6.16
N ILE A 143 -2.86 -3.70 5.14
CA ILE A 143 -3.61 -2.67 4.44
C ILE A 143 -4.90 -3.26 3.86
N PHE A 144 -4.75 -4.19 2.90
CA PHE A 144 -5.90 -4.78 2.21
C PHE A 144 -6.94 -5.23 3.20
N LYS A 145 -6.57 -6.22 4.00
CA LYS A 145 -7.52 -6.92 4.85
C LYS A 145 -8.19 -5.96 5.84
N ALA A 146 -7.44 -4.97 6.30
CA ALA A 146 -7.92 -4.11 7.36
C ALA A 146 -8.73 -2.95 6.80
N VAL A 147 -8.27 -2.33 5.73
CA VAL A 147 -9.01 -1.23 5.15
C VAL A 147 -10.22 -1.76 4.40
N GLU A 148 -10.07 -2.90 3.74
CA GLU A 148 -11.18 -3.53 3.04
C GLU A 148 -12.30 -3.86 4.02
N ALA A 149 -11.93 -4.31 5.21
CA ALA A 149 -12.90 -4.69 6.21
C ALA A 149 -13.56 -3.46 6.82
N TYR A 150 -12.78 -2.43 7.08
CA TYR A 150 -13.33 -1.15 7.54
C TYR A 150 -14.26 -0.57 6.47
N LEU A 151 -13.93 -0.87 5.22
CA LEU A 151 -14.68 -0.42 4.05
C LEU A 151 -15.95 -1.24 3.87
N LEU A 152 -15.98 -2.41 4.52
CA LEU A 152 -17.19 -3.24 4.57
C LEU A 152 -18.28 -2.54 5.36
N ALA A 153 -18.04 -1.27 5.66
CA ALA A 153 -19.05 -0.37 6.16
C ALA A 153 -19.25 -0.53 7.64
N ASN A 154 -18.16 -0.31 8.35
CA ASN A 154 -18.13 -0.44 9.80
C ASN A 154 -19.03 0.56 10.54
N PRO A 155 -19.16 1.83 10.06
CA PRO A 155 -20.05 2.82 10.69
C PRO A 155 -21.44 2.27 11.01
N ALA A 156 -21.97 1.42 10.14
CA ALA A 156 -23.28 0.82 10.35
C ALA A 156 -23.18 -0.71 10.41
N ALA A 157 -21.98 -1.21 10.20
CA ALA A 157 -21.72 -2.64 10.09
C ALA A 157 -22.53 -3.25 8.95
N TYR A 158 -22.91 -4.51 9.09
CA TYR A 158 -23.63 -5.18 8.02
C TYR A 158 -25.12 -4.87 8.07
N HIS A 159 -25.48 -3.73 8.64
CA HIS A 159 -26.87 -3.34 8.77
C HIS A 159 -27.24 -2.31 7.71
N GLY A 1 19.45 -7.68 -9.61
CA GLY A 1 18.37 -8.69 -9.52
C GLY A 1 17.00 -8.06 -9.63
N VAL A 2 15.97 -8.84 -9.34
CA VAL A 2 14.59 -8.36 -9.38
C VAL A 2 13.63 -9.46 -8.91
N PHE A 3 12.68 -9.07 -8.10
CA PHE A 3 11.63 -9.98 -7.66
C PHE A 3 10.28 -9.46 -8.13
N THR A 4 9.32 -10.34 -8.30
CA THR A 4 8.00 -9.92 -8.75
C THR A 4 6.92 -10.73 -8.06
N TYR A 5 5.99 -10.03 -7.41
CA TYR A 5 4.87 -10.67 -6.75
C TYR A 5 3.59 -9.93 -7.08
N GLU A 6 2.49 -10.66 -7.18
CA GLU A 6 1.22 -10.07 -7.52
C GLU A 6 0.18 -10.46 -6.49
N SER A 7 -0.59 -9.50 -6.04
CA SER A 7 -1.65 -9.77 -5.10
C SER A 7 -2.98 -9.31 -5.68
N GLU A 8 -3.98 -10.17 -5.56
CA GLU A 8 -5.31 -9.86 -6.04
C GLU A 8 -6.23 -9.57 -4.86
N THR A 9 -6.60 -8.32 -4.70
CA THR A 9 -7.55 -7.95 -3.68
C THR A 9 -8.92 -7.71 -4.31
N THR A 10 -9.75 -8.73 -4.26
CA THR A 10 -11.11 -8.62 -4.75
C THR A 10 -11.99 -8.14 -3.61
N THR A 11 -12.26 -6.85 -3.61
CA THR A 11 -12.90 -6.19 -2.49
C THR A 11 -14.41 -6.14 -2.66
N VAL A 12 -15.13 -6.29 -1.56
CA VAL A 12 -16.58 -6.26 -1.57
C VAL A 12 -17.09 -4.82 -1.67
N ILE A 13 -16.23 -3.87 -1.36
CA ILE A 13 -16.57 -2.46 -1.44
C ILE A 13 -16.35 -1.95 -2.86
N THR A 14 -17.08 -0.89 -3.21
CA THR A 14 -17.07 -0.37 -4.56
C THR A 14 -15.73 0.25 -4.93
N PRO A 15 -15.36 0.26 -6.23
CA PRO A 15 -14.06 0.76 -6.69
C PRO A 15 -13.69 2.12 -6.10
N ALA A 16 -14.69 3.01 -6.01
CA ALA A 16 -14.49 4.34 -5.44
C ALA A 16 -13.90 4.26 -4.04
N ARG A 17 -14.45 3.36 -3.23
CA ARG A 17 -14.05 3.23 -1.84
C ARG A 17 -12.54 3.06 -1.73
N LEU A 18 -12.01 2.22 -2.60
CA LEU A 18 -10.58 1.93 -2.61
C LEU A 18 -9.81 3.12 -3.15
N PHE A 19 -10.27 3.65 -4.26
CA PHE A 19 -9.57 4.72 -4.94
C PHE A 19 -9.48 5.98 -4.06
N LYS A 20 -10.45 6.17 -3.18
CA LYS A 20 -10.42 7.34 -2.31
C LYS A 20 -9.83 7.02 -0.93
N ALA A 21 -10.21 5.89 -0.33
CA ALA A 21 -9.85 5.61 1.06
C ALA A 21 -8.65 4.67 1.18
N PHE A 22 -8.59 3.67 0.31
CA PHE A 22 -7.46 2.74 0.31
C PHE A 22 -6.22 3.47 -0.22
N VAL A 23 -6.44 4.32 -1.21
CA VAL A 23 -5.36 5.08 -1.84
C VAL A 23 -5.00 6.32 -1.02
N LEU A 24 -5.98 7.18 -0.79
CA LEU A 24 -5.73 8.44 -0.10
C LEU A 24 -6.30 8.41 1.31
N ASP A 25 -5.91 9.38 2.12
CA ASP A 25 -6.31 9.43 3.53
C ASP A 25 -5.89 8.15 4.25
N ALA A 26 -4.75 7.63 3.85
CA ALA A 26 -4.22 6.40 4.44
C ALA A 26 -4.03 6.55 5.95
N ASP A 27 -3.68 7.76 6.36
CA ASP A 27 -3.44 8.07 7.77
C ASP A 27 -4.73 7.97 8.58
N ASN A 28 -5.85 8.14 7.89
CA ASN A 28 -7.16 8.09 8.54
C ASN A 28 -7.57 6.66 8.80
N LEU A 29 -7.01 5.75 8.03
CA LEU A 29 -7.39 4.35 8.11
C LEU A 29 -6.29 3.48 8.71
N ILE A 30 -5.25 3.23 7.93
CA ILE A 30 -4.24 2.22 8.25
C ILE A 30 -3.66 2.35 9.68
N PRO A 31 -3.11 3.51 10.09
CA PRO A 31 -2.51 3.66 11.42
C PRO A 31 -3.47 3.28 12.57
N LYS A 32 -4.76 3.32 12.30
CA LYS A 32 -5.76 3.08 13.34
C LYS A 32 -6.47 1.73 13.14
N VAL A 33 -6.91 1.47 11.91
CA VAL A 33 -7.67 0.26 11.63
C VAL A 33 -6.76 -0.87 11.14
N ALA A 34 -5.58 -0.50 10.65
CA ALA A 34 -4.63 -1.50 10.14
C ALA A 34 -3.23 -1.35 10.77
N PRO A 35 -3.12 -1.18 12.11
CA PRO A 35 -1.82 -0.93 12.75
C PRO A 35 -0.95 -2.18 12.79
N GLN A 36 -1.54 -3.31 12.40
CA GLN A 36 -0.80 -4.56 12.28
C GLN A 36 0.08 -4.53 11.04
N ALA A 37 -0.25 -3.63 10.12
CA ALA A 37 0.56 -3.43 8.94
C ALA A 37 1.45 -2.22 9.14
N ILE A 38 0.82 -1.08 9.33
CA ILE A 38 1.53 0.18 9.45
C ILE A 38 0.97 0.97 10.62
N LYS A 39 1.84 1.34 11.55
CA LYS A 39 1.42 2.05 12.74
C LYS A 39 1.27 3.54 12.45
N SER A 40 2.06 4.04 11.50
CA SER A 40 2.02 5.45 11.15
C SER A 40 2.12 5.64 9.64
N SER A 41 1.15 6.33 9.08
CA SER A 41 1.14 6.65 7.65
C SER A 41 1.17 8.16 7.46
N GLU A 42 2.30 8.76 7.80
CA GLU A 42 2.41 10.22 7.85
C GLU A 42 2.64 10.82 6.48
N ILE A 43 1.59 11.43 5.93
CA ILE A 43 1.70 12.14 4.67
C ILE A 43 2.56 13.38 4.85
N ILE A 44 3.68 13.40 4.13
CA ILE A 44 4.66 14.47 4.23
C ILE A 44 4.26 15.68 3.39
N GLU A 45 3.82 15.42 2.16
CA GLU A 45 3.41 16.48 1.26
C GLU A 45 2.50 15.92 0.18
N GLY A 46 1.61 16.75 -0.33
CA GLY A 46 0.70 16.32 -1.37
C GLY A 46 -0.71 16.14 -0.85
N SER A 47 -1.68 16.63 -1.60
CA SER A 47 -3.07 16.52 -1.21
C SER A 47 -3.61 15.13 -1.56
N GLY A 48 -2.93 14.46 -2.48
CA GLY A 48 -3.34 13.13 -2.87
C GLY A 48 -3.18 12.91 -4.35
N GLY A 49 -1.94 12.91 -4.82
CA GLY A 49 -1.67 12.71 -6.22
C GLY A 49 -0.25 12.27 -6.46
N PRO A 50 0.23 12.29 -7.72
CA PRO A 50 1.59 11.88 -8.06
C PRO A 50 2.62 12.81 -7.43
N GLY A 51 3.24 12.35 -6.36
CA GLY A 51 4.20 13.17 -5.64
C GLY A 51 3.85 13.32 -4.18
N THR A 52 2.74 12.74 -3.77
CA THR A 52 2.33 12.74 -2.38
C THR A 52 3.15 11.73 -1.58
N ILE A 53 4.00 12.24 -0.69
CA ILE A 53 4.88 11.39 0.10
C ILE A 53 4.18 10.94 1.38
N LYS A 54 4.45 9.71 1.81
CA LYS A 54 3.88 9.20 3.05
C LYS A 54 4.90 8.35 3.79
N LYS A 55 5.27 8.77 4.99
CA LYS A 55 6.26 8.06 5.77
C LYS A 55 5.59 6.88 6.47
N ILE A 56 6.07 5.69 6.14
CA ILE A 56 5.42 4.47 6.59
C ILE A 56 6.24 3.76 7.65
N THR A 57 5.74 3.79 8.88
CA THR A 57 6.37 3.09 9.98
C THR A 57 5.57 1.83 10.31
N PHE A 58 6.20 0.67 10.09
CA PHE A 58 5.53 -0.61 10.31
C PHE A 58 5.40 -0.88 11.79
N GLY A 59 4.32 -1.57 12.18
CA GLY A 59 4.07 -1.78 13.59
C GLY A 59 3.63 -3.19 13.90
N GLU A 60 4.46 -4.16 13.57
CA GLU A 60 4.18 -5.55 13.89
C GLU A 60 4.84 -5.92 15.21
N GLY A 61 6.16 -6.06 15.17
CA GLY A 61 6.91 -6.40 16.36
C GLY A 61 7.86 -5.29 16.77
N SER A 62 8.14 -4.38 15.85
CA SER A 62 9.03 -3.27 16.11
C SER A 62 8.82 -2.16 15.10
N GLN A 63 8.95 -0.92 15.56
CA GLN A 63 8.82 0.24 14.68
C GLN A 63 10.19 0.80 14.31
N PHE A 64 11.21 -0.05 14.39
CA PHE A 64 12.56 0.37 14.06
C PHE A 64 12.73 0.48 12.54
N ASN A 65 12.17 -0.47 11.81
CA ASN A 65 12.26 -0.47 10.36
C ASN A 65 11.09 0.32 9.78
N TYR A 66 11.40 1.41 9.10
CA TYR A 66 10.38 2.24 8.49
C TYR A 66 10.90 2.90 7.23
N VAL A 67 10.04 3.01 6.22
CA VAL A 67 10.46 3.56 4.95
C VAL A 67 9.36 4.44 4.35
N LYS A 68 9.76 5.58 3.81
CA LYS A 68 8.83 6.51 3.22
C LYS A 68 8.38 6.02 1.86
N HIS A 69 7.07 5.83 1.75
CA HIS A 69 6.41 5.48 0.51
C HIS A 69 5.89 6.76 -0.11
N ARG A 70 5.18 6.65 -1.21
CA ARG A 70 4.61 7.81 -1.88
C ARG A 70 3.68 7.38 -2.98
N ILE A 71 2.77 8.26 -3.35
CA ILE A 71 1.93 8.06 -4.50
C ILE A 71 2.75 8.37 -5.74
N ASP A 72 3.40 7.35 -6.28
CA ASP A 72 4.31 7.53 -7.41
C ASP A 72 3.55 7.99 -8.63
N GLU A 73 2.49 7.27 -8.93
CA GLU A 73 1.60 7.64 -10.03
C GLU A 73 0.19 7.17 -9.70
N ILE A 74 -0.80 7.98 -10.06
CA ILE A 74 -2.18 7.62 -9.83
C ILE A 74 -3.01 7.96 -11.06
N ASP A 75 -3.77 7.00 -11.55
CA ASP A 75 -4.64 7.22 -12.69
C ASP A 75 -6.08 7.31 -12.22
N ASN A 76 -6.69 8.46 -12.43
CA ASN A 76 -8.04 8.71 -11.92
C ASN A 76 -9.11 8.28 -12.92
N ALA A 77 -8.69 7.83 -14.09
CA ALA A 77 -9.63 7.40 -15.12
C ALA A 77 -9.67 5.88 -15.18
N ASN A 78 -8.51 5.27 -15.28
CA ASN A 78 -8.40 3.83 -15.39
C ASN A 78 -8.26 3.19 -14.01
N PHE A 79 -8.12 4.05 -13.00
CA PHE A 79 -7.98 3.64 -11.61
C PHE A 79 -6.70 2.83 -11.41
N THR A 80 -5.57 3.51 -11.48
CA THR A 80 -4.28 2.86 -11.28
C THR A 80 -3.53 3.53 -10.14
N TYR A 81 -3.13 2.73 -9.16
CA TYR A 81 -2.45 3.24 -7.98
C TYR A 81 -1.05 2.66 -7.88
N ALA A 82 -0.05 3.55 -7.92
CA ALA A 82 1.34 3.13 -7.82
C ALA A 82 1.99 3.66 -6.53
N CYS A 83 2.52 2.74 -5.75
CA CYS A 83 3.20 3.08 -4.51
C CYS A 83 4.63 2.54 -4.56
N THR A 84 5.55 3.21 -3.86
CA THR A 84 6.96 2.88 -3.97
C THR A 84 7.71 3.20 -2.68
N LEU A 85 8.83 2.52 -2.44
CA LEU A 85 9.72 2.87 -1.35
C LEU A 85 10.69 3.94 -1.84
N ILE A 86 10.42 5.20 -1.52
CA ILE A 86 11.21 6.28 -2.08
C ILE A 86 12.46 6.57 -1.24
N GLU A 87 12.37 6.42 0.08
CA GLU A 87 13.51 6.67 0.96
C GLU A 87 13.17 6.31 2.40
N GLY A 88 14.07 5.62 3.09
CA GLY A 88 13.84 5.34 4.49
C GLY A 88 14.76 4.29 5.06
N ASP A 89 14.70 4.10 6.38
CA ASP A 89 15.58 3.16 7.06
C ASP A 89 15.01 1.75 6.96
N ALA A 90 15.22 1.17 5.79
CA ALA A 90 14.77 -0.19 5.48
C ALA A 90 15.44 -0.65 4.20
N ILE A 91 15.37 0.19 3.19
CA ILE A 91 16.09 -0.02 1.94
C ILE A 91 17.54 0.44 2.13
N SER A 92 17.69 1.54 2.86
CA SER A 92 18.99 2.03 3.29
C SER A 92 19.86 2.48 2.11
N GLU A 93 20.75 1.61 1.65
CA GLU A 93 21.72 1.96 0.62
C GLU A 93 22.01 0.77 -0.29
N THR A 94 22.11 -0.41 0.31
CA THR A 94 22.44 -1.62 -0.43
C THR A 94 21.22 -2.23 -1.11
N LEU A 95 20.10 -1.51 -1.08
CA LEU A 95 18.89 -1.91 -1.76
C LEU A 95 18.42 -0.76 -2.64
N GLU A 96 17.41 -0.98 -3.46
CA GLU A 96 16.94 0.04 -4.38
C GLU A 96 15.55 0.54 -3.97
N LYS A 97 14.51 -0.23 -4.33
CA LYS A 97 13.14 0.11 -3.96
C LYS A 97 12.17 -0.91 -4.55
N ILE A 98 11.04 -1.10 -3.90
CA ILE A 98 10.05 -2.02 -4.41
C ILE A 98 8.77 -1.25 -4.75
N ALA A 99 8.13 -1.66 -5.82
CA ALA A 99 6.96 -0.95 -6.34
C ALA A 99 5.69 -1.73 -6.12
N TYR A 100 4.61 -1.01 -5.90
CA TYR A 100 3.28 -1.61 -5.84
C TYR A 100 2.43 -0.95 -6.91
N GLU A 101 1.98 -1.72 -7.90
CA GLU A 101 1.22 -1.16 -8.99
C GLU A 101 -0.14 -1.81 -9.05
N ILE A 102 -1.12 -1.13 -8.51
CA ILE A 102 -2.45 -1.67 -8.37
C ILE A 102 -3.36 -1.14 -9.47
N LYS A 103 -3.81 -2.03 -10.34
CA LYS A 103 -4.78 -1.67 -11.36
C LYS A 103 -6.17 -2.08 -10.91
N LEU A 104 -7.07 -1.13 -10.85
CA LEU A 104 -8.42 -1.39 -10.41
C LEU A 104 -9.33 -1.79 -11.56
N VAL A 105 -9.96 -2.94 -11.40
CA VAL A 105 -10.96 -3.43 -12.32
C VAL A 105 -12.25 -3.66 -11.54
N ALA A 106 -13.40 -3.50 -12.17
CA ALA A 106 -14.66 -3.71 -11.48
C ALA A 106 -15.10 -5.17 -11.61
N SER A 107 -15.32 -5.82 -10.49
CA SER A 107 -15.74 -7.20 -10.48
C SER A 107 -17.26 -7.31 -10.60
N PRO A 108 -17.75 -8.45 -11.13
CA PRO A 108 -19.19 -8.71 -11.28
C PRO A 108 -19.88 -8.90 -9.93
N ASP A 109 -19.09 -8.77 -8.87
CA ASP A 109 -19.60 -8.82 -7.50
C ASP A 109 -20.14 -7.47 -7.09
N GLY A 110 -19.90 -6.50 -7.95
CA GLY A 110 -20.23 -5.13 -7.63
C GLY A 110 -19.16 -4.51 -6.79
N GLY A 111 -18.19 -5.33 -6.44
CA GLY A 111 -17.04 -4.85 -5.68
C GLY A 111 -15.94 -4.34 -6.59
N SER A 112 -14.71 -4.72 -6.28
CA SER A 112 -13.56 -4.26 -7.04
C SER A 112 -12.52 -5.35 -7.20
N ILE A 113 -11.49 -5.03 -7.97
CA ILE A 113 -10.37 -5.93 -8.25
C ILE A 113 -9.08 -5.14 -8.22
N LEU A 114 -8.34 -5.23 -7.14
CA LEU A 114 -7.08 -4.53 -7.02
C LEU A 114 -5.93 -5.42 -7.50
N LYS A 115 -5.62 -5.33 -8.78
CA LYS A 115 -4.51 -6.09 -9.35
C LYS A 115 -3.18 -5.45 -8.94
N SER A 116 -2.66 -5.90 -7.81
CA SER A 116 -1.42 -5.34 -7.28
C SER A 116 -0.22 -6.08 -7.83
N THR A 117 0.40 -5.50 -8.85
CA THR A 117 1.60 -6.08 -9.43
C THR A 117 2.84 -5.38 -8.89
N SER A 118 3.54 -6.03 -7.99
CA SER A 118 4.71 -5.43 -7.36
C SER A 118 5.98 -5.80 -8.10
N LYS A 119 6.88 -4.84 -8.21
CA LYS A 119 8.16 -5.05 -8.86
C LYS A 119 9.28 -4.64 -7.90
N TYR A 120 10.09 -5.60 -7.51
CA TYR A 120 11.11 -5.37 -6.50
C TYR A 120 12.46 -5.09 -7.15
N HIS A 121 12.88 -3.84 -7.09
CA HIS A 121 14.12 -3.41 -7.72
C HIS A 121 15.28 -3.50 -6.74
N THR A 122 16.41 -4.02 -7.18
CA THR A 122 17.56 -4.23 -6.33
C THR A 122 18.64 -3.21 -6.65
N LYS A 123 19.65 -3.11 -5.79
CA LYS A 123 20.72 -2.16 -5.99
C LYS A 123 21.87 -2.85 -6.74
N GLY A 124 21.65 -3.09 -8.03
CA GLY A 124 22.64 -3.78 -8.84
C GLY A 124 22.64 -5.27 -8.57
N ASP A 125 23.71 -5.74 -7.93
CA ASP A 125 23.83 -7.14 -7.57
C ASP A 125 23.40 -7.38 -6.13
N HIS A 126 22.98 -6.31 -5.46
CA HIS A 126 22.51 -6.40 -4.09
C HIS A 126 20.99 -6.45 -4.06
N GLU A 127 20.44 -7.59 -3.64
CA GLU A 127 19.00 -7.84 -3.72
C GLU A 127 18.22 -7.20 -2.59
N ILE A 128 16.91 -7.32 -2.68
CA ILE A 128 16.02 -6.90 -1.63
C ILE A 128 15.91 -7.98 -0.58
N LYS A 129 16.37 -7.67 0.63
CA LYS A 129 16.36 -8.62 1.73
C LYS A 129 14.94 -9.09 2.01
N GLU A 130 14.78 -10.38 2.25
CA GLU A 130 13.46 -11.00 2.41
C GLU A 130 12.50 -10.17 3.26
N ASP A 131 12.99 -9.70 4.40
CA ASP A 131 12.20 -8.91 5.35
C ASP A 131 11.48 -7.74 4.66
N GLN A 132 12.16 -7.11 3.70
CA GLN A 132 11.59 -5.97 2.99
C GLN A 132 10.49 -6.43 2.05
N ILE A 133 10.73 -7.53 1.36
CA ILE A 133 9.72 -8.13 0.49
C ILE A 133 8.50 -8.54 1.33
N LYS A 134 8.77 -9.12 2.49
CA LYS A 134 7.72 -9.53 3.41
C LYS A 134 6.92 -8.32 3.88
N ALA A 135 7.63 -7.25 4.26
CA ALA A 135 6.98 -6.02 4.72
C ALA A 135 6.09 -5.43 3.64
N GLY A 136 6.47 -5.63 2.38
CA GLY A 136 5.68 -5.10 1.29
C GLY A 136 4.33 -5.79 1.17
N LYS A 137 4.36 -7.11 1.10
CA LYS A 137 3.14 -7.88 0.99
C LYS A 137 2.35 -7.80 2.30
N GLU A 138 3.07 -7.84 3.42
CA GLU A 138 2.45 -7.81 4.74
C GLU A 138 1.81 -6.46 5.01
N GLU A 139 2.46 -5.37 4.58
CA GLU A 139 1.89 -4.04 4.79
C GLU A 139 0.57 -3.94 4.04
N ALA A 140 0.54 -4.46 2.82
CA ALA A 140 -0.68 -4.46 2.02
C ALA A 140 -1.74 -5.37 2.64
N SER A 141 -1.31 -6.45 3.27
CA SER A 141 -2.22 -7.42 3.86
C SER A 141 -3.08 -6.78 4.95
N GLY A 142 -2.44 -6.15 5.92
CA GLY A 142 -3.18 -5.46 6.96
C GLY A 142 -4.00 -4.32 6.41
N ILE A 143 -3.48 -3.65 5.39
CA ILE A 143 -4.21 -2.55 4.80
C ILE A 143 -5.56 -3.02 4.26
N PHE A 144 -5.56 -3.84 3.22
CA PHE A 144 -6.81 -4.19 2.55
C PHE A 144 -7.76 -4.88 3.49
N LYS A 145 -7.28 -5.90 4.17
CA LYS A 145 -8.14 -6.70 5.03
C LYS A 145 -8.73 -5.87 6.16
N ALA A 146 -8.02 -4.85 6.59
CA ALA A 146 -8.49 -4.04 7.70
C ALA A 146 -9.33 -2.87 7.22
N VAL A 147 -8.95 -2.25 6.12
CA VAL A 147 -9.71 -1.12 5.59
C VAL A 147 -10.96 -1.60 4.86
N GLU A 148 -10.85 -2.72 4.13
CA GLU A 148 -11.98 -3.25 3.39
C GLU A 148 -13.15 -3.55 4.31
N ALA A 149 -12.86 -4.13 5.46
CA ALA A 149 -13.92 -4.50 6.39
C ALA A 149 -14.34 -3.31 7.25
N TYR A 150 -13.39 -2.43 7.55
CA TYR A 150 -13.72 -1.16 8.20
C TYR A 150 -14.73 -0.39 7.34
N LEU A 151 -14.54 -0.48 6.04
CA LEU A 151 -15.36 0.25 5.08
C LEU A 151 -16.63 -0.51 4.77
N LEU A 152 -16.50 -1.83 4.74
CA LEU A 152 -17.61 -2.74 4.51
C LEU A 152 -18.77 -2.41 5.41
N ALA A 153 -18.48 -2.18 6.67
CA ALA A 153 -19.53 -2.10 7.65
C ALA A 153 -19.27 -1.05 8.73
N ASN A 154 -19.01 0.19 8.30
CA ASN A 154 -18.93 1.30 9.25
C ASN A 154 -19.80 2.48 8.83
N PRO A 155 -19.62 3.06 7.62
CA PRO A 155 -20.47 4.16 7.14
C PRO A 155 -21.95 3.81 7.23
N ALA A 156 -22.25 2.54 6.98
CA ALA A 156 -23.62 2.04 7.07
C ALA A 156 -23.73 1.01 8.17
N ALA A 157 -22.60 0.75 8.83
CA ALA A 157 -22.49 -0.30 9.83
C ALA A 157 -22.86 -1.65 9.23
N TYR A 158 -23.22 -2.60 10.07
CA TYR A 158 -23.56 -3.92 9.60
C TYR A 158 -25.03 -3.97 9.19
N HIS A 159 -25.35 -3.27 8.11
CA HIS A 159 -26.70 -3.22 7.59
C HIS A 159 -26.67 -3.20 6.07
N GLY A 1 17.64 -11.96 -7.40
CA GLY A 1 17.04 -11.16 -8.49
C GLY A 1 15.88 -10.32 -8.01
N VAL A 2 15.11 -9.79 -8.96
CA VAL A 2 13.94 -8.99 -8.64
C VAL A 2 12.78 -9.87 -8.20
N PHE A 3 12.00 -9.40 -7.24
CA PHE A 3 10.85 -10.14 -6.75
C PHE A 3 9.57 -9.42 -7.11
N THR A 4 8.89 -9.89 -8.13
CA THR A 4 7.65 -9.27 -8.58
C THR A 4 6.44 -10.07 -8.09
N TYR A 5 5.71 -9.50 -7.16
CA TYR A 5 4.54 -10.15 -6.59
C TYR A 5 3.31 -9.27 -6.78
N GLU A 6 2.31 -9.80 -7.45
CA GLU A 6 1.12 -9.02 -7.77
C GLU A 6 -0.10 -9.63 -7.09
N SER A 7 -0.49 -9.04 -5.98
CA SER A 7 -1.63 -9.55 -5.24
C SER A 7 -2.81 -8.63 -5.42
N GLU A 8 -3.97 -9.18 -5.76
CA GLU A 8 -5.13 -8.37 -6.02
C GLU A 8 -6.21 -8.60 -4.96
N THR A 9 -6.76 -7.52 -4.46
CA THR A 9 -7.87 -7.58 -3.52
C THR A 9 -9.19 -7.39 -4.24
N THR A 10 -9.87 -8.50 -4.55
CA THR A 10 -11.19 -8.45 -5.13
C THR A 10 -12.22 -8.17 -4.03
N THR A 11 -12.83 -7.00 -4.11
CA THR A 11 -13.69 -6.50 -3.07
C THR A 11 -15.12 -6.37 -3.56
N VAL A 12 -16.09 -6.73 -2.72
CA VAL A 12 -17.50 -6.65 -3.09
C VAL A 12 -17.94 -5.19 -3.21
N ILE A 13 -17.16 -4.31 -2.60
CA ILE A 13 -17.39 -2.88 -2.69
C ILE A 13 -16.86 -2.34 -3.99
N THR A 14 -17.59 -1.41 -4.57
CA THR A 14 -17.27 -0.85 -5.88
C THR A 14 -16.01 0.03 -5.83
N PRO A 15 -15.32 0.19 -6.98
CA PRO A 15 -14.02 0.87 -7.07
C PRO A 15 -13.91 2.16 -6.25
N ALA A 16 -14.97 2.97 -6.25
CA ALA A 16 -14.98 4.24 -5.51
C ALA A 16 -14.59 4.05 -4.06
N ARG A 17 -15.19 3.03 -3.45
CA ARG A 17 -14.96 2.75 -2.05
C ARG A 17 -13.47 2.57 -1.79
N LEU A 18 -12.83 1.91 -2.73
CA LEU A 18 -11.43 1.61 -2.63
C LEU A 18 -10.60 2.84 -2.89
N PHE A 19 -10.81 3.45 -4.05
CA PHE A 19 -9.99 4.56 -4.47
C PHE A 19 -10.08 5.74 -3.50
N LYS A 20 -11.23 5.91 -2.87
CA LYS A 20 -11.43 7.08 -2.04
C LYS A 20 -11.33 6.78 -0.53
N ALA A 21 -11.72 5.58 -0.11
CA ALA A 21 -11.64 5.23 1.31
C ALA A 21 -10.44 4.34 1.61
N PHE A 22 -10.30 3.25 0.85
CA PHE A 22 -9.16 2.34 0.98
C PHE A 22 -7.86 3.10 0.68
N VAL A 23 -7.92 3.96 -0.32
CA VAL A 23 -6.75 4.70 -0.78
C VAL A 23 -6.64 6.08 -0.13
N LEU A 24 -7.61 6.95 -0.40
CA LEU A 24 -7.54 8.32 0.08
C LEU A 24 -7.88 8.39 1.55
N ASP A 25 -7.17 9.27 2.26
CA ASP A 25 -7.29 9.40 3.71
C ASP A 25 -6.94 8.09 4.41
N ALA A 26 -5.96 7.38 3.84
CA ALA A 26 -5.48 6.13 4.40
C ALA A 26 -4.88 6.34 5.79
N ASP A 27 -4.62 7.60 6.13
CA ASP A 27 -4.08 7.94 7.45
C ASP A 27 -5.19 7.86 8.49
N ASN A 28 -6.42 7.78 8.04
CA ASN A 28 -7.56 7.61 8.92
C ASN A 28 -7.77 6.13 9.20
N LEU A 29 -7.51 5.31 8.20
CA LEU A 29 -7.77 3.89 8.29
C LEU A 29 -6.58 3.11 8.87
N ILE A 30 -5.51 2.98 8.10
CA ILE A 30 -4.37 2.11 8.45
C ILE A 30 -3.86 2.32 9.88
N PRO A 31 -3.54 3.55 10.32
CA PRO A 31 -2.99 3.78 11.66
C PRO A 31 -3.95 3.37 12.78
N LYS A 32 -5.23 3.24 12.44
CA LYS A 32 -6.24 2.91 13.43
C LYS A 32 -6.74 1.47 13.27
N VAL A 33 -7.12 1.10 12.05
CA VAL A 33 -7.71 -0.21 11.79
C VAL A 33 -6.66 -1.21 11.34
N ALA A 34 -5.50 -0.74 10.92
CA ALA A 34 -4.42 -1.62 10.47
C ALA A 34 -3.10 -1.29 11.17
N PRO A 35 -3.10 -1.13 12.52
CA PRO A 35 -1.93 -0.61 13.24
C PRO A 35 -0.82 -1.65 13.37
N GLN A 36 -1.16 -2.91 13.15
CA GLN A 36 -0.18 -3.98 13.20
C GLN A 36 0.56 -4.06 11.87
N ALA A 37 0.06 -3.35 10.87
CA ALA A 37 0.72 -3.26 9.59
C ALA A 37 1.64 -2.05 9.59
N ILE A 38 1.04 -0.88 9.55
CA ILE A 38 1.77 0.36 9.48
C ILE A 38 1.19 1.37 10.47
N LYS A 39 2.02 1.84 11.38
CA LYS A 39 1.57 2.72 12.45
C LYS A 39 1.47 4.16 11.96
N SER A 40 2.32 4.52 11.01
CA SER A 40 2.27 5.84 10.41
C SER A 40 2.00 5.72 8.92
N SER A 41 0.88 6.27 8.49
CA SER A 41 0.41 6.07 7.13
C SER A 41 1.07 7.00 6.14
N GLU A 42 1.10 6.58 4.88
CA GLU A 42 1.82 7.26 3.81
C GLU A 42 1.15 8.52 3.31
N ILE A 43 0.61 9.32 4.21
CA ILE A 43 0.20 10.67 3.85
C ILE A 43 1.00 11.71 4.65
N ILE A 44 1.99 12.33 4.01
CA ILE A 44 2.72 13.42 4.65
C ILE A 44 2.04 14.74 4.34
N GLU A 45 1.98 15.08 3.06
CA GLU A 45 1.30 16.29 2.61
C GLU A 45 1.10 16.26 1.10
N GLY A 46 0.09 16.97 0.63
CA GLY A 46 -0.23 16.95 -0.79
C GLY A 46 -1.62 16.42 -1.03
N SER A 47 -2.32 16.10 0.06
CA SER A 47 -3.67 15.55 0.02
C SER A 47 -3.69 14.11 -0.48
N GLY A 48 -3.26 13.90 -1.72
CA GLY A 48 -3.28 12.58 -2.31
C GLY A 48 -3.20 12.63 -3.82
N GLY A 49 -2.13 13.21 -4.33
CA GLY A 49 -1.96 13.33 -5.78
C GLY A 49 -0.51 13.50 -6.17
N PRO A 50 -0.24 13.95 -7.41
CA PRO A 50 1.12 14.17 -7.90
C PRO A 50 1.85 15.21 -7.05
N GLY A 51 2.97 14.80 -6.46
CA GLY A 51 3.72 15.70 -5.61
C GLY A 51 3.53 15.40 -4.13
N THR A 52 2.59 14.51 -3.82
CA THR A 52 2.32 14.12 -2.45
C THR A 52 3.45 13.23 -1.90
N ILE A 53 4.17 13.75 -0.92
CA ILE A 53 5.18 12.96 -0.23
C ILE A 53 4.54 12.06 0.80
N LYS A 54 5.15 10.93 1.04
CA LYS A 54 4.50 9.89 1.81
C LYS A 54 5.47 9.21 2.78
N LYS A 55 4.99 8.88 3.98
CA LYS A 55 5.83 8.23 4.99
C LYS A 55 5.22 6.91 5.42
N ILE A 56 6.06 5.91 5.65
CA ILE A 56 5.62 4.62 6.13
C ILE A 56 6.45 4.18 7.32
N THR A 57 5.78 3.88 8.42
CA THR A 57 6.44 3.33 9.59
C THR A 57 5.68 2.11 10.07
N PHE A 58 6.32 0.94 9.95
CA PHE A 58 5.67 -0.32 10.23
C PHE A 58 5.33 -0.46 11.71
N GLY A 59 4.24 -1.16 11.98
CA GLY A 59 3.82 -1.39 13.35
C GLY A 59 3.84 -2.87 13.68
N GLU A 60 4.92 -3.53 13.30
CA GLU A 60 5.04 -4.97 13.46
C GLU A 60 6.39 -5.27 14.10
N GLY A 61 6.94 -6.45 13.81
CA GLY A 61 8.28 -6.75 14.27
C GLY A 61 9.29 -5.76 13.75
N SER A 62 9.11 -5.38 12.48
CA SER A 62 9.96 -4.38 11.86
C SER A 62 9.45 -2.98 12.16
N GLN A 63 9.35 -2.66 13.45
CA GLN A 63 8.82 -1.38 13.89
C GLN A 63 9.90 -0.30 13.91
N PHE A 64 11.16 -0.74 13.90
CA PHE A 64 12.27 0.18 13.98
C PHE A 64 12.63 0.70 12.59
N ASN A 65 12.51 -0.17 11.60
CA ASN A 65 12.77 0.22 10.22
C ASN A 65 11.58 0.96 9.64
N TYR A 66 11.85 1.88 8.73
CA TYR A 66 10.79 2.68 8.12
C TYR A 66 11.20 3.04 6.71
N VAL A 67 10.26 3.60 5.95
CA VAL A 67 10.55 3.98 4.58
C VAL A 67 9.54 5.02 4.09
N LYS A 68 9.96 5.88 3.19
CA LYS A 68 9.07 6.92 2.68
C LYS A 68 8.65 6.64 1.25
N HIS A 69 7.35 6.70 1.03
CA HIS A 69 6.78 6.50 -0.30
C HIS A 69 6.53 7.86 -0.95
N ARG A 70 5.85 7.85 -2.09
CA ARG A 70 5.66 9.06 -2.89
C ARG A 70 4.80 8.71 -4.09
N ILE A 71 3.88 9.60 -4.45
CA ILE A 71 3.03 9.37 -5.60
C ILE A 71 3.84 9.45 -6.88
N ASP A 72 4.19 8.30 -7.42
CA ASP A 72 4.98 8.23 -8.64
C ASP A 72 4.06 8.20 -9.84
N GLU A 73 2.91 7.59 -9.67
CA GLU A 73 1.92 7.46 -10.74
C GLU A 73 0.52 7.35 -10.13
N ILE A 74 -0.43 8.09 -10.66
CA ILE A 74 -1.77 8.11 -10.11
C ILE A 74 -2.79 8.46 -11.17
N ASP A 75 -3.91 7.75 -11.15
CA ASP A 75 -5.00 8.01 -12.06
C ASP A 75 -6.30 8.15 -11.30
N ASN A 76 -6.91 9.32 -11.34
CA ASN A 76 -8.18 9.56 -10.65
C ASN A 76 -9.32 8.88 -11.36
N ALA A 77 -9.27 8.88 -12.69
CA ALA A 77 -10.34 8.31 -13.49
C ALA A 77 -10.09 6.83 -13.77
N ASN A 78 -8.83 6.48 -14.02
CA ASN A 78 -8.47 5.10 -14.35
C ASN A 78 -8.24 4.28 -13.08
N PHE A 79 -8.22 4.97 -11.95
CA PHE A 79 -8.05 4.35 -10.64
C PHE A 79 -6.69 3.67 -10.49
N THR A 80 -5.64 4.46 -10.56
CA THR A 80 -4.28 3.95 -10.39
C THR A 80 -3.60 4.67 -9.23
N TYR A 81 -2.93 3.90 -8.38
CA TYR A 81 -2.22 4.48 -7.23
C TYR A 81 -0.88 3.76 -7.05
N ALA A 82 0.20 4.42 -7.45
CA ALA A 82 1.52 3.82 -7.38
C ALA A 82 2.38 4.46 -6.30
N CYS A 83 2.90 3.62 -5.41
CA CYS A 83 3.77 4.06 -4.35
C CYS A 83 5.18 3.51 -4.53
N THR A 84 6.15 4.40 -4.40
CA THR A 84 7.55 4.07 -4.61
C THR A 84 8.35 4.44 -3.36
N LEU A 85 9.49 3.79 -3.15
CA LEU A 85 10.40 4.21 -2.09
C LEU A 85 11.21 5.40 -2.57
N ILE A 86 10.99 6.57 -1.96
CA ILE A 86 11.74 7.75 -2.31
C ILE A 86 12.82 8.01 -1.26
N GLU A 87 12.51 7.68 -0.01
CA GLU A 87 13.45 7.83 1.09
C GLU A 87 13.21 6.72 2.10
N GLY A 88 13.90 6.76 3.23
CA GLY A 88 13.62 5.79 4.26
C GLY A 88 14.87 5.22 4.88
N ASP A 89 14.69 4.17 5.67
CA ASP A 89 15.79 3.49 6.33
C ASP A 89 15.46 2.02 6.49
N ALA A 90 15.77 1.25 5.44
CA ALA A 90 15.49 -0.18 5.41
C ALA A 90 16.16 -0.82 4.20
N ILE A 91 15.73 -0.40 3.01
CA ILE A 91 16.33 -0.86 1.76
C ILE A 91 17.69 -0.19 1.57
N SER A 92 18.74 -1.01 1.47
CA SER A 92 20.10 -0.52 1.35
C SER A 92 20.43 -0.14 -0.09
N GLU A 93 21.63 0.38 -0.31
CA GLU A 93 22.08 0.74 -1.66
C GLU A 93 22.50 -0.51 -2.44
N THR A 94 22.64 -1.62 -1.73
CA THR A 94 22.84 -2.91 -2.35
C THR A 94 21.55 -3.35 -3.03
N LEU A 95 20.46 -2.78 -2.51
CA LEU A 95 19.14 -3.01 -3.04
C LEU A 95 18.70 -1.75 -3.78
N GLU A 96 17.48 -1.72 -4.31
CA GLU A 96 17.03 -0.52 -5.01
C GLU A 96 15.81 0.07 -4.33
N LYS A 97 14.67 -0.59 -4.46
CA LYS A 97 13.43 -0.11 -3.85
C LYS A 97 12.29 -1.10 -4.04
N ILE A 98 11.39 -1.19 -3.08
CA ILE A 98 10.21 -2.01 -3.22
C ILE A 98 9.06 -1.15 -3.73
N ALA A 99 8.28 -1.69 -4.66
CA ALA A 99 7.24 -0.92 -5.31
C ALA A 99 5.86 -1.49 -5.03
N TYR A 100 4.86 -0.60 -4.99
CA TYR A 100 3.47 -1.01 -4.84
C TYR A 100 2.61 -0.22 -5.81
N GLU A 101 2.05 -0.89 -6.80
CA GLU A 101 1.27 -0.21 -7.82
C GLU A 101 -0.13 -0.80 -7.86
N ILE A 102 -1.07 -0.06 -7.32
CA ILE A 102 -2.42 -0.55 -7.17
C ILE A 102 -3.31 -0.04 -8.31
N LYS A 103 -3.70 -0.95 -9.18
CA LYS A 103 -4.59 -0.62 -10.29
C LYS A 103 -5.95 -1.24 -10.03
N LEU A 104 -6.98 -0.41 -10.00
CA LEU A 104 -8.31 -0.89 -9.67
C LEU A 104 -9.07 -1.32 -10.91
N VAL A 105 -9.34 -2.61 -11.00
CA VAL A 105 -10.20 -3.14 -12.03
C VAL A 105 -11.58 -3.41 -11.45
N ALA A 106 -12.61 -3.00 -12.17
CA ALA A 106 -13.97 -3.21 -11.69
C ALA A 106 -14.43 -4.63 -11.95
N SER A 107 -14.96 -5.27 -10.93
CA SER A 107 -15.56 -6.58 -11.09
C SER A 107 -17.05 -6.41 -11.34
N PRO A 108 -17.56 -6.91 -12.49
CA PRO A 108 -18.93 -6.67 -12.96
C PRO A 108 -19.97 -6.70 -11.84
N ASP A 109 -20.09 -7.83 -11.16
CA ASP A 109 -20.97 -7.94 -10.02
C ASP A 109 -20.19 -8.33 -8.79
N GLY A 110 -18.87 -8.27 -8.90
CA GLY A 110 -18.03 -8.68 -7.80
C GLY A 110 -17.54 -7.51 -6.99
N GLY A 111 -17.67 -6.32 -7.55
CA GLY A 111 -17.22 -5.12 -6.87
C GLY A 111 -16.03 -4.49 -7.56
N SER A 112 -14.85 -4.66 -6.98
CA SER A 112 -13.64 -4.11 -7.55
C SER A 112 -12.47 -5.06 -7.29
N ILE A 113 -11.29 -4.67 -7.75
CA ILE A 113 -10.13 -5.55 -7.75
C ILE A 113 -8.86 -4.70 -7.62
N LEU A 114 -8.32 -4.63 -6.42
CA LEU A 114 -7.08 -3.88 -6.21
C LEU A 114 -5.89 -4.72 -6.64
N LYS A 115 -5.53 -4.63 -7.92
CA LYS A 115 -4.37 -5.33 -8.44
C LYS A 115 -3.11 -4.60 -8.00
N SER A 116 -2.57 -5.02 -6.87
CA SER A 116 -1.38 -4.39 -6.34
C SER A 116 -0.14 -5.06 -6.92
N THR A 117 0.39 -4.44 -7.97
CA THR A 117 1.59 -4.92 -8.61
C THR A 117 2.81 -4.47 -7.82
N SER A 118 3.36 -5.37 -7.03
CA SER A 118 4.53 -5.05 -6.23
C SER A 118 5.77 -5.60 -6.89
N LYS A 119 6.83 -4.82 -6.87
CA LYS A 119 8.07 -5.25 -7.47
C LYS A 119 9.24 -4.82 -6.62
N TYR A 120 9.85 -5.79 -5.97
CA TYR A 120 10.98 -5.52 -5.09
C TYR A 120 12.25 -5.45 -5.92
N HIS A 121 12.67 -4.23 -6.23
CA HIS A 121 13.82 -3.99 -7.10
C HIS A 121 15.12 -4.06 -6.32
N THR A 122 16.05 -4.83 -6.82
CA THR A 122 17.37 -4.88 -6.26
C THR A 122 18.31 -4.05 -7.11
N LYS A 123 19.42 -3.61 -6.55
CA LYS A 123 20.36 -2.79 -7.31
C LYS A 123 21.35 -3.69 -8.04
N GLY A 124 21.01 -4.02 -9.27
CA GLY A 124 21.85 -4.89 -10.06
C GLY A 124 21.29 -6.28 -10.17
N ASP A 125 21.91 -7.23 -9.47
CA ASP A 125 21.52 -8.63 -9.54
C ASP A 125 21.54 -9.27 -8.16
N HIS A 126 21.17 -8.51 -7.14
CA HIS A 126 21.16 -9.01 -5.77
C HIS A 126 19.75 -9.48 -5.42
N GLU A 127 19.49 -9.61 -4.13
CA GLU A 127 18.16 -9.92 -3.65
C GLU A 127 17.61 -8.74 -2.86
N ILE A 128 16.62 -9.00 -2.01
CA ILE A 128 16.04 -7.96 -1.16
C ILE A 128 15.97 -8.45 0.28
N LYS A 129 16.44 -9.67 0.48
CA LYS A 129 16.35 -10.38 1.75
C LYS A 129 14.89 -10.63 2.13
N GLU A 130 14.66 -11.69 2.88
CA GLU A 130 13.30 -12.02 3.32
C GLU A 130 12.86 -11.07 4.42
N ASP A 131 13.80 -10.30 4.94
CA ASP A 131 13.51 -9.31 5.99
C ASP A 131 12.62 -8.21 5.47
N GLN A 132 13.02 -7.59 4.35
CA GLN A 132 12.28 -6.47 3.79
C GLN A 132 10.99 -6.95 3.14
N ILE A 133 11.09 -8.02 2.36
CA ILE A 133 9.92 -8.67 1.78
C ILE A 133 8.92 -9.07 2.88
N LYS A 134 9.44 -9.44 4.05
CA LYS A 134 8.60 -9.77 5.21
C LYS A 134 7.73 -8.56 5.58
N ALA A 135 8.36 -7.41 5.74
CA ALA A 135 7.64 -6.18 6.07
C ALA A 135 6.63 -5.84 4.99
N GLY A 136 7.00 -6.10 3.75
CA GLY A 136 6.12 -5.79 2.64
C GLY A 136 4.91 -6.70 2.57
N LYS A 137 5.15 -7.99 2.73
CA LYS A 137 4.07 -8.97 2.73
C LYS A 137 3.19 -8.78 3.95
N GLU A 138 3.83 -8.54 5.09
CA GLU A 138 3.13 -8.38 6.35
C GLU A 138 2.33 -7.08 6.35
N GLU A 139 2.94 -6.00 5.86
CA GLU A 139 2.28 -4.71 5.83
C GLU A 139 1.03 -4.76 4.93
N ALA A 140 1.18 -5.35 3.75
CA ALA A 140 0.08 -5.45 2.80
C ALA A 140 -1.04 -6.32 3.34
N SER A 141 -0.67 -7.33 4.11
CA SER A 141 -1.64 -8.25 4.68
C SER A 141 -2.57 -7.51 5.65
N GLY A 142 -1.98 -6.73 6.54
CA GLY A 142 -2.74 -5.93 7.47
C GLY A 142 -3.54 -4.86 6.75
N ILE A 143 -2.88 -4.09 5.90
CA ILE A 143 -3.56 -3.02 5.18
C ILE A 143 -4.82 -3.55 4.49
N PHE A 144 -4.64 -4.45 3.54
CA PHE A 144 -5.75 -4.93 2.72
C PHE A 144 -6.86 -5.48 3.57
N LYS A 145 -6.55 -6.48 4.38
CA LYS A 145 -7.56 -7.17 5.16
C LYS A 145 -8.22 -6.25 6.18
N ALA A 146 -7.47 -5.31 6.71
CA ALA A 146 -7.99 -4.46 7.78
C ALA A 146 -8.85 -3.33 7.24
N VAL A 147 -8.44 -2.72 6.14
CA VAL A 147 -9.24 -1.66 5.54
C VAL A 147 -10.41 -2.24 4.77
N GLU A 148 -10.17 -3.31 4.02
CA GLU A 148 -11.22 -3.96 3.24
C GLU A 148 -12.35 -4.41 4.16
N ALA A 149 -12.00 -4.82 5.37
CA ALA A 149 -12.99 -5.24 6.34
C ALA A 149 -13.64 -4.03 7.02
N TYR A 150 -12.83 -3.04 7.38
CA TYR A 150 -13.34 -1.80 7.98
C TYR A 150 -14.38 -1.15 7.06
N LEU A 151 -14.16 -1.29 5.76
CA LEU A 151 -15.03 -0.70 4.74
C LEU A 151 -16.36 -1.43 4.64
N LEU A 152 -16.37 -2.72 4.98
CA LEU A 152 -17.61 -3.49 5.02
C LEU A 152 -18.24 -3.42 6.40
N ALA A 153 -17.39 -3.26 7.40
CA ALA A 153 -17.83 -3.18 8.78
C ALA A 153 -18.06 -1.73 9.19
N ASN A 154 -18.49 -0.93 8.22
CA ASN A 154 -18.90 0.44 8.50
C ASN A 154 -20.35 0.67 8.10
N PRO A 155 -20.74 0.47 6.82
CA PRO A 155 -22.14 0.57 6.40
C PRO A 155 -22.99 -0.49 7.10
N ALA A 156 -22.40 -1.65 7.31
CA ALA A 156 -23.06 -2.72 8.03
C ALA A 156 -22.67 -2.68 9.50
N ALA A 157 -21.65 -1.87 9.81
CA ALA A 157 -21.13 -1.72 11.17
C ALA A 157 -20.51 -3.00 11.69
N TYR A 158 -21.31 -3.96 12.09
CA TYR A 158 -20.75 -5.20 12.55
C TYR A 158 -21.62 -6.37 12.12
N HIS A 159 -21.25 -7.01 11.03
CA HIS A 159 -21.99 -8.16 10.52
C HIS A 159 -21.01 -9.27 10.15
N GLY A 1 17.22 -8.28 -11.88
CA GLY A 1 17.20 -7.90 -10.44
C GLY A 1 15.87 -7.32 -10.03
N VAL A 2 14.84 -8.14 -10.02
CA VAL A 2 13.50 -7.69 -9.67
C VAL A 2 12.58 -8.88 -9.37
N PHE A 3 11.89 -8.80 -8.24
CA PHE A 3 10.91 -9.80 -7.87
C PHE A 3 9.51 -9.24 -8.08
N THR A 4 8.60 -10.07 -8.56
CA THR A 4 7.26 -9.61 -8.86
C THR A 4 6.20 -10.44 -8.15
N TYR A 5 5.71 -9.93 -7.04
CA TYR A 5 4.59 -10.55 -6.34
C TYR A 5 3.35 -9.70 -6.53
N GLU A 6 2.18 -10.31 -6.51
CA GLU A 6 0.95 -9.56 -6.71
C GLU A 6 -0.19 -10.13 -5.89
N SER A 7 -0.86 -9.25 -5.17
CA SER A 7 -1.98 -9.62 -4.34
C SER A 7 -3.27 -9.04 -4.92
N GLU A 8 -4.31 -9.86 -4.99
CA GLU A 8 -5.55 -9.44 -5.60
C GLU A 8 -6.62 -9.22 -4.55
N THR A 9 -6.96 -7.96 -4.31
CA THR A 9 -7.99 -7.62 -3.34
C THR A 9 -9.32 -7.37 -4.05
N THR A 10 -10.18 -8.39 -4.05
CA THR A 10 -11.51 -8.23 -4.61
C THR A 10 -12.44 -7.67 -3.54
N THR A 11 -12.66 -6.38 -3.62
CA THR A 11 -13.40 -5.67 -2.61
C THR A 11 -14.86 -5.53 -3.04
N VAL A 12 -15.76 -6.19 -2.31
CA VAL A 12 -17.17 -6.21 -2.66
C VAL A 12 -17.78 -4.79 -2.69
N ILE A 13 -17.09 -3.87 -2.05
CA ILE A 13 -17.50 -2.47 -2.01
C ILE A 13 -17.29 -1.79 -3.37
N THR A 14 -18.01 -0.70 -3.57
CA THR A 14 -17.91 0.07 -4.80
C THR A 14 -16.52 0.66 -4.98
N PRO A 15 -16.05 0.72 -6.25
CA PRO A 15 -14.70 1.21 -6.60
C PRO A 15 -14.35 2.55 -5.96
N ALA A 16 -15.36 3.36 -5.67
CA ALA A 16 -15.16 4.63 -5.00
C ALA A 16 -14.51 4.46 -3.64
N ARG A 17 -14.96 3.44 -2.92
CA ARG A 17 -14.47 3.19 -1.56
C ARG A 17 -12.97 3.00 -1.57
N LEU A 18 -12.47 2.41 -2.65
CA LEU A 18 -11.05 2.11 -2.78
C LEU A 18 -10.30 3.33 -3.30
N PHE A 19 -10.76 3.85 -4.43
CA PHE A 19 -10.06 4.94 -5.10
C PHE A 19 -10.05 6.21 -4.26
N LYS A 20 -11.04 6.38 -3.39
CA LYS A 20 -11.07 7.53 -2.51
C LYS A 20 -10.46 7.22 -1.15
N ALA A 21 -11.06 6.29 -0.42
CA ALA A 21 -10.65 6.02 0.96
C ALA A 21 -9.33 5.26 1.03
N PHE A 22 -9.26 4.11 0.36
CA PHE A 22 -8.05 3.29 0.36
C PHE A 22 -6.85 4.10 -0.16
N VAL A 23 -7.11 4.91 -1.17
CA VAL A 23 -6.07 5.72 -1.81
C VAL A 23 -5.65 6.94 -0.97
N LEU A 24 -6.60 7.82 -0.69
CA LEU A 24 -6.28 9.09 -0.04
C LEU A 24 -6.32 8.98 1.49
N ASP A 25 -7.34 8.31 2.01
CA ASP A 25 -7.53 8.22 3.46
C ASP A 25 -6.66 7.13 4.06
N ALA A 26 -5.62 6.72 3.32
CA ALA A 26 -4.73 5.65 3.74
C ALA A 26 -4.08 5.97 5.10
N ASP A 27 -3.81 7.23 5.34
CA ASP A 27 -3.13 7.65 6.56
C ASP A 27 -4.10 7.68 7.73
N ASN A 28 -5.38 7.64 7.42
CA ASN A 28 -6.42 7.61 8.44
C ASN A 28 -6.85 6.17 8.71
N LEU A 29 -6.80 5.36 7.66
CA LEU A 29 -7.26 3.98 7.75
C LEU A 29 -6.19 3.08 8.36
N ILE A 30 -5.14 2.81 7.61
CA ILE A 30 -4.15 1.78 7.97
C ILE A 30 -3.60 1.94 9.39
N PRO A 31 -3.04 3.11 9.78
CA PRO A 31 -2.51 3.32 11.13
C PRO A 31 -3.50 2.94 12.25
N LYS A 32 -4.79 3.01 11.96
CA LYS A 32 -5.81 2.81 12.98
C LYS A 32 -6.55 1.49 12.81
N VAL A 33 -6.85 1.11 11.58
CA VAL A 33 -7.61 -0.11 11.33
C VAL A 33 -6.72 -1.24 10.81
N ALA A 34 -5.52 -0.90 10.39
CA ALA A 34 -4.58 -1.92 9.93
C ALA A 34 -3.21 -1.81 10.63
N PRO A 35 -3.19 -1.76 11.99
CA PRO A 35 -1.94 -1.58 12.74
C PRO A 35 -1.07 -2.82 12.70
N GLN A 36 -1.67 -3.93 12.26
CA GLN A 36 -0.96 -5.18 12.09
C GLN A 36 -0.01 -5.09 10.90
N ALA A 37 -0.17 -4.04 10.11
CA ALA A 37 0.71 -3.77 9.00
C ALA A 37 1.54 -2.54 9.29
N ILE A 38 0.88 -1.40 9.39
CA ILE A 38 1.55 -0.13 9.58
C ILE A 38 0.97 0.58 10.80
N LYS A 39 1.87 1.03 11.68
CA LYS A 39 1.47 1.67 12.92
C LYS A 39 1.23 3.15 12.72
N SER A 40 1.99 3.75 11.80
CA SER A 40 1.89 5.18 11.56
C SER A 40 2.10 5.50 10.09
N SER A 41 1.16 6.24 9.51
CA SER A 41 1.26 6.69 8.13
C SER A 41 1.23 8.21 8.10
N GLU A 42 2.40 8.82 7.97
CA GLU A 42 2.52 10.27 8.04
C GLU A 42 2.72 10.88 6.66
N ILE A 43 1.66 11.44 6.10
CA ILE A 43 1.75 12.13 4.82
C ILE A 43 2.52 13.43 4.98
N ILE A 44 3.59 13.57 4.21
CA ILE A 44 4.43 14.77 4.24
C ILE A 44 3.73 15.92 3.52
N GLU A 45 3.42 15.69 2.25
CA GLU A 45 2.76 16.70 1.44
C GLU A 45 1.97 16.01 0.33
N GLY A 46 1.09 16.76 -0.32
CA GLY A 46 0.33 16.22 -1.41
C GLY A 46 -1.15 16.16 -1.11
N SER A 47 -1.93 15.76 -2.10
CA SER A 47 -3.37 15.65 -1.94
C SER A 47 -3.83 14.26 -2.37
N GLY A 48 -2.91 13.31 -2.37
CA GLY A 48 -3.23 11.95 -2.77
C GLY A 48 -3.01 11.74 -4.26
N GLY A 49 -1.89 12.24 -4.75
CA GLY A 49 -1.58 12.11 -6.15
C GLY A 49 -0.12 12.42 -6.44
N PRO A 50 0.20 12.89 -7.65
CA PRO A 50 1.57 13.19 -8.06
C PRO A 50 2.25 14.19 -7.14
N GLY A 51 3.16 13.70 -6.31
CA GLY A 51 3.89 14.57 -5.42
C GLY A 51 3.63 14.25 -3.96
N THR A 52 2.64 13.40 -3.71
CA THR A 52 2.26 13.04 -2.36
C THR A 52 3.25 12.05 -1.75
N ILE A 53 3.91 12.46 -0.67
CA ILE A 53 4.85 11.59 0.04
C ILE A 53 4.22 11.10 1.34
N LYS A 54 4.50 9.87 1.72
CA LYS A 54 3.91 9.29 2.91
C LYS A 54 4.93 8.47 3.71
N LYS A 55 5.24 8.92 4.92
CA LYS A 55 6.20 8.25 5.76
C LYS A 55 5.53 7.09 6.48
N ILE A 56 5.88 5.89 6.06
CA ILE A 56 5.23 4.68 6.52
C ILE A 56 6.05 3.98 7.58
N THR A 57 5.52 3.92 8.80
CA THR A 57 6.17 3.22 9.89
C THR A 57 5.49 1.88 10.16
N PHE A 58 6.23 0.81 9.91
CA PHE A 58 5.70 -0.54 10.04
C PHE A 58 5.27 -0.83 11.47
N GLY A 59 4.24 -1.65 11.61
CA GLY A 59 3.74 -2.01 12.92
C GLY A 59 4.64 -2.99 13.64
N GLU A 60 5.56 -3.58 12.88
CA GLU A 60 6.54 -4.51 13.44
C GLU A 60 7.40 -3.80 14.46
N GLY A 61 7.15 -4.10 15.74
CA GLY A 61 7.92 -3.49 16.82
C GLY A 61 7.38 -2.12 17.20
N SER A 62 6.73 -1.46 16.25
CA SER A 62 6.18 -0.12 16.43
C SER A 62 7.32 0.90 16.58
N GLN A 63 7.46 1.75 15.55
CA GLN A 63 8.52 2.77 15.50
C GLN A 63 9.90 2.13 15.29
N PHE A 64 9.90 0.83 15.04
CA PHE A 64 11.14 0.09 14.84
C PHE A 64 11.75 0.44 13.48
N ASN A 65 11.08 0.04 12.42
CA ASN A 65 11.52 0.32 11.06
C ASN A 65 10.47 1.13 10.34
N TYR A 66 10.90 1.98 9.41
CA TYR A 66 9.99 2.84 8.68
C TYR A 66 10.63 3.33 7.39
N VAL A 67 9.81 3.62 6.40
CA VAL A 67 10.31 4.12 5.13
C VAL A 67 9.27 4.99 4.45
N LYS A 68 9.73 6.08 3.85
CA LYS A 68 8.84 6.98 3.15
C LYS A 68 8.52 6.44 1.77
N HIS A 69 7.24 6.18 1.58
CA HIS A 69 6.68 5.83 0.28
C HIS A 69 6.16 7.12 -0.35
N ARG A 70 5.57 7.01 -1.53
CA ARG A 70 5.02 8.16 -2.21
C ARG A 70 4.29 7.73 -3.46
N ILE A 71 3.53 8.66 -4.03
CA ILE A 71 2.81 8.39 -5.26
C ILE A 71 3.70 8.71 -6.46
N ASP A 72 4.25 7.67 -7.06
CA ASP A 72 5.08 7.84 -8.24
C ASP A 72 4.20 8.15 -9.44
N GLU A 73 3.16 7.35 -9.60
CA GLU A 73 2.20 7.55 -10.67
C GLU A 73 0.81 7.18 -10.19
N ILE A 74 -0.19 7.90 -10.68
CA ILE A 74 -1.57 7.59 -10.37
C ILE A 74 -2.43 7.88 -11.59
N ASP A 75 -3.36 6.99 -11.88
CA ASP A 75 -4.22 7.17 -13.04
C ASP A 75 -5.68 7.06 -12.62
N ASN A 76 -6.41 8.15 -12.71
CA ASN A 76 -7.79 8.20 -12.27
C ASN A 76 -8.72 7.49 -13.26
N ALA A 77 -8.31 7.43 -14.52
CA ALA A 77 -9.12 6.83 -15.56
C ALA A 77 -9.19 5.31 -15.37
N ASN A 78 -8.04 4.67 -15.28
CA ASN A 78 -7.97 3.22 -15.13
C ASN A 78 -7.85 2.85 -13.66
N PHE A 79 -8.02 3.86 -12.81
CA PHE A 79 -7.98 3.70 -11.36
C PHE A 79 -6.69 3.01 -10.91
N THR A 80 -5.57 3.56 -11.33
CA THR A 80 -4.27 2.99 -11.03
C THR A 80 -3.58 3.79 -9.92
N TYR A 81 -3.18 3.07 -8.88
CA TYR A 81 -2.52 3.66 -7.72
C TYR A 81 -1.15 3.01 -7.51
N ALA A 82 -0.09 3.79 -7.66
CA ALA A 82 1.27 3.25 -7.55
C ALA A 82 2.02 3.85 -6.38
N CYS A 83 2.94 3.08 -5.81
CA CYS A 83 3.74 3.53 -4.68
C CYS A 83 5.18 2.98 -4.76
N THR A 84 6.09 3.65 -4.06
CA THR A 84 7.51 3.31 -4.13
C THR A 84 8.19 3.66 -2.80
N LEU A 85 9.29 3.00 -2.47
CA LEU A 85 10.12 3.43 -1.34
C LEU A 85 11.11 4.48 -1.82
N ILE A 86 10.88 5.72 -1.45
CA ILE A 86 11.75 6.79 -1.92
C ILE A 86 12.94 6.98 -0.97
N GLU A 87 12.69 6.88 0.35
CA GLU A 87 13.76 7.07 1.33
C GLU A 87 13.29 6.73 2.72
N GLY A 88 14.14 6.09 3.51
CA GLY A 88 13.79 5.77 4.87
C GLY A 88 14.62 4.65 5.46
N ASP A 89 14.39 4.38 6.75
CA ASP A 89 15.15 3.37 7.47
C ASP A 89 14.50 2.00 7.29
N ALA A 90 14.58 1.50 6.06
CA ALA A 90 14.12 0.16 5.72
C ALA A 90 14.97 -0.35 4.57
N ILE A 91 14.84 0.32 3.43
CA ILE A 91 15.76 0.11 2.33
C ILE A 91 16.71 1.30 2.23
N SER A 92 17.92 1.09 2.73
CA SER A 92 18.95 2.12 2.71
C SER A 92 20.30 1.44 2.57
N GLU A 93 20.35 0.45 1.70
CA GLU A 93 21.53 -0.39 1.53
C GLU A 93 21.82 -0.57 0.04
N THR A 94 22.28 -1.76 -0.35
CA THR A 94 22.52 -2.05 -1.75
C THR A 94 21.21 -2.44 -2.46
N LEU A 95 20.10 -2.05 -1.86
CA LEU A 95 18.78 -2.33 -2.41
C LEU A 95 18.19 -1.06 -2.99
N GLU A 96 17.14 -1.18 -3.80
CA GLU A 96 16.60 -0.03 -4.48
C GLU A 96 15.27 0.41 -3.85
N LYS A 97 14.21 -0.36 -4.11
CA LYS A 97 12.91 -0.09 -3.49
C LYS A 97 11.90 -1.16 -3.88
N ILE A 98 10.88 -1.33 -3.05
CA ILE A 98 9.76 -2.18 -3.39
C ILE A 98 8.62 -1.29 -3.86
N ALA A 99 7.99 -1.69 -4.95
CA ALA A 99 6.93 -0.88 -5.55
C ALA A 99 5.58 -1.54 -5.41
N TYR A 100 4.53 -0.74 -5.53
CA TYR A 100 3.17 -1.25 -5.55
C TYR A 100 2.43 -0.63 -6.72
N GLU A 101 1.82 -1.44 -7.55
CA GLU A 101 1.09 -0.94 -8.71
C GLU A 101 -0.29 -1.56 -8.73
N ILE A 102 -1.26 -0.81 -8.26
CA ILE A 102 -2.61 -1.30 -8.11
C ILE A 102 -3.50 -0.77 -9.22
N LYS A 103 -4.06 -1.67 -9.99
CA LYS A 103 -5.02 -1.29 -11.01
C LYS A 103 -6.40 -1.79 -10.62
N LEU A 104 -7.36 -0.88 -10.57
CA LEU A 104 -8.71 -1.24 -10.15
C LEU A 104 -9.56 -1.67 -11.34
N VAL A 105 -10.02 -2.90 -11.26
CA VAL A 105 -10.99 -3.41 -12.22
C VAL A 105 -12.33 -3.56 -11.55
N ALA A 106 -13.39 -3.09 -12.19
CA ALA A 106 -14.73 -3.25 -11.65
C ALA A 106 -15.18 -4.71 -11.72
N SER A 107 -15.54 -5.26 -10.58
CA SER A 107 -16.08 -6.61 -10.54
C SER A 107 -17.60 -6.54 -10.64
N PRO A 108 -18.20 -7.22 -11.64
CA PRO A 108 -19.64 -7.14 -11.94
C PRO A 108 -20.52 -7.16 -10.68
N ASP A 109 -20.42 -8.23 -9.91
CA ASP A 109 -21.17 -8.34 -8.67
C ASP A 109 -20.23 -8.52 -7.48
N GLY A 110 -18.95 -8.24 -7.71
CA GLY A 110 -17.97 -8.42 -6.66
C GLY A 110 -17.34 -7.11 -6.24
N GLY A 111 -17.93 -6.00 -6.66
CA GLY A 111 -17.43 -4.70 -6.29
C GLY A 111 -16.26 -4.27 -7.14
N SER A 112 -15.07 -4.41 -6.59
CA SER A 112 -13.86 -3.94 -7.25
C SER A 112 -12.76 -5.00 -7.16
N ILE A 113 -11.68 -4.77 -7.88
CA ILE A 113 -10.59 -5.72 -7.97
C ILE A 113 -9.28 -4.94 -7.97
N LEU A 114 -8.64 -4.89 -6.83
CA LEU A 114 -7.37 -4.19 -6.70
C LEU A 114 -6.23 -5.09 -7.17
N LYS A 115 -5.87 -4.95 -8.44
CA LYS A 115 -4.76 -5.71 -9.00
C LYS A 115 -3.44 -5.12 -8.54
N SER A 116 -3.00 -5.53 -7.35
CA SER A 116 -1.82 -4.96 -6.73
C SER A 116 -0.57 -5.75 -7.09
N THR A 117 0.16 -5.28 -8.08
CA THR A 117 1.39 -5.91 -8.49
C THR A 117 2.58 -5.16 -7.90
N SER A 118 3.37 -5.83 -7.09
CA SER A 118 4.53 -5.20 -6.48
C SER A 118 5.76 -5.44 -7.32
N LYS A 119 6.74 -4.55 -7.19
CA LYS A 119 7.96 -4.65 -7.97
C LYS A 119 9.17 -4.44 -7.07
N TYR A 120 9.80 -5.53 -6.67
CA TYR A 120 10.95 -5.47 -5.79
C TYR A 120 12.22 -5.21 -6.61
N HIS A 121 12.66 -3.96 -6.61
CA HIS A 121 13.81 -3.56 -7.42
C HIS A 121 15.10 -3.58 -6.61
N THR A 122 16.15 -4.07 -7.24
CA THR A 122 17.46 -4.13 -6.63
C THR A 122 18.33 -2.98 -7.14
N LYS A 123 19.25 -2.50 -6.31
CA LYS A 123 20.18 -1.46 -6.73
C LYS A 123 21.53 -2.10 -7.04
N GLY A 124 21.53 -2.95 -8.05
CA GLY A 124 22.71 -3.71 -8.38
C GLY A 124 22.38 -5.18 -8.47
N ASP A 125 23.40 -6.03 -8.34
CA ASP A 125 23.20 -7.47 -8.40
C ASP A 125 22.99 -8.04 -7.00
N HIS A 126 22.50 -7.19 -6.10
CA HIS A 126 22.18 -7.62 -4.74
C HIS A 126 20.67 -7.64 -4.56
N GLU A 127 20.12 -8.83 -4.32
CA GLU A 127 18.69 -8.99 -4.15
C GLU A 127 18.20 -8.42 -2.85
N ILE A 128 16.89 -8.32 -2.73
CA ILE A 128 16.28 -7.81 -1.54
C ILE A 128 16.12 -8.90 -0.50
N LYS A 129 16.68 -8.65 0.68
CA LYS A 129 16.60 -9.57 1.80
C LYS A 129 15.14 -9.87 2.14
N GLU A 130 14.90 -11.13 2.53
CA GLU A 130 13.55 -11.61 2.78
C GLU A 130 12.88 -10.85 3.91
N ASP A 131 13.68 -10.19 4.74
CA ASP A 131 13.15 -9.35 5.81
C ASP A 131 12.41 -8.14 5.24
N GLN A 132 12.98 -7.55 4.19
CA GLN A 132 12.38 -6.38 3.56
C GLN A 132 11.12 -6.80 2.81
N ILE A 133 11.23 -7.89 2.07
CA ILE A 133 10.10 -8.47 1.36
C ILE A 133 9.00 -8.88 2.35
N LYS A 134 9.42 -9.38 3.51
CA LYS A 134 8.49 -9.77 4.56
C LYS A 134 7.61 -8.59 4.97
N ALA A 135 8.23 -7.42 5.12
CA ALA A 135 7.51 -6.20 5.45
C ALA A 135 6.52 -5.83 4.37
N GLY A 136 6.91 -6.04 3.12
CA GLY A 136 6.01 -5.72 2.01
C GLY A 136 4.84 -6.68 1.96
N LYS A 137 5.15 -7.96 2.12
CA LYS A 137 4.13 -9.00 2.13
C LYS A 137 3.16 -8.81 3.29
N GLU A 138 3.71 -8.55 4.47
CA GLU A 138 2.90 -8.34 5.67
C GLU A 138 2.15 -7.03 5.58
N GLU A 139 2.82 -6.01 5.05
CA GLU A 139 2.20 -4.71 4.85
C GLU A 139 0.95 -4.85 3.98
N ALA A 140 1.11 -5.48 2.83
CA ALA A 140 0.00 -5.70 1.91
C ALA A 140 -1.10 -6.54 2.55
N SER A 141 -0.71 -7.45 3.43
CA SER A 141 -1.67 -8.32 4.09
C SER A 141 -2.57 -7.54 5.04
N GLY A 142 -1.95 -6.84 5.98
CA GLY A 142 -2.70 -6.09 6.96
C GLY A 142 -3.45 -4.92 6.36
N ILE A 143 -2.81 -4.19 5.46
CA ILE A 143 -3.45 -3.04 4.84
C ILE A 143 -4.70 -3.45 4.09
N PHE A 144 -4.51 -4.19 2.99
CA PHE A 144 -5.62 -4.48 2.09
C PHE A 144 -6.74 -5.22 2.79
N LYS A 145 -6.41 -6.27 3.52
CA LYS A 145 -7.44 -7.09 4.15
C LYS A 145 -8.16 -6.37 5.28
N ALA A 146 -7.47 -5.46 5.97
CA ALA A 146 -8.08 -4.81 7.12
C ALA A 146 -8.89 -3.59 6.70
N VAL A 147 -8.41 -2.85 5.72
CA VAL A 147 -9.17 -1.73 5.21
C VAL A 147 -10.32 -2.23 4.36
N GLU A 148 -10.18 -3.45 3.81
CA GLU A 148 -11.21 -4.03 2.97
C GLU A 148 -12.47 -4.24 3.78
N ALA A 149 -12.28 -4.63 5.04
CA ALA A 149 -13.41 -4.89 5.92
C ALA A 149 -13.81 -3.64 6.69
N TYR A 150 -12.86 -2.77 6.97
CA TYR A 150 -13.23 -1.46 7.53
C TYR A 150 -14.11 -0.71 6.55
N LEU A 151 -13.79 -0.83 5.27
CA LEU A 151 -14.52 -0.19 4.19
C LEU A 151 -15.78 -0.98 3.86
N LEU A 152 -15.78 -2.22 4.29
CA LEU A 152 -16.94 -3.11 4.22
C LEU A 152 -18.03 -2.64 5.16
N ALA A 153 -17.83 -1.42 5.68
CA ALA A 153 -18.85 -0.67 6.38
C ALA A 153 -18.77 -0.90 7.87
N ASN A 154 -17.86 -0.18 8.49
CA ASN A 154 -17.69 -0.24 9.94
C ASN A 154 -18.33 0.94 10.67
N PRO A 155 -18.04 2.21 10.30
CA PRO A 155 -18.57 3.38 11.02
C PRO A 155 -20.09 3.36 11.09
N ALA A 156 -20.71 2.81 10.05
CA ALA A 156 -22.15 2.67 10.00
C ALA A 156 -22.56 1.22 10.18
N ALA A 157 -21.56 0.36 10.36
CA ALA A 157 -21.75 -1.09 10.41
C ALA A 157 -22.34 -1.58 9.09
N TYR A 158 -22.70 -2.85 9.02
CA TYR A 158 -23.16 -3.41 7.76
C TYR A 158 -24.53 -2.84 7.41
N HIS A 159 -25.38 -2.70 8.43
CA HIS A 159 -26.71 -2.13 8.27
C HIS A 159 -27.60 -3.02 7.39
N GLY A 1 18.05 -9.38 -11.26
CA GLY A 1 16.81 -10.10 -10.91
C GLY A 1 15.86 -9.26 -10.08
N VAL A 2 14.57 -9.53 -10.19
CA VAL A 2 13.56 -8.79 -9.46
C VAL A 2 12.61 -9.75 -8.77
N PHE A 3 11.82 -9.25 -7.84
CA PHE A 3 10.78 -10.08 -7.23
C PHE A 3 9.42 -9.57 -7.66
N THR A 4 8.62 -10.43 -8.25
CA THR A 4 7.32 -10.06 -8.76
C THR A 4 6.19 -10.65 -7.92
N TYR A 5 5.62 -9.81 -7.07
CA TYR A 5 4.45 -10.19 -6.30
C TYR A 5 3.26 -9.37 -6.78
N GLU A 6 2.38 -10.01 -7.52
CA GLU A 6 1.26 -9.31 -8.13
C GLU A 6 -0.05 -9.88 -7.62
N SER A 7 -0.63 -9.20 -6.65
CA SER A 7 -1.86 -9.65 -6.03
C SER A 7 -3.00 -8.72 -6.43
N GLU A 8 -4.19 -8.99 -5.92
CA GLU A 8 -5.33 -8.11 -6.17
C GLU A 8 -6.36 -8.23 -5.05
N THR A 9 -6.88 -7.09 -4.65
CA THR A 9 -7.93 -7.05 -3.64
C THR A 9 -9.29 -6.95 -4.33
N THR A 10 -9.96 -8.07 -4.47
CA THR A 10 -11.31 -8.09 -5.02
C THR A 10 -12.30 -7.82 -3.89
N THR A 11 -12.75 -6.59 -3.80
CA THR A 11 -13.61 -6.16 -2.72
C THR A 11 -15.06 -6.10 -3.20
N VAL A 12 -15.97 -6.55 -2.36
CA VAL A 12 -17.38 -6.61 -2.73
C VAL A 12 -18.01 -5.21 -2.71
N ILE A 13 -17.25 -4.23 -2.25
CA ILE A 13 -17.71 -2.84 -2.25
C ILE A 13 -17.34 -2.15 -3.56
N THR A 14 -17.91 -0.98 -3.78
CA THR A 14 -17.71 -0.25 -5.03
C THR A 14 -16.28 0.29 -5.15
N PRO A 15 -15.81 0.52 -6.39
CA PRO A 15 -14.46 1.06 -6.63
C PRO A 15 -14.21 2.37 -5.88
N ALA A 16 -15.27 3.18 -5.72
CA ALA A 16 -15.17 4.44 -5.01
C ALA A 16 -14.67 4.23 -3.59
N ARG A 17 -15.25 3.22 -2.94
CA ARG A 17 -14.92 2.92 -1.57
C ARG A 17 -13.43 2.70 -1.41
N LEU A 18 -12.84 2.10 -2.42
CA LEU A 18 -11.43 1.79 -2.40
C LEU A 18 -10.61 3.01 -2.76
N PHE A 19 -10.90 3.60 -3.91
CA PHE A 19 -10.10 4.69 -4.42
C PHE A 19 -10.08 5.89 -3.47
N LYS A 20 -11.17 6.10 -2.74
CA LYS A 20 -11.24 7.25 -1.85
C LYS A 20 -10.90 6.89 -0.41
N ALA A 21 -11.50 5.84 0.13
CA ALA A 21 -11.25 5.49 1.52
C ALA A 21 -10.00 4.64 1.65
N PHE A 22 -10.03 3.47 1.02
CA PHE A 22 -8.91 2.53 1.04
C PHE A 22 -7.60 3.23 0.63
N VAL A 23 -7.70 4.11 -0.35
CA VAL A 23 -6.54 4.79 -0.91
C VAL A 23 -6.30 6.17 -0.29
N LEU A 24 -7.24 7.08 -0.49
CA LEU A 24 -7.02 8.49 -0.16
C LEU A 24 -7.23 8.76 1.33
N ASP A 25 -7.86 7.84 2.03
CA ASP A 25 -8.08 7.99 3.47
C ASP A 25 -7.29 6.91 4.22
N ALA A 26 -6.26 6.40 3.55
CA ALA A 26 -5.43 5.34 4.09
C ALA A 26 -4.79 5.73 5.41
N ASP A 27 -4.51 7.02 5.58
CA ASP A 27 -3.82 7.50 6.76
C ASP A 27 -4.74 7.50 7.98
N ASN A 28 -6.04 7.43 7.73
CA ASN A 28 -7.00 7.35 8.83
C ASN A 28 -7.47 5.92 9.03
N LEU A 29 -7.19 5.07 8.05
CA LEU A 29 -7.60 3.68 8.12
C LEU A 29 -6.50 2.80 8.67
N ILE A 30 -5.38 2.69 7.97
CA ILE A 30 -4.33 1.74 8.32
C ILE A 30 -3.81 1.94 9.76
N PRO A 31 -3.37 3.15 10.16
CA PRO A 31 -2.89 3.40 11.53
C PRO A 31 -3.95 3.07 12.60
N LYS A 32 -5.21 3.02 12.18
CA LYS A 32 -6.33 2.80 13.09
C LYS A 32 -6.80 1.35 13.05
N VAL A 33 -7.15 0.88 11.86
CA VAL A 33 -7.75 -0.44 11.70
C VAL A 33 -6.72 -1.48 11.25
N ALA A 34 -5.56 -1.02 10.77
CA ALA A 34 -4.52 -1.95 10.33
C ALA A 34 -3.19 -1.75 11.08
N PRO A 35 -3.22 -1.80 12.43
CA PRO A 35 -2.03 -1.51 13.26
C PRO A 35 -1.00 -2.62 13.18
N GLN A 36 -1.45 -3.79 12.71
CA GLN A 36 -0.59 -4.94 12.54
C GLN A 36 0.45 -4.68 11.43
N ALA A 37 0.11 -3.77 10.54
CA ALA A 37 0.96 -3.46 9.40
C ALA A 37 1.78 -2.20 9.66
N ILE A 38 1.08 -1.07 9.74
CA ILE A 38 1.72 0.21 9.83
C ILE A 38 1.27 0.95 11.09
N LYS A 39 2.25 1.47 11.81
CA LYS A 39 2.01 2.18 13.06
C LYS A 39 1.64 3.63 12.79
N SER A 40 2.25 4.20 11.76
CA SER A 40 2.00 5.60 11.42
C SER A 40 2.04 5.79 9.90
N SER A 41 0.93 6.26 9.35
CA SER A 41 0.83 6.57 7.93
C SER A 41 0.72 8.08 7.75
N GLU A 42 1.85 8.74 7.60
CA GLU A 42 1.87 10.20 7.55
C GLU A 42 2.07 10.69 6.12
N ILE A 43 1.03 11.29 5.56
CA ILE A 43 1.11 11.88 4.24
C ILE A 43 1.86 13.21 4.30
N ILE A 44 3.06 13.21 3.76
CA ILE A 44 3.95 14.35 3.83
C ILE A 44 3.48 15.50 2.93
N GLU A 45 3.21 15.20 1.67
CA GLU A 45 2.78 16.21 0.72
C GLU A 45 1.99 15.57 -0.41
N GLY A 46 1.53 16.40 -1.34
CA GLY A 46 0.80 15.89 -2.49
C GLY A 46 -0.68 15.70 -2.19
N SER A 47 -0.98 15.32 -0.95
CA SER A 47 -2.35 15.15 -0.48
C SER A 47 -3.05 14.02 -1.22
N GLY A 48 -2.27 13.08 -1.74
CA GLY A 48 -2.84 11.93 -2.42
C GLY A 48 -2.60 11.98 -3.91
N GLY A 49 -2.35 13.19 -4.42
CA GLY A 49 -2.12 13.35 -5.85
C GLY A 49 -0.68 13.09 -6.24
N PRO A 50 -0.24 13.59 -7.40
CA PRO A 50 1.13 13.40 -7.89
C PRO A 50 2.17 13.98 -6.93
N GLY A 51 3.25 13.23 -6.69
CA GLY A 51 4.31 13.70 -5.84
C GLY A 51 4.04 13.52 -4.35
N THR A 52 2.99 12.76 -4.03
CA THR A 52 2.64 12.51 -2.64
C THR A 52 3.66 11.60 -1.94
N ILE A 53 4.47 12.20 -1.07
CA ILE A 53 5.38 11.44 -0.24
C ILE A 53 4.63 10.87 0.96
N LYS A 54 4.89 9.62 1.29
CA LYS A 54 4.15 8.94 2.35
C LYS A 54 5.10 8.37 3.38
N LYS A 55 5.13 8.95 4.57
CA LYS A 55 6.00 8.46 5.62
C LYS A 55 5.35 7.28 6.31
N ILE A 56 5.80 6.09 5.95
CA ILE A 56 5.22 4.86 6.48
C ILE A 56 6.10 4.27 7.56
N THR A 57 5.60 4.30 8.79
CA THR A 57 6.30 3.72 9.92
C THR A 57 5.69 2.37 10.26
N PHE A 58 6.45 1.31 10.08
CA PHE A 58 5.95 -0.05 10.29
C PHE A 58 5.84 -0.34 11.78
N GLY A 59 5.02 -1.33 12.10
CA GLY A 59 4.83 -1.73 13.49
C GLY A 59 5.88 -2.73 13.94
N GLU A 60 7.03 -2.71 13.26
CA GLU A 60 8.11 -3.63 13.57
C GLU A 60 9.36 -2.83 13.94
N GLY A 61 9.14 -1.67 14.53
CA GLY A 61 10.22 -0.79 14.90
C GLY A 61 9.81 0.66 14.81
N SER A 62 9.22 1.17 15.88
CA SER A 62 8.70 2.53 15.90
C SER A 62 9.80 3.55 15.59
N GLN A 63 9.64 4.24 14.47
CA GLN A 63 10.59 5.24 14.01
C GLN A 63 12.00 4.65 13.86
N PHE A 64 12.05 3.37 13.57
CA PHE A 64 13.30 2.68 13.31
C PHE A 64 13.22 1.96 11.98
N ASN A 65 12.18 1.16 11.81
CA ASN A 65 11.92 0.49 10.56
C ASN A 65 10.76 1.18 9.85
N TYR A 66 11.10 2.05 8.91
CA TYR A 66 10.11 2.88 8.24
C TYR A 66 10.65 3.32 6.89
N VAL A 67 9.76 3.71 5.99
CA VAL A 67 10.20 4.15 4.68
C VAL A 67 9.18 5.10 4.06
N LYS A 68 9.69 6.15 3.42
CA LYS A 68 8.85 7.12 2.75
C LYS A 68 8.61 6.71 1.30
N HIS A 69 7.34 6.63 0.95
CA HIS A 69 6.91 6.27 -0.39
C HIS A 69 6.62 7.53 -1.18
N ARG A 70 6.31 7.34 -2.44
CA ARG A 70 6.07 8.45 -3.35
C ARG A 70 5.13 7.99 -4.44
N ILE A 71 4.34 8.91 -4.97
CA ILE A 71 3.54 8.62 -6.14
C ILE A 71 4.45 8.54 -7.35
N ASP A 72 4.62 7.34 -7.87
CA ASP A 72 5.47 7.12 -9.02
C ASP A 72 4.63 7.23 -10.29
N GLU A 73 3.40 6.75 -10.18
CA GLU A 73 2.42 6.88 -11.25
C GLU A 73 1.03 6.98 -10.61
N ILE A 74 0.15 7.76 -11.19
CA ILE A 74 -1.17 7.96 -10.60
C ILE A 74 -2.20 8.28 -11.68
N ASP A 75 -3.37 7.69 -11.52
CA ASP A 75 -4.48 7.96 -12.42
C ASP A 75 -5.74 8.22 -11.61
N ASN A 76 -6.15 9.47 -11.57
CA ASN A 76 -7.36 9.85 -10.85
C ASN A 76 -8.58 9.36 -11.60
N ALA A 77 -8.46 9.31 -12.92
CA ALA A 77 -9.56 8.89 -13.77
C ALA A 77 -9.57 7.38 -13.95
N ASN A 78 -8.41 6.80 -14.25
CA ASN A 78 -8.32 5.36 -14.52
C ASN A 78 -8.13 4.56 -13.24
N PHE A 79 -8.18 5.25 -12.11
CA PHE A 79 -8.09 4.64 -10.78
C PHE A 79 -6.79 3.87 -10.60
N THR A 80 -5.67 4.58 -10.68
CA THR A 80 -4.37 3.96 -10.48
C THR A 80 -3.57 4.71 -9.43
N TYR A 81 -2.94 3.97 -8.53
CA TYR A 81 -2.18 4.58 -7.45
C TYR A 81 -0.88 3.79 -7.23
N ALA A 82 0.22 4.29 -7.78
CA ALA A 82 1.49 3.58 -7.73
C ALA A 82 2.43 4.22 -6.71
N CYS A 83 3.04 3.37 -5.89
CA CYS A 83 3.92 3.81 -4.84
C CYS A 83 5.34 3.27 -5.04
N THR A 84 6.30 3.99 -4.50
CA THR A 84 7.71 3.64 -4.62
C THR A 84 8.43 4.01 -3.33
N LEU A 85 9.54 3.36 -3.05
CA LEU A 85 10.38 3.75 -1.91
C LEU A 85 11.37 4.82 -2.34
N ILE A 86 11.11 6.07 -1.95
CA ILE A 86 11.98 7.17 -2.33
C ILE A 86 13.11 7.33 -1.32
N GLU A 87 12.78 7.28 -0.03
CA GLU A 87 13.79 7.42 1.01
C GLU A 87 13.28 6.85 2.32
N GLY A 88 14.07 6.02 2.97
CA GLY A 88 13.66 5.49 4.24
C GLY A 88 14.62 4.48 4.80
N ASP A 89 14.49 4.22 6.09
CA ASP A 89 15.36 3.29 6.79
C ASP A 89 14.76 1.90 6.80
N ALA A 90 14.94 1.21 5.68
CA ALA A 90 14.45 -0.15 5.49
C ALA A 90 14.99 -0.70 4.17
N ILE A 91 14.89 0.12 3.14
CA ILE A 91 15.45 -0.21 1.84
C ILE A 91 16.36 0.94 1.38
N SER A 92 17.56 0.99 1.94
CA SER A 92 18.49 2.04 1.60
C SER A 92 19.94 1.56 1.67
N GLU A 93 20.16 0.38 2.26
CA GLU A 93 21.50 -0.17 2.39
C GLU A 93 22.00 -0.74 1.05
N THR A 94 21.82 -2.04 0.88
CA THR A 94 22.23 -2.70 -0.35
C THR A 94 21.01 -3.00 -1.21
N LEU A 95 19.96 -2.25 -0.97
CA LEU A 95 18.67 -2.49 -1.59
C LEU A 95 18.20 -1.22 -2.29
N GLU A 96 17.44 -1.37 -3.36
CA GLU A 96 17.08 -0.23 -4.20
C GLU A 96 15.73 0.36 -3.78
N LYS A 97 14.64 -0.37 -4.06
CA LYS A 97 13.29 0.10 -3.71
C LYS A 97 12.24 -0.93 -4.08
N ILE A 98 11.20 -1.04 -3.28
CA ILE A 98 10.08 -1.92 -3.61
C ILE A 98 8.92 -1.10 -4.18
N ALA A 99 8.36 -1.56 -5.28
CA ALA A 99 7.30 -0.83 -5.96
C ALA A 99 5.95 -1.48 -5.71
N TYR A 100 4.92 -0.66 -5.56
CA TYR A 100 3.55 -1.14 -5.38
C TYR A 100 2.61 -0.35 -6.27
N GLU A 101 2.06 -0.99 -7.29
CA GLU A 101 1.17 -0.32 -8.22
C GLU A 101 -0.24 -0.79 -8.01
N ILE A 102 -1.09 0.10 -7.55
CA ILE A 102 -2.47 -0.23 -7.27
C ILE A 102 -3.34 0.17 -8.45
N LYS A 103 -3.67 -0.81 -9.28
CA LYS A 103 -4.52 -0.58 -10.43
C LYS A 103 -5.92 -1.10 -10.15
N LEU A 104 -6.90 -0.21 -10.20
CA LEU A 104 -8.27 -0.59 -9.92
C LEU A 104 -8.99 -1.05 -11.17
N VAL A 105 -9.48 -2.28 -11.09
CA VAL A 105 -10.36 -2.81 -12.11
C VAL A 105 -11.73 -3.05 -11.50
N ALA A 106 -12.78 -2.63 -12.18
CA ALA A 106 -14.12 -2.81 -11.67
C ALA A 106 -14.59 -4.24 -11.91
N SER A 107 -14.95 -4.93 -10.85
CA SER A 107 -15.50 -6.26 -10.96
C SER A 107 -17.00 -6.15 -11.15
N PRO A 108 -17.49 -6.49 -12.37
CA PRO A 108 -18.89 -6.29 -12.77
C PRO A 108 -19.90 -6.59 -11.67
N ASP A 109 -19.80 -7.77 -11.09
CA ASP A 109 -20.70 -8.16 -10.01
C ASP A 109 -19.92 -8.48 -8.74
N GLY A 110 -18.64 -8.18 -8.76
CA GLY A 110 -17.79 -8.54 -7.65
C GLY A 110 -17.39 -7.34 -6.83
N GLY A 111 -17.71 -6.15 -7.32
CA GLY A 111 -17.33 -4.93 -6.64
C GLY A 111 -16.19 -4.23 -7.33
N SER A 112 -14.99 -4.38 -6.79
CA SER A 112 -13.81 -3.73 -7.34
C SER A 112 -12.58 -4.61 -7.13
N ILE A 113 -11.48 -4.26 -7.77
CA ILE A 113 -10.29 -5.09 -7.81
C ILE A 113 -9.04 -4.23 -7.72
N LEU A 114 -8.42 -4.20 -6.56
CA LEU A 114 -7.17 -3.48 -6.39
C LEU A 114 -5.99 -4.35 -6.79
N LYS A 115 -5.62 -4.30 -8.06
CA LYS A 115 -4.52 -5.09 -8.56
C LYS A 115 -3.19 -4.47 -8.14
N SER A 116 -2.60 -5.02 -7.09
CA SER A 116 -1.32 -4.55 -6.58
C SER A 116 -0.19 -5.24 -7.34
N THR A 117 0.34 -4.54 -8.31
CA THR A 117 1.46 -5.04 -9.07
C THR A 117 2.76 -4.57 -8.43
N SER A 118 3.40 -5.44 -7.66
CA SER A 118 4.60 -5.06 -6.97
C SER A 118 5.84 -5.45 -7.75
N LYS A 119 6.84 -4.60 -7.70
CA LYS A 119 8.10 -4.84 -8.36
C LYS A 119 9.25 -4.50 -7.43
N TYR A 120 9.88 -5.53 -6.89
CA TYR A 120 10.96 -5.34 -5.95
C TYR A 120 12.28 -5.13 -6.68
N HIS A 121 12.80 -3.92 -6.58
CA HIS A 121 14.04 -3.52 -7.26
C HIS A 121 15.25 -3.85 -6.41
N THR A 122 16.15 -4.63 -6.97
CA THR A 122 17.39 -4.99 -6.31
C THR A 122 18.50 -4.02 -6.71
N LYS A 123 19.50 -3.86 -5.85
CA LYS A 123 20.60 -2.96 -6.16
C LYS A 123 21.76 -3.76 -6.76
N GLY A 124 21.90 -3.68 -8.07
CA GLY A 124 22.95 -4.42 -8.76
C GLY A 124 22.66 -5.90 -8.79
N ASP A 125 23.57 -6.70 -8.24
CA ASP A 125 23.37 -8.13 -8.13
C ASP A 125 22.90 -8.50 -6.74
N HIS A 126 22.64 -7.48 -5.94
CA HIS A 126 22.23 -7.68 -4.55
C HIS A 126 20.72 -7.67 -4.45
N GLU A 127 20.15 -8.82 -4.12
CA GLU A 127 18.71 -8.95 -4.01
C GLU A 127 18.20 -8.39 -2.71
N ILE A 128 16.89 -8.31 -2.60
CA ILE A 128 16.27 -7.81 -1.40
C ILE A 128 16.06 -8.92 -0.40
N LYS A 129 16.56 -8.68 0.81
CA LYS A 129 16.38 -9.61 1.90
C LYS A 129 14.91 -9.96 2.08
N GLU A 130 14.65 -11.24 2.23
CA GLU A 130 13.30 -11.78 2.27
C GLU A 130 12.48 -11.18 3.42
N ASP A 131 13.19 -10.72 4.45
CA ASP A 131 12.53 -10.12 5.61
C ASP A 131 11.93 -8.76 5.24
N GLN A 132 12.57 -8.07 4.33
CA GLN A 132 12.10 -6.75 3.90
C GLN A 132 10.89 -6.91 2.98
N ILE A 133 11.01 -7.83 2.04
CA ILE A 133 9.87 -8.23 1.20
C ILE A 133 8.72 -8.71 2.08
N LYS A 134 9.05 -9.41 3.16
CA LYS A 134 8.06 -9.90 4.11
C LYS A 134 7.26 -8.73 4.70
N ALA A 135 7.96 -7.67 5.11
CA ALA A 135 7.30 -6.46 5.63
C ALA A 135 6.36 -5.88 4.60
N GLY A 136 6.74 -5.93 3.34
CA GLY A 136 5.89 -5.40 2.30
C GLY A 136 4.65 -6.25 2.09
N LYS A 137 4.85 -7.56 2.01
CA LYS A 137 3.76 -8.49 1.81
C LYS A 137 2.80 -8.47 3.00
N GLU A 138 3.37 -8.49 4.20
CA GLU A 138 2.57 -8.46 5.43
C GLU A 138 1.93 -7.09 5.60
N GLU A 139 2.65 -6.04 5.21
CA GLU A 139 2.11 -4.70 5.22
C GLU A 139 0.83 -4.65 4.41
N ALA A 140 0.94 -4.99 3.14
CA ALA A 140 -0.21 -5.02 2.24
C ALA A 140 -1.29 -5.95 2.76
N SER A 141 -0.88 -7.03 3.41
CA SER A 141 -1.83 -8.01 3.94
C SER A 141 -2.68 -7.39 5.05
N GLY A 142 -2.02 -6.75 6.00
CA GLY A 142 -2.72 -6.05 7.06
C GLY A 142 -3.54 -4.91 6.53
N ILE A 143 -2.96 -4.13 5.63
CA ILE A 143 -3.68 -3.03 5.01
C ILE A 143 -4.97 -3.52 4.36
N PHE A 144 -4.83 -4.34 3.33
CA PHE A 144 -5.99 -4.76 2.54
C PHE A 144 -7.05 -5.38 3.41
N LYS A 145 -6.69 -6.46 4.10
CA LYS A 145 -7.66 -7.24 4.83
C LYS A 145 -8.27 -6.47 5.98
N ALA A 146 -7.55 -5.50 6.53
CA ALA A 146 -8.04 -4.80 7.71
C ALA A 146 -8.89 -3.59 7.31
N VAL A 147 -8.51 -2.89 6.24
CA VAL A 147 -9.32 -1.77 5.80
C VAL A 147 -10.51 -2.25 4.99
N GLU A 148 -10.30 -3.25 4.13
CA GLU A 148 -11.39 -3.79 3.32
C GLU A 148 -12.53 -4.26 4.22
N ALA A 149 -12.19 -5.01 5.27
CA ALA A 149 -13.20 -5.55 6.16
C ALA A 149 -13.80 -4.47 7.04
N TYR A 150 -13.00 -3.48 7.44
CA TYR A 150 -13.52 -2.33 8.17
C TYR A 150 -14.55 -1.60 7.31
N LEU A 151 -14.24 -1.48 6.03
CA LEU A 151 -15.10 -0.82 5.06
C LEU A 151 -16.37 -1.62 4.83
N LEU A 152 -16.28 -2.93 4.96
CA LEU A 152 -17.45 -3.80 4.87
C LEU A 152 -18.31 -3.65 6.12
N ALA A 153 -17.64 -3.39 7.23
CA ALA A 153 -18.29 -3.38 8.53
C ALA A 153 -18.74 -1.97 8.90
N ASN A 154 -18.98 -1.14 7.90
CA ASN A 154 -19.57 0.17 8.13
C ASN A 154 -20.97 0.28 7.51
N PRO A 155 -21.16 -0.02 6.21
CA PRO A 155 -22.48 0.03 5.58
C PRO A 155 -23.38 -1.07 6.12
N ALA A 156 -22.74 -2.15 6.54
CA ALA A 156 -23.45 -3.27 7.12
C ALA A 156 -23.16 -3.37 8.61
N ALA A 157 -22.15 -2.62 9.06
CA ALA A 157 -21.67 -2.70 10.43
C ALA A 157 -21.23 -4.13 10.74
N TYR A 158 -21.18 -4.48 12.01
CA TYR A 158 -20.77 -5.81 12.39
C TYR A 158 -21.98 -6.74 12.51
N HIS A 159 -22.80 -6.76 11.48
CA HIS A 159 -23.97 -7.63 11.45
C HIS A 159 -23.66 -8.89 10.67
N GLY A 1 18.46 -8.36 -10.71
CA GLY A 1 17.22 -9.15 -10.59
C GLY A 1 16.01 -8.28 -10.36
N VAL A 2 14.84 -8.89 -10.27
CA VAL A 2 13.61 -8.17 -10.00
C VAL A 2 12.50 -9.13 -9.65
N PHE A 3 11.85 -8.91 -8.52
CA PHE A 3 10.75 -9.75 -8.10
C PHE A 3 9.44 -9.00 -8.26
N THR A 4 8.48 -9.64 -8.88
CA THR A 4 7.17 -9.03 -9.06
C THR A 4 6.14 -9.81 -8.25
N TYR A 5 5.81 -9.29 -7.08
CA TYR A 5 4.82 -9.93 -6.23
C TYR A 5 3.46 -9.32 -6.50
N GLU A 6 2.53 -10.13 -6.96
CA GLU A 6 1.25 -9.63 -7.39
C GLU A 6 0.17 -10.18 -6.49
N SER A 7 -0.62 -9.28 -5.93
CA SER A 7 -1.72 -9.69 -5.11
C SER A 7 -3.02 -9.14 -5.69
N GLU A 8 -4.06 -9.96 -5.69
CA GLU A 8 -5.34 -9.54 -6.22
C GLU A 8 -6.30 -9.27 -5.08
N THR A 9 -6.65 -8.02 -4.89
CA THR A 9 -7.60 -7.64 -3.87
C THR A 9 -8.99 -7.52 -4.49
N THR A 10 -9.79 -8.58 -4.34
CA THR A 10 -11.15 -8.54 -4.81
C THR A 10 -12.06 -8.09 -3.68
N THR A 11 -12.39 -6.82 -3.70
CA THR A 11 -13.10 -6.20 -2.60
C THR A 11 -14.59 -6.19 -2.87
N VAL A 12 -15.37 -6.41 -1.82
CA VAL A 12 -16.82 -6.48 -1.92
C VAL A 12 -17.41 -5.08 -2.16
N ILE A 13 -16.61 -4.06 -1.86
CA ILE A 13 -17.02 -2.68 -2.06
C ILE A 13 -16.72 -2.22 -3.48
N THR A 14 -17.54 -1.29 -3.96
CA THR A 14 -17.39 -0.76 -5.31
C THR A 14 -16.13 0.10 -5.45
N PRO A 15 -15.56 0.18 -6.67
CA PRO A 15 -14.25 0.82 -6.93
C PRO A 15 -14.03 2.15 -6.21
N ALA A 16 -15.09 2.96 -6.11
CA ALA A 16 -14.99 4.26 -5.46
C ALA A 16 -14.47 4.13 -4.04
N ARG A 17 -14.98 3.14 -3.32
CA ARG A 17 -14.65 3.00 -1.92
C ARG A 17 -13.17 2.67 -1.74
N LEU A 18 -12.56 2.22 -2.83
CA LEU A 18 -11.13 1.92 -2.83
C LEU A 18 -10.34 3.16 -3.21
N PHE A 19 -10.64 3.68 -4.38
CA PHE A 19 -9.91 4.82 -4.92
C PHE A 19 -10.01 6.03 -3.98
N LYS A 20 -11.08 6.10 -3.23
CA LYS A 20 -11.27 7.17 -2.28
C LYS A 20 -10.76 6.79 -0.89
N ALA A 21 -11.37 5.79 -0.26
CA ALA A 21 -11.03 5.43 1.10
C ALA A 21 -9.70 4.69 1.19
N PHE A 22 -9.56 3.59 0.45
CA PHE A 22 -8.35 2.78 0.46
C PHE A 22 -7.13 3.63 0.06
N VAL A 23 -7.35 4.56 -0.86
CA VAL A 23 -6.26 5.38 -1.40
C VAL A 23 -6.05 6.68 -0.61
N LEU A 24 -7.06 7.53 -0.58
CA LEU A 24 -6.92 8.87 -0.01
C LEU A 24 -7.06 8.85 1.51
N ASP A 25 -7.95 8.02 2.02
CA ASP A 25 -8.14 7.89 3.45
C ASP A 25 -7.18 6.88 4.05
N ALA A 26 -6.07 6.66 3.35
CA ALA A 26 -5.06 5.70 3.78
C ALA A 26 -4.48 6.09 5.13
N ASP A 27 -4.43 7.40 5.40
CA ASP A 27 -3.90 7.91 6.66
C ASP A 27 -4.92 7.75 7.77
N ASN A 28 -6.18 7.61 7.39
CA ASN A 28 -7.26 7.45 8.35
C ASN A 28 -7.47 5.97 8.67
N LEU A 29 -7.28 5.15 7.65
CA LEU A 29 -7.55 3.72 7.77
C LEU A 29 -6.36 2.96 8.33
N ILE A 30 -5.32 2.81 7.52
CA ILE A 30 -4.21 1.88 7.83
C ILE A 30 -3.61 2.10 9.23
N PRO A 31 -3.14 3.31 9.59
CA PRO A 31 -2.56 3.58 10.92
C PRO A 31 -3.48 3.09 12.06
N LYS A 32 -4.78 3.16 11.83
CA LYS A 32 -5.75 2.83 12.86
C LYS A 32 -6.22 1.39 12.75
N VAL A 33 -6.74 1.02 11.59
CA VAL A 33 -7.37 -0.28 11.39
C VAL A 33 -6.38 -1.33 10.89
N ALA A 34 -5.26 -0.89 10.33
CA ALA A 34 -4.25 -1.83 9.85
C ALA A 34 -2.89 -1.61 10.56
N PRO A 35 -2.87 -1.63 11.91
CA PRO A 35 -1.68 -1.25 12.68
C PRO A 35 -0.67 -2.40 12.77
N GLN A 36 -1.06 -3.57 12.29
CA GLN A 36 -0.17 -4.71 12.22
C GLN A 36 0.71 -4.57 10.97
N ALA A 37 0.38 -3.58 10.15
CA ALA A 37 1.15 -3.28 8.96
C ALA A 37 1.88 -1.96 9.14
N ILE A 38 1.11 -0.90 9.23
CA ILE A 38 1.67 0.45 9.34
C ILE A 38 1.04 1.18 10.53
N LYS A 39 1.88 1.65 11.42
CA LYS A 39 1.43 2.30 12.64
C LYS A 39 1.02 3.75 12.35
N SER A 40 1.75 4.40 11.47
CA SER A 40 1.47 5.79 11.14
C SER A 40 1.70 6.06 9.67
N SER A 41 0.75 6.75 9.05
CA SER A 41 0.84 7.14 7.66
C SER A 41 0.66 8.65 7.57
N GLU A 42 1.75 9.38 7.76
CA GLU A 42 1.70 10.83 7.81
C GLU A 42 1.86 11.43 6.41
N ILE A 43 0.81 12.09 5.94
CA ILE A 43 0.87 12.75 4.64
C ILE A 43 1.57 14.09 4.77
N ILE A 44 2.80 14.14 4.26
CA ILE A 44 3.64 15.33 4.34
C ILE A 44 3.05 16.46 3.50
N GLU A 45 2.85 16.20 2.22
CA GLU A 45 2.30 17.18 1.30
C GLU A 45 1.74 16.50 0.06
N GLY A 46 1.14 17.27 -0.82
CA GLY A 46 0.56 16.72 -2.02
C GLY A 46 -0.94 16.88 -2.05
N SER A 47 -1.55 16.50 -3.16
CA SER A 47 -3.00 16.59 -3.29
C SER A 47 -3.63 15.21 -3.20
N GLY A 48 -2.82 14.23 -2.84
CA GLY A 48 -3.28 12.85 -2.81
C GLY A 48 -2.67 12.05 -3.94
N GLY A 49 -2.47 12.72 -5.07
CA GLY A 49 -1.82 12.09 -6.20
C GLY A 49 -0.36 12.51 -6.32
N PRO A 50 0.03 13.10 -7.46
CA PRO A 50 1.44 13.43 -7.73
C PRO A 50 2.02 14.38 -6.69
N GLY A 51 3.24 14.08 -6.24
CA GLY A 51 3.94 14.94 -5.30
C GLY A 51 3.53 14.69 -3.86
N THR A 52 2.71 13.66 -3.63
CA THR A 52 2.27 13.35 -2.29
C THR A 52 3.25 12.43 -1.58
N ILE A 53 3.90 12.94 -0.54
CA ILE A 53 4.85 12.17 0.25
C ILE A 53 4.15 11.63 1.50
N LYS A 54 4.41 10.38 1.85
CA LYS A 54 3.78 9.78 3.01
C LYS A 54 4.81 9.10 3.89
N LYS A 55 4.88 9.51 5.14
CA LYS A 55 5.82 8.91 6.10
C LYS A 55 5.22 7.61 6.63
N ILE A 56 5.68 6.50 6.07
CA ILE A 56 5.15 5.21 6.43
C ILE A 56 5.98 4.57 7.54
N THR A 57 5.44 4.58 8.74
CA THR A 57 6.09 3.96 9.88
C THR A 57 5.42 2.62 10.17
N PHE A 58 6.17 1.54 9.98
CA PHE A 58 5.62 0.20 10.07
C PHE A 58 5.31 -0.17 11.51
N GLY A 59 4.39 -1.11 11.69
CA GLY A 59 3.99 -1.54 13.00
C GLY A 59 4.34 -3.00 13.24
N GLU A 60 5.63 -3.28 13.38
CA GLU A 60 6.11 -4.64 13.55
C GLU A 60 6.25 -4.99 15.02
N GLY A 61 6.05 -4.00 15.87
CA GLY A 61 6.33 -4.14 17.27
C GLY A 61 7.53 -3.32 17.66
N SER A 62 8.31 -2.95 16.65
CA SER A 62 9.45 -2.08 16.82
C SER A 62 9.39 -0.96 15.78
N GLN A 63 10.23 0.05 15.94
CA GLN A 63 10.20 1.21 15.06
C GLN A 63 11.54 1.40 14.37
N PHE A 64 12.06 0.32 13.78
CA PHE A 64 13.31 0.38 13.06
C PHE A 64 13.06 0.61 11.58
N ASN A 65 12.05 -0.07 11.06
CA ASN A 65 11.68 0.04 9.66
C ASN A 65 10.67 1.17 9.48
N TYR A 66 11.05 2.16 8.71
CA TYR A 66 10.18 3.29 8.40
C TYR A 66 10.66 3.94 7.12
N VAL A 67 9.75 4.24 6.22
CA VAL A 67 10.14 4.79 4.92
C VAL A 67 9.05 5.65 4.32
N LYS A 68 9.45 6.77 3.76
CA LYS A 68 8.54 7.67 3.10
C LYS A 68 8.25 7.16 1.70
N HIS A 69 6.98 6.91 1.45
CA HIS A 69 6.49 6.56 0.13
C HIS A 69 6.01 7.82 -0.58
N ARG A 70 5.70 7.68 -1.84
CA ARG A 70 5.26 8.79 -2.65
C ARG A 70 4.38 8.25 -3.76
N ILE A 71 3.41 9.03 -4.18
CA ILE A 71 2.62 8.66 -5.33
C ILE A 71 3.45 8.89 -6.58
N ASP A 72 4.19 7.87 -6.97
CA ASP A 72 5.12 7.98 -8.09
C ASP A 72 4.37 8.06 -9.40
N GLU A 73 3.29 7.31 -9.48
CA GLU A 73 2.47 7.29 -10.68
C GLU A 73 1.02 7.02 -10.30
N ILE A 74 0.15 7.94 -10.63
CA ILE A 74 -1.27 7.78 -10.39
C ILE A 74 -2.04 7.99 -11.67
N ASP A 75 -2.97 7.11 -11.95
CA ASP A 75 -3.80 7.24 -13.13
C ASP A 75 -5.24 7.43 -12.70
N ASN A 76 -5.81 8.58 -13.05
CA ASN A 76 -7.18 8.89 -12.62
C ASN A 76 -8.21 8.25 -13.56
N ALA A 77 -7.77 7.90 -14.75
CA ALA A 77 -8.66 7.30 -15.74
C ALA A 77 -8.78 5.80 -15.51
N ASN A 78 -7.65 5.13 -15.40
CA ASN A 78 -7.64 3.68 -15.20
C ASN A 78 -7.54 3.34 -13.72
N PHE A 79 -7.59 4.39 -12.89
CA PHE A 79 -7.57 4.27 -11.43
C PHE A 79 -6.34 3.48 -10.96
N THR A 80 -5.16 4.04 -11.17
CA THR A 80 -3.92 3.36 -10.82
C THR A 80 -3.18 4.10 -9.71
N TYR A 81 -2.79 3.35 -8.69
CA TYR A 81 -2.12 3.89 -7.51
C TYR A 81 -0.74 3.23 -7.34
N ALA A 82 0.31 3.96 -7.70
CA ALA A 82 1.67 3.45 -7.53
C ALA A 82 2.41 4.22 -6.44
N CYS A 83 3.03 3.50 -5.52
CA CYS A 83 3.75 4.11 -4.43
C CYS A 83 5.21 3.66 -4.41
N THR A 84 6.09 4.64 -4.35
CA THR A 84 7.54 4.42 -4.41
C THR A 84 8.17 4.71 -3.05
N LEU A 85 9.34 4.11 -2.82
CA LEU A 85 10.17 4.50 -1.69
C LEU A 85 10.99 5.73 -2.07
N ILE A 86 10.62 6.89 -1.56
CA ILE A 86 11.33 8.12 -1.90
C ILE A 86 12.53 8.31 -0.98
N GLU A 87 12.36 8.00 0.31
CA GLU A 87 13.45 8.14 1.27
C GLU A 87 13.07 7.52 2.61
N GLY A 88 14.00 6.84 3.24
CA GLY A 88 13.75 6.25 4.53
C GLY A 88 14.56 4.99 4.76
N ASP A 89 14.39 4.39 5.93
CA ASP A 89 15.15 3.19 6.27
C ASP A 89 14.32 1.94 6.07
N ALA A 90 14.19 1.57 4.80
CA ALA A 90 13.66 0.26 4.43
C ALA A 90 14.58 -0.35 3.37
N ILE A 91 15.62 0.41 3.05
CA ILE A 91 16.59 0.08 2.02
C ILE A 91 17.97 0.47 2.53
N SER A 92 18.99 -0.34 2.25
CA SER A 92 20.32 -0.06 2.75
C SER A 92 21.42 -0.54 1.81
N GLU A 93 21.75 -1.82 1.86
CA GLU A 93 22.91 -2.35 1.14
C GLU A 93 22.58 -2.70 -0.31
N THR A 94 22.33 -3.98 -0.58
CA THR A 94 22.06 -4.45 -1.94
C THR A 94 20.62 -4.16 -2.33
N LEU A 95 19.89 -3.56 -1.41
CA LEU A 95 18.49 -3.25 -1.61
C LEU A 95 18.39 -1.94 -2.38
N GLU A 96 17.45 -1.87 -3.31
CA GLU A 96 17.26 -0.65 -4.08
C GLU A 96 15.90 -0.02 -3.75
N LYS A 97 14.81 -0.75 -4.03
CA LYS A 97 13.48 -0.22 -3.78
C LYS A 97 12.41 -1.31 -3.87
N ILE A 98 11.39 -1.22 -3.03
CA ILE A 98 10.21 -2.05 -3.16
C ILE A 98 9.01 -1.18 -3.55
N ALA A 99 8.62 -1.28 -4.81
CA ALA A 99 7.52 -0.49 -5.34
C ALA A 99 6.22 -1.27 -5.25
N TYR A 100 5.11 -0.55 -5.17
CA TYR A 100 3.79 -1.18 -5.17
C TYR A 100 2.86 -0.44 -6.15
N GLU A 101 2.25 -1.18 -7.06
CA GLU A 101 1.41 -0.57 -8.09
C GLU A 101 0.03 -1.21 -8.06
N ILE A 102 -0.91 -0.52 -7.44
CA ILE A 102 -2.25 -1.04 -7.27
C ILE A 102 -3.19 -0.45 -8.33
N LYS A 103 -3.60 -1.28 -9.27
CA LYS A 103 -4.49 -0.83 -10.33
C LYS A 103 -5.92 -1.27 -10.04
N LEU A 104 -6.84 -0.32 -10.16
CA LEU A 104 -8.24 -0.56 -9.83
C LEU A 104 -9.02 -1.11 -11.01
N VAL A 105 -9.23 -2.41 -10.99
CA VAL A 105 -10.10 -3.07 -11.95
C VAL A 105 -11.46 -3.29 -11.29
N ALA A 106 -12.51 -3.46 -12.08
CA ALA A 106 -13.84 -3.65 -11.53
C ALA A 106 -14.30 -5.09 -11.70
N SER A 107 -14.83 -5.67 -10.64
CA SER A 107 -15.41 -7.00 -10.71
C SER A 107 -16.92 -6.87 -10.78
N PRO A 108 -17.50 -7.13 -11.97
CA PRO A 108 -18.94 -6.89 -12.25
C PRO A 108 -19.86 -7.29 -11.11
N ASP A 109 -19.68 -8.50 -10.59
CA ASP A 109 -20.52 -8.99 -9.50
C ASP A 109 -19.67 -9.31 -8.28
N GLY A 110 -18.45 -8.81 -8.27
CA GLY A 110 -17.55 -9.10 -7.18
C GLY A 110 -16.89 -7.85 -6.63
N GLY A 111 -17.53 -6.71 -6.83
CA GLY A 111 -17.01 -5.46 -6.32
C GLY A 111 -15.87 -4.91 -7.15
N SER A 112 -14.67 -4.98 -6.61
CA SER A 112 -13.50 -4.42 -7.27
C SER A 112 -12.36 -5.41 -7.30
N ILE A 113 -11.33 -5.09 -8.06
CA ILE A 113 -10.16 -5.95 -8.21
C ILE A 113 -8.92 -5.08 -8.24
N LEU A 114 -8.25 -4.96 -7.11
CA LEU A 114 -7.07 -4.13 -7.04
C LEU A 114 -5.83 -4.96 -7.29
N LYS A 115 -5.29 -4.82 -8.50
CA LYS A 115 -4.09 -5.54 -8.88
C LYS A 115 -2.88 -4.87 -8.25
N SER A 116 -2.42 -5.42 -7.14
CA SER A 116 -1.23 -4.91 -6.48
C SER A 116 0.00 -5.57 -7.08
N THR A 117 0.62 -4.87 -8.01
CA THR A 117 1.80 -5.35 -8.68
C THR A 117 3.04 -4.68 -8.10
N SER A 118 3.74 -5.37 -7.24
CA SER A 118 4.94 -4.80 -6.64
C SER A 118 6.15 -5.07 -7.51
N LYS A 119 7.15 -4.23 -7.38
CA LYS A 119 8.36 -4.36 -8.16
C LYS A 119 9.58 -4.24 -7.26
N TYR A 120 10.18 -5.37 -6.95
CA TYR A 120 11.35 -5.41 -6.08
C TYR A 120 12.60 -5.14 -6.88
N HIS A 121 13.10 -3.92 -6.75
CA HIS A 121 14.31 -3.48 -7.45
C HIS A 121 15.54 -3.93 -6.67
N THR A 122 16.33 -4.80 -7.28
CA THR A 122 17.57 -5.24 -6.66
C THR A 122 18.71 -4.35 -7.14
N LYS A 123 19.51 -3.85 -6.22
CA LYS A 123 20.65 -3.03 -6.60
C LYS A 123 21.84 -3.91 -6.87
N GLY A 124 21.97 -4.35 -8.12
CA GLY A 124 23.03 -5.25 -8.49
C GLY A 124 22.51 -6.63 -8.84
N ASP A 125 22.30 -7.45 -7.82
CA ASP A 125 21.79 -8.80 -8.02
C ASP A 125 20.98 -9.26 -6.81
N HIS A 126 21.52 -9.00 -5.62
CA HIS A 126 20.90 -9.45 -4.38
C HIS A 126 19.55 -8.78 -4.15
N GLU A 127 18.71 -9.48 -3.40
CA GLU A 127 17.32 -9.09 -3.19
C GLU A 127 17.19 -8.02 -2.13
N ILE A 128 15.93 -7.68 -1.85
CA ILE A 128 15.60 -6.74 -0.78
C ILE A 128 15.51 -7.51 0.54
N LYS A 129 16.48 -8.41 0.75
CA LYS A 129 16.46 -9.33 1.88
C LYS A 129 15.21 -10.20 1.80
N GLU A 130 15.04 -11.10 2.75
CA GLU A 130 13.83 -11.91 2.80
C GLU A 130 12.78 -11.23 3.68
N ASP A 131 13.26 -10.51 4.69
CA ASP A 131 12.38 -9.85 5.64
C ASP A 131 11.48 -8.82 4.99
N GLN A 132 12.05 -8.00 4.11
CA GLN A 132 11.28 -6.94 3.46
C GLN A 132 10.25 -7.52 2.50
N ILE A 133 10.63 -8.60 1.81
CA ILE A 133 9.71 -9.33 0.95
C ILE A 133 8.54 -9.90 1.77
N LYS A 134 8.84 -10.51 2.91
CA LYS A 134 7.81 -11.02 3.80
C LYS A 134 6.97 -9.87 4.35
N ALA A 135 7.62 -8.72 4.56
CA ALA A 135 6.93 -7.52 5.02
C ALA A 135 5.91 -7.07 4.00
N GLY A 136 6.21 -7.27 2.73
CA GLY A 136 5.27 -6.91 1.68
C GLY A 136 4.03 -7.78 1.72
N LYS A 137 4.25 -9.08 1.95
CA LYS A 137 3.15 -10.02 2.09
C LYS A 137 2.31 -9.68 3.31
N GLU A 138 2.98 -9.54 4.45
CA GLU A 138 2.33 -9.24 5.72
C GLU A 138 1.63 -7.89 5.66
N GLU A 139 2.32 -6.90 5.12
CA GLU A 139 1.81 -5.53 5.06
C GLU A 139 0.51 -5.48 4.28
N ALA A 140 0.57 -5.87 3.02
CA ALA A 140 -0.60 -5.86 2.14
C ALA A 140 -1.75 -6.64 2.77
N SER A 141 -1.41 -7.72 3.48
CA SER A 141 -2.41 -8.56 4.13
C SER A 141 -3.19 -7.76 5.17
N GLY A 142 -2.48 -7.11 6.07
CA GLY A 142 -3.12 -6.28 7.07
C GLY A 142 -3.85 -5.12 6.46
N ILE A 143 -3.29 -4.55 5.39
CA ILE A 143 -3.92 -3.40 4.74
C ILE A 143 -5.30 -3.75 4.20
N PHE A 144 -5.34 -4.58 3.15
CA PHE A 144 -6.60 -4.80 2.45
C PHE A 144 -7.61 -5.46 3.34
N LYS A 145 -7.18 -6.48 4.05
CA LYS A 145 -8.08 -7.29 4.85
C LYS A 145 -8.66 -6.50 6.02
N ALA A 146 -7.89 -5.55 6.54
CA ALA A 146 -8.36 -4.80 7.70
C ALA A 146 -9.20 -3.61 7.30
N VAL A 147 -8.89 -3.00 6.16
CA VAL A 147 -9.70 -1.91 5.66
C VAL A 147 -10.97 -2.47 5.03
N GLU A 148 -10.85 -3.63 4.38
CA GLU A 148 -11.99 -4.32 3.75
C GLU A 148 -13.15 -4.41 4.74
N ALA A 149 -12.91 -5.07 5.86
CA ALA A 149 -13.95 -5.32 6.83
C ALA A 149 -14.33 -4.07 7.59
N TYR A 150 -13.36 -3.22 7.90
CA TYR A 150 -13.65 -1.95 8.57
C TYR A 150 -14.65 -1.12 7.75
N LEU A 151 -14.49 -1.17 6.44
CA LEU A 151 -15.34 -0.42 5.52
C LEU A 151 -16.76 -0.98 5.49
N LEU A 152 -16.92 -2.25 5.83
CA LEU A 152 -18.25 -2.83 5.97
C LEU A 152 -18.77 -2.62 7.38
N ALA A 153 -17.84 -2.58 8.33
CA ALA A 153 -18.18 -2.42 9.73
C ALA A 153 -18.37 -0.95 10.10
N ASN A 154 -18.63 -0.12 9.11
CA ASN A 154 -18.96 1.27 9.36
C ASN A 154 -20.42 1.57 9.03
N PRO A 155 -20.91 1.24 7.81
CA PRO A 155 -22.33 1.38 7.49
C PRO A 155 -23.18 0.48 8.38
N ALA A 156 -22.68 -0.73 8.61
CA ALA A 156 -23.33 -1.67 9.51
C ALA A 156 -22.77 -1.51 10.91
N ALA A 157 -21.75 -0.66 11.03
CA ALA A 157 -21.13 -0.30 12.31
C ALA A 157 -20.95 -1.50 13.24
N TYR A 158 -19.84 -2.19 13.02
CA TYR A 158 -19.50 -3.38 13.78
C TYR A 158 -20.59 -4.43 13.64
N HIS A 159 -20.67 -5.02 12.46
CA HIS A 159 -21.71 -5.99 12.15
C HIS A 159 -21.34 -7.37 12.69
N GLY A 1 18.22 -6.63 -10.19
CA GLY A 1 17.13 -7.56 -10.57
C GLY A 1 15.79 -7.08 -10.07
N VAL A 2 14.72 -7.80 -10.42
CA VAL A 2 13.38 -7.44 -10.00
C VAL A 2 12.51 -8.68 -9.80
N PHE A 3 11.92 -8.78 -8.62
CA PHE A 3 10.94 -9.82 -8.34
C PHE A 3 9.55 -9.23 -8.48
N THR A 4 8.71 -9.87 -9.27
CA THR A 4 7.37 -9.36 -9.50
C THR A 4 6.37 -10.09 -8.61
N TYR A 5 6.01 -9.46 -7.50
CA TYR A 5 5.04 -10.03 -6.59
C TYR A 5 3.71 -9.32 -6.78
N GLU A 6 2.70 -10.05 -7.22
CA GLU A 6 1.43 -9.46 -7.58
C GLU A 6 0.32 -10.00 -6.70
N SER A 7 -0.08 -9.20 -5.73
CA SER A 7 -1.14 -9.59 -4.83
C SER A 7 -2.46 -8.96 -5.27
N GLU A 8 -3.49 -9.78 -5.40
CA GLU A 8 -4.76 -9.30 -5.91
C GLU A 8 -5.81 -9.23 -4.79
N THR A 9 -6.28 -8.04 -4.53
CA THR A 9 -7.34 -7.84 -3.56
C THR A 9 -8.69 -7.75 -4.27
N THR A 10 -9.42 -8.85 -4.32
CA THR A 10 -10.77 -8.81 -4.85
C THR A 10 -11.70 -8.35 -3.75
N THR A 11 -12.01 -7.07 -3.78
CA THR A 11 -12.69 -6.44 -2.67
C THR A 11 -14.19 -6.50 -2.84
N VAL A 12 -14.87 -6.75 -1.73
CA VAL A 12 -16.32 -6.86 -1.72
C VAL A 12 -16.96 -5.47 -1.78
N ILE A 13 -16.13 -4.44 -1.64
CA ILE A 13 -16.56 -3.07 -1.70
C ILE A 13 -16.29 -2.49 -3.10
N THR A 14 -16.97 -1.40 -3.43
CA THR A 14 -16.83 -0.78 -4.74
C THR A 14 -15.43 -0.19 -4.94
N PRO A 15 -15.01 -0.02 -6.21
CA PRO A 15 -13.71 0.59 -6.55
C PRO A 15 -13.53 1.95 -5.88
N ALA A 16 -14.63 2.66 -5.66
CA ALA A 16 -14.58 3.96 -5.00
C ALA A 16 -13.98 3.86 -3.62
N ARG A 17 -14.46 2.88 -2.85
CA ARG A 17 -14.02 2.69 -1.49
C ARG A 17 -12.52 2.46 -1.46
N LEU A 18 -11.99 1.94 -2.57
CA LEU A 18 -10.58 1.67 -2.68
C LEU A 18 -9.83 2.89 -3.17
N PHE A 19 -10.24 3.40 -4.32
CA PHE A 19 -9.53 4.48 -4.98
C PHE A 19 -9.46 5.73 -4.10
N LYS A 20 -10.48 5.96 -3.29
CA LYS A 20 -10.51 7.15 -2.45
C LYS A 20 -10.08 6.86 -1.02
N ALA A 21 -10.59 5.80 -0.43
CA ALA A 21 -10.32 5.52 0.97
C ALA A 21 -9.07 4.66 1.15
N PHE A 22 -8.99 3.57 0.40
CA PHE A 22 -7.82 2.69 0.46
C PHE A 22 -6.57 3.44 -0.04
N VAL A 23 -6.76 4.33 -1.01
CA VAL A 23 -5.65 5.04 -1.62
C VAL A 23 -5.42 6.42 -1.02
N LEU A 24 -6.39 7.32 -1.16
CA LEU A 24 -6.20 8.72 -0.77
C LEU A 24 -6.25 8.90 0.75
N ASP A 25 -7.38 8.56 1.34
CA ASP A 25 -7.59 8.79 2.77
C ASP A 25 -7.15 7.56 3.56
N ALA A 26 -6.05 6.96 3.14
CA ALA A 26 -5.55 5.74 3.75
C ALA A 26 -4.88 6.00 5.09
N ASP A 27 -4.37 7.21 5.25
CA ASP A 27 -3.64 7.58 6.46
C ASP A 27 -4.59 7.75 7.63
N ASN A 28 -5.87 7.90 7.31
CA ASN A 28 -6.90 7.99 8.34
C ASN A 28 -7.56 6.64 8.55
N LEU A 29 -7.06 5.63 7.84
CA LEU A 29 -7.58 4.28 7.99
C LEU A 29 -6.55 3.37 8.66
N ILE A 30 -5.48 3.05 7.92
CA ILE A 30 -4.50 2.03 8.36
C ILE A 30 -4.00 2.24 9.79
N PRO A 31 -3.50 3.44 10.17
CA PRO A 31 -2.99 3.68 11.53
C PRO A 31 -4.05 3.44 12.60
N LYS A 32 -5.31 3.46 12.22
CA LYS A 32 -6.41 3.32 13.16
C LYS A 32 -7.06 1.95 13.05
N VAL A 33 -7.46 1.57 11.85
CA VAL A 33 -8.20 0.34 11.63
C VAL A 33 -7.27 -0.82 11.30
N ALA A 34 -6.03 -0.51 10.90
CA ALA A 34 -5.08 -1.55 10.54
C ALA A 34 -3.73 -1.39 11.25
N PRO A 35 -3.73 -1.23 12.60
CA PRO A 35 -2.50 -0.93 13.34
C PRO A 35 -1.57 -2.12 13.46
N GLN A 36 -2.09 -3.30 13.10
CA GLN A 36 -1.29 -4.52 13.13
C GLN A 36 -0.51 -4.67 11.83
N ALA A 37 -0.79 -3.79 10.88
CA ALA A 37 -0.07 -3.75 9.62
C ALA A 37 0.92 -2.61 9.65
N ILE A 38 0.40 -1.40 9.78
CA ILE A 38 1.23 -0.20 9.81
C ILE A 38 0.96 0.57 11.09
N LYS A 39 2.03 0.98 11.76
CA LYS A 39 1.92 1.67 13.03
C LYS A 39 1.58 3.14 12.83
N SER A 40 2.08 3.73 11.75
CA SER A 40 1.78 5.12 11.43
C SER A 40 1.88 5.36 9.92
N SER A 41 0.86 6.00 9.36
CA SER A 41 0.85 6.38 7.96
C SER A 41 0.89 7.90 7.85
N GLU A 42 2.07 8.45 7.69
CA GLU A 42 2.26 9.88 7.76
C GLU A 42 2.33 10.51 6.36
N ILE A 43 1.25 11.14 5.94
CA ILE A 43 1.26 11.88 4.68
C ILE A 43 1.91 13.24 4.89
N ILE A 44 2.95 13.49 4.11
CA ILE A 44 3.73 14.72 4.19
C ILE A 44 3.05 15.86 3.43
N GLU A 45 2.66 15.56 2.19
CA GLU A 45 2.03 16.56 1.32
C GLU A 45 1.30 15.85 0.19
N GLY A 46 0.44 16.57 -0.52
CA GLY A 46 -0.24 16.00 -1.67
C GLY A 46 -1.66 15.54 -1.34
N SER A 47 -1.95 15.46 -0.04
CA SER A 47 -3.27 15.05 0.47
C SER A 47 -3.72 13.68 -0.04
N GLY A 48 -2.78 12.88 -0.53
CA GLY A 48 -3.11 11.53 -0.97
C GLY A 48 -3.05 11.37 -2.47
N GLY A 49 -3.09 12.48 -3.20
CA GLY A 49 -3.08 12.45 -4.64
C GLY A 49 -1.69 12.57 -5.23
N PRO A 50 -1.53 13.24 -6.38
CA PRO A 50 -0.23 13.43 -7.02
C PRO A 50 0.75 14.23 -6.16
N GLY A 51 2.01 13.86 -6.21
CA GLY A 51 3.03 14.56 -5.45
C GLY A 51 2.97 14.28 -3.96
N THR A 52 2.28 13.22 -3.58
CA THR A 52 2.12 12.88 -2.19
C THR A 52 3.28 12.02 -1.67
N ILE A 53 4.02 12.57 -0.72
CA ILE A 53 5.00 11.79 0.02
C ILE A 53 4.31 11.26 1.27
N LYS A 54 4.53 10.01 1.61
CA LYS A 54 3.93 9.46 2.82
C LYS A 54 4.85 8.42 3.46
N LYS A 55 5.35 8.74 4.65
CA LYS A 55 6.26 7.84 5.34
C LYS A 55 5.49 6.82 6.15
N ILE A 56 5.85 5.57 5.92
CA ILE A 56 5.16 4.45 6.53
C ILE A 56 6.00 3.89 7.67
N THR A 57 5.47 3.95 8.88
CA THR A 57 6.13 3.40 10.04
C THR A 57 5.61 2.00 10.32
N PHE A 58 6.47 1.01 10.13
CA PHE A 58 6.09 -0.37 10.34
C PHE A 58 6.00 -0.69 11.82
N GLY A 59 5.21 -1.71 12.15
CA GLY A 59 4.99 -2.05 13.54
C GLY A 59 6.03 -2.99 14.09
N GLU A 60 6.85 -3.56 13.21
CA GLU A 60 7.91 -4.47 13.62
C GLU A 60 8.92 -3.75 14.51
N GLY A 61 9.68 -2.84 13.92
CA GLY A 61 10.66 -2.10 14.68
C GLY A 61 10.30 -0.64 14.81
N SER A 62 9.47 -0.16 13.88
CA SER A 62 8.98 1.22 13.87
C SER A 62 10.11 2.23 13.61
N GLN A 63 10.94 2.47 14.60
CA GLN A 63 12.07 3.37 14.44
C GLN A 63 13.22 2.65 13.76
N PHE A 64 13.16 1.33 13.77
CA PHE A 64 14.14 0.51 13.08
C PHE A 64 13.85 0.51 11.58
N ASN A 65 12.61 0.22 11.23
CA ASN A 65 12.21 0.13 9.84
C ASN A 65 11.05 1.07 9.54
N TYR A 66 11.31 2.01 8.65
CA TYR A 66 10.32 2.99 8.24
C TYR A 66 10.82 3.65 6.95
N VAL A 67 9.93 3.92 6.02
CA VAL A 67 10.36 4.41 4.72
C VAL A 67 9.32 5.32 4.07
N LYS A 68 9.81 6.41 3.48
CA LYS A 68 8.96 7.36 2.79
C LYS A 68 8.54 6.79 1.45
N HIS A 69 7.24 6.60 1.30
CA HIS A 69 6.62 6.23 0.04
C HIS A 69 6.21 7.49 -0.67
N ARG A 70 5.79 7.37 -1.92
CA ARG A 70 5.52 8.53 -2.73
C ARG A 70 4.60 8.14 -3.88
N ILE A 71 3.66 9.02 -4.21
CA ILE A 71 2.81 8.81 -5.37
C ILE A 71 3.62 9.08 -6.62
N ASP A 72 4.31 8.05 -7.08
CA ASP A 72 5.20 8.17 -8.22
C ASP A 72 4.40 8.20 -9.50
N GLU A 73 3.22 7.60 -9.47
CA GLU A 73 2.31 7.60 -10.59
C GLU A 73 0.89 7.32 -10.11
N ILE A 74 -0.07 8.04 -10.65
CA ILE A 74 -1.45 7.88 -10.24
C ILE A 74 -2.36 8.13 -11.44
N ASP A 75 -3.40 7.33 -11.56
CA ASP A 75 -4.35 7.50 -12.64
C ASP A 75 -5.75 7.61 -12.09
N ASN A 76 -6.43 8.70 -12.41
CA ASN A 76 -7.83 8.85 -12.02
C ASN A 76 -8.74 8.31 -13.11
N ALA A 77 -8.30 8.43 -14.36
CA ALA A 77 -9.09 7.94 -15.49
C ALA A 77 -9.08 6.42 -15.55
N ASN A 78 -7.88 5.84 -15.55
CA ASN A 78 -7.75 4.38 -15.60
C ASN A 78 -7.74 3.77 -14.21
N PHE A 79 -7.66 4.63 -13.20
CA PHE A 79 -7.66 4.22 -11.79
C PHE A 79 -6.42 3.39 -11.44
N THR A 80 -5.31 4.07 -11.17
CA THR A 80 -4.06 3.41 -10.83
C THR A 80 -3.40 4.11 -9.65
N TYR A 81 -2.80 3.31 -8.76
CA TYR A 81 -2.11 3.84 -7.58
C TYR A 81 -0.73 3.21 -7.45
N ALA A 82 0.30 3.97 -7.80
CA ALA A 82 1.67 3.49 -7.70
C ALA A 82 2.40 4.18 -6.56
N CYS A 83 2.87 3.40 -5.60
CA CYS A 83 3.60 3.96 -4.46
C CYS A 83 5.02 3.43 -4.41
N THR A 84 5.96 4.36 -4.54
CA THR A 84 7.38 4.05 -4.59
C THR A 84 8.04 4.30 -3.25
N LEU A 85 9.16 3.63 -2.99
CA LEU A 85 10.01 3.98 -1.87
C LEU A 85 10.97 5.08 -2.30
N ILE A 86 10.70 6.31 -1.90
CA ILE A 86 11.55 7.41 -2.30
C ILE A 86 12.81 7.45 -1.44
N GLU A 87 12.67 7.18 -0.14
CA GLU A 87 13.82 7.21 0.77
C GLU A 87 13.42 6.79 2.17
N GLY A 88 14.32 6.15 2.92
CA GLY A 88 14.02 5.79 4.28
C GLY A 88 14.86 4.64 4.81
N ASP A 89 14.73 4.37 6.09
CA ASP A 89 15.51 3.33 6.76
C ASP A 89 14.84 1.98 6.65
N ALA A 90 15.24 1.22 5.64
CA ALA A 90 14.71 -0.12 5.41
C ALA A 90 15.45 -0.77 4.24
N ILE A 91 15.26 -0.21 3.06
CA ILE A 91 15.82 -0.76 1.84
C ILE A 91 17.21 -0.17 1.54
N SER A 92 17.41 1.09 1.92
CA SER A 92 18.65 1.81 1.63
C SER A 92 19.87 1.06 2.18
N GLU A 93 20.65 0.49 1.27
CA GLU A 93 21.83 -0.29 1.62
C GLU A 93 22.50 -0.78 0.33
N THR A 94 22.05 -1.94 -0.15
CA THR A 94 22.49 -2.47 -1.42
C THR A 94 21.26 -2.86 -2.24
N LEU A 95 20.12 -2.37 -1.77
CA LEU A 95 18.84 -2.65 -2.38
C LEU A 95 18.33 -1.39 -3.09
N GLU A 96 17.25 -1.49 -3.84
CA GLU A 96 16.77 -0.35 -4.59
C GLU A 96 15.44 0.14 -4.00
N LYS A 97 14.38 -0.67 -4.15
CA LYS A 97 13.08 -0.34 -3.59
C LYS A 97 12.06 -1.42 -3.90
N ILE A 98 11.07 -1.57 -3.02
CA ILE A 98 9.92 -2.41 -3.28
C ILE A 98 8.71 -1.53 -3.62
N ALA A 99 8.30 -1.55 -4.88
CA ALA A 99 7.28 -0.64 -5.36
C ALA A 99 5.94 -1.33 -5.53
N TYR A 100 4.94 -0.89 -4.77
CA TYR A 100 3.61 -1.45 -4.89
C TYR A 100 2.80 -0.64 -5.91
N GLU A 101 2.28 -1.31 -6.94
CA GLU A 101 1.46 -0.64 -7.94
C GLU A 101 0.10 -1.28 -7.99
N ILE A 102 -0.88 -0.59 -7.44
CA ILE A 102 -2.21 -1.12 -7.30
C ILE A 102 -3.08 -0.61 -8.44
N LYS A 103 -3.52 -1.52 -9.28
CA LYS A 103 -4.40 -1.16 -10.40
C LYS A 103 -5.85 -1.46 -10.02
N LEU A 104 -6.70 -0.47 -10.19
CA LEU A 104 -8.10 -0.59 -9.83
C LEU A 104 -8.93 -1.15 -10.98
N VAL A 105 -9.20 -2.44 -10.91
CA VAL A 105 -10.03 -3.09 -11.91
C VAL A 105 -11.43 -3.35 -11.32
N ALA A 106 -12.46 -3.25 -12.16
CA ALA A 106 -13.82 -3.46 -11.71
C ALA A 106 -14.16 -4.95 -11.69
N SER A 107 -14.64 -5.42 -10.55
CA SER A 107 -15.08 -6.79 -10.42
C SER A 107 -16.53 -6.92 -10.86
N PRO A 108 -16.87 -7.96 -11.65
CA PRO A 108 -18.24 -8.25 -12.06
C PRO A 108 -19.15 -8.56 -10.87
N ASP A 109 -18.55 -8.59 -9.68
CA ASP A 109 -19.29 -8.79 -8.44
C ASP A 109 -19.94 -7.50 -7.98
N GLY A 110 -19.55 -6.42 -8.62
CA GLY A 110 -19.93 -5.11 -8.16
C GLY A 110 -18.88 -4.58 -7.22
N GLY A 111 -17.98 -5.48 -6.84
CA GLY A 111 -16.83 -5.09 -6.03
C GLY A 111 -15.70 -4.55 -6.88
N SER A 112 -14.47 -4.89 -6.52
CA SER A 112 -13.33 -4.42 -7.27
C SER A 112 -12.18 -5.43 -7.21
N ILE A 113 -11.08 -5.09 -7.87
CA ILE A 113 -9.96 -6.01 -8.06
C ILE A 113 -8.67 -5.21 -8.02
N LEU A 114 -7.98 -5.26 -6.90
CA LEU A 114 -6.73 -4.56 -6.74
C LEU A 114 -5.56 -5.45 -7.17
N LYS A 115 -5.19 -5.36 -8.42
CA LYS A 115 -4.02 -6.06 -8.90
C LYS A 115 -2.78 -5.28 -8.50
N SER A 116 -2.24 -5.61 -7.33
CA SER A 116 -1.09 -4.92 -6.80
C SER A 116 0.20 -5.59 -7.27
N THR A 117 0.77 -5.03 -8.32
CA THR A 117 2.01 -5.53 -8.86
C THR A 117 3.18 -4.81 -8.20
N SER A 118 3.82 -5.48 -7.25
CA SER A 118 4.97 -4.90 -6.60
C SER A 118 6.25 -5.39 -7.24
N LYS A 119 7.06 -4.46 -7.68
CA LYS A 119 8.32 -4.76 -8.30
C LYS A 119 9.46 -4.60 -7.28
N TYR A 120 10.01 -5.71 -6.87
CA TYR A 120 11.11 -5.70 -5.91
C TYR A 120 12.42 -5.46 -6.65
N HIS A 121 12.87 -4.23 -6.62
CA HIS A 121 14.08 -3.84 -7.31
C HIS A 121 15.30 -4.03 -6.43
N THR A 122 16.30 -4.73 -6.94
CA THR A 122 17.52 -4.97 -6.21
C THR A 122 18.67 -4.20 -6.85
N LYS A 123 19.24 -3.27 -6.10
CA LYS A 123 20.36 -2.46 -6.58
C LYS A 123 21.58 -3.35 -6.79
N GLY A 124 21.77 -4.29 -5.88
CA GLY A 124 22.84 -5.25 -6.00
C GLY A 124 22.35 -6.66 -5.80
N ASP A 125 23.23 -7.62 -5.97
CA ASP A 125 22.87 -9.04 -5.85
C ASP A 125 22.84 -9.47 -4.40
N HIS A 126 21.80 -9.04 -3.69
CA HIS A 126 21.60 -9.47 -2.32
C HIS A 126 20.10 -9.66 -2.07
N GLU A 127 19.32 -9.52 -3.13
CA GLU A 127 17.86 -9.60 -3.04
C GLU A 127 17.29 -8.53 -2.12
N ILE A 128 16.02 -8.69 -1.78
CA ILE A 128 15.38 -7.80 -0.85
C ILE A 128 15.44 -8.42 0.55
N LYS A 129 15.67 -7.57 1.55
CA LYS A 129 15.68 -8.01 2.94
C LYS A 129 14.38 -8.72 3.27
N GLU A 130 14.52 -9.91 3.85
CA GLU A 130 13.37 -10.76 4.15
C GLU A 130 12.40 -10.08 5.10
N ASP A 131 12.87 -9.04 5.77
CA ASP A 131 12.05 -8.27 6.68
C ASP A 131 10.98 -7.50 5.91
N GLN A 132 11.40 -6.86 4.81
CA GLN A 132 10.47 -6.11 3.97
C GLN A 132 9.49 -7.03 3.27
N ILE A 133 9.98 -8.11 2.70
CA ILE A 133 9.13 -9.04 1.97
C ILE A 133 8.08 -9.66 2.90
N LYS A 134 8.47 -9.87 4.16
CA LYS A 134 7.55 -10.34 5.18
C LYS A 134 6.55 -9.24 5.51
N ALA A 135 7.06 -8.03 5.71
CA ALA A 135 6.23 -6.86 5.99
C ALA A 135 5.21 -6.64 4.89
N GLY A 136 5.58 -6.93 3.67
CA GLY A 136 4.66 -6.81 2.55
C GLY A 136 3.49 -7.75 2.69
N LYS A 137 3.79 -9.02 2.97
CA LYS A 137 2.75 -10.03 3.15
C LYS A 137 1.89 -9.70 4.37
N GLU A 138 2.55 -9.31 5.46
CA GLU A 138 1.86 -9.00 6.71
C GLU A 138 1.02 -7.74 6.58
N GLU A 139 1.61 -6.70 5.99
CA GLU A 139 0.94 -5.42 5.89
C GLU A 139 -0.24 -5.53 4.94
N ALA A 140 -0.06 -6.26 3.84
CA ALA A 140 -1.14 -6.48 2.89
C ALA A 140 -2.33 -7.13 3.58
N SER A 141 -2.05 -8.13 4.40
CA SER A 141 -3.11 -8.88 5.06
C SER A 141 -3.95 -7.96 5.97
N GLY A 142 -3.27 -7.18 6.79
CA GLY A 142 -3.95 -6.25 7.68
C GLY A 142 -4.61 -5.13 6.92
N ILE A 143 -3.84 -4.42 6.11
CA ILE A 143 -4.38 -3.28 5.35
C ILE A 143 -5.65 -3.67 4.62
N PHE A 144 -5.56 -4.66 3.73
CA PHE A 144 -6.69 -5.06 2.91
C PHE A 144 -7.91 -5.35 3.76
N LYS A 145 -7.76 -6.32 4.65
CA LYS A 145 -8.90 -6.87 5.36
C LYS A 145 -9.36 -5.97 6.48
N ALA A 146 -8.53 -5.02 6.88
CA ALA A 146 -8.91 -4.09 7.93
C ALA A 146 -9.57 -2.86 7.34
N VAL A 147 -9.12 -2.42 6.17
CA VAL A 147 -9.74 -1.28 5.53
C VAL A 147 -10.96 -1.73 4.73
N GLU A 148 -10.88 -2.89 4.08
CA GLU A 148 -11.98 -3.38 3.25
C GLU A 148 -13.22 -3.62 4.09
N ALA A 149 -13.03 -4.06 5.33
CA ALA A 149 -14.15 -4.35 6.20
C ALA A 149 -14.62 -3.10 6.94
N TYR A 150 -13.69 -2.20 7.26
CA TYR A 150 -14.08 -0.90 7.80
C TYR A 150 -14.88 -0.13 6.75
N LEU A 151 -14.55 -0.39 5.49
CA LEU A 151 -15.20 0.24 4.34
C LEU A 151 -16.44 -0.54 3.94
N LEU A 152 -16.49 -1.77 4.42
CA LEU A 152 -17.64 -2.67 4.24
C LEU A 152 -18.83 -2.17 5.03
N ALA A 153 -18.70 -0.93 5.49
CA ALA A 153 -19.80 -0.14 6.02
C ALA A 153 -19.88 -0.25 7.51
N ASN A 154 -18.96 0.43 8.16
CA ASN A 154 -18.93 0.54 9.61
C ASN A 154 -19.78 1.70 10.14
N PRO A 155 -19.72 2.91 9.51
CA PRO A 155 -20.52 4.05 9.96
C PRO A 155 -22.02 3.74 9.97
N ALA A 156 -22.46 3.01 8.96
CA ALA A 156 -23.86 2.61 8.88
C ALA A 156 -24.04 1.18 9.40
N ALA A 157 -22.93 0.46 9.49
CA ALA A 157 -22.91 -0.94 9.91
C ALA A 157 -23.78 -1.81 9.04
N TYR A 158 -25.00 -2.05 9.45
CA TYR A 158 -25.87 -2.90 8.67
C TYR A 158 -27.23 -2.23 8.45
N HIS A 159 -27.26 -0.91 8.65
CA HIS A 159 -28.49 -0.16 8.47
C HIS A 159 -28.47 0.54 7.13
N GLY A 1 18.33 -7.98 -11.58
CA GLY A 1 18.00 -8.43 -10.20
C GLY A 1 16.71 -7.84 -9.69
N VAL A 2 15.59 -8.43 -10.10
CA VAL A 2 14.29 -7.96 -9.67
C VAL A 2 13.32 -9.14 -9.48
N PHE A 3 12.68 -9.17 -8.32
CA PHE A 3 11.65 -10.16 -8.05
C PHE A 3 10.28 -9.55 -8.33
N THR A 4 9.39 -10.34 -8.90
CA THR A 4 8.08 -9.83 -9.26
C THR A 4 6.98 -10.62 -8.54
N TYR A 5 6.23 -9.92 -7.69
CA TYR A 5 5.11 -10.52 -6.99
C TYR A 5 3.94 -9.54 -7.00
N GLU A 6 2.73 -10.07 -7.05
CA GLU A 6 1.54 -9.23 -7.06
C GLU A 6 0.42 -9.87 -6.25
N SER A 7 -0.36 -9.04 -5.60
CA SER A 7 -1.47 -9.50 -4.81
C SER A 7 -2.77 -8.93 -5.36
N GLU A 8 -3.79 -9.78 -5.46
CA GLU A 8 -5.06 -9.37 -6.03
C GLU A 8 -6.11 -9.22 -4.93
N THR A 9 -6.49 -7.99 -4.66
CA THR A 9 -7.50 -7.71 -3.66
C THR A 9 -8.87 -7.54 -4.31
N THR A 10 -9.65 -8.61 -4.30
CA THR A 10 -11.00 -8.53 -4.79
C THR A 10 -11.90 -8.06 -3.66
N THR A 11 -12.19 -6.77 -3.68
CA THR A 11 -12.86 -6.12 -2.58
C THR A 11 -14.36 -6.16 -2.75
N VAL A 12 -15.07 -6.28 -1.65
CA VAL A 12 -16.53 -6.32 -1.67
C VAL A 12 -17.10 -4.91 -1.83
N ILE A 13 -16.28 -3.92 -1.53
CA ILE A 13 -16.68 -2.52 -1.64
C ILE A 13 -16.38 -1.99 -3.04
N THR A 14 -17.04 -0.88 -3.37
CA THR A 14 -16.96 -0.31 -4.70
C THR A 14 -15.60 0.32 -4.97
N PRO A 15 -15.23 0.53 -6.25
CA PRO A 15 -13.93 1.10 -6.62
C PRO A 15 -13.74 2.48 -6.01
N ALA A 16 -14.83 3.23 -5.86
CA ALA A 16 -14.79 4.55 -5.24
C ALA A 16 -14.22 4.45 -3.84
N ARG A 17 -14.76 3.51 -3.07
CA ARG A 17 -14.35 3.31 -1.70
C ARG A 17 -12.84 3.20 -1.60
N LEU A 18 -12.28 2.45 -2.53
CA LEU A 18 -10.86 2.18 -2.56
C LEU A 18 -10.09 3.39 -3.08
N PHE A 19 -10.57 3.96 -4.17
CA PHE A 19 -9.89 5.06 -4.82
C PHE A 19 -9.84 6.30 -3.94
N LYS A 20 -10.81 6.46 -3.05
CA LYS A 20 -10.80 7.58 -2.13
C LYS A 20 -10.13 7.23 -0.80
N ALA A 21 -10.46 6.06 -0.23
CA ALA A 21 -10.00 5.72 1.12
C ALA A 21 -8.71 4.90 1.11
N PHE A 22 -8.60 3.97 0.17
CA PHE A 22 -7.41 3.13 0.11
C PHE A 22 -6.25 3.92 -0.53
N VAL A 23 -6.56 5.15 -0.92
CA VAL A 23 -5.55 6.05 -1.45
C VAL A 23 -5.28 7.19 -0.47
N LEU A 24 -6.35 7.87 -0.05
CA LEU A 24 -6.23 9.01 0.85
C LEU A 24 -6.89 8.71 2.19
N ASP A 25 -6.46 9.43 3.23
CA ASP A 25 -6.95 9.20 4.59
C ASP A 25 -6.55 7.83 5.09
N ALA A 26 -5.39 7.37 4.62
CA ALA A 26 -4.89 6.04 4.97
C ALA A 26 -4.59 5.92 6.46
N ASP A 27 -4.36 7.06 7.12
CA ASP A 27 -4.05 7.06 8.54
C ASP A 27 -5.29 6.74 9.37
N ASN A 28 -6.46 6.92 8.76
CA ASN A 28 -7.71 6.57 9.40
C ASN A 28 -7.97 5.07 9.25
N LEU A 29 -7.25 4.47 8.32
CA LEU A 29 -7.43 3.06 8.02
C LEU A 29 -6.37 2.21 8.68
N ILE A 30 -5.20 2.10 8.06
CA ILE A 30 -4.19 1.13 8.48
C ILE A 30 -3.72 1.35 9.93
N PRO A 31 -3.22 2.53 10.32
CA PRO A 31 -2.76 2.75 11.70
C PRO A 31 -3.83 2.47 12.74
N LYS A 32 -5.09 2.52 12.31
CA LYS A 32 -6.21 2.34 13.23
C LYS A 32 -6.73 0.90 13.20
N VAL A 33 -7.13 0.43 12.02
CA VAL A 33 -7.75 -0.88 11.91
C VAL A 33 -6.77 -1.95 11.45
N ALA A 34 -5.61 -1.54 10.96
CA ALA A 34 -4.59 -2.51 10.54
C ALA A 34 -3.22 -2.19 11.14
N PRO A 35 -3.13 -2.07 12.50
CA PRO A 35 -1.90 -1.62 13.16
C PRO A 35 -0.81 -2.69 13.16
N GLN A 36 -1.14 -3.83 12.57
CA GLN A 36 -0.18 -4.92 12.41
C GLN A 36 0.79 -4.61 11.30
N ALA A 37 0.49 -3.59 10.51
CA ALA A 37 1.33 -3.18 9.40
C ALA A 37 1.91 -1.79 9.65
N ILE A 38 1.07 -0.78 9.46
CA ILE A 38 1.50 0.60 9.56
C ILE A 38 0.99 1.23 10.86
N LYS A 39 1.91 1.83 11.60
CA LYS A 39 1.58 2.47 12.87
C LYS A 39 1.11 3.89 12.64
N SER A 40 1.64 4.53 11.60
CA SER A 40 1.28 5.91 11.29
C SER A 40 1.45 6.18 9.80
N SER A 41 0.40 6.70 9.18
CA SER A 41 0.44 7.03 7.77
C SER A 41 0.65 8.54 7.62
N GLU A 42 1.87 8.98 7.90
CA GLU A 42 2.18 10.40 7.97
C GLU A 42 2.32 11.02 6.58
N ILE A 43 1.21 11.38 5.97
CA ILE A 43 1.22 12.09 4.70
C ILE A 43 1.94 13.43 4.88
N ILE A 44 2.87 13.73 4.00
CA ILE A 44 3.70 14.92 4.14
C ILE A 44 3.07 16.10 3.40
N GLU A 45 2.87 15.95 2.10
CA GLU A 45 2.27 17.00 1.29
C GLU A 45 1.91 16.47 -0.09
N GLY A 46 1.04 17.20 -0.77
CA GLY A 46 0.61 16.81 -2.10
C GLY A 46 -0.90 16.74 -2.20
N SER A 47 -1.56 16.71 -1.03
CA SER A 47 -3.02 16.63 -0.93
C SER A 47 -3.54 15.26 -1.32
N GLY A 48 -3.19 14.80 -2.52
CA GLY A 48 -3.64 13.49 -2.96
C GLY A 48 -3.62 13.36 -4.47
N GLY A 49 -2.43 13.38 -5.03
CA GLY A 49 -2.27 13.26 -6.46
C GLY A 49 -0.83 13.04 -6.85
N PRO A 50 -0.40 13.61 -7.98
CA PRO A 50 0.97 13.47 -8.48
C PRO A 50 2.02 13.94 -7.48
N GLY A 51 2.95 13.05 -7.14
CA GLY A 51 4.08 13.43 -6.31
C GLY A 51 3.72 13.58 -4.84
N THR A 52 2.53 13.16 -4.46
CA THR A 52 2.10 13.24 -3.07
C THR A 52 2.91 12.27 -2.21
N ILE A 53 3.71 12.83 -1.32
CA ILE A 53 4.62 12.05 -0.48
C ILE A 53 3.99 11.67 0.84
N LYS A 54 4.36 10.49 1.34
CA LYS A 54 3.77 9.98 2.57
C LYS A 54 4.78 9.14 3.36
N LYS A 55 5.05 9.58 4.59
CA LYS A 55 5.96 8.89 5.47
C LYS A 55 5.26 7.72 6.15
N ILE A 56 5.53 6.52 5.69
CA ILE A 56 4.89 5.34 6.23
C ILE A 56 5.74 4.73 7.34
N THR A 57 5.24 4.76 8.56
CA THR A 57 5.93 4.20 9.69
C THR A 57 5.29 2.88 10.10
N PHE A 58 6.07 1.80 10.09
CA PHE A 58 5.55 0.48 10.41
C PHE A 58 5.58 0.25 11.91
N GLY A 59 4.76 -0.69 12.38
CA GLY A 59 4.65 -0.93 13.80
C GLY A 59 4.85 -2.38 14.18
N GLU A 60 5.91 -2.98 13.67
CA GLU A 60 6.21 -4.37 13.99
C GLU A 60 7.46 -4.46 14.84
N GLY A 61 7.28 -4.69 16.13
CA GLY A 61 8.41 -4.77 17.04
C GLY A 61 8.86 -3.40 17.49
N SER A 62 9.21 -2.57 16.54
CA SER A 62 9.63 -1.20 16.82
C SER A 62 9.44 -0.33 15.58
N GLN A 63 9.34 0.97 15.77
CA GLN A 63 9.12 1.89 14.65
C GLN A 63 10.44 2.28 14.00
N PHE A 64 11.36 1.32 13.94
CA PHE A 64 12.64 1.53 13.26
C PHE A 64 12.44 1.35 11.76
N ASN A 65 11.45 0.54 11.40
CA ASN A 65 11.11 0.35 10.01
C ASN A 65 10.10 1.40 9.58
N TYR A 66 10.54 2.29 8.72
CA TYR A 66 9.70 3.36 8.21
C TYR A 66 10.27 3.83 6.89
N VAL A 67 9.43 4.28 5.98
CA VAL A 67 9.92 4.68 4.68
C VAL A 67 8.93 5.62 3.99
N LYS A 68 9.46 6.73 3.50
CA LYS A 68 8.66 7.72 2.79
C LYS A 68 8.37 7.23 1.39
N HIS A 69 7.09 7.08 1.11
CA HIS A 69 6.60 6.70 -0.21
C HIS A 69 6.00 7.93 -0.88
N ARG A 70 5.29 7.70 -1.97
CA ARG A 70 4.65 8.78 -2.71
C ARG A 70 3.76 8.18 -3.77
N ILE A 71 2.97 9.02 -4.39
CA ILE A 71 2.23 8.63 -5.58
C ILE A 71 3.10 8.91 -6.80
N ASP A 72 3.72 7.86 -7.32
CA ASP A 72 4.60 7.99 -8.48
C ASP A 72 3.77 8.10 -9.74
N GLU A 73 2.70 7.35 -9.78
CA GLU A 73 1.82 7.32 -10.93
C GLU A 73 0.37 7.27 -10.45
N ILE A 74 -0.51 7.96 -11.15
CA ILE A 74 -1.90 8.05 -10.74
C ILE A 74 -2.81 8.20 -11.96
N ASP A 75 -3.72 7.26 -12.09
CA ASP A 75 -4.70 7.30 -13.16
C ASP A 75 -6.09 7.44 -12.57
N ASN A 76 -6.65 8.63 -12.67
CA ASN A 76 -7.99 8.89 -12.16
C ASN A 76 -9.04 8.16 -12.98
N ALA A 77 -8.85 8.13 -14.30
CA ALA A 77 -9.82 7.52 -15.19
C ALA A 77 -9.65 6.01 -15.25
N ASN A 78 -8.41 5.54 -15.35
CA ASN A 78 -8.14 4.11 -15.46
C ASN A 78 -8.14 3.45 -14.08
N PHE A 79 -8.19 4.28 -13.03
CA PHE A 79 -8.16 3.81 -11.65
C PHE A 79 -6.87 3.02 -11.35
N THR A 80 -5.79 3.74 -11.19
CA THR A 80 -4.49 3.14 -10.89
C THR A 80 -3.64 4.10 -10.08
N TYR A 81 -2.96 3.60 -9.06
CA TYR A 81 -2.03 4.43 -8.30
C TYR A 81 -0.81 3.61 -7.90
N ALA A 82 0.36 4.20 -8.06
CA ALA A 82 1.61 3.52 -7.79
C ALA A 82 2.39 4.22 -6.69
N CYS A 83 3.19 3.46 -5.96
CA CYS A 83 3.99 4.01 -4.88
C CYS A 83 5.44 3.54 -4.99
N THR A 84 6.34 4.25 -4.33
CA THR A 84 7.77 4.00 -4.45
C THR A 84 8.47 4.38 -3.15
N LEU A 85 9.64 3.78 -2.90
CA LEU A 85 10.45 4.14 -1.75
C LEU A 85 11.25 5.41 -2.07
N ILE A 86 11.28 6.35 -1.15
CA ILE A 86 12.08 7.55 -1.33
C ILE A 86 13.09 7.69 -0.18
N GLU A 87 12.58 7.82 1.03
CA GLU A 87 13.44 8.09 2.18
C GLU A 87 13.13 7.13 3.33
N GLY A 88 13.97 7.12 4.34
CA GLY A 88 13.68 6.35 5.53
C GLY A 88 14.65 5.22 5.76
N ASP A 89 14.16 4.18 6.44
CA ASP A 89 14.98 3.03 6.79
C ASP A 89 14.23 1.75 6.47
N ALA A 90 14.60 1.14 5.36
CA ALA A 90 14.03 -0.14 4.93
C ALA A 90 15.01 -0.81 3.97
N ILE A 91 15.39 -0.08 2.94
CA ILE A 91 16.42 -0.52 2.02
C ILE A 91 17.73 0.21 2.33
N SER A 92 18.46 -0.31 3.29
CA SER A 92 19.73 0.30 3.67
C SER A 92 20.90 -0.61 3.30
N GLU A 93 21.06 -0.83 1.99
CA GLU A 93 22.11 -1.70 1.50
C GLU A 93 22.26 -1.53 0.00
N THR A 94 22.95 -2.47 -0.66
CA THR A 94 23.19 -2.43 -2.09
C THR A 94 21.95 -2.82 -2.88
N LEU A 95 20.78 -2.53 -2.34
CA LEU A 95 19.53 -2.84 -3.00
C LEU A 95 18.98 -1.57 -3.61
N GLU A 96 17.88 -1.65 -4.33
CA GLU A 96 17.31 -0.46 -4.95
C GLU A 96 16.09 0.00 -4.20
N LYS A 97 14.97 -0.71 -4.41
CA LYS A 97 13.71 -0.36 -3.79
C LYS A 97 12.63 -1.39 -4.13
N ILE A 98 11.54 -1.35 -3.39
CA ILE A 98 10.38 -2.18 -3.72
C ILE A 98 9.26 -1.27 -4.23
N ALA A 99 8.80 -1.55 -5.43
CA ALA A 99 7.80 -0.72 -6.09
C ALA A 99 6.39 -1.23 -5.86
N TYR A 100 5.42 -0.32 -5.85
CA TYR A 100 4.02 -0.67 -5.67
C TYR A 100 3.22 -0.13 -6.86
N GLU A 101 2.24 -0.90 -7.30
CA GLU A 101 1.35 -0.45 -8.36
C GLU A 101 -0.01 -1.10 -8.18
N ILE A 102 -1.01 -0.31 -7.83
CA ILE A 102 -2.33 -0.83 -7.60
C ILE A 102 -3.26 -0.45 -8.75
N LYS A 103 -3.62 -1.45 -9.55
CA LYS A 103 -4.53 -1.26 -10.66
C LYS A 103 -5.93 -1.71 -10.26
N LEU A 104 -6.91 -0.84 -10.42
CA LEU A 104 -8.26 -1.14 -10.00
C LEU A 104 -9.12 -1.58 -11.18
N VAL A 105 -9.66 -2.78 -11.06
CA VAL A 105 -10.59 -3.31 -12.04
C VAL A 105 -11.95 -3.52 -11.38
N ALA A 106 -13.02 -3.25 -12.09
CA ALA A 106 -14.35 -3.50 -11.58
C ALA A 106 -14.64 -4.99 -11.55
N SER A 107 -15.02 -5.51 -10.39
CA SER A 107 -15.31 -6.93 -10.26
C SER A 107 -16.77 -7.19 -10.64
N PRO A 108 -17.02 -8.30 -11.37
CA PRO A 108 -18.37 -8.67 -11.84
C PRO A 108 -19.37 -8.85 -10.71
N ASP A 109 -18.88 -8.95 -9.47
CA ASP A 109 -19.76 -9.09 -8.31
C ASP A 109 -20.17 -7.73 -7.77
N GLY A 110 -19.84 -6.69 -8.51
CA GLY A 110 -20.14 -5.34 -8.08
C GLY A 110 -19.04 -4.81 -7.21
N GLY A 111 -18.19 -5.72 -6.78
CA GLY A 111 -17.03 -5.35 -6.00
C GLY A 111 -15.92 -4.80 -6.88
N SER A 112 -14.69 -4.90 -6.40
CA SER A 112 -13.56 -4.33 -7.11
C SER A 112 -12.36 -5.27 -7.06
N ILE A 113 -11.31 -4.90 -7.79
CA ILE A 113 -10.12 -5.73 -7.92
C ILE A 113 -8.89 -4.85 -7.92
N LEU A 114 -8.20 -4.80 -6.79
CA LEU A 114 -6.96 -4.06 -6.68
C LEU A 114 -5.80 -5.00 -6.99
N LYS A 115 -5.23 -4.88 -8.17
CA LYS A 115 -4.07 -5.66 -8.51
C LYS A 115 -2.83 -4.92 -8.04
N SER A 116 -2.37 -5.26 -6.85
CA SER A 116 -1.20 -4.65 -6.27
C SER A 116 0.05 -5.38 -6.73
N THR A 117 0.71 -4.84 -7.74
CA THR A 117 1.92 -5.45 -8.27
C THR A 117 3.15 -4.77 -7.67
N SER A 118 4.11 -5.57 -7.24
CA SER A 118 5.31 -5.02 -6.64
C SER A 118 6.57 -5.53 -7.35
N LYS A 119 7.49 -4.61 -7.60
CA LYS A 119 8.77 -4.95 -8.20
C LYS A 119 9.89 -4.78 -7.19
N TYR A 120 10.54 -5.86 -6.86
CA TYR A 120 11.61 -5.85 -5.86
C TYR A 120 12.98 -5.76 -6.55
N HIS A 121 13.53 -4.55 -6.59
CA HIS A 121 14.77 -4.30 -7.32
C HIS A 121 15.97 -4.22 -6.40
N THR A 122 17.04 -4.92 -6.76
CA THR A 122 18.31 -4.78 -6.07
C THR A 122 19.28 -4.00 -6.97
N LYS A 123 20.00 -3.06 -6.37
CA LYS A 123 20.88 -2.17 -7.11
C LYS A 123 22.11 -2.94 -7.60
N GLY A 124 22.73 -3.66 -6.69
CA GLY A 124 23.86 -4.49 -7.06
C GLY A 124 23.44 -5.92 -7.30
N ASP A 125 23.67 -6.76 -6.32
CA ASP A 125 23.27 -8.17 -6.39
C ASP A 125 23.18 -8.74 -4.99
N HIS A 126 22.16 -8.31 -4.26
CA HIS A 126 21.97 -8.76 -2.89
C HIS A 126 20.48 -8.98 -2.59
N GLU A 127 19.69 -9.13 -3.66
CA GLU A 127 18.26 -9.37 -3.52
C GLU A 127 17.57 -8.25 -2.74
N ILE A 128 16.40 -8.57 -2.18
CA ILE A 128 15.71 -7.65 -1.28
C ILE A 128 15.45 -8.34 0.06
N LYS A 129 15.85 -9.60 0.11
CA LYS A 129 15.61 -10.48 1.25
C LYS A 129 14.12 -10.76 1.44
N GLU A 130 13.81 -11.97 1.88
CA GLU A 130 12.44 -12.35 2.15
C GLU A 130 11.90 -11.55 3.34
N ASP A 131 12.81 -10.97 4.10
CA ASP A 131 12.44 -10.09 5.21
C ASP A 131 11.48 -9.00 4.74
N GLN A 132 11.88 -8.26 3.71
CA GLN A 132 11.04 -7.18 3.20
C GLN A 132 9.94 -7.71 2.29
N ILE A 133 10.28 -8.65 1.44
CA ILE A 133 9.32 -9.26 0.52
C ILE A 133 8.11 -9.83 1.27
N LYS A 134 8.38 -10.62 2.30
CA LYS A 134 7.32 -11.24 3.09
C LYS A 134 6.59 -10.19 3.93
N ALA A 135 7.33 -9.22 4.45
CA ALA A 135 6.73 -8.14 5.23
C ALA A 135 5.75 -7.34 4.39
N GLY A 136 6.11 -7.10 3.14
CA GLY A 136 5.25 -6.34 2.26
C GLY A 136 3.98 -7.10 1.94
N LYS A 137 4.11 -8.36 1.57
CA LYS A 137 2.96 -9.20 1.25
C LYS A 137 2.09 -9.42 2.49
N GLU A 138 2.74 -9.65 3.63
CA GLU A 138 2.03 -9.91 4.86
C GLU A 138 1.36 -8.65 5.40
N GLU A 139 2.08 -7.53 5.35
CA GLU A 139 1.53 -6.27 5.83
C GLU A 139 0.32 -5.90 4.98
N ALA A 140 0.45 -6.10 3.68
CA ALA A 140 -0.63 -5.79 2.75
C ALA A 140 -1.85 -6.66 3.01
N SER A 141 -1.61 -7.92 3.39
CA SER A 141 -2.70 -8.85 3.65
C SER A 141 -3.61 -8.33 4.78
N GLY A 142 -2.98 -7.83 5.83
CA GLY A 142 -3.72 -7.15 6.89
C GLY A 142 -4.37 -5.89 6.39
N ILE A 143 -3.59 -5.04 5.75
CA ILE A 143 -4.11 -3.79 5.22
C ILE A 143 -5.40 -3.99 4.44
N PHE A 144 -5.32 -4.79 3.37
CA PHE A 144 -6.47 -5.02 2.50
C PHE A 144 -7.68 -5.48 3.29
N LYS A 145 -7.53 -6.63 3.93
CA LYS A 145 -8.67 -7.31 4.54
C LYS A 145 -9.18 -6.55 5.77
N ALA A 146 -8.32 -5.72 6.34
CA ALA A 146 -8.70 -4.98 7.54
C ALA A 146 -9.38 -3.66 7.17
N VAL A 147 -8.83 -2.95 6.18
CA VAL A 147 -9.45 -1.70 5.76
C VAL A 147 -10.71 -1.97 4.97
N GLU A 148 -10.70 -3.01 4.13
CA GLU A 148 -11.87 -3.36 3.34
C GLU A 148 -13.05 -3.67 4.26
N ALA A 149 -12.76 -4.25 5.42
CA ALA A 149 -13.82 -4.64 6.34
C ALA A 149 -14.27 -3.46 7.19
N TYR A 150 -13.33 -2.65 7.65
CA TYR A 150 -13.69 -1.40 8.33
C TYR A 150 -14.63 -0.57 7.47
N LEU A 151 -14.38 -0.60 6.16
CA LEU A 151 -15.15 0.17 5.21
C LEU A 151 -16.46 -0.55 4.89
N LEU A 152 -16.36 -1.86 4.78
CA LEU A 152 -17.50 -2.73 4.53
C LEU A 152 -18.63 -2.46 5.51
N ALA A 153 -18.28 -2.39 6.78
CA ALA A 153 -19.30 -2.42 7.81
C ALA A 153 -19.05 -1.44 8.94
N ASN A 154 -18.83 -0.17 8.61
CA ASN A 154 -18.79 0.86 9.65
C ASN A 154 -19.77 1.98 9.40
N PRO A 155 -19.64 2.75 8.29
CA PRO A 155 -20.54 3.87 8.03
C PRO A 155 -21.97 3.39 7.75
N ALA A 156 -22.06 2.12 7.41
CA ALA A 156 -23.34 1.48 7.19
C ALA A 156 -23.55 0.35 8.19
N ALA A 157 -22.55 0.15 9.05
CA ALA A 157 -22.55 -0.96 10.01
C ALA A 157 -22.67 -2.29 9.28
N TYR A 158 -23.14 -3.31 9.98
CA TYR A 158 -23.20 -4.64 9.40
C TYR A 158 -24.46 -4.82 8.55
N HIS A 159 -24.68 -3.90 7.64
CA HIS A 159 -25.85 -3.93 6.77
C HIS A 159 -25.42 -4.19 5.34
#